data_6OIU
#
_entry.id   6OIU
#
_cell.length_a   92.930
_cell.length_b   207.874
_cell.length_c   102.867
_cell.angle_alpha   90.00
_cell.angle_beta   94.34
_cell.angle_gamma   90.00
#
_symmetry.space_group_name_H-M   'P 1 21 1'
#
loop_
_entity.id
_entity.type
_entity.pdbx_description
1 polymer 'Aminopeptidase N'
2 non-polymer 'ZINC ION'
3 non-polymer GLYCEROL
4 water water
#
_entity_poly.entity_id   1
_entity_poly.type   'polypeptide(L)'
_entity_poly.pdbx_seq_one_letter_code
;MPVEKHRLDYKPTDFLIDFVDLDFDLYDDRTKVTSTLTMHRREQTPPTDLVLDGEDLELESVELDGNALSMHSTETQKAG
DKRVYSLDVDGRLVIAADLLPQEAEKKFKVKTVVYVRPKENLQLMGLYKSGALLVTQCEAEGFRRITYFLDRPDVMSLFK
VRLAADEKACPVLLSNGNMVESGKVEGEKGRHFAVFEDPFQKPCYLFALVAGDLKSISQSFTTMSGRNVKVSIFSEPEDS
SKLTWALESVLKSMKWDEERFGREYDLDVFNVVCAKDFNMGAMENKGLNIFNAALLLADPSTTTDAEYQRILNVVGHEYF
HQWTGNRVTCRDWFQLTLKEGLTVFRDQLFTADMCSAAVKRIEDVVFLRSRQFAEDSGPMAHPIRPETYIAMDNFYTATV
YDKGAEVIRMYHTLLGEAGFRKGMDLYFKRHDGKAVTCDDFRAAMADANGRDLGQFERWYLQAGTPEVTVSEAVFQPDRK
KFKLTLKQRTPPTPGQVEKHPFHIPIKVGLIGKTSKKDILSPPTKVLELTEAEQTFELDAAEDCVLSFLRDFSAPVKVKH
EQTDEDIAFLMAHDSDDFAKWQAAHTLASGLLKHRAEQWREKQGEDVEFARLPKIYVEAFKQTLLEQGRDRSIQAYTLRL
PDRDGVAQEMEPIDPLALKEATESVRREVGQLLKSDLLKVYASLSAPESEAEESRDQSEVSRRRLRNVILYFLTGERDKE
AAALAMNHFKSAKGMTEKYAALSILCDIEGPERTAALEQFYRDAKGDPLVLDKWFAVQALSDVRQVTETVKELQKHADFT
AKNPNRLRALIFSFTRNPQFHNKDGAGYALLADSVLAVDRFNPQIAARGAGAFLQWKKYDETRQREMLKQLRRIANAPGL
SVDTLEIVQKALAGAPEEATAHHHHHH
;
_entity_poly.pdbx_strand_id   A,B,C,D
#
# COMPACT_ATOMS: atom_id res chain seq x y z
N PRO A 2 30.90 22.36 -25.40
CA PRO A 2 31.38 23.73 -25.19
C PRO A 2 32.91 23.83 -25.23
N VAL A 3 33.42 25.06 -25.33
CA VAL A 3 34.86 25.29 -25.37
C VAL A 3 35.37 25.51 -23.94
N GLU A 4 36.69 25.45 -23.77
CA GLU A 4 37.27 25.58 -22.43
C GLU A 4 37.08 26.99 -21.90
N LYS A 5 36.72 27.10 -20.63
CA LYS A 5 36.50 28.38 -19.96
C LYS A 5 37.69 28.70 -19.07
N HIS A 6 38.02 29.98 -18.99
CA HIS A 6 39.22 30.43 -18.30
C HIS A 6 38.87 31.36 -17.15
N ARG A 7 39.63 31.25 -16.06
CA ARG A 7 39.32 32.01 -14.85
C ARG A 7 39.47 33.52 -15.10
N LEU A 8 40.50 33.92 -15.82
CA LEU A 8 40.79 35.33 -16.02
C LEU A 8 39.91 35.99 -17.07
N ASP A 9 38.95 35.27 -17.64
CA ASP A 9 38.03 35.82 -18.63
C ASP A 9 36.75 36.35 -18.01
N TYR A 10 36.67 36.44 -16.69
CA TYR A 10 35.43 36.86 -16.05
C TYR A 10 35.07 38.29 -16.43
N LYS A 11 33.77 38.54 -16.60
CA LYS A 11 33.25 39.87 -16.87
C LYS A 11 31.83 39.91 -16.31
N PRO A 12 31.44 41.01 -15.68
CA PRO A 12 30.06 41.11 -15.17
C PRO A 12 29.03 40.96 -16.29
N THR A 13 27.84 40.55 -15.90
CA THR A 13 26.79 40.26 -16.87
C THR A 13 26.36 41.52 -17.62
N ASP A 14 25.88 41.33 -18.84
CA ASP A 14 25.34 42.45 -19.62
C ASP A 14 24.03 42.93 -19.02
N PHE A 15 23.19 42.02 -18.54
CA PHE A 15 21.89 42.34 -18.00
C PHE A 15 21.80 41.91 -16.54
N LEU A 16 20.85 42.53 -15.83
CA LEU A 16 20.53 42.18 -14.45
C LEU A 16 19.13 41.56 -14.40
N ILE A 17 18.90 40.77 -13.37
CA ILE A 17 17.59 40.17 -13.12
C ILE A 17 17.08 40.72 -11.79
N ASP A 18 15.97 41.45 -11.85
CA ASP A 18 15.44 42.11 -10.67
C ASP A 18 14.38 41.29 -9.95
N PHE A 19 13.63 40.45 -10.67
CA PHE A 19 12.59 39.65 -10.05
C PHE A 19 12.32 38.42 -10.90
N VAL A 20 11.99 37.31 -10.22
CA VAL A 20 11.66 36.05 -10.88
C VAL A 20 10.29 35.62 -10.38
N ASP A 21 9.32 35.51 -11.29
CA ASP A 21 7.97 35.07 -10.98
C ASP A 21 7.76 33.71 -11.63
N LEU A 22 7.72 32.66 -10.81
CA LEU A 22 7.63 31.29 -11.29
C LEU A 22 6.27 30.69 -10.96
N ASP A 23 5.71 29.96 -11.92
CA ASP A 23 4.45 29.24 -11.75
C ASP A 23 4.64 27.82 -12.26
N PHE A 24 4.48 26.85 -11.36
CA PHE A 24 4.69 25.44 -11.67
C PHE A 24 3.35 24.72 -11.68
N ASP A 25 3.06 24.02 -12.78
CA ASP A 25 1.93 23.11 -12.88
C ASP A 25 2.50 21.70 -12.88
N LEU A 26 2.62 21.12 -11.69
CA LEU A 26 3.45 19.94 -11.48
C LEU A 26 2.72 18.68 -11.92
N TYR A 27 3.33 17.93 -12.83
CA TYR A 27 2.92 16.58 -13.18
C TYR A 27 4.16 15.72 -13.34
N ASP A 28 4.01 14.43 -13.07
CA ASP A 28 5.16 13.53 -13.14
C ASP A 28 5.65 13.35 -14.58
N ASP A 29 4.75 13.39 -15.56
CA ASP A 29 5.14 13.15 -16.94
C ASP A 29 5.49 14.44 -17.68
N ARG A 30 4.79 15.54 -17.41
CA ARG A 30 5.06 16.80 -18.08
C ARG A 30 4.63 17.95 -17.17
N THR A 31 5.57 18.79 -16.78
CA THR A 31 5.33 19.92 -15.90
C THR A 31 5.45 21.21 -16.69
N LYS A 32 4.46 22.09 -16.55
CA LYS A 32 4.49 23.39 -17.19
C LYS A 32 5.11 24.41 -16.24
N VAL A 33 6.06 25.19 -16.76
CA VAL A 33 6.78 26.19 -15.98
C VAL A 33 6.56 27.55 -16.66
N THR A 34 5.75 28.40 -16.03
CA THR A 34 5.51 29.75 -16.50
C THR A 34 6.40 30.70 -15.71
N SER A 35 7.30 31.39 -16.40
CA SER A 35 8.29 32.25 -15.76
C SER A 35 8.28 33.63 -16.40
N THR A 36 8.31 34.66 -15.56
CA THR A 36 8.40 36.04 -16.00
C THR A 36 9.60 36.69 -15.31
N LEU A 37 10.56 37.13 -16.12
CA LEU A 37 11.79 37.74 -15.62
C LEU A 37 11.74 39.24 -15.83
N THR A 38 11.91 39.99 -14.75
CA THR A 38 12.00 41.46 -14.81
C THR A 38 13.47 41.83 -14.86
N MET A 39 13.93 42.28 -16.01
CA MET A 39 15.35 42.50 -16.26
C MET A 39 15.61 43.94 -16.70
N HIS A 40 16.89 44.29 -16.73
CA HIS A 40 17.35 45.56 -17.28
C HIS A 40 18.82 45.43 -17.60
N ARG A 41 19.30 46.31 -18.47
CA ARG A 41 20.70 46.27 -18.90
C ARG A 41 21.59 47.01 -17.90
N ARG A 42 22.84 46.57 -17.81
CA ARG A 42 23.79 47.17 -16.89
C ARG A 42 24.06 48.62 -17.27
N GLU A 43 24.29 49.44 -16.25
CA GLU A 43 24.54 50.87 -16.46
C GLU A 43 25.79 51.09 -17.30
N GLN A 44 25.76 52.18 -18.07
CA GLN A 44 26.90 52.59 -18.92
C GLN A 44 27.31 51.46 -19.86
N THR A 45 26.33 50.91 -20.57
CA THR A 45 26.54 49.80 -21.49
C THR A 45 25.66 50.01 -22.71
N PRO A 46 26.20 49.88 -23.92
CA PRO A 46 25.39 50.05 -25.13
C PRO A 46 24.36 48.95 -25.26
N PRO A 47 23.35 49.12 -26.10
CA PRO A 47 22.35 48.07 -26.29
C PRO A 47 22.98 46.82 -26.89
N THR A 48 22.51 45.66 -26.45
CA THR A 48 23.04 44.38 -26.90
C THR A 48 21.96 43.32 -26.81
N ASP A 49 22.17 42.22 -27.52
CA ASP A 49 21.20 41.13 -27.52
C ASP A 49 21.14 40.46 -26.15
N LEU A 50 19.94 40.04 -25.77
CA LEU A 50 19.75 39.30 -24.53
C LEU A 50 19.88 37.81 -24.80
N VAL A 51 20.74 37.15 -24.03
CA VAL A 51 20.99 35.71 -24.15
C VAL A 51 20.73 35.06 -22.81
N LEU A 52 19.75 34.16 -22.75
CA LEU A 52 19.36 33.48 -21.52
C LEU A 52 19.68 32.00 -21.64
N ASP A 53 20.28 31.44 -20.60
CA ASP A 53 20.58 30.02 -20.58
C ASP A 53 19.30 29.19 -20.55
N GLY A 54 19.31 28.08 -21.28
CA GLY A 54 18.17 27.18 -21.32
C GLY A 54 18.56 25.84 -21.89
N GLU A 55 18.20 24.76 -21.20
CA GLU A 55 18.69 23.42 -21.56
C GLU A 55 17.54 22.42 -21.49
N ASP A 56 17.29 21.73 -22.60
CA ASP A 56 16.31 20.66 -22.67
C ASP A 56 14.91 21.13 -22.27
N LEU A 57 14.53 22.32 -22.75
CA LEU A 57 13.22 22.88 -22.48
C LEU A 57 12.36 22.80 -23.74
N GLU A 58 11.09 22.46 -23.56
CA GLU A 58 10.11 22.44 -24.64
C GLU A 58 9.39 23.78 -24.63
N LEU A 59 9.83 24.69 -25.49
CA LEU A 59 9.34 26.06 -25.48
C LEU A 59 7.98 26.16 -26.17
N GLU A 60 7.02 26.81 -25.50
CA GLU A 60 5.69 27.01 -26.05
C GLU A 60 5.43 28.44 -26.50
N SER A 61 5.83 29.44 -25.71
CA SER A 61 5.56 30.83 -26.07
C SER A 61 6.61 31.73 -25.44
N VAL A 62 6.90 32.84 -26.13
CA VAL A 62 7.81 33.87 -25.65
C VAL A 62 7.09 35.21 -25.73
N GLU A 63 7.12 35.96 -24.63
CA GLU A 63 6.38 37.21 -24.51
C GLU A 63 7.31 38.29 -23.98
N LEU A 64 7.44 39.39 -24.72
CA LEU A 64 8.27 40.52 -24.32
C LEU A 64 7.35 41.70 -24.03
N ASP A 65 7.29 42.09 -22.75
CA ASP A 65 6.44 43.20 -22.30
C ASP A 65 4.98 43.00 -22.74
N GLY A 66 4.49 41.77 -22.58
CA GLY A 66 3.14 41.44 -22.93
C GLY A 66 2.89 41.19 -24.41
N ASN A 67 3.88 41.43 -25.27
CA ASN A 67 3.74 41.25 -26.70
C ASN A 67 4.40 39.94 -27.13
N ALA A 68 3.63 39.09 -27.81
CA ALA A 68 4.13 37.78 -28.20
C ALA A 68 5.16 37.90 -29.32
N LEU A 69 6.22 37.11 -29.22
CA LEU A 69 7.26 37.02 -30.23
C LEU A 69 7.24 35.63 -30.86
N SER A 70 7.40 35.58 -32.18
CA SER A 70 7.37 34.33 -32.91
C SER A 70 8.79 33.77 -33.08
N MET A 71 8.86 32.47 -33.37
CA MET A 71 10.13 31.83 -33.62
C MET A 71 10.71 32.33 -34.94
N HIS A 72 11.96 32.79 -34.91
CA HIS A 72 12.61 33.28 -36.11
C HIS A 72 12.82 32.14 -37.09
N SER A 73 12.43 32.36 -38.35
CA SER A 73 12.58 31.36 -39.40
C SER A 73 12.81 32.08 -40.72
N THR A 74 12.96 31.30 -41.78
CA THR A 74 13.13 31.89 -43.12
C THR A 74 11.87 32.63 -43.56
N GLU A 75 10.70 32.16 -43.14
CA GLU A 75 9.46 32.84 -43.51
C GLU A 75 9.27 34.14 -42.74
N THR A 76 9.72 34.19 -41.48
CA THR A 76 9.61 35.43 -40.72
C THR A 76 10.55 36.50 -41.26
N GLN A 77 11.65 36.13 -41.94
CA GLN A 77 12.60 37.11 -42.51
C GLN A 77 11.97 37.98 -43.56
N LYS A 78 10.89 37.50 -44.13
CA LYS A 78 10.17 38.27 -45.09
C LYS A 78 8.73 37.95 -44.86
N GLY A 80 9.77 40.25 -43.32
CA GLY A 80 9.16 41.39 -42.67
C GLY A 80 9.09 41.36 -41.16
N ASP A 81 8.70 40.22 -40.60
CA ASP A 81 8.38 40.14 -39.17
C ASP A 81 9.62 40.38 -38.32
N LYS A 82 9.57 41.45 -37.52
CA LYS A 82 10.65 41.77 -36.58
C LYS A 82 10.35 41.36 -35.15
N ARG A 83 9.10 41.10 -34.82
CA ARG A 83 8.71 40.64 -33.48
C ARG A 83 9.02 39.16 -33.34
N VAL A 84 10.32 38.85 -33.36
CA VAL A 84 10.79 37.47 -33.36
C VAL A 84 11.81 37.27 -32.26
N TYR A 85 11.92 36.03 -31.80
CA TYR A 85 13.00 35.58 -30.94
C TYR A 85 13.77 34.48 -31.65
N SER A 86 14.97 34.19 -31.15
CA SER A 86 15.82 33.18 -31.76
C SER A 86 16.41 32.27 -30.68
N LEU A 87 16.75 31.06 -31.10
CA LEU A 87 17.44 30.09 -30.26
C LEU A 87 18.79 29.77 -30.88
N ASP A 88 19.86 29.94 -30.11
CA ASP A 88 21.19 29.68 -30.63
C ASP A 88 21.39 28.17 -30.79
N VAL A 89 22.59 27.79 -31.24
CA VAL A 89 22.88 26.38 -31.48
C VAL A 89 22.86 25.56 -30.20
N ASP A 90 22.97 26.21 -29.04
CA ASP A 90 22.96 25.51 -27.76
C ASP A 90 21.60 25.57 -27.07
N GLY A 91 20.60 26.20 -27.68
CA GLY A 91 19.28 26.29 -27.09
C GLY A 91 19.03 27.51 -26.24
N ARG A 92 19.95 28.47 -26.21
CA ARG A 92 19.74 29.67 -25.42
C ARG A 92 18.74 30.60 -26.10
N LEU A 93 17.93 31.27 -25.28
CA LEU A 93 16.94 32.20 -25.81
C LEU A 93 17.60 33.54 -26.12
N VAL A 94 17.40 34.02 -27.35
CA VAL A 94 18.02 35.24 -27.82
C VAL A 94 16.93 36.22 -28.24
N ILE A 95 17.04 37.47 -27.77
CA ILE A 95 16.15 38.55 -28.16
C ILE A 95 17.02 39.70 -28.66
N ALA A 96 16.75 40.16 -29.88
CA ALA A 96 17.59 41.17 -30.50
C ALA A 96 17.56 42.47 -29.72
N ALA A 97 18.67 43.22 -29.83
CA ALA A 97 18.78 44.48 -29.09
C ALA A 97 17.76 45.50 -29.55
N ASP A 98 17.31 45.42 -30.81
CA ASP A 98 16.34 46.39 -31.31
C ASP A 98 15.00 46.27 -30.60
N LEU A 99 14.68 45.09 -30.07
CA LEU A 99 13.42 44.89 -29.37
C LEU A 99 13.48 45.29 -27.91
N LEU A 100 14.67 45.45 -27.34
CA LEU A 100 14.86 45.78 -25.95
C LEU A 100 15.00 47.29 -25.78
N PRO A 101 14.74 47.81 -24.57
CA PRO A 101 14.84 49.26 -24.36
C PRO A 101 16.25 49.78 -24.66
N GLN A 102 16.30 51.01 -25.19
CA GLN A 102 17.59 51.63 -25.46
C GLN A 102 18.26 52.11 -24.18
N GLU A 103 17.48 52.66 -23.26
CA GLU A 103 18.01 53.09 -21.97
C GLU A 103 18.36 51.87 -21.12
N ALA A 104 19.53 51.93 -20.46
CA ALA A 104 20.01 50.77 -19.71
C ALA A 104 19.15 50.51 -18.48
N GLU A 105 18.77 51.56 -17.76
CA GLU A 105 18.02 51.38 -16.52
C GLU A 105 16.57 50.99 -16.75
N LYS A 106 16.07 51.07 -17.99
CA LYS A 106 14.68 50.75 -18.26
C LYS A 106 14.43 49.26 -18.11
N LYS A 107 13.44 48.89 -17.30
CA LYS A 107 13.14 47.50 -17.05
C LYS A 107 12.22 46.94 -18.12
N PHE A 108 12.36 45.64 -18.38
CA PHE A 108 11.52 44.93 -19.33
C PHE A 108 11.21 43.55 -18.77
N LYS A 109 10.16 42.94 -19.30
CA LYS A 109 9.67 41.64 -18.83
C LYS A 109 9.75 40.61 -19.94
N VAL A 110 10.38 39.47 -19.64
CA VAL A 110 10.43 38.34 -20.56
C VAL A 110 9.64 37.22 -19.90
N LYS A 111 8.53 36.83 -20.51
CA LYS A 111 7.66 35.77 -20.02
C LYS A 111 7.73 34.59 -20.96
N THR A 112 8.00 33.41 -20.41
CA THR A 112 8.09 32.18 -21.19
C THR A 112 7.24 31.10 -20.58
N VAL A 113 6.70 30.24 -21.44
CA VAL A 113 6.01 29.02 -21.05
C VAL A 113 6.78 27.85 -21.64
N VAL A 114 7.31 26.99 -20.78
CA VAL A 114 8.06 25.81 -21.20
C VAL A 114 7.50 24.59 -20.48
N TYR A 115 7.84 23.42 -21.00
CA TYR A 115 7.50 22.15 -20.39
C TYR A 115 8.75 21.36 -20.12
N VAL A 116 8.77 20.63 -19.01
CA VAL A 116 9.86 19.73 -18.65
C VAL A 116 9.24 18.38 -18.30
N ARG A 117 10.10 17.37 -18.24
CA ARG A 117 9.67 15.99 -17.98
C ARG A 117 10.43 15.43 -16.79
N PRO A 118 9.85 15.50 -15.59
CA PRO A 118 10.60 15.04 -14.40
C PRO A 118 10.87 13.56 -14.38
N LYS A 119 9.91 12.73 -14.81
CA LYS A 119 10.12 11.28 -14.77
C LYS A 119 11.21 10.85 -15.75
N GLU A 120 11.39 11.58 -16.84
CA GLU A 120 12.44 11.30 -17.81
C GLU A 120 13.75 12.00 -17.47
N ASN A 121 13.81 12.73 -16.36
CA ASN A 121 14.99 13.50 -15.99
C ASN A 121 15.94 12.62 -15.15
N LEU A 122 16.54 11.65 -15.84
CA LEU A 122 17.45 10.71 -15.19
C LEU A 122 18.78 11.34 -14.82
N GLN A 123 19.09 12.54 -15.32
CA GLN A 123 20.30 13.24 -14.92
C GLN A 123 20.24 13.71 -13.47
N LEU A 124 19.04 13.80 -12.90
CA LEU A 124 18.82 14.30 -11.54
C LEU A 124 19.33 15.73 -11.39
N MET A 125 19.25 16.52 -12.47
CA MET A 125 19.57 17.93 -12.47
C MET A 125 18.36 18.70 -12.95
N GLY A 126 17.92 19.67 -12.16
CA GLY A 126 16.66 20.34 -12.43
C GLY A 126 15.53 19.67 -11.70
N LEU A 127 14.31 19.74 -12.25
CA LEU A 127 13.15 19.10 -11.65
C LEU A 127 13.08 17.64 -12.09
N TYR A 128 12.99 16.74 -11.11
CA TYR A 128 12.93 15.32 -11.41
C TYR A 128 12.19 14.60 -10.29
N LYS A 129 11.86 13.33 -10.56
CA LYS A 129 11.12 12.50 -9.63
C LYS A 129 12.09 11.64 -8.82
N SER A 130 11.87 11.57 -7.51
CA SER A 130 12.68 10.75 -6.61
C SER A 130 11.72 10.02 -5.67
N GLY A 131 11.44 8.76 -5.99
CA GLY A 131 10.50 8.00 -5.18
C GLY A 131 9.11 8.55 -5.35
N ALA A 132 8.49 8.95 -4.24
CA ALA A 132 7.17 9.57 -4.26
C ALA A 132 7.25 11.10 -4.19
N LEU A 133 8.41 11.68 -4.50
CA LEU A 133 8.62 13.10 -4.37
C LEU A 133 9.09 13.68 -5.70
N LEU A 134 8.68 14.93 -5.94
CA LEU A 134 9.26 15.76 -6.98
C LEU A 134 10.25 16.72 -6.30
N VAL A 135 11.53 16.60 -6.66
CA VAL A 135 12.59 17.37 -6.03
C VAL A 135 13.40 18.05 -7.12
N THR A 136 14.31 18.94 -6.69
CA THR A 136 15.14 19.70 -7.59
C THR A 136 16.59 19.64 -7.15
N GLN A 137 17.48 19.87 -8.12
CA GLN A 137 18.91 20.07 -7.88
C GLN A 137 19.43 20.97 -8.98
N CYS A 138 20.03 22.10 -8.60
CA CYS A 138 20.43 23.11 -9.57
C CYS A 138 21.92 23.43 -9.56
N GLU A 139 22.60 23.30 -8.43
CA GLU A 139 24.04 23.50 -8.41
C GLU A 139 24.73 22.42 -9.24
N ALA A 140 25.58 22.84 -10.18
CA ALA A 140 25.93 24.25 -10.36
C ALA A 140 25.07 24.95 -11.41
N GLU A 141 24.86 24.29 -12.55
CA GLU A 141 24.14 24.91 -13.66
C GLU A 141 22.92 24.09 -14.05
N GLY A 142 22.08 23.74 -13.09
CA GLY A 142 20.92 22.92 -13.34
C GLY A 142 19.61 23.67 -13.41
N PHE A 143 19.62 24.94 -12.97
CA PHE A 143 18.39 25.74 -13.04
C PHE A 143 17.98 26.03 -14.47
N ARG A 144 18.96 26.10 -15.39
CA ARG A 144 18.63 26.31 -16.79
C ARG A 144 17.87 25.13 -17.39
N ARG A 145 17.88 23.98 -16.72
CA ARG A 145 17.06 22.84 -17.13
C ARG A 145 15.63 22.93 -16.62
N ILE A 146 15.29 23.99 -15.89
CA ILE A 146 13.93 24.24 -15.41
C ILE A 146 13.26 25.35 -16.21
N THR A 147 13.92 26.50 -16.32
CA THR A 147 13.45 27.59 -17.16
C THR A 147 14.62 28.48 -17.52
N TYR A 148 14.37 29.45 -18.39
CA TYR A 148 15.43 30.34 -18.85
C TYR A 148 15.87 31.27 -17.72
N PHE A 149 17.17 31.58 -17.71
CA PHE A 149 17.76 32.38 -16.65
C PHE A 149 19.18 32.74 -17.05
N LEU A 150 19.78 33.65 -16.27
CA LEU A 150 21.22 33.90 -16.34
C LEU A 150 21.89 32.99 -15.32
N ASP A 151 22.05 31.73 -15.71
CA ASP A 151 22.49 30.66 -14.83
C ASP A 151 23.94 30.83 -14.38
N ARG A 152 24.21 31.83 -13.54
CA ARG A 152 25.54 32.04 -12.98
C ARG A 152 25.39 32.59 -11.57
N PRO A 153 26.30 32.25 -10.66
CA PRO A 153 26.10 32.59 -9.24
C PRO A 153 26.22 34.06 -8.92
N ASP A 154 26.74 34.90 -9.83
CA ASP A 154 26.85 36.32 -9.57
C ASP A 154 25.57 37.07 -9.92
N VAL A 155 24.52 36.38 -10.36
CA VAL A 155 23.22 36.98 -10.63
C VAL A 155 22.28 36.57 -9.50
N MET A 156 21.83 37.56 -8.73
CA MET A 156 20.91 37.34 -7.63
C MET A 156 19.62 38.14 -7.86
N SER A 157 18.52 37.60 -7.35
CA SER A 157 17.22 38.22 -7.56
C SER A 157 16.24 37.72 -6.52
N LEU A 158 15.14 38.45 -6.38
CA LEU A 158 14.04 38.02 -5.52
C LEU A 158 13.16 37.02 -6.27
N PHE A 159 12.67 36.02 -5.55
CA PHE A 159 11.91 34.93 -6.15
C PHE A 159 10.48 34.91 -5.61
N LYS A 160 9.53 34.70 -6.51
CA LYS A 160 8.15 34.38 -6.15
C LYS A 160 7.77 33.11 -6.89
N VAL A 161 7.47 32.06 -6.15
CA VAL A 161 7.28 30.72 -6.70
C VAL A 161 5.90 30.23 -6.34
N ARG A 162 5.12 29.83 -7.34
CA ARG A 162 3.82 29.19 -7.14
C ARG A 162 3.90 27.75 -7.62
N LEU A 163 3.43 26.82 -6.79
CA LEU A 163 3.43 25.40 -7.09
C LEU A 163 2.01 24.89 -7.07
N ALA A 164 1.59 24.20 -8.14
CA ALA A 164 0.29 23.55 -8.21
C ALA A 164 0.51 22.07 -8.49
N ALA A 165 -0.18 21.22 -7.74
CA ALA A 165 0.05 19.78 -7.84
C ALA A 165 -1.18 19.03 -7.36
N ASP A 166 -1.18 17.72 -7.61
CA ASP A 166 -2.25 16.85 -7.15
C ASP A 166 -2.29 16.82 -5.63
N GLU A 167 -3.49 17.03 -5.07
CA GLU A 167 -3.61 17.15 -3.62
C GLU A 167 -3.40 15.81 -2.92
N LYS A 168 -3.76 14.71 -3.56
CA LYS A 168 -3.58 13.40 -2.94
C LYS A 168 -2.13 12.94 -3.04
N ALA A 169 -1.50 13.15 -4.20
CA ALA A 169 -0.12 12.71 -4.38
C ALA A 169 0.89 13.68 -3.79
N CYS A 170 0.58 14.98 -3.79
CA CYS A 170 1.50 16.00 -3.31
C CYS A 170 0.81 16.89 -2.27
N PRO A 171 0.54 16.35 -1.08
CA PRO A 171 -0.07 17.17 -0.03
C PRO A 171 0.86 18.22 0.54
N VAL A 172 2.17 18.03 0.44
CA VAL A 172 3.16 18.96 0.98
C VAL A 172 3.88 19.62 -0.17
N LEU A 173 3.85 20.95 -0.20
CA LEU A 173 4.52 21.74 -1.22
C LEU A 173 5.50 22.69 -0.54
N LEU A 174 6.73 22.72 -1.05
CA LEU A 174 7.79 23.49 -0.41
C LEU A 174 8.63 24.22 -1.44
N SER A 175 9.09 25.41 -1.07
CA SER A 175 10.01 26.19 -1.89
C SER A 175 10.75 27.14 -0.95
N ASN A 176 11.67 27.92 -1.53
CA ASN A 176 12.45 28.86 -0.73
C ASN A 176 11.57 29.97 -0.18
N GLY A 177 11.90 30.43 1.01
CA GLY A 177 11.23 31.58 1.60
C GLY A 177 10.03 31.19 2.44
N ASN A 178 9.12 32.16 2.58
CA ASN A 178 7.91 32.00 3.38
C ASN A 178 6.72 31.72 2.48
N MET A 179 5.83 30.85 2.94
CA MET A 179 4.60 30.56 2.22
C MET A 179 3.61 31.70 2.47
N VAL A 180 3.19 32.37 1.40
CA VAL A 180 2.29 33.51 1.52
C VAL A 180 0.86 33.19 1.15
N GLU A 181 0.58 32.04 0.52
CA GLU A 181 -0.77 31.70 0.12
C GLU A 181 -0.86 30.20 -0.12
N SER A 182 -2.01 29.63 0.22
CA SER A 182 -2.30 28.22 -0.04
C SER A 182 -3.80 28.07 -0.25
N GLY A 183 -4.18 27.20 -1.16
CA GLY A 183 -5.58 26.99 -1.43
C GLY A 183 -5.78 25.98 -2.54
N LYS A 184 -7.04 25.84 -2.95
CA LYS A 184 -7.39 24.92 -4.02
C LYS A 184 -7.22 25.58 -5.38
N VAL A 185 -6.96 24.76 -6.39
CA VAL A 185 -6.94 25.26 -7.76
C VAL A 185 -8.37 25.52 -8.23
N GLU A 186 -8.61 26.70 -8.76
CA GLU A 186 -9.98 27.14 -9.05
C GLU A 186 -10.67 26.22 -10.03
N GLY A 187 -10.19 26.16 -11.27
CA GLY A 187 -10.88 25.41 -12.30
C GLY A 187 -10.74 23.91 -12.14
N GLU A 188 -9.60 23.44 -11.64
CA GLU A 188 -9.30 22.01 -11.60
C GLU A 188 -9.54 21.47 -10.20
N LYS A 189 -10.49 20.55 -10.07
CA LYS A 189 -10.78 19.92 -8.79
C LYS A 189 -9.78 18.80 -8.51
N GLY A 190 -9.39 18.66 -7.25
CA GLY A 190 -8.42 17.68 -6.85
C GLY A 190 -6.99 18.19 -6.75
N ARG A 191 -6.74 19.44 -7.13
CA ARG A 191 -5.41 20.03 -7.07
C ARG A 191 -5.43 21.24 -6.16
N HIS A 192 -4.29 21.47 -5.50
CA HIS A 192 -4.11 22.61 -4.61
C HIS A 192 -2.80 23.31 -4.97
N PHE A 193 -2.58 24.48 -4.38
CA PHE A 193 -1.41 25.28 -4.71
C PHE A 193 -0.83 25.92 -3.46
N ALA A 194 0.37 26.47 -3.62
CA ALA A 194 1.05 27.21 -2.58
C ALA A 194 1.98 28.23 -3.23
N VAL A 195 2.11 29.39 -2.59
CA VAL A 195 2.94 30.48 -3.10
C VAL A 195 4.02 30.78 -2.08
N PHE A 196 5.26 30.87 -2.55
CA PHE A 196 6.41 31.13 -1.70
C PHE A 196 7.16 32.35 -2.21
N GLU A 197 7.47 33.27 -1.31
CA GLU A 197 8.22 34.48 -1.62
C GLU A 197 9.49 34.51 -0.78
N ASP A 198 10.64 34.65 -1.45
CA ASP A 198 11.92 34.75 -0.77
C ASP A 198 12.26 36.21 -0.59
N PRO A 199 12.33 36.74 0.64
CA PRO A 199 12.59 38.17 0.81
C PRO A 199 14.03 38.58 0.56
N PHE A 200 14.97 37.63 0.54
CA PHE A 200 16.38 37.92 0.29
C PHE A 200 16.77 37.41 -1.09
N GLN A 201 17.51 38.23 -1.84
CA GLN A 201 17.94 37.84 -3.16
C GLN A 201 19.01 36.75 -3.08
N LYS A 202 18.97 35.84 -4.04
CA LYS A 202 19.83 34.66 -4.04
C LYS A 202 20.14 34.27 -5.47
N PRO A 203 21.27 33.60 -5.70
CA PRO A 203 21.55 33.09 -7.04
C PRO A 203 20.68 31.88 -7.36
N CYS A 204 20.60 31.57 -8.64
CA CYS A 204 19.66 30.56 -9.10
C CYS A 204 20.02 29.15 -8.66
N TYR A 205 21.30 28.87 -8.39
CA TYR A 205 21.68 27.52 -7.97
C TYR A 205 21.17 27.17 -6.59
N LEU A 206 20.73 28.16 -5.81
CA LEU A 206 20.18 27.91 -4.47
C LEU A 206 18.67 27.74 -4.49
N PHE A 207 18.03 27.79 -5.65
CA PHE A 207 16.60 27.55 -5.75
C PHE A 207 16.29 26.09 -5.48
N ALA A 208 15.11 25.83 -4.94
CA ALA A 208 14.66 24.46 -4.71
C ALA A 208 13.15 24.44 -4.57
N LEU A 209 12.56 23.30 -4.95
CA LEU A 209 11.15 23.04 -4.73
C LEU A 209 10.97 21.56 -4.45
N VAL A 210 10.03 21.24 -3.57
CA VAL A 210 9.70 19.86 -3.21
C VAL A 210 8.19 19.71 -3.21
N ALA A 211 7.71 18.60 -3.78
CA ALA A 211 6.29 18.31 -3.82
C ALA A 211 6.09 16.81 -3.73
N GLY A 212 5.31 16.38 -2.75
CA GLY A 212 5.05 14.96 -2.59
C GLY A 212 4.43 14.67 -1.23
N ASP A 213 4.37 13.38 -0.91
CA ASP A 213 3.83 12.91 0.36
C ASP A 213 4.95 12.93 1.40
N LEU A 214 4.89 13.86 2.33
CA LEU A 214 5.95 14.07 3.30
C LEU A 214 5.39 14.14 4.71
N LYS A 215 6.11 13.54 5.65
CA LYS A 215 5.90 13.72 7.08
C LYS A 215 7.11 14.45 7.66
N SER A 216 6.91 15.09 8.81
CA SER A 216 7.98 15.89 9.37
C SER A 216 7.94 15.87 10.89
N ILE A 217 9.12 15.97 11.49
CA ILE A 217 9.29 16.33 12.88
C ILE A 217 9.92 17.71 12.91
N SER A 218 9.77 18.40 14.04
CA SER A 218 10.24 19.77 14.12
C SER A 218 10.59 20.13 15.56
N GLN A 219 11.31 21.23 15.70
CA GLN A 219 11.67 21.78 17.00
C GLN A 219 12.10 23.22 16.82
N SER A 220 11.74 24.07 17.79
CA SER A 220 12.07 25.49 17.72
C SER A 220 13.50 25.74 18.21
N PHE A 221 14.12 26.76 17.64
CA PHE A 221 15.45 27.20 18.06
C PHE A 221 15.43 28.70 18.25
N THR A 222 15.94 29.15 19.40
CA THR A 222 16.00 30.57 19.74
C THR A 222 17.40 31.09 19.47
N THR A 223 17.52 31.99 18.51
CA THR A 223 18.81 32.59 18.19
C THR A 223 19.23 33.55 19.30
N MET A 224 20.46 34.07 19.18
CA MET A 224 20.98 34.97 20.20
C MET A 224 20.27 36.32 20.20
N SER A 225 19.63 36.70 19.10
CA SER A 225 18.81 37.92 19.10
C SER A 225 17.43 37.68 19.69
N GLY A 226 17.06 36.43 19.99
CA GLY A 226 15.75 36.10 20.49
C GLY A 226 14.78 35.59 19.46
N ARG A 227 15.17 35.59 18.18
CA ARG A 227 14.28 35.10 17.13
C ARG A 227 14.09 33.60 17.26
N ASN A 228 12.85 33.15 17.01
CA ASN A 228 12.51 31.74 17.02
C ASN A 228 12.50 31.22 15.59
N VAL A 229 13.24 30.13 15.36
CA VAL A 229 13.34 29.50 14.05
C VAL A 229 12.75 28.11 14.14
N LYS A 230 11.82 27.80 13.23
CA LYS A 230 11.20 26.49 13.17
C LYS A 230 12.04 25.59 12.27
N VAL A 231 12.74 24.63 12.87
CA VAL A 231 13.56 23.67 12.16
C VAL A 231 12.75 22.39 11.99
N SER A 232 12.56 21.97 10.75
CA SER A 232 11.76 20.79 10.43
C SER A 232 12.51 19.88 9.48
N ILE A 233 12.47 18.58 9.76
CA ILE A 233 13.07 17.55 8.91
C ILE A 233 11.94 16.80 8.22
N PHE A 234 11.97 16.77 6.89
CA PHE A 234 10.93 16.12 6.10
C PHE A 234 11.45 14.82 5.51
N SER A 235 10.54 13.87 5.33
CA SER A 235 10.85 12.59 4.72
C SER A 235 9.55 11.90 4.33
N GLU A 236 9.67 10.89 3.47
CA GLU A 236 8.52 10.08 3.12
C GLU A 236 8.00 9.36 4.36
N PRO A 237 6.72 9.08 4.44
CA PRO A 237 6.11 8.46 5.64
C PRO A 237 6.81 7.29 6.30
N GLU A 238 7.27 6.35 5.49
CA GLU A 238 7.97 5.18 5.97
C GLU A 238 9.27 5.48 6.71
N ASP A 239 9.95 6.55 6.36
CA ASP A 239 11.15 6.94 7.05
C ASP A 239 10.97 8.07 8.08
N SER A 240 9.77 8.48 8.41
CA SER A 240 9.54 9.65 9.25
C SER A 240 9.90 9.45 10.71
N SER A 241 10.20 8.21 11.13
CA SER A 241 10.61 7.93 12.50
C SER A 241 12.11 7.79 12.64
N LYS A 242 12.89 8.21 11.64
CA LYS A 242 14.35 8.09 11.65
C LYS A 242 15.02 9.45 11.52
N LEU A 243 14.40 10.50 12.03
CA LEU A 243 14.85 11.86 11.78
C LEU A 243 15.34 12.59 13.03
N THR A 244 15.31 11.95 14.20
CA THR A 244 15.67 12.66 15.44
C THR A 244 17.15 12.98 15.48
N TRP A 245 18.00 12.07 14.98
CA TRP A 245 19.44 12.34 15.01
C TRP A 245 19.79 13.51 14.10
N ALA A 246 19.12 13.63 12.96
CA ALA A 246 19.37 14.77 12.07
C ALA A 246 18.86 16.07 12.68
N LEU A 247 17.69 16.03 13.33
CA LEU A 247 17.14 17.22 13.96
C LEU A 247 18.05 17.72 15.08
N GLU A 248 18.51 16.81 15.94
CA GLU A 248 19.42 17.20 17.01
C GLU A 248 20.73 17.73 16.45
N SER A 249 21.12 17.29 15.25
CA SER A 249 22.36 17.78 14.66
C SER A 249 22.23 19.21 14.17
N VAL A 250 21.06 19.58 13.64
CA VAL A 250 20.84 20.96 13.21
C VAL A 250 20.90 21.91 14.39
N LEU A 251 20.28 21.52 15.52
CA LEU A 251 20.29 22.37 16.69
C LEU A 251 21.71 22.57 17.22
N LYS A 252 22.52 21.51 17.23
CA LYS A 252 23.91 21.64 17.65
C LYS A 252 24.68 22.54 16.69
N SER A 253 24.41 22.42 15.38
CA SER A 253 25.12 23.22 14.39
C SER A 253 24.78 24.70 14.53
N MET A 254 23.50 25.02 14.79
CA MET A 254 23.11 26.42 14.93
C MET A 254 23.70 27.03 16.19
N LYS A 255 23.76 26.26 17.28
CA LYS A 255 24.35 26.77 18.51
C LYS A 255 25.85 26.93 18.38
N TRP A 256 26.51 25.97 17.71
CA TRP A 256 27.96 26.02 17.57
C TRP A 256 28.39 27.21 16.71
N ASP A 257 27.67 27.48 15.62
CA ASP A 257 28.04 28.60 14.76
C ASP A 257 27.87 29.93 15.47
N GLU A 258 26.94 30.01 16.43
CA GLU A 258 26.80 31.23 17.22
C GLU A 258 27.97 31.41 18.17
N GLU A 259 28.35 30.34 18.87
CA GLU A 259 29.40 30.44 19.87
C GLU A 259 30.78 30.59 19.23
N ARG A 260 31.05 29.82 18.17
CA ARG A 260 32.39 29.76 17.60
C ARG A 260 32.67 30.86 16.59
N PHE A 261 31.66 31.34 15.86
CA PHE A 261 31.89 32.34 14.83
C PHE A 261 30.86 33.46 14.84
N GLY A 262 29.98 33.53 15.83
CA GLY A 262 29.00 34.60 15.90
C GLY A 262 28.02 34.64 14.76
N ARG A 263 27.78 33.51 14.10
CA ARG A 263 26.88 33.45 12.96
C ARG A 263 25.47 33.15 13.43
N GLU A 264 24.51 33.93 12.96
CA GLU A 264 23.12 33.84 13.39
C GLU A 264 22.22 33.62 12.19
N TYR A 265 21.28 32.67 12.33
CA TYR A 265 20.32 32.40 11.26
C TYR A 265 19.38 33.58 11.09
N ASP A 266 18.98 33.84 9.85
CA ASP A 266 18.23 35.04 9.50
C ASP A 266 16.82 34.76 9.00
N LEU A 267 16.42 33.50 8.85
CA LEU A 267 15.08 33.16 8.39
C LEU A 267 14.24 32.64 9.54
N ASP A 268 12.92 32.60 9.30
CA ASP A 268 11.99 32.08 10.30
C ASP A 268 11.88 30.57 10.25
N VAL A 269 12.23 29.95 9.13
CA VAL A 269 12.13 28.50 8.96
C VAL A 269 13.44 27.97 8.40
N PHE A 270 13.78 26.75 8.80
CA PHE A 270 14.91 26.01 8.24
C PHE A 270 14.43 24.59 7.99
N ASN A 271 14.31 24.23 6.71
CA ASN A 271 13.71 22.96 6.31
C ASN A 271 14.75 22.03 5.71
N VAL A 272 14.64 20.75 6.04
CA VAL A 272 15.51 19.70 5.50
C VAL A 272 14.62 18.58 4.98
N VAL A 273 14.81 18.22 3.71
CA VAL A 273 13.99 17.21 3.05
C VAL A 273 14.88 16.08 2.59
N CYS A 274 14.47 14.84 2.85
CA CYS A 274 15.22 13.66 2.47
C CYS A 274 14.83 13.23 1.06
N ALA A 275 15.83 12.96 0.24
CA ALA A 275 15.64 12.48 -1.13
C ALA A 275 16.37 11.17 -1.32
N LYS A 276 15.65 10.17 -1.83
CA LYS A 276 16.23 8.85 -2.02
C LYS A 276 17.08 8.74 -3.28
N ASP A 277 16.84 9.61 -4.27
CA ASP A 277 17.63 9.64 -5.49
C ASP A 277 18.35 10.99 -5.55
N PHE A 278 19.64 10.99 -5.23
CA PHE A 278 20.40 12.22 -5.12
C PHE A 278 21.84 11.97 -5.51
N ASN A 279 22.39 12.86 -6.35
CA ASN A 279 23.78 12.70 -6.79
C ASN A 279 24.75 13.07 -5.67
N MET A 280 24.57 14.24 -5.06
CA MET A 280 25.45 14.69 -4.00
C MET A 280 25.09 14.00 -2.69
N GLY A 281 25.77 14.40 -1.61
CA GLY A 281 25.41 13.96 -0.28
C GLY A 281 24.30 14.82 0.29
N ALA A 282 24.36 16.12 0.02
CA ALA A 282 23.34 17.07 0.44
C ALA A 282 23.56 18.37 -0.30
N MET A 283 22.52 19.20 -0.33
CA MET A 283 22.56 20.48 -1.02
C MET A 283 21.99 21.56 -0.11
N GLU A 284 22.62 22.74 -0.15
CA GLU A 284 22.36 23.81 0.81
C GLU A 284 21.35 24.83 0.31
N ASN A 285 20.32 24.40 -0.42
CA ASN A 285 19.32 25.31 -0.94
C ASN A 285 18.75 26.18 0.18
N LYS A 286 18.73 27.49 -0.05
CA LYS A 286 18.43 28.50 0.97
C LYS A 286 17.11 28.21 1.69
N GLY A 287 17.20 27.82 2.96
CA GLY A 287 16.02 27.51 3.75
C GLY A 287 15.34 26.20 3.42
N LEU A 288 15.82 25.46 2.42
CA LEU A 288 15.20 24.21 1.98
C LEU A 288 16.31 23.24 1.57
N ASN A 289 17.10 22.81 2.55
CA ASN A 289 18.16 21.85 2.28
C ASN A 289 17.58 20.50 1.88
N ILE A 290 18.21 19.88 0.89
CA ILE A 290 17.81 18.56 0.42
C ILE A 290 18.98 17.61 0.64
N PHE A 291 18.72 16.49 1.33
CA PHE A 291 19.75 15.56 1.74
C PHE A 291 19.57 14.22 1.03
N ASN A 292 20.70 13.60 0.67
CA ASN A 292 20.67 12.19 0.32
C ASN A 292 20.21 11.38 1.52
N ALA A 293 19.41 10.34 1.26
CA ALA A 293 18.86 9.54 2.35
C ALA A 293 19.96 8.92 3.21
N ALA A 294 21.10 8.57 2.61
CA ALA A 294 22.20 7.97 3.34
C ALA A 294 22.87 8.96 4.29
N LEU A 295 22.59 10.25 4.17
CA LEU A 295 23.20 11.27 5.02
C LEU A 295 22.18 11.93 5.94
N LEU A 296 21.02 11.29 6.14
CA LEU A 296 19.99 11.88 6.99
C LEU A 296 19.32 10.82 7.86
N LEU A 297 18.86 9.73 7.23
CA LEU A 297 18.17 8.69 7.97
C LEU A 297 19.13 7.94 8.89
N ALA A 298 18.70 7.71 10.12
CA ALA A 298 19.52 7.02 11.11
C ALA A 298 18.65 6.15 11.99
N ASP A 299 19.10 4.92 12.25
CA ASP A 299 18.41 3.96 13.10
C ASP A 299 19.47 3.02 13.66
N PRO A 300 19.38 2.65 14.94
CA PRO A 300 20.40 1.77 15.52
C PRO A 300 20.54 0.44 14.81
N SER A 301 19.46 -0.10 14.25
CA SER A 301 19.51 -1.41 13.60
C SER A 301 19.97 -1.33 12.15
N THR A 302 20.13 -0.14 11.59
CA THR A 302 20.55 0.02 10.20
C THR A 302 21.76 0.92 10.00
N THR A 303 22.09 1.78 10.96
CA THR A 303 23.10 2.81 10.79
C THR A 303 24.31 2.50 11.67
N THR A 304 25.50 2.55 11.08
CA THR A 304 26.73 2.32 11.83
C THR A 304 27.15 3.59 12.58
N ASP A 305 28.12 3.43 13.48
CA ASP A 305 28.63 4.57 14.23
C ASP A 305 29.26 5.60 13.30
N ALA A 306 29.98 5.14 12.28
CA ALA A 306 30.59 6.06 11.33
C ALA A 306 29.54 6.82 10.54
N GLU A 307 28.49 6.13 10.08
CA GLU A 307 27.42 6.82 9.36
C GLU A 307 26.67 7.77 10.26
N TYR A 308 26.55 7.45 11.55
CA TYR A 308 25.97 8.38 12.51
C TYR A 308 26.77 9.67 12.58
N GLN A 309 28.10 9.54 12.70
CA GLN A 309 28.95 10.72 12.75
C GLN A 309 28.94 11.48 11.42
N ARG A 310 28.89 10.75 10.31
CA ARG A 310 28.87 11.41 9.00
C ARG A 310 27.60 12.24 8.83
N ILE A 311 26.48 11.77 9.37
CA ILE A 311 25.24 12.54 9.30
C ILE A 311 25.37 13.83 10.11
N LEU A 312 25.96 13.74 11.30
CA LEU A 312 26.18 14.94 12.10
C LEU A 312 27.11 15.92 11.39
N ASN A 313 28.12 15.40 10.68
CA ASN A 313 29.09 16.26 10.02
C ASN A 313 28.47 16.94 8.80
N VAL A 314 27.70 16.22 8.00
CA VAL A 314 27.12 16.79 6.79
C VAL A 314 25.98 17.73 7.13
N VAL A 315 25.19 17.40 8.16
CA VAL A 315 24.13 18.31 8.60
C VAL A 315 24.71 19.66 9.00
N GLY A 316 25.79 19.64 9.79
CA GLY A 316 26.48 20.87 10.12
C GLY A 316 27.03 21.55 8.89
N HIS A 317 27.63 20.78 7.98
CA HIS A 317 28.20 21.35 6.76
C HIS A 317 27.15 22.15 5.97
N GLU A 318 25.94 21.61 5.86
CA GLU A 318 24.92 22.28 5.07
C GLU A 318 24.42 23.54 5.77
N TYR A 319 24.30 23.50 7.10
CA TYR A 319 23.88 24.71 7.81
C TYR A 319 24.96 25.78 7.74
N PHE A 320 26.23 25.38 7.84
CA PHE A 320 27.32 26.35 7.77
C PHE A 320 27.39 27.05 6.42
N HIS A 321 26.84 26.42 5.37
CA HIS A 321 26.78 27.05 4.06
C HIS A 321 25.87 28.27 4.04
N GLN A 322 24.97 28.39 5.02
CA GLN A 322 24.04 29.53 5.04
C GLN A 322 24.80 30.85 5.10
N TRP A 323 25.93 30.88 5.79
CA TRP A 323 26.80 32.05 5.82
C TRP A 323 27.96 31.94 4.84
N THR A 324 28.70 30.84 4.88
CA THR A 324 29.82 30.61 3.97
C THR A 324 29.31 29.86 2.73
N GLY A 325 28.59 30.59 1.89
CA GLY A 325 28.04 30.02 0.67
C GLY A 325 26.78 30.70 0.18
N ASN A 326 25.88 31.04 1.11
CA ASN A 326 24.57 31.58 0.76
C ASN A 326 24.50 33.09 0.96
N ARG A 327 24.72 33.56 2.20
CA ARG A 327 24.75 35.00 2.44
C ARG A 327 25.97 35.65 1.80
N VAL A 328 27.10 34.95 1.79
CA VAL A 328 28.28 35.35 1.04
C VAL A 328 28.55 34.24 0.04
N THR A 329 28.29 34.52 -1.24
CA THR A 329 28.32 33.51 -2.27
C THR A 329 29.49 33.74 -3.23
N CYS A 330 29.54 32.95 -4.29
CA CYS A 330 30.67 32.93 -5.22
C CYS A 330 30.38 33.83 -6.41
N ARG A 331 31.37 34.64 -6.79
CA ARG A 331 31.25 35.47 -7.98
C ARG A 331 31.20 34.62 -9.25
N ASP A 332 31.89 33.48 -9.24
CA ASP A 332 31.88 32.55 -10.36
C ASP A 332 32.32 31.19 -9.83
N TRP A 333 32.17 30.17 -10.68
CA TRP A 333 32.42 28.80 -10.23
C TRP A 333 33.90 28.48 -10.09
N PHE A 334 34.80 29.32 -10.61
CA PHE A 334 36.21 29.14 -10.30
C PHE A 334 36.49 29.38 -8.82
N GLN A 335 35.61 30.10 -8.13
CA GLN A 335 35.74 30.36 -6.70
C GLN A 335 34.99 29.34 -5.84
N LEU A 336 34.78 28.12 -6.36
CA LEU A 336 33.99 27.14 -5.63
C LEU A 336 34.60 26.83 -4.27
N THR A 337 35.93 26.80 -4.18
CA THR A 337 36.59 26.52 -2.92
C THR A 337 36.41 27.65 -1.91
N LEU A 338 35.97 28.83 -2.35
CA LEU A 338 35.72 29.92 -1.40
C LEU A 338 34.65 29.54 -0.40
N LYS A 339 33.64 28.79 -0.83
CA LYS A 339 32.60 28.30 0.08
C LYS A 339 32.79 26.85 0.46
N GLU A 340 33.35 26.02 -0.42
CA GLU A 340 33.48 24.59 -0.09
C GLU A 340 34.65 24.34 0.85
N GLY A 341 35.81 24.91 0.55
CA GLY A 341 36.95 24.74 1.43
C GLY A 341 36.72 25.34 2.80
N LEU A 342 36.04 26.49 2.85
CA LEU A 342 35.80 27.15 4.13
C LEU A 342 34.72 26.42 4.93
N THR A 343 33.71 25.87 4.25
CA THR A 343 32.66 25.16 4.97
C THR A 343 33.10 23.78 5.43
N VAL A 344 33.94 23.10 4.64
CA VAL A 344 34.47 21.81 5.09
C VAL A 344 35.33 22.00 6.33
N PHE A 345 36.17 23.04 6.35
CA PHE A 345 36.94 23.34 7.54
C PHE A 345 36.03 23.64 8.73
N ARG A 346 34.89 24.28 8.47
CA ARG A 346 33.96 24.61 9.55
C ARG A 346 33.30 23.34 10.10
N ASP A 347 32.96 22.39 9.24
CA ASP A 347 32.39 21.15 9.76
C ASP A 347 33.45 20.25 10.38
N GLN A 348 34.72 20.45 10.03
CA GLN A 348 35.79 19.69 10.68
C GLN A 348 36.00 20.17 12.11
N LEU A 349 36.00 21.49 12.33
CA LEU A 349 36.06 22.01 13.69
C LEU A 349 34.81 21.62 14.47
N PHE A 350 33.65 21.66 13.81
CA PHE A 350 32.40 21.31 14.48
C PHE A 350 32.41 19.84 14.91
N THR A 351 32.75 18.93 13.99
CA THR A 351 32.80 17.53 14.32
C THR A 351 33.83 17.25 15.41
N ALA A 352 34.94 18.00 15.39
CA ALA A 352 35.97 17.81 16.43
C ALA A 352 35.44 18.20 17.81
N ASP A 353 34.66 19.29 17.88
CA ASP A 353 34.11 19.71 19.16
C ASP A 353 33.00 18.77 19.62
N MET A 354 32.19 18.28 18.68
CA MET A 354 31.08 17.40 19.05
C MET A 354 31.55 15.99 19.38
N CYS A 355 32.60 15.50 18.70
CA CYS A 355 33.07 14.12 18.88
C CYS A 355 34.47 14.21 19.46
N SER A 356 35.47 13.67 18.76
CA SER A 356 36.85 13.70 19.21
C SER A 356 37.70 14.44 18.19
N ALA A 357 38.51 15.39 18.67
CA ALA A 357 39.31 16.21 17.77
C ALA A 357 40.42 15.38 17.11
N ALA A 358 41.12 14.57 17.90
CA ALA A 358 42.20 13.75 17.34
C ALA A 358 41.65 12.69 16.40
N VAL A 359 40.53 12.06 16.76
CA VAL A 359 39.94 11.04 15.90
C VAL A 359 39.52 11.62 14.56
N LYS A 360 38.91 12.81 14.58
CA LYS A 360 38.48 13.45 13.33
C LYS A 360 39.68 13.88 12.49
N ARG A 361 40.71 14.44 13.14
CA ARG A 361 41.89 14.87 12.40
C ARG A 361 42.57 13.70 11.70
N ILE A 362 42.66 12.56 12.39
CA ILE A 362 43.28 11.38 11.79
C ILE A 362 42.46 10.90 10.60
N GLU A 363 41.13 10.92 10.72
CA GLU A 363 40.28 10.51 9.61
C GLU A 363 40.45 11.45 8.41
N ASP A 364 40.48 12.76 8.66
CA ASP A 364 40.61 13.72 7.56
C ASP A 364 41.96 13.58 6.86
N VAL A 365 43.03 13.38 7.63
CA VAL A 365 44.35 13.26 7.02
C VAL A 365 44.46 11.97 6.20
N VAL A 366 43.93 10.87 6.73
CA VAL A 366 43.97 9.60 6.00
C VAL A 366 43.21 9.72 4.69
N PHE A 367 42.03 10.34 4.71
CA PHE A 367 41.28 10.54 3.48
C PHE A 367 42.04 11.44 2.50
N LEU A 368 42.67 12.49 3.01
CA LEU A 368 43.40 13.41 2.14
C LEU A 368 44.57 12.71 1.47
N ARG A 369 45.38 12.00 2.24
CA ARG A 369 46.59 11.37 1.69
C ARG A 369 46.30 10.15 0.85
N SER A 370 45.03 9.75 0.71
CA SER A 370 44.65 8.67 -0.20
C SER A 370 43.92 9.21 -1.43
N ARG A 371 42.75 9.81 -1.24
CA ARG A 371 41.96 10.27 -2.38
C ARG A 371 42.53 11.54 -2.99
N GLN A 372 42.83 12.55 -2.15
CA GLN A 372 43.25 13.84 -2.68
C GLN A 372 44.68 13.79 -3.21
N PHE A 373 45.55 13.04 -2.54
CA PHE A 373 46.94 12.94 -3.01
C PHE A 373 47.01 12.25 -4.37
N ALA A 374 46.13 11.27 -4.60
CA ALA A 374 46.07 10.62 -5.90
C ALA A 374 45.61 11.58 -6.98
N GLU A 375 44.60 12.39 -6.67
CA GLU A 375 44.12 13.38 -7.63
C GLU A 375 45.20 14.41 -7.93
N ASP A 376 45.92 14.86 -6.90
CA ASP A 376 46.94 15.89 -7.08
C ASP A 376 48.18 15.40 -7.80
N SER A 377 48.36 14.08 -7.93
CA SER A 377 49.49 13.52 -8.67
C SER A 377 49.06 12.86 -9.97
N GLY A 378 47.84 13.15 -10.44
CA GLY A 378 47.32 12.53 -11.62
C GLY A 378 46.96 13.53 -12.70
N PRO A 379 46.42 13.04 -13.82
CA PRO A 379 46.10 13.94 -14.95
C PRO A 379 45.04 14.97 -14.64
N MET A 380 44.21 14.77 -13.62
CA MET A 380 43.18 15.72 -13.25
C MET A 380 43.64 16.68 -12.16
N ALA A 381 44.95 16.75 -11.90
CA ALA A 381 45.46 17.62 -10.85
C ALA A 381 45.20 19.07 -11.18
N HIS A 382 44.58 19.78 -10.24
CA HIS A 382 44.21 21.18 -10.40
C HIS A 382 44.37 21.89 -9.07
N PRO A 383 44.69 23.18 -9.08
CA PRO A 383 44.70 23.94 -7.82
C PRO A 383 43.30 24.08 -7.28
N ILE A 384 43.21 24.42 -5.99
CA ILE A 384 41.92 24.55 -5.33
C ILE A 384 41.07 25.63 -5.98
N ARG A 385 41.69 26.61 -6.63
CA ARG A 385 41.00 27.58 -7.47
C ARG A 385 41.46 27.31 -8.91
N PRO A 386 40.74 26.49 -9.67
CA PRO A 386 41.22 26.08 -10.99
C PRO A 386 41.34 27.26 -11.94
N GLU A 387 42.18 27.08 -12.96
CA GLU A 387 42.32 28.10 -14.00
C GLU A 387 41.41 27.85 -15.19
N THR A 388 41.16 26.58 -15.53
CA THR A 388 40.29 26.24 -16.64
C THR A 388 39.42 25.04 -16.26
N TYR A 389 38.24 24.97 -16.88
CA TYR A 389 37.41 23.79 -16.78
C TYR A 389 36.51 23.72 -18.00
N ILE A 390 35.99 22.52 -18.26
CA ILE A 390 35.06 22.31 -19.37
C ILE A 390 33.67 22.09 -18.79
N ALA A 391 33.54 21.07 -17.93
CA ALA A 391 32.30 20.78 -17.22
C ALA A 391 32.51 21.07 -15.74
N MET A 392 31.77 22.06 -15.22
CA MET A 392 31.98 22.49 -13.84
C MET A 392 31.67 21.38 -12.84
N ASP A 393 30.75 20.47 -13.19
CA ASP A 393 30.42 19.37 -12.30
C ASP A 393 31.61 18.43 -12.06
N ASN A 394 32.65 18.52 -12.89
CA ASN A 394 33.83 17.69 -12.72
C ASN A 394 34.79 18.20 -11.66
N PHE A 395 34.51 19.37 -11.07
CA PHE A 395 35.46 19.99 -10.15
C PHE A 395 34.86 20.17 -8.76
N TYR A 396 33.91 19.32 -8.40
CA TYR A 396 33.47 19.17 -7.01
C TYR A 396 34.26 18.02 -6.39
N THR A 397 35.55 18.30 -6.18
CA THR A 397 36.56 17.29 -5.96
C THR A 397 37.10 17.33 -4.54
N ALA A 398 37.90 16.31 -4.21
CA ALA A 398 38.59 16.28 -2.93
C ALA A 398 39.60 17.43 -2.82
N THR A 399 40.15 17.87 -3.95
CA THR A 399 41.06 19.01 -3.94
C THR A 399 40.33 20.29 -3.54
N VAL A 400 39.24 20.60 -4.23
CA VAL A 400 38.51 21.83 -3.94
C VAL A 400 37.86 21.77 -2.56
N TYR A 401 37.37 20.59 -2.18
CA TYR A 401 36.70 20.45 -0.88
C TYR A 401 37.70 20.30 0.25
N ASP A 402 38.48 19.23 0.23
CA ASP A 402 39.23 18.79 1.40
C ASP A 402 40.62 19.42 1.48
N LYS A 403 41.33 19.56 0.36
CA LYS A 403 42.56 20.34 0.39
C LYS A 403 42.26 21.81 0.62
N GLY A 404 41.17 22.31 0.05
CA GLY A 404 40.76 23.69 0.31
C GLY A 404 40.54 23.93 1.80
N ALA A 405 40.03 22.93 2.52
CA ALA A 405 39.89 23.06 3.96
C ALA A 405 41.25 23.08 4.65
N GLU A 406 42.18 22.24 4.18
CA GLU A 406 43.54 22.28 4.74
C GLU A 406 44.19 23.63 4.49
N VAL A 407 43.89 24.26 3.35
CA VAL A 407 44.40 25.60 3.07
C VAL A 407 43.81 26.60 4.05
N ILE A 408 42.50 26.51 4.32
CA ILE A 408 41.87 27.38 5.31
C ILE A 408 42.48 27.14 6.68
N ARG A 409 42.73 25.87 7.02
CA ARG A 409 43.35 25.57 8.31
C ARG A 409 44.74 26.19 8.44
N MET A 410 45.43 26.36 7.31
CA MET A 410 46.74 27.00 7.37
C MET A 410 46.63 28.48 7.69
N TYR A 411 45.55 29.14 7.25
CA TYR A 411 45.23 30.48 7.75
C TYR A 411 45.16 30.47 9.27
N HIS A 412 44.40 29.52 9.82
CA HIS A 412 44.22 29.43 11.27
C HIS A 412 45.54 29.17 11.98
N THR A 413 46.43 28.39 11.36
CA THR A 413 47.72 28.11 11.97
C THR A 413 48.62 29.32 11.96
N LEU A 414 48.63 30.08 10.85
CA LEU A 414 49.52 31.23 10.75
C LEU A 414 49.05 32.39 11.62
N LEU A 415 47.74 32.57 11.74
CA LEU A 415 47.19 33.75 12.42
C LEU A 415 46.73 33.47 13.86
N GLY A 416 46.47 32.21 14.20
CA GLY A 416 45.93 31.89 15.50
C GLY A 416 44.42 31.99 15.52
N GLU A 417 43.82 31.48 16.60
CA GLU A 417 42.36 31.42 16.69
C GLU A 417 41.74 32.81 16.68
N ALA A 418 42.22 33.69 17.56
CA ALA A 418 41.66 35.05 17.63
C ALA A 418 41.91 35.82 16.35
N GLY A 419 43.08 35.62 15.74
CA GLY A 419 43.37 36.29 14.49
C GLY A 419 42.54 35.74 13.34
N PHE A 420 42.30 34.44 13.33
CA PHE A 420 41.42 33.84 12.33
C PHE A 420 39.99 34.33 12.50
N ARG A 421 39.53 34.47 13.75
CA ARG A 421 38.18 34.94 14.00
C ARG A 421 38.00 36.38 13.53
N LYS A 422 39.02 37.22 13.74
CA LYS A 422 38.94 38.61 13.28
C LYS A 422 38.87 38.68 11.77
N GLY A 423 39.58 37.79 11.07
CA GLY A 423 39.47 37.76 9.62
C GLY A 423 38.10 37.32 9.15
N MET A 424 37.48 36.38 9.85
CA MET A 424 36.15 35.93 9.50
C MET A 424 35.12 37.05 9.69
N ASP A 425 35.19 37.75 10.82
CA ASP A 425 34.26 38.85 11.07
C ASP A 425 34.36 39.91 9.98
N LEU A 426 35.59 40.30 9.63
CA LEU A 426 35.77 41.26 8.55
C LEU A 426 35.31 40.72 7.21
N TYR A 427 35.48 39.41 6.99
CA TYR A 427 35.01 38.80 5.74
C TYR A 427 33.49 38.87 5.64
N PHE A 428 32.79 38.54 6.72
CA PHE A 428 31.33 38.60 6.71
C PHE A 428 30.83 40.03 6.67
N LYS A 429 31.52 40.94 7.35
CA LYS A 429 31.08 42.33 7.39
C LYS A 429 31.18 42.99 6.02
N ARG A 430 32.23 42.67 5.26
CA ARG A 430 32.46 43.33 3.98
C ARG A 430 31.52 42.80 2.90
N HIS A 431 31.28 41.48 2.88
CA HIS A 431 30.73 40.83 1.70
C HIS A 431 29.37 40.17 1.95
N ASP A 432 28.68 40.55 3.02
CA ASP A 432 27.35 40.02 3.27
C ASP A 432 26.41 40.42 2.14
N GLY A 433 25.79 39.44 1.50
CA GLY A 433 24.87 39.71 0.40
C GLY A 433 25.52 39.95 -0.94
N LYS A 434 26.78 39.54 -1.12
CA LYS A 434 27.50 39.76 -2.35
C LYS A 434 28.14 38.47 -2.83
N ALA A 435 28.50 38.45 -4.11
CA ALA A 435 29.20 37.33 -4.73
C ALA A 435 30.66 37.73 -4.89
N VAL A 436 31.54 37.10 -4.10
CA VAL A 436 32.94 37.50 -4.05
C VAL A 436 33.84 36.36 -4.48
N THR A 437 35.15 36.53 -4.31
CA THR A 437 36.16 35.61 -4.82
C THR A 437 37.05 35.12 -3.69
N CYS A 438 37.99 34.23 -4.05
CA CYS A 438 38.96 33.75 -3.07
C CYS A 438 39.85 34.88 -2.58
N ASP A 439 40.26 35.78 -3.48
CA ASP A 439 41.15 36.87 -3.10
C ASP A 439 40.48 37.80 -2.08
N ASP A 440 39.16 37.90 -2.10
CA ASP A 440 38.46 38.72 -1.12
C ASP A 440 38.58 38.11 0.28
N PHE A 441 38.48 36.79 0.39
CA PHE A 441 38.64 36.13 1.67
C PHE A 441 40.09 36.25 2.17
N ARG A 442 41.05 36.08 1.27
CA ARG A 442 42.45 36.21 1.66
C ARG A 442 42.79 37.63 2.07
N ALA A 443 42.25 38.62 1.36
CA ALA A 443 42.46 40.01 1.74
C ALA A 443 41.83 40.33 3.09
N ALA A 444 40.69 39.71 3.41
CA ALA A 444 40.07 39.93 4.71
C ALA A 444 40.95 39.38 5.82
N MET A 445 41.54 38.21 5.62
CA MET A 445 42.47 37.66 6.61
C MET A 445 43.72 38.51 6.71
N ALA A 446 44.21 39.04 5.58
CA ALA A 446 45.43 39.84 5.60
C ALA A 446 45.18 41.19 6.27
N ASP A 447 44.10 41.88 5.87
CA ASP A 447 43.83 43.21 6.39
C ASP A 447 43.53 43.18 7.89
N ALA A 448 42.76 42.19 8.33
CA ALA A 448 42.36 42.13 9.73
C ALA A 448 43.54 41.85 10.66
N ASN A 449 44.63 41.28 10.16
CA ASN A 449 45.75 40.90 10.99
C ASN A 449 47.04 41.64 10.68
N GLY A 450 47.03 42.56 9.73
CA GLY A 450 48.26 43.22 9.32
C GLY A 450 49.30 42.26 8.79
N ARG A 451 48.86 41.18 8.16
CA ARG A 451 49.75 40.11 7.70
C ARG A 451 49.82 40.13 6.18
N ASP A 452 51.02 39.93 5.65
CA ASP A 452 51.23 39.82 4.20
C ASP A 452 51.00 38.38 3.78
N LEU A 453 49.97 38.15 2.97
CA LEU A 453 49.62 36.82 2.48
C LEU A 453 49.76 36.73 0.96
N GLY A 454 50.70 37.49 0.38
CA GLY A 454 50.88 37.45 -1.05
C GLY A 454 51.43 36.12 -1.54
N GLN A 455 52.43 35.58 -0.85
CA GLN A 455 52.96 34.27 -1.22
C GLN A 455 51.95 33.16 -0.92
N PHE A 456 51.09 33.36 0.07
CA PHE A 456 50.09 32.36 0.41
C PHE A 456 49.13 32.08 -0.74
N GLU A 457 49.01 33.00 -1.71
CA GLU A 457 48.12 32.78 -2.84
C GLU A 457 48.58 31.61 -3.71
N ARG A 458 49.84 31.20 -3.60
CA ARG A 458 50.32 30.08 -4.39
C ARG A 458 49.61 28.78 -4.03
N TRP A 459 49.02 28.69 -2.84
CA TRP A 459 48.17 27.55 -2.51
C TRP A 459 46.93 27.52 -3.40
N TYR A 460 46.48 28.68 -3.87
CA TYR A 460 45.35 28.76 -4.78
C TYR A 460 45.75 28.62 -6.24
N LEU A 461 46.99 28.91 -6.59
CA LEU A 461 47.42 28.94 -7.98
C LEU A 461 48.13 27.68 -8.44
N GLN A 462 48.82 26.98 -7.55
CA GLN A 462 49.67 25.85 -7.93
C GLN A 462 49.06 24.55 -7.45
N ALA A 463 48.94 23.59 -8.36
CA ALA A 463 48.49 22.25 -8.03
C ALA A 463 49.68 21.38 -7.63
N GLY A 464 49.37 20.17 -7.16
CA GLY A 464 50.40 19.23 -6.81
C GLY A 464 50.66 19.20 -5.32
N THR A 465 51.18 18.05 -4.86
CA THR A 465 51.48 17.86 -3.45
C THR A 465 52.93 18.27 -3.18
N PRO A 466 53.16 19.30 -2.38
CA PRO A 466 54.55 19.66 -2.05
C PRO A 466 55.22 18.58 -1.21
N GLU A 467 56.54 18.56 -1.30
CA GLU A 467 57.36 17.56 -0.63
C GLU A 467 58.37 18.27 0.26
N VAL A 468 58.27 18.05 1.57
CA VAL A 468 59.14 18.69 2.55
C VAL A 468 60.16 17.67 3.02
N THR A 469 61.44 17.97 2.80
CA THR A 469 62.53 17.07 3.18
C THR A 469 63.24 17.62 4.41
N VAL A 470 63.46 16.76 5.39
CA VAL A 470 64.27 17.10 6.56
C VAL A 470 65.70 16.76 6.19
N SER A 471 66.43 17.75 5.69
CA SER A 471 67.78 17.52 5.21
C SER A 471 68.80 17.43 6.32
N GLU A 472 68.54 18.07 7.46
CA GLU A 472 69.43 17.99 8.62
C GLU A 472 68.63 18.27 9.87
N ALA A 473 68.86 17.46 10.91
CA ALA A 473 68.20 17.64 12.19
C ALA A 473 69.12 17.06 13.26
N VAL A 474 69.97 17.91 13.83
CA VAL A 474 71.01 17.48 14.75
C VAL A 474 71.00 18.38 15.98
N PHE A 475 71.14 17.77 17.15
CA PHE A 475 71.27 18.52 18.39
C PHE A 475 72.70 19.03 18.54
N GLN A 476 72.84 20.29 18.95
CA GLN A 476 74.15 20.91 19.16
C GLN A 476 74.35 21.16 20.64
N PRO A 477 75.04 20.28 21.36
CA PRO A 477 75.13 20.43 22.82
C PRO A 477 75.92 21.64 23.27
N ASP A 478 76.87 22.11 22.46
CA ASP A 478 77.69 23.26 22.88
C ASP A 478 76.88 24.55 22.92
N ARG A 479 75.90 24.69 22.03
CA ARG A 479 75.09 25.90 21.96
C ARG A 479 73.68 25.71 22.51
N LYS A 480 73.34 24.49 22.95
CA LYS A 480 71.99 24.17 23.41
C LYS A 480 70.95 24.55 22.36
N LYS A 481 71.25 24.19 21.11
CA LYS A 481 70.37 24.47 19.98
C LYS A 481 70.16 23.19 19.18
N PHE A 482 69.01 23.14 18.49
CA PHE A 482 68.70 22.05 17.56
C PHE A 482 68.61 22.64 16.16
N LYS A 483 69.51 22.22 15.29
CA LYS A 483 69.57 22.75 13.92
C LYS A 483 68.67 21.93 13.01
N LEU A 484 67.73 22.60 12.35
CA LEU A 484 66.76 21.94 11.48
C LEU A 484 66.80 22.62 10.10
N THR A 485 67.22 21.88 9.09
CA THR A 485 67.25 22.37 7.72
C THR A 485 66.18 21.66 6.92
N LEU A 486 65.34 22.43 6.23
CA LEU A 486 64.19 21.91 5.50
C LEU A 486 64.28 22.34 4.03
N LYS A 487 63.83 21.45 3.15
CA LYS A 487 63.75 21.73 1.72
C LYS A 487 62.35 21.41 1.24
N GLN A 488 61.88 22.17 0.24
CA GLN A 488 60.57 21.94 -0.34
C GLN A 488 60.68 21.90 -1.86
N ARG A 489 59.91 20.98 -2.47
CA ARG A 489 59.84 20.87 -3.91
C ARG A 489 58.50 20.26 -4.27
N THR A 490 57.97 20.64 -5.44
CA THR A 490 56.68 20.17 -5.90
C THR A 490 56.80 19.71 -7.35
N PRO A 491 56.35 18.49 -7.67
CA PRO A 491 56.51 17.98 -9.03
C PRO A 491 55.58 18.71 -9.99
N PRO A 492 55.86 18.66 -11.29
CA PRO A 492 54.97 19.31 -12.27
C PRO A 492 53.62 18.63 -12.34
N THR A 493 52.62 19.42 -12.72
CA THR A 493 51.25 18.98 -12.91
C THR A 493 50.78 19.45 -14.28
N PRO A 494 49.70 18.85 -14.83
CA PRO A 494 49.23 19.26 -16.16
C PRO A 494 49.05 20.76 -16.33
N GLY A 495 49.81 21.34 -17.26
CA GLY A 495 49.70 22.76 -17.55
C GLY A 495 50.55 23.68 -16.72
N GLN A 496 51.40 23.14 -15.84
CA GLN A 496 52.24 23.96 -14.97
C GLN A 496 53.43 23.12 -14.51
N VAL A 497 54.58 23.35 -15.11
CA VAL A 497 55.78 22.57 -14.80
C VAL A 497 56.54 23.15 -13.62
N GLU A 498 56.83 24.45 -13.66
CA GLU A 498 57.57 25.09 -12.57
C GLU A 498 56.65 25.38 -11.40
N LYS A 499 57.14 25.08 -10.20
CA LYS A 499 56.38 25.28 -8.96
C LYS A 499 57.20 26.16 -8.03
N HIS A 500 56.73 27.39 -7.82
CA HIS A 500 57.41 28.31 -6.93
C HIS A 500 57.13 27.95 -5.48
N PRO A 501 58.05 28.29 -4.56
CA PRO A 501 57.92 27.84 -3.17
C PRO A 501 56.63 28.33 -2.51
N PHE A 502 55.99 27.43 -1.76
CA PHE A 502 54.78 27.75 -1.03
C PHE A 502 55.12 28.37 0.32
N HIS A 503 54.10 28.99 0.93
CA HIS A 503 54.18 29.47 2.30
C HIS A 503 53.67 28.35 3.19
N ILE A 504 54.59 27.56 3.75
CA ILE A 504 54.27 26.30 4.41
C ILE A 504 54.46 26.48 5.91
N PRO A 505 53.39 26.47 6.71
CA PRO A 505 53.55 26.45 8.17
C PRO A 505 53.79 25.03 8.65
N ILE A 506 54.87 24.84 9.40
CA ILE A 506 55.31 23.51 9.84
C ILE A 506 55.40 23.54 11.37
N LYS A 507 54.42 22.91 12.03
CA LYS A 507 54.47 22.77 13.48
C LYS A 507 55.51 21.72 13.85
N VAL A 508 56.37 22.06 14.82
CA VAL A 508 57.43 21.17 15.25
C VAL A 508 57.46 21.12 16.78
N GLY A 509 58.12 20.09 17.29
CA GLY A 509 58.33 19.95 18.72
C GLY A 509 59.54 19.07 18.97
N LEU A 510 60.07 19.16 20.19
CA LEU A 510 61.23 18.39 20.59
C LEU A 510 60.91 17.63 21.86
N ILE A 511 61.19 16.32 21.84
CA ILE A 511 60.99 15.45 22.99
C ILE A 511 62.37 15.12 23.55
N GLY A 512 62.66 15.62 24.76
CA GLY A 512 63.97 15.39 25.35
C GLY A 512 64.21 13.91 25.64
N LYS A 513 65.42 13.46 25.34
CA LYS A 513 65.76 12.05 25.57
C LYS A 513 65.81 11.72 27.06
N THR A 514 66.09 12.72 27.90
CA THR A 514 66.08 12.53 29.35
C THR A 514 64.72 12.86 29.95
N SER A 515 64.13 13.98 29.53
CA SER A 515 62.84 14.40 30.08
C SER A 515 61.71 13.51 29.61
N LYS A 516 61.83 12.93 28.41
CA LYS A 516 60.76 12.13 27.80
C LYS A 516 59.48 12.93 27.63
N LYS A 517 59.62 14.26 27.45
CA LYS A 517 58.48 15.15 27.25
C LYS A 517 58.97 16.33 26.44
N ASP A 518 58.03 17.25 26.16
CA ASP A 518 58.37 18.45 25.39
C ASP A 518 59.39 19.29 26.14
N ILE A 519 60.35 19.83 25.41
CA ILE A 519 61.32 20.78 25.96
C ILE A 519 61.20 22.17 25.37
N LEU A 520 60.37 22.36 24.35
CA LEU A 520 60.11 23.69 23.82
C LEU A 520 59.03 24.37 24.65
N SER A 521 59.10 25.70 24.71
CA SER A 521 58.11 26.51 25.41
C SER A 521 57.70 27.67 24.51
N PRO A 522 56.50 27.64 23.92
CA PRO A 522 55.47 26.59 24.03
C PRO A 522 55.89 25.26 23.38
N PRO A 523 55.23 24.16 23.75
CA PRO A 523 55.68 22.84 23.26
C PRO A 523 55.67 22.70 21.75
N THR A 524 54.79 23.41 21.05
CA THR A 524 54.72 23.35 19.60
C THR A 524 55.02 24.74 19.03
N LYS A 525 55.96 24.79 18.09
CA LYS A 525 56.38 26.04 17.47
C LYS A 525 56.05 25.99 15.98
N VAL A 526 55.44 27.06 15.47
CA VAL A 526 55.07 27.16 14.07
C VAL A 526 56.26 27.72 13.30
N LEU A 527 56.88 26.88 12.48
CA LEU A 527 57.93 27.33 11.58
C LEU A 527 57.32 27.69 10.23
N GLU A 528 57.78 28.81 9.67
CA GLU A 528 57.27 29.31 8.40
C GLU A 528 58.32 29.01 7.32
N LEU A 529 58.14 27.91 6.61
CA LEU A 529 58.99 27.54 5.49
C LEU A 529 58.50 28.28 4.25
N THR A 530 59.22 29.34 3.87
CA THR A 530 58.83 30.17 2.75
C THR A 530 59.79 30.11 1.56
N GLU A 531 60.92 29.43 1.70
CA GLU A 531 61.91 29.33 0.64
C GLU A 531 62.06 27.87 0.21
N ALA A 532 62.82 27.68 -0.87
CA ALA A 532 63.10 26.32 -1.34
C ALA A 532 63.99 25.56 -0.37
N GLU A 533 64.79 26.26 0.43
CA GLU A 533 65.63 25.63 1.45
C GLU A 533 65.83 26.62 2.58
N GLN A 534 65.64 26.18 3.82
CA GLN A 534 65.68 27.07 4.96
C GLN A 534 66.19 26.32 6.18
N THR A 535 66.96 27.01 7.01
CA THR A 535 67.52 26.45 8.24
C THR A 535 66.91 27.15 9.44
N PHE A 536 66.47 26.37 10.43
CA PHE A 536 65.88 26.90 11.65
C PHE A 536 66.69 26.42 12.85
N GLU A 537 66.69 27.24 13.90
CA GLU A 537 67.45 26.96 15.12
C GLU A 537 66.49 26.99 16.29
N LEU A 538 66.26 25.84 16.90
CA LEU A 538 65.37 25.71 18.04
C LEU A 538 66.17 25.64 19.34
N ASP A 539 65.58 26.17 20.41
CA ASP A 539 66.21 26.12 21.72
C ASP A 539 65.98 24.74 22.34
N ALA A 540 67.07 24.00 22.56
CA ALA A 540 67.00 22.65 23.11
C ALA A 540 67.98 22.55 24.27
N ALA A 541 67.45 22.41 25.48
CA ALA A 541 68.32 22.35 26.67
C ALA A 541 69.05 21.00 26.75
N GLU A 542 68.44 19.94 26.23
CA GLU A 542 69.04 18.61 26.31
C GLU A 542 68.92 17.92 24.95
N ASP A 543 69.54 16.76 24.84
CA ASP A 543 69.43 15.96 23.62
C ASP A 543 67.98 15.56 23.41
N CYS A 544 67.52 15.68 22.16
CA CYS A 544 66.09 15.64 21.87
C CYS A 544 65.83 14.75 20.66
N VAL A 545 64.54 14.56 20.39
CA VAL A 545 64.07 13.85 19.20
C VAL A 545 62.99 14.72 18.55
N LEU A 546 63.09 14.91 17.24
CA LEU A 546 62.23 15.86 16.55
C LEU A 546 60.82 15.30 16.38
N SER A 547 59.82 16.14 16.66
CA SER A 547 58.41 15.85 16.39
C SER A 547 58.00 16.76 15.24
N PHE A 548 57.92 16.19 14.04
CA PHE A 548 57.80 16.97 12.82
C PHE A 548 56.38 16.97 12.29
N LEU A 549 55.94 18.14 11.82
CA LEU A 549 54.62 18.32 11.20
C LEU A 549 53.49 17.87 12.13
N ARG A 550 53.49 18.45 13.33
CA ARG A 550 52.43 18.13 14.30
C ARG A 550 51.08 18.61 13.79
N ASP A 551 50.04 17.85 14.11
CA ASP A 551 48.66 18.14 13.72
C ASP A 551 48.49 18.21 12.20
N PHE A 552 49.46 17.69 11.44
CA PHE A 552 49.47 17.76 9.99
C PHE A 552 49.23 19.19 9.51
N SER A 553 50.10 20.09 9.98
CA SER A 553 49.91 21.52 9.81
C SER A 553 49.99 21.98 8.35
N ALA A 554 50.37 21.10 7.42
CA ALA A 554 50.41 21.45 6.02
C ALA A 554 50.15 20.21 5.18
N PRO A 555 49.39 20.33 4.08
CA PRO A 555 49.10 19.16 3.24
C PRO A 555 50.26 18.82 2.30
N VAL A 556 51.30 18.20 2.85
CA VAL A 556 52.54 17.92 2.13
C VAL A 556 52.99 16.50 2.42
N LYS A 557 53.84 16.00 1.53
CA LYS A 557 54.59 14.78 1.79
C LYS A 557 55.85 15.13 2.58
N VAL A 558 56.27 14.21 3.45
CA VAL A 558 57.41 14.42 4.33
C VAL A 558 58.46 13.35 4.04
N LYS A 559 59.68 13.78 3.78
CA LYS A 559 60.83 12.89 3.65
C LYS A 559 61.72 13.11 4.86
N HIS A 560 61.70 12.15 5.79
CA HIS A 560 62.38 12.32 7.07
C HIS A 560 62.92 10.94 7.49
N GLU A 561 64.24 10.80 7.45
CA GLU A 561 64.88 9.53 7.81
C GLU A 561 64.98 9.43 9.33
N GLN A 562 64.35 8.41 9.90
CA GLN A 562 64.38 8.17 11.34
C GLN A 562 64.76 6.73 11.61
N THR A 563 65.50 6.51 12.68
CA THR A 563 65.75 5.14 13.13
C THR A 563 64.49 4.57 13.79
N ASP A 564 64.44 3.24 13.88
CA ASP A 564 63.32 2.60 14.54
C ASP A 564 63.28 2.92 16.03
N GLU A 565 64.44 3.21 16.62
CA GLU A 565 64.47 3.58 18.03
C GLU A 565 63.86 4.95 18.27
N ASP A 566 64.18 5.93 17.42
CA ASP A 566 63.58 7.25 17.55
C ASP A 566 62.09 7.21 17.27
N ILE A 567 61.66 6.37 16.31
CA ILE A 567 60.24 6.20 16.04
C ILE A 567 59.55 5.57 17.25
N ALA A 568 60.17 4.57 17.86
CA ALA A 568 59.63 3.99 19.08
C ALA A 568 59.62 5.00 20.22
N PHE A 569 60.62 5.88 20.26
CA PHE A 569 60.65 6.91 21.29
C PHE A 569 59.49 7.88 21.12
N LEU A 570 59.15 8.23 19.88
CA LEU A 570 58.03 9.13 19.64
C LEU A 570 56.70 8.42 19.84
N MET A 571 56.63 7.13 19.48
CA MET A 571 55.41 6.37 19.67
C MET A 571 54.99 6.31 21.14
N ALA A 572 55.92 6.48 22.07
CA ALA A 572 55.64 6.35 23.49
C ALA A 572 55.63 7.67 24.25
N HIS A 573 56.32 8.71 23.74
CA HIS A 573 56.50 9.92 24.52
C HIS A 573 56.09 11.21 23.81
N ASP A 574 55.64 11.14 22.56
CA ASP A 574 55.21 12.35 21.88
C ASP A 574 53.90 12.86 22.46
N SER A 575 53.75 14.18 22.48
CA SER A 575 52.57 14.81 23.06
C SER A 575 51.49 15.08 22.03
N ASP A 576 51.86 15.46 20.81
CA ASP A 576 50.87 15.75 19.78
C ASP A 576 50.16 14.47 19.37
N ASP A 577 48.82 14.50 19.40
CA ASP A 577 48.04 13.29 19.14
C ASP A 577 48.25 12.78 17.72
N PHE A 578 48.29 13.69 16.74
CA PHE A 578 48.50 13.25 15.36
C PHE A 578 49.90 12.70 15.17
N ALA A 579 50.91 13.43 15.65
CA ALA A 579 52.29 12.97 15.48
C ALA A 579 52.55 11.68 16.23
N LYS A 580 51.92 11.48 17.38
CA LYS A 580 52.02 10.21 18.09
C LYS A 580 51.45 9.08 17.24
N TRP A 581 50.29 9.30 16.62
CA TRP A 581 49.75 8.33 15.69
C TRP A 581 50.56 8.28 14.40
N GLN A 582 51.11 9.42 13.97
CA GLN A 582 51.90 9.44 12.75
C GLN A 582 53.18 8.63 12.89
N ALA A 583 53.78 8.65 14.09
CA ALA A 583 54.98 7.85 14.33
C ALA A 583 54.66 6.36 14.19
N ALA A 584 53.55 5.92 14.77
CA ALA A 584 53.12 4.53 14.60
C ALA A 584 52.73 4.24 13.16
N HIS A 585 52.04 5.18 12.52
CA HIS A 585 51.65 4.99 11.12
C HIS A 585 52.87 4.95 10.21
N THR A 586 53.90 5.74 10.51
CA THR A 586 55.11 5.73 9.70
C THR A 586 55.81 4.38 9.78
N LEU A 587 55.89 3.79 10.98
CA LEU A 587 56.55 2.50 11.13
C LEU A 587 55.78 1.40 10.42
N ALA A 588 54.46 1.38 10.58
CA ALA A 588 53.65 0.35 9.94
C ALA A 588 53.61 0.52 8.43
N SER A 589 53.59 1.77 7.96
CA SER A 589 53.58 2.02 6.52
C SER A 589 54.86 1.52 5.87
N GLY A 590 56.01 1.75 6.51
CA GLY A 590 57.26 1.28 5.95
C GLY A 590 57.34 -0.23 5.89
N LEU A 591 56.84 -0.91 6.92
CA LEU A 591 56.81 -2.38 6.90
C LEU A 591 55.88 -2.88 5.81
N LEU A 592 54.70 -2.28 5.69
CA LEU A 592 53.77 -2.65 4.62
C LEU A 592 54.39 -2.40 3.25
N LYS A 593 55.02 -1.22 3.08
CA LYS A 593 55.57 -0.85 1.78
C LYS A 593 56.71 -1.78 1.36
N HIS A 594 57.57 -2.15 2.31
CA HIS A 594 58.70 -3.01 1.97
C HIS A 594 58.24 -4.42 1.63
N ARG A 595 57.30 -4.97 2.39
CA ARG A 595 56.77 -6.30 2.08
C ARG A 595 56.04 -6.32 0.74
N ALA A 596 55.38 -5.22 0.39
CA ALA A 596 54.72 -5.14 -0.91
C ALA A 596 55.73 -5.10 -2.05
N GLU A 597 56.88 -4.45 -1.83
CA GLU A 597 57.90 -4.42 -2.87
C GLU A 597 58.56 -5.79 -3.05
N GLN A 598 58.73 -6.54 -1.96
CA GLN A 598 59.22 -7.90 -2.08
C GLN A 598 58.24 -8.77 -2.85
N TRP A 599 56.95 -8.66 -2.53
CA TRP A 599 55.93 -9.38 -3.28
C TRP A 599 55.89 -8.92 -4.73
N ARG A 600 56.01 -7.61 -4.96
CA ARG A 600 55.97 -7.08 -6.32
C ARG A 600 57.19 -7.52 -7.13
N GLU A 601 58.31 -7.79 -6.46
CA GLU A 601 59.52 -8.18 -7.17
C GLU A 601 59.40 -9.58 -7.75
N LYS A 602 58.77 -10.50 -7.01
CA LYS A 602 58.63 -11.89 -7.45
C LYS A 602 57.21 -12.22 -7.89
N GLN A 603 56.29 -11.26 -7.86
CA GLN A 603 54.88 -11.50 -8.18
C GLN A 603 54.31 -12.66 -7.36
N GLY A 604 54.68 -12.70 -6.08
CA GLY A 604 54.19 -13.71 -5.17
C GLY A 604 54.81 -15.08 -5.33
N GLU A 605 55.83 -15.23 -6.18
CA GLU A 605 56.48 -16.51 -6.39
C GLU A 605 57.59 -16.66 -5.36
N ASP A 606 57.32 -17.43 -4.30
CA ASP A 606 58.27 -17.70 -3.23
C ASP A 606 58.77 -16.39 -2.59
N VAL A 607 57.87 -15.79 -1.82
CA VAL A 607 58.13 -14.54 -1.13
C VAL A 607 58.23 -14.85 0.36
N GLU A 608 59.43 -14.67 0.91
CA GLU A 608 59.69 -14.88 2.33
C GLU A 608 59.86 -13.53 3.02
N PHE A 609 59.07 -13.30 4.06
CA PHE A 609 59.10 -12.05 4.80
C PHE A 609 59.95 -12.21 6.06
N ALA A 610 60.73 -11.16 6.36
CA ALA A 610 61.44 -11.12 7.62
C ALA A 610 60.45 -10.97 8.77
N ARG A 611 60.82 -11.50 9.93
CA ARG A 611 59.97 -11.38 11.10
C ARG A 611 59.76 -9.92 11.46
N LEU A 612 58.57 -9.61 11.94
CA LEU A 612 58.25 -8.24 12.31
C LEU A 612 59.18 -7.76 13.43
N PRO A 613 59.70 -6.55 13.35
CA PRO A 613 60.65 -6.09 14.38
C PRO A 613 59.98 -5.95 15.73
N LYS A 614 60.77 -6.22 16.78
CA LYS A 614 60.24 -6.13 18.14
C LYS A 614 59.74 -4.73 18.47
N ILE A 615 60.30 -3.71 17.81
CA ILE A 615 59.83 -2.35 18.03
C ILE A 615 58.36 -2.22 17.67
N TYR A 616 57.96 -2.82 16.54
CA TYR A 616 56.57 -2.73 16.11
C TYR A 616 55.66 -3.57 17.02
N VAL A 617 56.07 -4.81 17.31
CA VAL A 617 55.21 -5.71 18.06
C VAL A 617 55.04 -5.24 19.50
N GLU A 618 56.13 -4.79 20.13
CA GLU A 618 56.04 -4.33 21.51
C GLU A 618 55.19 -3.08 21.63
N ALA A 619 55.28 -2.18 20.64
CA ALA A 619 54.44 -0.99 20.66
C ALA A 619 52.99 -1.34 20.39
N PHE A 620 52.75 -2.28 19.48
CA PHE A 620 51.39 -2.78 19.26
C PHE A 620 50.82 -3.37 20.54
N LYS A 621 51.63 -4.17 21.25
CA LYS A 621 51.16 -4.80 22.48
C LYS A 621 50.90 -3.76 23.56
N GLN A 622 51.75 -2.74 23.66
CA GLN A 622 51.55 -1.70 24.67
C GLN A 622 50.28 -0.90 24.40
N THR A 623 50.01 -0.58 23.14
CA THR A 623 48.78 0.11 22.80
C THR A 623 47.56 -0.78 23.05
N LEU A 624 47.69 -2.09 22.78
CA LEU A 624 46.56 -2.99 22.94
C LEU A 624 46.18 -3.16 24.40
N LEU A 625 47.16 -3.31 25.28
CA LEU A 625 46.91 -3.55 26.70
C LEU A 625 46.80 -2.29 27.52
N GLU A 626 46.89 -1.11 26.89
CA GLU A 626 46.85 0.14 27.63
C GLU A 626 45.47 0.37 28.25
N GLN A 627 45.47 0.93 29.45
CA GLN A 627 44.23 1.25 30.17
C GLN A 627 44.14 2.75 30.38
N GLY A 628 42.92 3.28 30.31
CA GLY A 628 42.67 4.68 30.56
C GLY A 628 42.73 5.58 29.35
N ARG A 629 43.33 5.13 28.26
CA ARG A 629 43.44 5.94 27.06
C ARG A 629 42.14 5.90 26.26
N ASP A 630 42.05 6.80 25.27
CA ASP A 630 40.89 6.85 24.39
C ASP A 630 40.90 5.64 23.47
N ARG A 631 39.83 4.85 23.51
CA ARG A 631 39.80 3.59 22.76
C ARG A 631 39.74 3.82 21.27
N SER A 632 39.19 4.96 20.81
CA SER A 632 39.18 5.26 19.39
C SER A 632 40.59 5.52 18.88
N ILE A 633 41.38 6.28 19.63
CA ILE A 633 42.79 6.46 19.29
C ILE A 633 43.51 5.12 19.34
N GLN A 634 43.14 4.28 20.30
CA GLN A 634 43.69 2.92 20.37
C GLN A 634 43.41 2.15 19.08
N ALA A 635 42.16 2.18 18.62
CA ALA A 635 41.79 1.42 17.44
C ALA A 635 42.48 1.96 16.20
N TYR A 636 42.57 3.29 16.06
CA TYR A 636 43.19 3.88 14.88
C TYR A 636 44.71 3.70 14.88
N THR A 637 45.31 3.53 16.06
CA THR A 637 46.75 3.27 16.11
C THR A 637 47.07 1.82 15.78
N LEU A 638 46.23 0.89 16.23
CA LEU A 638 46.45 -0.52 15.96
C LEU A 638 46.07 -0.91 14.53
N ARG A 639 45.09 -0.22 13.95
CA ARG A 639 44.64 -0.54 12.60
C ARG A 639 45.77 -0.37 11.60
N LEU A 640 45.87 -1.31 10.67
CA LEU A 640 46.92 -1.25 9.66
C LEU A 640 46.69 -0.05 8.74
N PRO A 641 47.75 0.51 8.17
CA PRO A 641 47.60 1.70 7.32
C PRO A 641 46.67 1.44 6.14
N ASP A 642 45.91 2.47 5.78
CA ASP A 642 45.01 2.40 4.64
C ASP A 642 45.78 2.03 3.38
N ARG A 643 45.26 1.06 2.63
CA ARG A 643 45.99 0.56 1.46
C ARG A 643 46.10 1.63 0.38
N ASP A 644 45.05 2.42 0.18
CA ASP A 644 45.13 3.49 -0.83
C ASP A 644 46.17 4.54 -0.45
N GLY A 645 46.41 4.74 0.85
CA GLY A 645 47.43 5.68 1.26
C GLY A 645 48.84 5.18 1.00
N VAL A 646 49.08 3.89 1.28
CA VAL A 646 50.40 3.31 1.02
C VAL A 646 50.66 3.23 -0.47
N ALA A 647 49.62 2.94 -1.26
CA ALA A 647 49.81 2.83 -2.71
C ALA A 647 50.23 4.14 -3.33
N GLN A 648 49.88 5.27 -2.70
CA GLN A 648 50.31 6.57 -3.21
C GLN A 648 51.80 6.83 -3.01
N GLU A 649 52.48 6.03 -2.19
CA GLU A 649 53.92 6.14 -2.01
C GLU A 649 54.69 5.13 -2.84
N MET A 650 54.01 4.34 -3.62
CA MET A 650 54.63 3.32 -4.42
C MET A 650 54.65 3.56 -5.90
N GLU A 651 55.70 3.10 -6.53
CA GLU A 651 55.85 3.28 -7.92
C GLU A 651 56.66 2.13 -8.39
N PRO A 652 56.06 1.27 -9.20
CA PRO A 652 54.62 1.26 -9.46
C PRO A 652 53.71 0.70 -8.38
N ILE A 653 52.48 1.09 -8.50
CA ILE A 653 51.40 0.70 -7.67
C ILE A 653 51.02 -0.74 -8.02
N ASP A 654 51.03 -1.59 -7.04
CA ASP A 654 50.62 -2.99 -7.18
C ASP A 654 49.63 -3.30 -6.06
N PRO A 655 48.33 -3.20 -6.34
CA PRO A 655 47.34 -3.45 -5.28
C PRO A 655 47.31 -4.90 -4.81
N LEU A 656 47.66 -5.86 -5.67
CA LEU A 656 47.71 -7.25 -5.25
C LEU A 656 48.87 -7.49 -4.30
N ALA A 657 50.03 -6.88 -4.58
CA ALA A 657 51.16 -7.00 -3.68
C ALA A 657 50.88 -6.32 -2.35
N LEU A 658 50.24 -5.15 -2.38
CA LEU A 658 49.92 -4.44 -1.16
C LEU A 658 48.90 -5.20 -0.32
N LYS A 659 47.96 -5.90 -0.97
CA LYS A 659 46.97 -6.67 -0.24
C LYS A 659 47.62 -7.86 0.49
N GLU A 660 48.49 -8.58 -0.21
CA GLU A 660 49.17 -9.72 0.42
C GLU A 660 50.11 -9.25 1.53
N ALA A 661 50.74 -8.09 1.35
CA ALA A 661 51.57 -7.53 2.42
C ALA A 661 50.73 -7.19 3.63
N THR A 662 49.53 -6.62 3.41
CA THR A 662 48.65 -6.28 4.52
C THR A 662 48.19 -7.54 5.26
N GLU A 663 47.83 -8.59 4.52
CA GLU A 663 47.34 -9.81 5.17
C GLU A 663 48.45 -10.50 5.95
N SER A 664 49.68 -10.48 5.43
CA SER A 664 50.78 -11.14 6.12
C SER A 664 51.08 -10.48 7.46
N VAL A 665 51.01 -9.15 7.51
CA VAL A 665 51.18 -8.44 8.77
C VAL A 665 49.99 -8.72 9.70
N ARG A 666 48.79 -8.74 9.14
CA ARG A 666 47.59 -9.01 9.94
C ARG A 666 47.66 -10.39 10.57
N ARG A 667 48.17 -11.39 9.85
CA ARG A 667 48.24 -12.74 10.37
C ARG A 667 49.36 -12.90 11.39
N GLU A 668 50.50 -12.23 11.18
CA GLU A 668 51.63 -12.43 12.08
C GLU A 668 51.38 -11.80 13.45
N VAL A 669 50.80 -10.60 13.48
CA VAL A 669 50.49 -9.99 14.76
C VAL A 669 49.35 -10.71 15.45
N GLY A 670 48.45 -11.33 14.68
CA GLY A 670 47.38 -12.11 15.28
C GLY A 670 47.89 -13.35 15.99
N GLN A 671 49.00 -13.92 15.50
CA GLN A 671 49.61 -15.06 16.17
C GLN A 671 50.46 -14.63 17.35
N LEU A 672 51.22 -13.54 17.19
CA LEU A 672 52.18 -13.14 18.22
C LEU A 672 51.47 -12.68 19.50
N LEU A 673 50.32 -12.03 19.36
CA LEU A 673 49.60 -11.48 20.51
C LEU A 673 48.18 -12.05 20.62
N LYS A 674 48.01 -13.31 20.20
CA LYS A 674 46.68 -13.92 20.21
C LYS A 674 46.07 -13.91 21.61
N SER A 675 46.89 -14.22 22.63
CA SER A 675 46.37 -14.27 23.99
C SER A 675 45.93 -12.90 24.48
N ASP A 676 46.74 -11.86 24.20
CA ASP A 676 46.38 -10.52 24.62
C ASP A 676 45.19 -9.99 23.83
N LEU A 677 45.12 -10.32 22.53
CA LEU A 677 43.98 -9.88 21.72
C LEU A 677 42.68 -10.50 22.22
N LEU A 678 42.71 -11.78 22.57
CA LEU A 678 41.51 -12.43 23.09
C LEU A 678 41.10 -11.87 24.44
N LYS A 679 42.07 -11.48 25.27
CA LYS A 679 41.74 -10.93 26.58
C LYS A 679 41.07 -9.57 26.46
N VAL A 680 41.59 -8.70 25.60
CA VAL A 680 40.99 -7.38 25.44
C VAL A 680 39.66 -7.50 24.71
N TYR A 681 39.57 -8.42 23.75
CA TYR A 681 38.34 -8.60 22.99
C TYR A 681 37.18 -8.99 23.90
N ALA A 682 37.43 -9.87 24.88
CA ALA A 682 36.38 -10.26 25.80
C ALA A 682 36.01 -9.14 26.76
N SER A 683 36.93 -8.21 27.01
CA SER A 683 36.68 -7.09 27.91
C SER A 683 35.80 -6.01 27.30
N LEU A 684 35.60 -6.03 25.98
CA LEU A 684 34.86 -4.98 25.29
C LEU A 684 33.42 -5.39 24.97
N SER A 685 32.92 -6.43 25.63
CA SER A 685 31.57 -6.92 25.36
C SER A 685 30.55 -6.13 26.16
N ALA A 686 29.36 -5.96 25.58
CA ALA A 686 28.22 -5.31 26.22
C ALA A 686 28.58 -3.92 26.76
N GLU A 693 21.24 0.35 22.10
CA GLU A 693 22.55 0.79 21.62
C GLU A 693 22.73 2.29 21.86
N SER A 694 23.76 2.64 22.62
CA SER A 694 24.00 4.02 23.02
C SER A 694 24.80 4.77 21.96
N ARG A 695 24.50 6.06 21.84
CA ARG A 695 25.23 6.96 20.96
C ARG A 695 26.41 7.63 21.65
N ASP A 696 26.67 7.29 22.91
CA ASP A 696 27.75 7.93 23.65
C ASP A 696 29.10 7.63 23.01
N GLN A 697 30.01 8.61 23.07
CA GLN A 697 31.32 8.44 22.47
C GLN A 697 32.10 7.32 23.14
N SER A 698 31.82 7.04 24.41
CA SER A 698 32.50 5.95 25.10
C SER A 698 32.11 4.60 24.51
N GLU A 699 30.85 4.42 24.13
CA GLU A 699 30.41 3.17 23.51
C GLU A 699 30.85 3.07 22.06
N VAL A 700 30.94 4.19 21.36
CA VAL A 700 31.45 4.18 19.99
C VAL A 700 32.91 3.75 19.97
N SER A 701 33.71 4.27 20.91
CA SER A 701 35.11 3.91 20.98
C SER A 701 35.29 2.44 21.36
N ARG A 702 34.42 1.92 22.24
CA ARG A 702 34.50 0.53 22.63
C ARG A 702 34.24 -0.38 21.44
N ARG A 703 33.17 -0.12 20.70
CA ARG A 703 32.85 -0.94 19.53
C ARG A 703 33.90 -0.78 18.44
N ARG A 704 34.50 0.41 18.31
CA ARG A 704 35.53 0.61 17.30
C ARG A 704 36.77 -0.21 17.60
N LEU A 705 37.21 -0.20 18.85
CA LEU A 705 38.36 -1.03 19.24
C LEU A 705 38.02 -2.51 19.18
N ARG A 706 36.77 -2.87 19.49
CA ARG A 706 36.37 -4.28 19.43
C ARG A 706 36.41 -4.81 18.00
N ASN A 707 35.95 -3.99 17.05
CA ASN A 707 35.94 -4.43 15.65
C ASN A 707 37.36 -4.54 15.10
N VAL A 708 38.26 -3.65 15.53
CA VAL A 708 39.64 -3.71 15.07
C VAL A 708 40.33 -4.97 15.60
N ILE A 709 40.06 -5.33 16.85
CA ILE A 709 40.68 -6.52 17.43
C ILE A 709 40.15 -7.79 16.77
N LEU A 710 38.86 -7.80 16.42
CA LEU A 710 38.30 -8.93 15.69
C LEU A 710 39.03 -9.13 14.35
N TYR A 711 39.39 -8.03 13.69
CA TYR A 711 40.12 -8.13 12.43
C TYR A 711 41.46 -8.84 12.63
N PHE A 712 42.14 -8.54 13.73
CA PHE A 712 43.42 -9.17 14.02
C PHE A 712 43.29 -10.58 14.58
N LEU A 713 42.07 -11.00 14.95
CA LEU A 713 41.83 -12.34 15.46
C LEU A 713 41.30 -13.28 14.39
N THR A 714 41.05 -12.79 13.17
CA THR A 714 40.49 -13.60 12.10
C THR A 714 41.37 -13.61 10.85
N GLY A 715 42.66 -13.31 11.00
CA GLY A 715 43.53 -13.20 9.85
C GLY A 715 43.77 -14.53 9.14
N GLU A 716 43.74 -15.63 9.89
CA GLU A 716 44.00 -16.94 9.29
C GLU A 716 42.92 -17.30 8.27
N ARG A 717 41.70 -16.78 8.45
CA ARG A 717 40.57 -17.04 7.54
C ARG A 717 40.30 -18.54 7.41
N ASP A 718 40.42 -19.27 8.52
CA ASP A 718 40.13 -20.68 8.57
C ASP A 718 38.76 -20.90 9.22
N LYS A 719 38.47 -22.15 9.59
CA LYS A 719 37.18 -22.46 10.19
C LYS A 719 37.02 -21.78 11.55
N GLU A 720 38.11 -21.68 12.31
CA GLU A 720 38.04 -21.00 13.59
C GLU A 720 37.78 -19.51 13.41
N ALA A 721 38.37 -18.90 12.37
CA ALA A 721 38.15 -17.49 12.12
C ALA A 721 36.72 -17.23 11.67
N ALA A 722 36.15 -18.13 10.86
CA ALA A 722 34.79 -17.96 10.40
C ALA A 722 33.79 -18.10 11.55
N ALA A 723 34.07 -19.01 12.49
CA ALA A 723 33.17 -19.20 13.62
C ALA A 723 33.19 -17.99 14.55
N LEU A 724 34.37 -17.43 14.82
CA LEU A 724 34.46 -16.26 15.68
C LEU A 724 33.75 -15.06 15.06
N ALA A 725 33.92 -14.86 13.76
CA ALA A 725 33.25 -13.74 13.09
C ALA A 725 31.75 -13.96 12.99
N MET A 726 31.31 -15.22 12.84
CA MET A 726 29.89 -15.50 12.75
C MET A 726 29.19 -15.21 14.09
N ASN A 727 29.84 -15.55 15.20
CA ASN A 727 29.28 -15.22 16.51
C ASN A 727 29.22 -13.71 16.71
N HIS A 728 30.27 -13.00 16.28
CA HIS A 728 30.25 -11.54 16.30
C HIS A 728 29.11 -11.00 15.44
N PHE A 729 28.82 -11.68 14.32
CA PHE A 729 27.75 -11.25 13.44
C PHE A 729 26.38 -11.47 14.07
N LYS A 730 26.16 -12.66 14.65
CA LYS A 730 24.84 -13.00 15.16
C LYS A 730 24.51 -12.26 16.45
N SER A 731 25.50 -12.09 17.32
CA SER A 731 25.27 -11.48 18.62
C SER A 731 25.25 -9.95 18.58
N ALA A 732 25.50 -9.34 17.43
CA ALA A 732 25.55 -7.89 17.34
C ALA A 732 24.18 -7.29 17.62
N LYS A 733 24.16 -6.25 18.46
CA LYS A 733 22.94 -5.52 18.78
C LYS A 733 22.73 -4.31 17.90
N GLY A 734 23.63 -4.04 16.96
CA GLY A 734 23.52 -2.90 16.07
C GLY A 734 24.23 -3.17 14.76
N MET A 735 24.14 -2.20 13.86
CA MET A 735 24.72 -2.37 12.53
C MET A 735 26.24 -2.26 12.57
N THR A 736 26.79 -1.54 13.55
CA THR A 736 28.23 -1.31 13.60
C THR A 736 29.00 -2.62 13.72
N GLU A 737 28.67 -3.43 14.73
CA GLU A 737 29.36 -4.70 14.91
C GLU A 737 28.89 -5.76 13.93
N LYS A 738 27.65 -5.66 13.45
CA LYS A 738 27.15 -6.63 12.49
C LYS A 738 27.84 -6.48 11.13
N TYR A 739 27.90 -5.25 10.62
CA TYR A 739 28.52 -5.02 9.32
C TYR A 739 30.02 -5.31 9.37
N ALA A 740 30.67 -4.98 10.48
CA ALA A 740 32.10 -5.25 10.62
C ALA A 740 32.37 -6.75 10.55
N ALA A 741 31.55 -7.56 11.23
CA ALA A 741 31.72 -9.00 11.19
C ALA A 741 31.39 -9.56 9.81
N LEU A 742 30.38 -9.01 9.16
CA LEU A 742 30.03 -9.45 7.82
C LEU A 742 31.16 -9.15 6.83
N SER A 743 31.77 -7.96 6.94
CA SER A 743 32.86 -7.60 6.06
C SER A 743 34.04 -8.56 6.21
N ILE A 744 34.30 -9.01 7.44
CA ILE A 744 35.39 -9.96 7.67
C ILE A 744 35.01 -11.34 7.12
N LEU A 745 33.74 -11.74 7.30
CA LEU A 745 33.30 -13.04 6.83
C LEU A 745 33.35 -13.14 5.31
N CYS A 746 33.09 -12.03 4.62
CA CYS A 746 33.03 -12.05 3.15
C CYS A 746 34.38 -12.29 2.50
N ASP A 747 35.48 -12.25 3.26
CA ASP A 747 36.79 -12.63 2.76
C ASP A 747 37.12 -14.09 3.03
N ILE A 748 36.19 -14.84 3.62
CA ILE A 748 36.40 -16.24 3.99
C ILE A 748 35.37 -17.05 3.23
N GLU A 749 35.82 -17.74 2.18
CA GLU A 749 34.93 -18.63 1.43
C GLU A 749 34.48 -19.78 2.32
N GLY A 750 33.17 -20.01 2.37
CA GLY A 750 32.61 -21.07 3.17
C GLY A 750 31.12 -20.89 3.45
N PRO A 751 30.57 -21.78 4.27
CA PRO A 751 29.13 -21.67 4.57
C PRO A 751 28.79 -20.50 5.47
N GLU A 752 29.74 -20.04 6.29
CA GLU A 752 29.47 -18.90 7.17
C GLU A 752 29.29 -17.62 6.35
N ARG A 753 30.06 -17.46 5.28
CA ARG A 753 29.91 -16.29 4.43
C ARG A 753 28.57 -16.28 3.71
N THR A 754 28.16 -17.42 3.15
CA THR A 754 26.90 -17.49 2.42
C THR A 754 25.71 -17.34 3.35
N ALA A 755 25.79 -17.93 4.55
CA ALA A 755 24.69 -17.81 5.51
C ALA A 755 24.54 -16.39 6.01
N ALA A 756 25.65 -15.71 6.28
CA ALA A 756 25.60 -14.33 6.76
C ALA A 756 25.04 -13.40 5.69
N LEU A 757 25.47 -13.57 4.44
CA LEU A 757 24.97 -12.73 3.36
C LEU A 757 23.49 -12.96 3.12
N GLU A 758 23.04 -14.23 3.17
CA GLU A 758 21.63 -14.52 2.97
C GLU A 758 20.79 -13.94 4.10
N GLN A 759 21.24 -14.09 5.35
CA GLN A 759 20.51 -13.51 6.46
C GLN A 759 20.53 -11.99 6.41
N PHE A 760 21.66 -11.41 5.99
CA PHE A 760 21.77 -9.96 5.91
C PHE A 760 20.75 -9.38 4.93
N TYR A 761 20.52 -10.06 3.81
CA TYR A 761 19.56 -9.58 2.83
C TYR A 761 18.15 -9.60 3.38
N ARG A 762 17.76 -10.71 4.04
CA ARG A 762 16.42 -10.81 4.57
C ARG A 762 16.19 -9.83 5.71
N ASP A 763 17.21 -9.61 6.56
CA ASP A 763 17.07 -8.69 7.67
C ASP A 763 16.92 -7.24 7.21
N ALA A 764 17.27 -6.94 5.96
CA ALA A 764 17.10 -5.59 5.44
C ALA A 764 15.63 -5.22 5.32
N LYS A 765 14.77 -6.18 4.97
CA LYS A 765 13.34 -5.95 4.79
C LYS A 765 13.07 -4.84 3.78
N GLY A 766 13.82 -4.85 2.68
CA GLY A 766 13.63 -3.90 1.60
C GLY A 766 14.28 -2.55 1.82
N ASP A 767 14.95 -2.33 2.94
CA ASP A 767 15.60 -1.05 3.22
C ASP A 767 16.65 -0.77 2.16
N PRO A 768 16.51 0.29 1.36
CA PRO A 768 17.49 0.55 0.30
C PRO A 768 18.89 0.82 0.82
N LEU A 769 19.02 1.41 2.01
CA LEU A 769 20.35 1.70 2.55
C LEU A 769 21.04 0.43 3.03
N VAL A 770 20.28 -0.49 3.64
CA VAL A 770 20.87 -1.76 4.06
C VAL A 770 21.20 -2.61 2.84
N LEU A 771 20.38 -2.55 1.79
CA LEU A 771 20.69 -3.29 0.57
C LEU A 771 21.91 -2.73 -0.14
N ASP A 772 22.18 -1.43 0.01
CA ASP A 772 23.42 -0.86 -0.51
C ASP A 772 24.63 -1.52 0.13
N LYS A 773 24.59 -1.71 1.45
CA LYS A 773 25.68 -2.41 2.13
C LYS A 773 25.80 -3.85 1.66
N TRP A 774 24.66 -4.50 1.39
CA TRP A 774 24.69 -5.88 0.91
C TRP A 774 25.39 -5.97 -0.44
N PHE A 775 25.15 -4.99 -1.32
CA PHE A 775 25.86 -4.96 -2.60
C PHE A 775 27.33 -4.61 -2.39
N ALA A 776 27.61 -3.66 -1.49
CA ALA A 776 28.97 -3.16 -1.33
C ALA A 776 29.87 -4.20 -0.68
N VAL A 777 29.37 -4.93 0.32
CA VAL A 777 30.21 -5.89 1.03
C VAL A 777 30.60 -7.04 0.11
N GLN A 778 29.79 -7.33 -0.91
CA GLN A 778 30.16 -8.36 -1.87
C GLN A 778 31.16 -7.83 -2.89
N ALA A 779 30.99 -6.58 -3.32
CA ALA A 779 31.89 -6.00 -4.30
C ALA A 779 33.30 -5.82 -3.75
N LEU A 780 33.42 -5.62 -2.43
CA LEU A 780 34.71 -5.44 -1.79
C LEU A 780 35.29 -6.74 -1.24
N SER A 781 34.67 -7.87 -1.55
CA SER A 781 35.13 -9.14 -0.99
C SER A 781 36.42 -9.59 -1.65
N ASP A 782 37.32 -10.15 -0.84
CA ASP A 782 38.56 -10.73 -1.33
C ASP A 782 38.39 -12.23 -1.52
N VAL A 783 37.53 -12.57 -2.48
CA VAL A 783 37.24 -13.95 -2.82
C VAL A 783 37.56 -14.16 -4.30
N ARG A 784 37.71 -15.43 -4.67
CA ARG A 784 37.86 -15.77 -6.08
C ARG A 784 36.57 -15.50 -6.82
N GLN A 785 36.72 -15.13 -8.10
CA GLN A 785 35.58 -14.80 -8.96
C GLN A 785 34.71 -13.69 -8.38
N VAL A 786 35.33 -12.76 -7.64
CA VAL A 786 34.57 -11.61 -7.14
C VAL A 786 34.13 -10.72 -8.30
N THR A 787 34.89 -10.71 -9.39
CA THR A 787 34.49 -9.95 -10.57
C THR A 787 33.24 -10.54 -11.21
N GLU A 788 33.21 -11.87 -11.36
CA GLU A 788 32.02 -12.52 -11.91
C GLU A 788 30.81 -12.34 -11.01
N THR A 789 31.02 -12.28 -9.69
CA THR A 789 29.91 -12.01 -8.77
C THR A 789 29.39 -10.60 -8.97
N VAL A 790 30.29 -9.63 -9.15
CA VAL A 790 29.86 -8.25 -9.41
C VAL A 790 29.14 -8.15 -10.73
N LYS A 791 29.68 -8.79 -11.77
CA LYS A 791 29.03 -8.76 -13.08
C LYS A 791 27.65 -9.41 -13.02
N GLU A 792 27.49 -10.45 -12.21
CA GLU A 792 26.20 -11.10 -12.07
C GLU A 792 25.23 -10.28 -11.23
N LEU A 793 25.74 -9.56 -10.23
CA LEU A 793 24.87 -8.74 -9.38
C LEU A 793 24.26 -7.57 -10.16
N GLN A 794 24.80 -7.24 -11.33
CA GLN A 794 24.19 -6.21 -12.16
C GLN A 794 22.84 -6.66 -12.73
N LYS A 795 22.59 -7.97 -12.76
CA LYS A 795 21.29 -8.50 -13.19
C LYS A 795 20.32 -8.70 -12.05
N HIS A 796 20.74 -8.42 -10.80
CA HIS A 796 19.89 -8.66 -9.65
C HIS A 796 18.66 -7.75 -9.70
N ALA A 797 17.56 -8.24 -9.13
CA ALA A 797 16.30 -7.51 -9.17
C ALA A 797 16.39 -6.18 -8.44
N ASP A 798 17.17 -6.11 -7.36
CA ASP A 798 17.28 -4.91 -6.56
C ASP A 798 18.35 -3.94 -7.05
N PHE A 799 19.02 -4.25 -8.15
CA PHE A 799 20.03 -3.36 -8.71
C PHE A 799 19.42 -2.52 -9.83
N THR A 800 19.58 -1.21 -9.72
CA THR A 800 19.19 -0.29 -10.79
C THR A 800 20.26 0.80 -10.89
N ALA A 801 20.78 1.00 -12.11
CA ALA A 801 21.78 2.03 -12.33
C ALA A 801 21.20 3.43 -12.23
N LYS A 802 19.87 3.57 -12.28
CA LYS A 802 19.25 4.89 -12.25
C LYS A 802 19.32 5.53 -10.87
N ASN A 803 19.49 4.74 -9.82
CA ASN A 803 19.69 5.29 -8.48
C ASN A 803 21.18 5.42 -8.21
N PRO A 804 21.69 6.63 -7.95
CA PRO A 804 23.14 6.78 -7.77
C PRO A 804 23.70 6.00 -6.58
N ASN A 805 22.94 5.92 -5.48
CA ASN A 805 23.44 5.21 -4.31
C ASN A 805 23.58 3.72 -4.58
N ARG A 806 22.61 3.13 -5.28
CA ARG A 806 22.70 1.70 -5.60
C ARG A 806 23.81 1.42 -6.61
N LEU A 807 23.99 2.31 -7.59
CA LEU A 807 25.06 2.14 -8.56
C LEU A 807 26.43 2.25 -7.90
N ARG A 808 26.62 3.28 -7.08
CA ARG A 808 27.89 3.44 -6.38
C ARG A 808 28.13 2.30 -5.39
N ALA A 809 27.07 1.76 -4.80
CA ALA A 809 27.22 0.69 -3.82
C ALA A 809 27.89 -0.53 -4.44
N LEU A 810 27.53 -0.86 -5.69
CA LEU A 810 28.10 -2.03 -6.35
C LEU A 810 29.34 -1.67 -7.18
N ILE A 811 29.18 -0.73 -8.11
CA ILE A 811 30.23 -0.47 -9.10
C ILE A 811 31.39 0.31 -8.48
N PHE A 812 31.09 1.40 -7.78
CA PHE A 812 32.16 2.22 -7.21
C PHE A 812 32.92 1.46 -6.12
N SER A 813 32.21 0.65 -5.33
CA SER A 813 32.89 -0.17 -4.33
C SER A 813 33.81 -1.19 -5.00
N PHE A 814 33.42 -1.72 -6.15
CA PHE A 814 34.25 -2.69 -6.84
C PHE A 814 35.55 -2.06 -7.33
N THR A 815 35.53 -0.79 -7.71
CA THR A 815 36.75 -0.12 -8.17
C THR A 815 37.78 0.00 -7.07
N ARG A 816 37.36 -0.05 -5.81
CA ARG A 816 38.28 -0.02 -4.68
C ARG A 816 38.74 -1.41 -4.25
N ASN A 817 38.21 -2.45 -4.86
CA ASN A 817 38.70 -3.80 -4.61
C ASN A 817 40.04 -3.99 -5.31
N PRO A 818 41.04 -4.57 -4.64
CA PRO A 818 42.32 -4.81 -5.32
C PRO A 818 42.20 -5.72 -6.53
N GLN A 819 41.19 -6.60 -6.55
CA GLN A 819 40.97 -7.45 -7.72
C GLN A 819 40.40 -6.70 -8.91
N PHE A 820 40.01 -5.44 -8.72
CA PHE A 820 39.60 -4.62 -9.87
C PHE A 820 40.76 -4.40 -10.83
N HIS A 821 42.00 -4.44 -10.31
CA HIS A 821 43.20 -4.30 -11.13
C HIS A 821 43.77 -5.64 -11.58
N ASN A 822 42.92 -6.67 -11.70
CA ASN A 822 43.39 -7.96 -12.19
C ASN A 822 43.96 -7.81 -13.59
N LYS A 823 45.13 -8.41 -13.82
CA LYS A 823 45.89 -8.16 -15.04
C LYS A 823 45.18 -8.67 -16.29
N ASP A 824 44.17 -9.53 -16.15
CA ASP A 824 43.41 -9.98 -17.31
C ASP A 824 42.52 -8.89 -17.88
N GLY A 825 42.31 -7.79 -17.15
CA GLY A 825 41.52 -6.68 -17.63
C GLY A 825 40.03 -6.85 -17.52
N ALA A 826 39.55 -7.91 -16.86
CA ALA A 826 38.12 -8.11 -16.72
C ALA A 826 37.49 -7.04 -15.84
N GLY A 827 38.21 -6.61 -14.80
CA GLY A 827 37.67 -5.56 -13.94
C GLY A 827 37.58 -4.22 -14.63
N TYR A 828 38.61 -3.88 -15.42
CA TYR A 828 38.58 -2.61 -16.15
C TYR A 828 37.44 -2.58 -17.17
N ALA A 829 37.22 -3.68 -17.87
CA ALA A 829 36.15 -3.73 -18.87
C ALA A 829 34.78 -3.63 -18.21
N LEU A 830 34.63 -4.21 -17.02
CA LEU A 830 33.35 -4.12 -16.29
C LEU A 830 33.02 -2.66 -15.99
N LEU A 831 33.99 -1.91 -15.48
CA LEU A 831 33.76 -0.50 -15.19
C LEU A 831 33.47 0.29 -16.45
N ALA A 832 34.24 0.03 -17.52
CA ALA A 832 34.04 0.74 -18.77
C ALA A 832 32.65 0.49 -19.34
N ASP A 833 32.18 -0.76 -19.29
CA ASP A 833 30.83 -1.07 -19.74
C ASP A 833 29.79 -0.36 -18.87
N SER A 834 30.04 -0.28 -17.58
CA SER A 834 29.12 0.44 -16.69
C SER A 834 29.13 1.93 -16.98
N VAL A 835 30.31 2.52 -17.16
CA VAL A 835 30.41 3.95 -17.40
C VAL A 835 29.70 4.33 -18.70
N LEU A 836 29.83 3.48 -19.73
CA LEU A 836 29.20 3.77 -21.02
C LEU A 836 27.68 3.81 -20.90
N ALA A 837 27.09 2.87 -20.16
CA ALA A 837 25.65 2.84 -20.02
C ALA A 837 25.16 4.00 -19.16
N VAL A 838 25.84 4.26 -18.04
CA VAL A 838 25.39 5.31 -17.12
C VAL A 838 25.51 6.69 -17.76
N ASP A 839 26.54 6.88 -18.59
CA ASP A 839 26.77 8.19 -19.20
C ASP A 839 25.62 8.63 -20.09
N ARG A 840 24.83 7.68 -20.60
CA ARG A 840 23.73 8.04 -21.48
C ARG A 840 22.52 8.60 -20.73
N PHE A 841 22.54 8.60 -19.40
CA PHE A 841 21.41 9.18 -18.68
C PHE A 841 21.86 10.02 -17.47
N ASN A 842 23.02 9.70 -16.90
CA ASN A 842 23.57 10.46 -15.77
C ASN A 842 25.05 10.73 -16.00
N PRO A 843 25.38 11.81 -16.69
CA PRO A 843 26.80 12.10 -16.96
C PRO A 843 27.64 12.35 -15.72
N GLN A 844 27.04 12.89 -14.65
CA GLN A 844 27.81 13.21 -13.45
C GLN A 844 28.41 11.96 -12.83
N ILE A 845 27.59 10.92 -12.63
CA ILE A 845 28.08 9.71 -11.97
C ILE A 845 29.05 8.97 -12.87
N ALA A 846 28.79 8.95 -14.18
CA ALA A 846 29.67 8.25 -15.10
C ALA A 846 31.04 8.89 -15.16
N ALA A 847 31.10 10.23 -15.12
CA ALA A 847 32.38 10.91 -15.14
C ALA A 847 33.21 10.57 -13.91
N ARG A 848 32.56 10.50 -12.74
CA ARG A 848 33.27 10.13 -11.53
C ARG A 848 33.66 8.65 -11.54
N GLY A 849 32.84 7.80 -12.16
CA GLY A 849 33.22 6.40 -12.30
C GLY A 849 34.43 6.23 -13.19
N ALA A 850 34.51 6.99 -14.28
CA ALA A 850 35.65 6.92 -15.17
C ALA A 850 36.94 7.42 -14.51
N GLY A 851 36.82 8.16 -13.40
CA GLY A 851 38.01 8.66 -12.72
C GLY A 851 38.92 7.59 -12.19
N ALA A 852 38.41 6.37 -12.02
CA ALA A 852 39.25 5.26 -11.57
C ALA A 852 40.34 4.89 -12.57
N PHE A 853 40.24 5.38 -13.81
CA PHE A 853 41.24 5.13 -14.84
C PHE A 853 42.29 6.23 -14.92
N LEU A 854 42.25 7.21 -14.01
CA LEU A 854 43.11 8.39 -14.16
C LEU A 854 44.58 8.05 -13.92
N GLN A 855 44.87 7.27 -12.89
CA GLN A 855 46.25 6.97 -12.51
C GLN A 855 46.84 5.79 -13.27
N TRP A 856 46.53 5.67 -14.57
CA TRP A 856 46.99 4.51 -15.33
C TRP A 856 48.51 4.48 -15.44
N LYS A 857 49.17 5.64 -15.50
CA LYS A 857 50.60 5.68 -15.69
C LYS A 857 51.37 5.12 -14.50
N LYS A 858 50.75 5.08 -13.32
CA LYS A 858 51.44 4.63 -12.12
C LYS A 858 51.47 3.11 -11.97
N TYR A 859 50.78 2.38 -12.84
CA TYR A 859 50.73 0.93 -12.76
C TYR A 859 51.70 0.30 -13.75
N ASP A 860 51.83 -1.02 -13.66
CA ASP A 860 52.75 -1.74 -14.53
C ASP A 860 52.27 -1.69 -15.97
N GLU A 861 53.16 -2.06 -16.89
CA GLU A 861 52.89 -1.93 -18.31
C GLU A 861 51.68 -2.75 -18.74
N THR A 862 51.50 -3.92 -18.14
CA THR A 862 50.35 -4.76 -18.49
C THR A 862 49.04 -4.06 -18.14
N ARG A 863 48.95 -3.52 -16.93
CA ARG A 863 47.74 -2.81 -16.53
C ARG A 863 47.59 -1.49 -17.29
N GLN A 864 48.70 -0.88 -17.70
CA GLN A 864 48.64 0.34 -18.49
C GLN A 864 47.92 0.11 -19.81
N ARG A 865 48.28 -0.97 -20.51
CA ARG A 865 47.68 -1.24 -21.82
C ARG A 865 46.18 -1.53 -21.68
N GLU A 866 45.79 -2.20 -20.60
CA GLU A 866 44.37 -2.52 -20.42
C GLU A 866 43.56 -1.27 -20.07
N MET A 867 44.09 -0.43 -19.18
CA MET A 867 43.36 0.78 -18.80
C MET A 867 43.35 1.79 -19.94
N LEU A 868 44.44 1.87 -20.71
CA LEU A 868 44.45 2.75 -21.87
C LEU A 868 43.45 2.30 -22.94
N LYS A 869 43.23 0.99 -23.04
CA LYS A 869 42.26 0.49 -24.01
C LYS A 869 40.84 0.89 -23.62
N GLN A 870 40.49 0.75 -22.34
CA GLN A 870 39.15 1.14 -21.90
C GLN A 870 39.00 2.66 -21.92
N LEU A 871 40.06 3.39 -21.62
CA LEU A 871 40.00 4.85 -21.69
C LEU A 871 39.70 5.31 -23.11
N ARG A 872 40.33 4.67 -24.10
CA ARG A 872 40.07 5.04 -25.49
C ARG A 872 38.70 4.56 -25.95
N ARG A 873 38.24 3.41 -25.45
CA ARG A 873 36.90 2.93 -25.80
C ARG A 873 35.84 3.90 -25.31
N ILE A 874 36.01 4.43 -24.10
CA ILE A 874 35.07 5.42 -23.59
C ILE A 874 35.19 6.71 -24.37
N ALA A 875 36.42 7.15 -24.65
CA ALA A 875 36.63 8.43 -25.34
C ALA A 875 36.09 8.41 -26.76
N ASN A 876 36.06 7.24 -27.39
CA ASN A 876 35.55 7.10 -28.76
C ASN A 876 34.08 6.76 -28.83
N ALA A 877 33.39 6.72 -27.69
CA ALA A 877 31.98 6.34 -27.69
C ALA A 877 31.14 7.46 -28.30
N PRO A 878 30.27 7.15 -29.27
CA PRO A 878 29.41 8.19 -29.84
C PRO A 878 28.39 8.68 -28.81
N GLY A 879 28.20 9.99 -28.78
CA GLY A 879 27.27 10.58 -27.84
C GLY A 879 27.79 10.69 -26.42
N LEU A 880 29.09 10.58 -26.22
CA LEU A 880 29.66 10.70 -24.88
C LEU A 880 29.41 12.08 -24.31
N SER A 881 29.07 12.14 -23.03
CA SER A 881 28.76 13.40 -22.38
C SER A 881 29.98 14.32 -22.36
N VAL A 882 29.73 15.61 -22.16
CA VAL A 882 30.80 16.57 -21.96
C VAL A 882 31.54 16.28 -20.66
N ASP A 883 30.82 15.85 -19.63
CA ASP A 883 31.42 15.57 -18.33
C ASP A 883 32.44 14.44 -18.44
N THR A 884 32.02 13.27 -18.92
CA THR A 884 32.91 12.13 -19.00
C THR A 884 34.00 12.33 -20.04
N LEU A 885 33.70 13.07 -21.12
CA LEU A 885 34.72 13.34 -22.12
C LEU A 885 35.89 14.11 -21.52
N GLU A 886 35.60 15.13 -20.70
CA GLU A 886 36.69 15.89 -20.08
C GLU A 886 37.57 15.02 -19.21
N ILE A 887 36.95 14.10 -18.45
CA ILE A 887 37.71 13.27 -17.51
C ILE A 887 38.70 12.39 -18.27
N VAL A 888 38.21 11.64 -19.27
CA VAL A 888 39.07 10.73 -20.00
C VAL A 888 39.97 11.46 -21.00
N GLN A 889 39.59 12.66 -21.44
CA GLN A 889 40.50 13.47 -22.23
C GLN A 889 41.72 13.88 -21.41
N LYS A 890 41.48 14.31 -20.16
CA LYS A 890 42.59 14.65 -19.27
C LYS A 890 43.46 13.43 -19.00
N ALA A 891 42.85 12.27 -18.77
CA ALA A 891 43.61 11.06 -18.49
C ALA A 891 44.48 10.67 -19.67
N LEU A 892 43.99 10.88 -20.89
CA LEU A 892 44.73 10.54 -22.10
C LEU A 892 45.62 11.66 -22.58
N ALA A 893 45.70 12.78 -21.86
CA ALA A 893 46.53 13.90 -22.29
C ALA A 893 48.00 13.50 -22.36
N GLY A 894 48.46 12.74 -21.37
CA GLY A 894 49.82 12.22 -21.35
C GLY A 894 49.97 10.85 -21.98
N ALA A 895 48.94 10.36 -22.65
CA ALA A 895 48.94 9.05 -23.30
C ALA A 895 49.30 9.19 -24.78
N PRO A 896 49.76 8.11 -25.40
CA PRO A 896 50.07 8.18 -26.84
C PRO A 896 48.82 8.49 -27.66
N GLU A 897 49.04 9.10 -28.82
CA GLU A 897 47.94 9.44 -29.70
C GLU A 897 47.41 8.20 -30.41
N GLU A 898 46.28 8.38 -31.10
CA GLU A 898 45.61 7.30 -31.83
C GLU A 898 45.26 6.14 -30.90
N PRO B 2 -14.14 -23.57 -8.85
CA PRO B 2 -13.57 -22.28 -8.46
C PRO B 2 -12.08 -22.18 -8.76
N VAL B 3 -11.41 -21.20 -8.14
CA VAL B 3 -9.99 -20.96 -8.33
C VAL B 3 -9.30 -20.98 -6.98
N GLU B 4 -7.97 -20.92 -7.03
CA GLU B 4 -7.17 -20.90 -5.81
C GLU B 4 -7.12 -19.49 -5.23
N LYS B 5 -7.32 -19.39 -3.92
CA LYS B 5 -7.27 -18.12 -3.21
C LYS B 5 -5.89 -17.91 -2.61
N HIS B 6 -5.39 -16.69 -2.69
CA HIS B 6 -4.05 -16.34 -2.23
C HIS B 6 -4.15 -15.34 -1.09
N ARG B 7 -3.37 -15.57 -0.02
CA ARG B 7 -3.47 -14.75 1.18
C ARG B 7 -3.16 -13.29 0.90
N LEU B 8 -2.11 -13.02 0.11
CA LEU B 8 -1.66 -11.66 -0.13
C LEU B 8 -2.53 -10.91 -1.15
N ASP B 9 -3.59 -11.55 -1.67
CA ASP B 9 -4.49 -10.90 -2.61
C ASP B 9 -5.63 -10.16 -1.91
N TYR B 10 -5.60 -10.06 -0.59
CA TYR B 10 -6.70 -9.45 0.14
C TYR B 10 -6.89 -7.99 -0.28
N LYS B 11 -8.16 -7.56 -0.31
CA LYS B 11 -8.54 -6.20 -0.59
C LYS B 11 -9.88 -5.96 0.09
N PRO B 12 -10.08 -4.81 0.72
CA PRO B 12 -11.37 -4.53 1.36
C PRO B 12 -12.50 -4.54 0.34
N THR B 13 -13.71 -4.77 0.84
CA THR B 13 -14.87 -4.88 -0.04
C THR B 13 -15.16 -3.55 -0.73
N ASP B 14 -15.79 -3.64 -1.90
CA ASP B 14 -16.22 -2.43 -2.60
C ASP B 14 -17.44 -1.81 -1.91
N PHE B 15 -18.28 -2.63 -1.28
CA PHE B 15 -19.49 -2.16 -0.64
C PHE B 15 -19.51 -2.58 0.82
N LEU B 16 -20.30 -1.87 1.60
CA LEU B 16 -20.52 -2.17 3.01
C LEU B 16 -21.98 -2.55 3.21
N ILE B 17 -22.24 -3.36 4.23
CA ILE B 17 -23.59 -3.78 4.59
C ILE B 17 -23.95 -3.15 5.92
N ASP B 18 -24.93 -2.26 5.90
CA ASP B 18 -25.31 -1.51 7.10
C ASP B 18 -26.38 -2.22 7.93
N PHE B 19 -27.28 -2.97 7.30
CA PHE B 19 -28.34 -3.63 8.02
C PHE B 19 -28.82 -4.85 7.25
N VAL B 20 -29.19 -5.90 7.99
CA VAL B 20 -29.69 -7.13 7.43
C VAL B 20 -31.07 -7.38 8.01
N ASP B 21 -32.09 -7.40 7.15
CA ASP B 21 -33.47 -7.65 7.55
C ASP B 21 -33.92 -8.96 6.92
N LEU B 22 -34.01 -10.00 7.73
CA LEU B 22 -34.34 -11.34 7.25
C LEU B 22 -35.74 -11.75 7.70
N ASP B 23 -36.43 -12.50 6.84
CA ASP B 23 -37.74 -13.03 7.15
C ASP B 23 -37.83 -14.45 6.60
N PHE B 24 -38.00 -15.43 7.48
CA PHE B 24 -38.02 -16.84 7.11
C PHE B 24 -39.44 -17.37 7.20
N ASP B 25 -39.91 -17.96 6.10
CA ASP B 25 -41.16 -18.74 6.09
C ASP B 25 -40.74 -20.20 6.07
N LEU B 26 -40.63 -20.78 7.27
CA LEU B 26 -39.94 -22.06 7.43
C LEU B 26 -40.85 -23.23 7.09
N TYR B 27 -40.39 -24.08 6.17
CA TYR B 27 -41.01 -25.35 5.86
C TYR B 27 -39.92 -26.38 5.61
N ASP B 28 -40.22 -27.63 5.93
CA ASP B 28 -39.22 -28.70 5.80
C ASP B 28 -38.80 -28.90 4.36
N ASP B 29 -39.74 -28.79 3.42
CA ASP B 29 -39.44 -29.06 2.03
C ASP B 29 -38.97 -27.82 1.28
N ARG B 30 -39.64 -26.69 1.46
CA ARG B 30 -39.25 -25.46 0.79
C ARG B 30 -39.48 -24.27 1.72
N THR B 31 -38.41 -23.58 2.08
CA THR B 31 -38.46 -22.42 2.95
C THR B 31 -38.22 -21.16 2.14
N LYS B 32 -39.07 -20.15 2.34
CA LYS B 32 -38.90 -18.86 1.69
C LYS B 32 -38.07 -17.94 2.57
N VAL B 33 -37.12 -17.24 1.94
CA VAL B 33 -36.23 -16.32 2.63
C VAL B 33 -36.35 -14.95 1.96
N THR B 34 -36.91 -13.99 2.67
CA THR B 34 -37.02 -12.61 2.20
C THR B 34 -35.98 -11.77 2.94
N SER B 35 -35.09 -11.13 2.20
CA SER B 35 -33.96 -10.42 2.78
C SER B 35 -33.85 -9.02 2.20
N THR B 36 -33.56 -8.05 3.06
CA THR B 36 -33.37 -6.66 2.66
C THR B 36 -32.02 -6.20 3.20
N LEU B 37 -31.08 -5.94 2.31
CA LEU B 37 -29.74 -5.47 2.68
C LEU B 37 -29.65 -3.96 2.47
N THR B 38 -29.26 -3.25 3.52
CA THR B 38 -28.97 -1.83 3.42
C THR B 38 -27.48 -1.67 3.20
N MET B 39 -27.10 -1.15 2.03
CA MET B 39 -25.71 -1.13 1.60
C MET B 39 -25.32 0.25 1.13
N HIS B 40 -24.00 0.46 1.02
CA HIS B 40 -23.44 1.68 0.46
C HIS B 40 -22.00 1.38 0.03
N ARG B 41 -21.53 2.13 -0.96
CA ARG B 41 -20.19 1.92 -1.48
C ARG B 41 -19.14 2.50 -0.53
N ARG B 42 -17.96 1.87 -0.53
CA ARG B 42 -16.86 2.33 0.31
C ARG B 42 -16.44 3.74 -0.08
N GLU B 43 -16.12 4.55 0.93
CA GLU B 43 -15.80 5.96 0.69
C GLU B 43 -14.57 6.10 -0.20
N GLN B 44 -14.59 7.14 -1.03
CA GLN B 44 -13.46 7.50 -1.90
C GLN B 44 -13.12 6.37 -2.86
N THR B 45 -14.16 5.81 -3.49
CA THR B 45 -14.01 4.78 -4.51
C THR B 45 -14.98 5.08 -5.64
N PRO B 46 -14.59 4.84 -6.89
CA PRO B 46 -15.48 5.13 -8.02
C PRO B 46 -16.63 4.14 -8.08
N PRO B 47 -17.71 4.47 -8.78
CA PRO B 47 -18.82 3.52 -8.90
C PRO B 47 -18.39 2.23 -9.57
N THR B 48 -18.96 1.12 -9.11
CA THR B 48 -18.65 -0.20 -9.62
C THR B 48 -19.84 -1.11 -9.40
N ASP B 49 -19.81 -2.27 -10.05
CA ASP B 49 -20.91 -3.20 -9.96
C ASP B 49 -20.96 -3.87 -8.59
N LEU B 50 -22.17 -4.17 -8.13
CA LEU B 50 -22.38 -4.86 -6.87
C LEU B 50 -22.51 -6.36 -7.15
N VAL B 51 -21.68 -7.16 -6.48
CA VAL B 51 -21.68 -8.61 -6.61
C VAL B 51 -21.92 -9.23 -5.24
N LEU B 52 -23.02 -9.96 -5.12
CA LEU B 52 -23.39 -10.60 -3.86
C LEU B 52 -23.30 -12.11 -4.02
N ASP B 53 -22.68 -12.77 -3.05
CA ASP B 53 -22.55 -14.22 -3.10
C ASP B 53 -23.93 -14.89 -2.92
N GLY B 54 -24.13 -15.99 -3.64
CA GLY B 54 -25.35 -16.76 -3.55
C GLY B 54 -25.17 -18.15 -4.13
N GLU B 55 -25.54 -19.17 -3.39
CA GLU B 55 -25.25 -20.56 -3.76
C GLU B 55 -26.50 -21.41 -3.64
N ASP B 56 -26.89 -22.04 -4.75
CA ASP B 56 -28.01 -22.98 -4.79
C ASP B 56 -29.30 -22.31 -4.28
N LEU B 57 -29.50 -21.06 -4.65
CA LEU B 57 -30.69 -20.31 -4.28
C LEU B 57 -31.67 -20.29 -5.44
N GLU B 58 -32.96 -20.43 -5.12
CA GLU B 58 -34.04 -20.35 -6.11
C GLU B 58 -34.59 -18.93 -6.05
N LEU B 59 -34.12 -18.08 -6.96
CA LEU B 59 -34.46 -16.67 -6.94
C LEU B 59 -35.86 -16.45 -7.50
N GLU B 60 -36.66 -15.66 -6.78
CA GLU B 60 -38.00 -15.30 -7.21
C GLU B 60 -38.12 -13.84 -7.65
N SER B 61 -37.49 -12.92 -6.93
CA SER B 61 -37.62 -11.51 -7.25
C SER B 61 -36.41 -10.75 -6.73
N VAL B 62 -36.09 -9.65 -7.41
CA VAL B 62 -35.02 -8.75 -7.01
C VAL B 62 -35.57 -7.33 -7.05
N GLU B 63 -35.36 -6.58 -5.96
CA GLU B 63 -35.88 -5.22 -5.82
C GLU B 63 -34.76 -4.30 -5.42
N LEU B 64 -34.64 -3.17 -6.12
CA LEU B 64 -33.62 -2.15 -5.84
C LEU B 64 -34.33 -0.87 -5.46
N ASP B 65 -34.23 -0.50 -4.18
CA ASP B 65 -34.84 0.72 -3.65
C ASP B 65 -36.35 0.74 -3.92
N GLY B 66 -36.98 -0.42 -3.79
CA GLY B 66 -38.40 -0.56 -4.00
C GLY B 66 -38.83 -0.82 -5.43
N ASN B 67 -37.93 -0.72 -6.39
CA ASN B 67 -38.24 -0.95 -7.80
C ASN B 67 -37.71 -2.33 -8.21
N ALA B 68 -38.60 -3.16 -8.73
CA ALA B 68 -38.23 -4.50 -9.12
C ALA B 68 -37.31 -4.48 -10.35
N LEU B 69 -36.38 -5.42 -10.39
CA LEU B 69 -35.47 -5.59 -11.51
C LEU B 69 -35.74 -6.91 -12.21
N SER B 70 -35.66 -6.90 -13.53
CA SER B 70 -35.90 -8.10 -14.33
C SER B 70 -34.59 -8.86 -14.55
N MET B 71 -34.72 -10.13 -14.91
CA MET B 71 -33.56 -10.95 -15.24
C MET B 71 -33.06 -10.58 -16.63
N HIS B 72 -31.75 -10.33 -16.73
CA HIS B 72 -31.16 -9.94 -18.01
C HIS B 72 -31.28 -11.09 -19.01
N SER B 73 -31.83 -10.78 -20.18
CA SER B 73 -32.03 -11.77 -21.22
C SER B 73 -31.93 -11.07 -22.58
N THR B 74 -32.18 -11.84 -23.64
CA THR B 74 -32.16 -11.27 -24.98
C THR B 74 -33.34 -10.32 -25.19
N GLU B 75 -34.49 -10.61 -24.59
CA GLU B 75 -35.65 -9.73 -24.74
C GLU B 75 -35.45 -8.41 -24.01
N THR B 76 -34.72 -8.42 -22.89
CA THR B 76 -34.47 -7.18 -22.18
C THR B 76 -33.46 -6.29 -22.93
N GLN B 77 -32.55 -6.90 -23.68
CA GLN B 77 -31.58 -6.12 -24.45
C GLN B 77 -32.26 -5.38 -25.60
N LYS B 78 -33.04 -6.10 -26.41
CA LYS B 78 -33.71 -5.48 -27.55
C LYS B 78 -34.72 -4.43 -27.11
N ALA B 79 -35.35 -4.63 -25.96
CA ALA B 79 -36.30 -3.65 -25.45
C ALA B 79 -35.63 -2.42 -24.85
N GLY B 80 -34.30 -2.41 -24.76
CA GLY B 80 -33.60 -1.32 -24.11
C GLY B 80 -33.74 -1.28 -22.61
N ASP B 81 -34.24 -2.36 -22.00
CA ASP B 81 -34.46 -2.40 -20.56
C ASP B 81 -33.13 -2.46 -19.83
N LYS B 82 -32.79 -1.38 -19.12
CA LYS B 82 -31.59 -1.35 -18.30
C LYS B 82 -31.87 -1.66 -16.83
N ARG B 83 -33.13 -1.61 -16.41
CA ARG B 83 -33.52 -1.95 -15.04
C ARG B 83 -33.54 -3.47 -14.90
N VAL B 84 -32.34 -4.05 -14.95
CA VAL B 84 -32.17 -5.50 -14.93
C VAL B 84 -31.07 -5.87 -13.95
N TYR B 85 -31.05 -7.14 -13.58
CA TYR B 85 -29.96 -7.75 -12.85
C TYR B 85 -29.42 -8.93 -13.65
N SER B 86 -28.21 -9.38 -13.30
CA SER B 86 -27.61 -10.53 -13.94
C SER B 86 -27.11 -11.50 -12.88
N LEU B 87 -27.06 -12.78 -13.26
CA LEU B 87 -26.54 -13.83 -12.40
C LEU B 87 -25.21 -14.30 -12.98
N ASP B 88 -24.16 -14.27 -12.17
CA ASP B 88 -22.88 -14.78 -12.64
C ASP B 88 -22.96 -16.30 -12.79
N VAL B 89 -21.87 -16.88 -13.29
CA VAL B 89 -21.89 -18.31 -13.61
C VAL B 89 -22.01 -19.15 -12.33
N ASP B 90 -21.55 -18.62 -11.21
CA ASP B 90 -21.70 -19.31 -9.92
C ASP B 90 -23.00 -18.95 -9.21
N GLY B 91 -23.84 -18.11 -9.80
CA GLY B 91 -25.10 -17.74 -9.21
C GLY B 91 -25.10 -16.45 -8.41
N ARG B 92 -24.01 -15.70 -8.42
CA ARG B 92 -23.94 -14.45 -7.68
C ARG B 92 -24.81 -13.38 -8.34
N LEU B 93 -25.40 -12.53 -7.51
CA LEU B 93 -26.27 -11.46 -7.97
C LEU B 93 -25.44 -10.24 -8.34
N VAL B 94 -25.63 -9.75 -9.57
CA VAL B 94 -24.87 -8.62 -10.10
C VAL B 94 -25.84 -7.51 -10.46
N ILE B 95 -25.56 -6.31 -9.97
CA ILE B 95 -26.35 -5.12 -10.27
C ILE B 95 -25.38 -4.05 -10.77
N ALA B 96 -25.66 -3.52 -11.96
CA ALA B 96 -24.73 -2.61 -12.63
C ALA B 96 -24.58 -1.31 -11.85
N ALA B 97 -23.41 -0.69 -12.01
CA ALA B 97 -23.11 0.53 -11.28
C ALA B 97 -24.02 1.69 -11.66
N ASP B 98 -24.52 1.69 -12.90
CA ASP B 98 -25.39 2.78 -13.34
C ASP B 98 -26.74 2.77 -12.63
N LEU B 99 -27.17 1.62 -12.12
CA LEU B 99 -28.39 1.53 -11.34
C LEU B 99 -28.18 1.91 -9.88
N LEU B 100 -26.93 1.97 -9.42
CA LEU B 100 -26.57 2.27 -8.05
C LEU B 100 -26.25 3.75 -7.90
N PRO B 101 -26.30 4.28 -6.67
CA PRO B 101 -26.02 5.71 -6.48
C PRO B 101 -24.61 6.08 -6.94
N GLN B 102 -24.48 7.30 -7.45
CA GLN B 102 -23.17 7.79 -7.86
C GLN B 102 -22.32 8.13 -6.64
N GLU B 103 -22.91 8.73 -5.62
CA GLU B 103 -22.20 9.04 -4.39
C GLU B 103 -21.99 7.77 -3.57
N ALA B 104 -20.81 7.65 -2.97
CA ALA B 104 -20.45 6.42 -2.27
C ALA B 104 -21.22 6.28 -0.96
N GLU B 105 -21.45 7.39 -0.26
CA GLU B 105 -22.09 7.36 1.05
C GLU B 105 -23.60 7.16 0.98
N LYS B 106 -24.21 7.30 -0.19
CA LYS B 106 -25.65 7.17 -0.30
C LYS B 106 -26.08 5.72 -0.16
N LYS B 107 -27.00 5.46 0.77
CA LYS B 107 -27.46 4.11 1.03
C LYS B 107 -28.47 3.67 -0.02
N PHE B 108 -28.50 2.35 -0.27
CA PHE B 108 -29.50 1.74 -1.12
C PHE B 108 -29.91 0.42 -0.51
N LYS B 109 -31.09 -0.07 -0.90
CA LYS B 109 -31.67 -1.29 -0.36
C LYS B 109 -31.83 -2.32 -1.46
N VAL B 110 -31.32 -3.52 -1.23
CA VAL B 110 -31.51 -4.66 -2.12
C VAL B 110 -32.41 -5.66 -1.43
N LYS B 111 -33.56 -5.94 -2.03
CA LYS B 111 -34.55 -6.85 -1.46
C LYS B 111 -34.73 -8.03 -2.40
N THR B 112 -34.60 -9.24 -1.87
CA THR B 112 -34.71 -10.46 -2.65
C THR B 112 -35.64 -11.45 -1.96
N VAL B 113 -36.23 -12.33 -2.76
CA VAL B 113 -37.06 -13.43 -2.26
C VAL B 113 -36.53 -14.71 -2.89
N VAL B 114 -36.00 -15.61 -2.05
CA VAL B 114 -35.41 -16.85 -2.52
C VAL B 114 -36.08 -18.01 -1.80
N TYR B 115 -35.86 -19.21 -2.35
CA TYR B 115 -36.33 -20.45 -1.75
C TYR B 115 -35.15 -21.40 -1.57
N VAL B 116 -35.09 -22.05 -0.41
CA VAL B 116 -34.13 -23.10 -0.15
C VAL B 116 -34.91 -24.34 0.29
N ARG B 117 -34.22 -25.48 0.25
CA ARG B 117 -34.83 -26.78 0.57
C ARG B 117 -34.01 -27.46 1.66
N PRO B 118 -34.42 -27.30 2.93
CA PRO B 118 -33.56 -27.79 4.02
C PRO B 118 -33.52 -29.31 4.15
N LYS B 119 -34.62 -30.01 3.88
CA LYS B 119 -34.63 -31.46 4.04
C LYS B 119 -33.76 -32.16 3.01
N GLU B 120 -33.60 -31.54 1.83
CA GLU B 120 -32.69 -32.06 0.82
C GLU B 120 -31.26 -31.57 1.01
N ASN B 121 -31.01 -30.74 2.02
CA ASN B 121 -29.69 -30.16 2.25
C ASN B 121 -28.83 -31.14 3.06
N LEU B 122 -28.41 -32.21 2.39
CA LEU B 122 -27.57 -33.22 3.01
C LEU B 122 -26.13 -32.78 3.20
N GLN B 123 -25.73 -31.64 2.62
CA GLN B 123 -24.42 -31.07 2.92
C GLN B 123 -24.31 -30.60 4.34
N LEU B 124 -25.44 -30.35 5.01
CA LEU B 124 -25.48 -29.79 6.36
C LEU B 124 -24.79 -28.44 6.40
N MET B 125 -24.93 -27.68 5.31
CA MET B 125 -24.40 -26.32 5.21
C MET B 125 -25.55 -25.39 4.85
N GLY B 126 -25.70 -24.32 5.62
CA GLY B 126 -26.85 -23.45 5.48
C GLY B 126 -28.01 -23.96 6.30
N LEU B 127 -29.24 -23.68 5.87
CA LEU B 127 -30.42 -24.17 6.56
C LEU B 127 -30.69 -25.62 6.14
N TYR B 128 -30.80 -26.50 7.13
CA TYR B 128 -31.04 -27.91 6.84
C TYR B 128 -31.81 -28.56 7.99
N LYS B 129 -32.35 -29.74 7.72
CA LYS B 129 -33.12 -30.49 8.69
C LYS B 129 -32.21 -31.45 9.44
N SER B 130 -32.26 -31.38 10.77
CA SER B 130 -31.49 -32.26 11.64
C SER B 130 -32.47 -32.99 12.54
N GLY B 131 -32.81 -34.23 12.17
CA GLY B 131 -33.80 -34.98 12.89
C GLY B 131 -35.17 -34.32 12.84
N ALA B 132 -35.66 -33.85 13.98
CA ALA B 132 -36.90 -33.11 14.05
C ALA B 132 -36.68 -31.61 14.15
N LEU B 133 -35.47 -31.13 13.87
CA LEU B 133 -35.12 -29.74 14.02
C LEU B 133 -34.72 -29.12 12.68
N LEU B 134 -34.91 -27.81 12.58
CA LEU B 134 -34.35 -27.00 11.50
C LEU B 134 -33.20 -26.19 12.09
N VAL B 135 -31.98 -26.45 11.62
CA VAL B 135 -30.79 -25.82 12.15
C VAL B 135 -29.99 -25.22 11.00
N THR B 136 -28.96 -24.46 11.36
CA THR B 136 -28.09 -23.80 10.39
C THR B 136 -26.63 -24.08 10.72
N GLN B 137 -25.80 -23.94 9.70
CA GLN B 137 -24.34 -23.96 9.84
C GLN B 137 -23.76 -23.13 8.72
N CYS B 138 -23.14 -22.01 9.06
CA CYS B 138 -22.71 -21.04 8.06
C CYS B 138 -21.20 -20.88 7.95
N GLU B 139 -20.43 -21.18 9.00
CA GLU B 139 -18.98 -21.14 8.90
C GLU B 139 -18.50 -22.31 8.04
N ALA B 140 -17.66 -22.01 7.05
CA ALA B 140 -17.11 -20.67 6.84
C ALA B 140 -17.93 -19.84 5.87
N GLU B 141 -18.34 -20.44 4.76
CA GLU B 141 -19.06 -19.71 3.71
C GLU B 141 -20.42 -20.36 3.43
N GLY B 142 -21.15 -20.70 4.47
CA GLY B 142 -22.43 -21.37 4.32
C GLY B 142 -23.62 -20.45 4.28
N PHE B 143 -23.46 -19.21 4.78
CA PHE B 143 -24.58 -18.28 4.80
C PHE B 143 -25.08 -17.96 3.39
N ARG B 144 -24.19 -17.98 2.39
CA ARG B 144 -24.61 -17.72 1.02
C ARG B 144 -25.56 -18.78 0.49
N ARG B 145 -25.66 -19.92 1.16
CA ARG B 145 -26.63 -20.94 0.80
C ARG B 145 -28.01 -20.67 1.40
N ILE B 146 -28.18 -19.55 2.11
CA ILE B 146 -29.45 -19.14 2.68
C ILE B 146 -30.02 -17.93 1.95
N THR B 147 -29.19 -16.93 1.70
CA THR B 147 -29.60 -15.75 0.93
C THR B 147 -28.33 -15.02 0.49
N TYR B 148 -28.53 -14.01 -0.36
CA TYR B 148 -27.41 -13.26 -0.90
C TYR B 148 -26.75 -12.41 0.18
N PHE B 149 -25.43 -12.26 0.07
CA PHE B 149 -24.64 -11.55 1.06
C PHE B 149 -23.22 -11.41 0.56
N LEU B 150 -22.46 -10.51 1.20
CA LEU B 150 -21.01 -10.46 1.05
C LEU B 150 -20.43 -11.45 2.04
N ASP B 151 -20.46 -12.72 1.65
CA ASP B 151 -20.11 -13.83 2.52
C ASP B 151 -18.62 -13.88 2.83
N ARG B 152 -18.14 -12.94 3.65
CA ARG B 152 -16.76 -12.90 4.09
C ARG B 152 -16.73 -12.30 5.49
N PRO B 153 -15.80 -12.74 6.34
CA PRO B 153 -15.86 -12.36 7.76
C PRO B 153 -15.53 -10.89 8.05
N ASP B 154 -14.97 -10.15 7.09
CA ASP B 154 -14.69 -8.73 7.33
C ASP B 154 -15.89 -7.85 7.02
N VAL B 155 -17.05 -8.42 6.71
CA VAL B 155 -18.29 -7.68 6.49
C VAL B 155 -19.17 -7.91 7.70
N MET B 156 -19.33 -6.88 8.53
CA MET B 156 -20.10 -6.97 9.76
C MET B 156 -21.29 -6.03 9.69
N SER B 157 -22.41 -6.46 10.27
CA SER B 157 -23.64 -5.68 10.17
C SER B 157 -24.59 -6.10 11.29
N LEU B 158 -25.60 -5.27 11.51
CA LEU B 158 -26.66 -5.58 12.46
C LEU B 158 -27.71 -6.45 11.79
N PHE B 159 -28.26 -7.40 12.54
CA PHE B 159 -29.21 -8.37 12.02
C PHE B 159 -30.57 -8.19 12.70
N LYS B 160 -31.63 -8.23 11.89
CA LYS B 160 -33.00 -8.36 12.37
C LYS B 160 -33.60 -9.57 11.67
N VAL B 161 -34.09 -10.52 12.45
CA VAL B 161 -34.48 -11.83 11.93
C VAL B 161 -35.89 -12.16 12.42
N ARG B 162 -36.79 -12.44 11.49
CA ARG B 162 -38.14 -12.91 11.79
C ARG B 162 -38.29 -14.34 11.32
N LEU B 163 -38.72 -15.22 12.23
CA LEU B 163 -38.93 -16.63 11.93
C LEU B 163 -40.41 -16.94 12.03
N ALA B 164 -40.96 -17.56 10.97
CA ALA B 164 -42.34 -18.02 10.96
C ALA B 164 -42.34 -19.52 10.70
N ALA B 165 -43.12 -20.27 11.47
CA ALA B 165 -43.09 -21.72 11.37
C ALA B 165 -44.39 -22.29 11.92
N ASP B 166 -44.56 -23.60 11.72
CA ASP B 166 -45.74 -24.30 12.22
C ASP B 166 -45.70 -24.38 13.74
N GLU B 167 -46.86 -24.11 14.37
CA GLU B 167 -46.91 -24.07 15.83
C GLU B 167 -46.66 -25.44 16.44
N LYS B 168 -47.28 -26.48 15.88
CA LYS B 168 -47.14 -27.81 16.47
C LYS B 168 -45.77 -28.41 16.20
N ALA B 169 -45.21 -28.16 15.02
CA ALA B 169 -43.94 -28.80 14.65
C ALA B 169 -42.75 -28.02 15.18
N CYS B 170 -42.84 -26.69 15.21
CA CYS B 170 -41.75 -25.83 15.66
C CYS B 170 -42.27 -24.84 16.71
N PRO B 171 -42.57 -25.32 17.91
CA PRO B 171 -43.01 -24.39 18.97
C PRO B 171 -41.89 -23.47 19.44
N VAL B 172 -40.63 -23.88 19.29
CA VAL B 172 -39.49 -23.09 19.75
C VAL B 172 -38.80 -22.49 18.53
N LEU B 173 -38.56 -21.18 18.57
CA LEU B 173 -37.87 -20.46 17.51
C LEU B 173 -36.73 -19.67 18.13
N LEU B 174 -35.55 -19.75 17.52
CA LEU B 174 -34.35 -19.13 18.07
C LEU B 174 -33.49 -18.53 16.96
N SER B 175 -32.91 -17.37 17.25
CA SER B 175 -31.89 -16.77 16.39
C SER B 175 -31.08 -15.81 17.26
N ASN B 176 -30.03 -15.25 16.68
CA ASN B 176 -29.11 -14.40 17.43
C ASN B 176 -29.81 -13.16 17.98
N GLY B 177 -29.38 -12.75 19.16
CA GLY B 177 -29.82 -11.48 19.72
C GLY B 177 -31.02 -11.62 20.66
N ASN B 178 -31.72 -10.50 20.81
CA ASN B 178 -32.85 -10.40 21.73
C ASN B 178 -34.15 -10.69 20.97
N MET B 179 -35.00 -11.51 21.57
CA MET B 179 -36.33 -11.78 21.02
C MET B 179 -37.24 -10.62 21.42
N VAL B 180 -37.58 -9.77 20.45
CA VAL B 180 -38.29 -8.52 20.73
C VAL B 180 -39.78 -8.61 20.46
N GLU B 181 -40.26 -9.68 19.81
CA GLU B 181 -41.69 -9.83 19.55
C GLU B 181 -41.96 -11.27 19.16
N SER B 182 -43.14 -11.76 19.56
CA SER B 182 -43.60 -13.08 19.18
C SER B 182 -45.12 -13.07 19.14
N GLY B 183 -45.69 -13.79 18.20
CA GLY B 183 -47.12 -13.83 18.06
C GLY B 183 -47.57 -14.82 17.00
N LYS B 184 -48.81 -14.66 16.56
CA LYS B 184 -49.37 -15.50 15.52
C LYS B 184 -49.22 -14.83 14.16
N VAL B 185 -49.12 -15.65 13.13
CA VAL B 185 -49.04 -15.16 11.76
C VAL B 185 -50.43 -14.75 11.31
N GLU B 186 -50.61 -13.47 10.98
CA GLU B 186 -51.90 -12.97 10.55
C GLU B 186 -52.31 -13.64 9.23
N GLY B 187 -53.48 -14.27 9.24
CA GLY B 187 -54.00 -14.91 8.04
C GLY B 187 -53.84 -16.42 8.03
N GLU B 188 -52.67 -16.90 8.44
CA GLU B 188 -52.35 -18.33 8.41
C GLU B 188 -52.53 -18.90 9.80
N LYS B 189 -53.64 -19.59 10.02
CA LYS B 189 -53.92 -20.22 11.31
C LYS B 189 -53.07 -21.47 11.47
N GLY B 190 -52.47 -21.63 12.64
CA GLY B 190 -51.58 -22.74 12.91
C GLY B 190 -50.10 -22.42 12.80
N ARG B 191 -49.75 -21.17 12.51
CA ARG B 191 -48.35 -20.77 12.40
C ARG B 191 -48.12 -19.55 13.28
N HIS B 192 -46.94 -19.49 13.90
CA HIS B 192 -46.56 -18.41 14.78
C HIS B 192 -45.20 -17.87 14.35
N PHE B 193 -44.85 -16.69 14.87
CA PHE B 193 -43.62 -16.03 14.49
C PHE B 193 -42.90 -15.47 15.71
N ALA B 194 -41.62 -15.16 15.52
CA ALA B 194 -40.80 -14.51 16.52
C ALA B 194 -39.76 -13.64 15.82
N VAL B 195 -39.47 -12.48 16.40
CA VAL B 195 -38.55 -11.52 15.83
C VAL B 195 -37.34 -11.40 16.74
N PHE B 196 -36.14 -11.46 16.16
CA PHE B 196 -34.90 -11.37 16.90
C PHE B 196 -34.08 -10.20 16.35
N GLU B 197 -33.52 -9.40 17.26
CA GLU B 197 -32.67 -8.28 16.89
C GLU B 197 -31.34 -8.39 17.62
N ASP B 198 -30.24 -8.46 16.87
CA ASP B 198 -28.91 -8.54 17.45
C ASP B 198 -28.34 -7.13 17.55
N PRO B 199 -28.14 -6.59 18.76
CA PRO B 199 -27.67 -5.22 18.88
C PRO B 199 -26.18 -5.03 18.62
N PHE B 200 -25.45 -6.07 18.25
CA PHE B 200 -24.02 -5.99 18.02
C PHE B 200 -23.71 -6.52 16.63
N GLN B 201 -22.87 -5.78 15.89
CA GLN B 201 -22.51 -6.17 14.54
C GLN B 201 -21.76 -7.51 14.56
N LYS B 202 -21.98 -8.32 13.52
CA LYS B 202 -21.34 -9.62 13.41
C LYS B 202 -21.19 -9.98 11.94
N PRO B 203 -20.19 -10.78 11.60
CA PRO B 203 -20.10 -11.30 10.24
C PRO B 203 -21.14 -12.39 10.01
N CYS B 204 -21.35 -12.71 8.74
CA CYS B 204 -22.45 -13.60 8.38
C CYS B 204 -22.25 -15.03 8.84
N TYR B 205 -21.00 -15.46 9.06
CA TYR B 205 -20.78 -16.86 9.43
C TYR B 205 -21.22 -17.16 10.86
N LEU B 206 -21.47 -16.13 11.68
CA LEU B 206 -21.95 -16.31 13.04
C LEU B 206 -23.46 -16.32 13.15
N PHE B 207 -24.18 -16.15 12.03
CA PHE B 207 -25.63 -16.21 12.05
C PHE B 207 -26.10 -17.62 12.38
N ALA B 208 -27.23 -17.72 13.08
CA ALA B 208 -27.78 -19.02 13.45
C ALA B 208 -29.29 -18.94 13.48
N LEU B 209 -29.91 -20.12 13.32
CA LEU B 209 -31.37 -20.25 13.25
C LEU B 209 -31.73 -21.66 13.70
N VAL B 210 -32.64 -21.75 14.67
CA VAL B 210 -33.14 -23.03 15.16
C VAL B 210 -34.65 -22.98 15.25
N ALA B 211 -35.31 -24.03 14.79
CA ALA B 211 -36.76 -24.13 14.86
C ALA B 211 -37.15 -25.60 14.98
N GLY B 212 -37.95 -25.92 16.00
CA GLY B 212 -38.38 -27.28 16.20
C GLY B 212 -38.99 -27.46 17.58
N ASP B 213 -39.20 -28.74 17.92
CA ASP B 213 -39.75 -29.12 19.22
C ASP B 213 -38.58 -29.33 20.18
N LEU B 214 -38.34 -28.36 21.04
CA LEU B 214 -37.19 -28.37 21.94
C LEU B 214 -37.63 -28.28 23.39
N LYS B 215 -36.95 -29.02 24.25
CA LYS B 215 -37.02 -28.86 25.69
C LYS B 215 -35.69 -28.33 26.19
N SER B 216 -35.70 -27.65 27.33
CA SER B 216 -34.50 -26.98 27.80
C SER B 216 -34.40 -27.01 29.31
N ILE B 217 -33.16 -27.05 29.79
CA ILE B 217 -32.84 -26.77 31.17
C ILE B 217 -32.05 -25.46 31.19
N SER B 218 -32.09 -24.78 32.34
CA SER B 218 -31.49 -23.46 32.40
C SER B 218 -31.00 -23.16 33.81
N GLN B 219 -30.15 -22.14 33.90
CA GLN B 219 -29.64 -21.63 35.17
C GLN B 219 -29.13 -20.22 34.95
N SER B 220 -29.31 -19.38 35.97
CA SER B 220 -28.88 -17.99 35.89
C SER B 220 -27.41 -17.86 36.30
N PHE B 221 -26.70 -17.00 35.59
CA PHE B 221 -25.32 -16.64 35.92
C PHE B 221 -25.24 -15.13 36.06
N THR B 222 -24.61 -14.67 37.13
CA THR B 222 -24.45 -13.24 37.39
C THR B 222 -23.01 -12.84 37.05
N THR B 223 -22.87 -11.96 36.06
CA THR B 223 -21.55 -11.51 35.64
C THR B 223 -20.93 -10.62 36.71
N MET B 224 -19.68 -10.22 36.50
CA MET B 224 -18.98 -9.38 37.46
C MET B 224 -19.53 -7.95 37.49
N SER B 225 -20.23 -7.52 36.45
CA SER B 225 -20.91 -6.24 36.49
C SER B 225 -22.26 -6.31 37.16
N GLY B 226 -22.79 -7.52 37.41
CA GLY B 226 -24.10 -7.69 37.97
C GLY B 226 -25.17 -8.09 36.98
N ARG B 227 -24.83 -8.24 35.71
CA ARG B 227 -25.80 -8.61 34.69
C ARG B 227 -26.27 -10.05 34.90
N ASN B 228 -27.57 -10.26 34.77
CA ASN B 228 -28.16 -11.59 34.88
C ASN B 228 -28.25 -12.22 33.50
N VAL B 229 -27.52 -13.32 33.30
CA VAL B 229 -27.51 -14.05 32.04
C VAL B 229 -28.26 -15.36 32.24
N LYS B 230 -29.25 -15.60 31.40
CA LYS B 230 -29.98 -16.86 31.41
C LYS B 230 -29.29 -17.83 30.44
N VAL B 231 -28.64 -18.85 31.00
CA VAL B 231 -27.98 -19.89 30.22
C VAL B 231 -28.95 -21.05 30.06
N SER B 232 -29.25 -21.42 28.82
CA SER B 232 -30.18 -22.50 28.54
C SER B 232 -29.56 -23.48 27.55
N ILE B 233 -29.72 -24.77 27.84
CA ILE B 233 -29.29 -25.85 26.95
C ILE B 233 -30.54 -26.46 26.34
N PHE B 234 -30.58 -26.52 25.00
CA PHE B 234 -31.75 -26.99 24.28
C PHE B 234 -31.47 -28.34 23.63
N SER B 235 -32.49 -29.20 23.61
CA SER B 235 -32.38 -30.51 23.00
C SER B 235 -33.78 -30.99 22.62
N GLU B 236 -33.82 -32.01 21.75
CA GLU B 236 -35.07 -32.68 21.47
C GLU B 236 -35.58 -33.34 22.76
N PRO B 237 -36.89 -33.53 22.89
CA PRO B 237 -37.44 -33.99 24.18
C PRO B 237 -36.83 -35.28 24.71
N GLU B 238 -36.46 -36.23 23.83
CA GLU B 238 -35.93 -37.50 24.29
C GLU B 238 -34.54 -37.37 24.89
N ASP B 239 -33.83 -36.28 24.64
CA ASP B 239 -32.48 -36.08 25.14
C ASP B 239 -32.40 -34.99 26.20
N SER B 240 -33.54 -34.46 26.66
CA SER B 240 -33.54 -33.29 27.52
C SER B 240 -33.12 -33.59 28.95
N SER B 241 -32.91 -34.85 29.31
CA SER B 241 -32.45 -35.20 30.65
C SER B 241 -30.96 -35.51 30.69
N LYS B 242 -30.22 -35.19 29.64
CA LYS B 242 -28.78 -35.45 29.57
C LYS B 242 -27.99 -34.17 29.33
N LEU B 243 -28.51 -33.04 29.80
CA LEU B 243 -27.91 -31.74 29.53
C LEU B 243 -27.27 -31.09 30.75
N THR B 244 -27.29 -31.76 31.91
CA THR B 244 -26.80 -31.12 33.13
C THR B 244 -25.29 -30.88 33.08
N TRP B 245 -24.53 -31.85 32.61
CA TRP B 245 -23.08 -31.69 32.52
C TRP B 245 -22.71 -30.55 31.58
N ALA B 246 -23.45 -30.41 30.48
CA ALA B 246 -23.20 -29.29 29.56
C ALA B 246 -23.49 -27.95 30.23
N LEU B 247 -24.64 -27.86 30.93
CA LEU B 247 -24.99 -26.62 31.61
C LEU B 247 -23.95 -26.24 32.66
N GLU B 248 -23.51 -27.22 33.45
CA GLU B 248 -22.49 -26.95 34.46
C GLU B 248 -21.16 -26.53 33.81
N SER B 249 -20.89 -27.03 32.61
CA SER B 249 -19.65 -26.67 31.92
C SER B 249 -19.69 -25.23 31.43
N VAL B 250 -20.86 -24.75 31.01
CA VAL B 250 -20.99 -23.36 30.59
C VAL B 250 -20.73 -22.43 31.76
N LEU B 251 -21.33 -22.75 32.92
CA LEU B 251 -21.20 -21.88 34.09
C LEU B 251 -19.75 -21.80 34.56
N LYS B 252 -19.04 -22.93 34.53
CA LYS B 252 -17.61 -22.90 34.82
C LYS B 252 -16.87 -22.06 33.79
N SER B 253 -17.33 -22.08 32.53
CA SER B 253 -16.67 -21.34 31.48
C SER B 253 -16.78 -19.83 31.72
N MET B 254 -17.98 -19.36 32.02
CA MET B 254 -18.18 -17.92 32.17
C MET B 254 -17.43 -17.37 33.37
N LYS B 255 -17.40 -18.12 34.47
CA LYS B 255 -16.64 -17.69 35.64
C LYS B 255 -15.15 -17.70 35.36
N TRP B 256 -14.66 -18.71 34.65
CA TRP B 256 -13.22 -18.83 34.40
C TRP B 256 -12.72 -17.71 33.51
N ASP B 257 -13.45 -17.38 32.44
CA ASP B 257 -13.01 -16.31 31.54
C ASP B 257 -13.02 -14.96 32.23
N GLU B 258 -13.87 -14.79 33.24
CA GLU B 258 -13.84 -13.55 34.02
C GLU B 258 -12.61 -13.49 34.91
N GLU B 259 -12.28 -14.60 35.57
CA GLU B 259 -11.18 -14.60 36.53
C GLU B 259 -9.82 -14.59 35.83
N ARG B 260 -9.71 -15.29 34.71
CA ARG B 260 -8.40 -15.46 34.06
C ARG B 260 -8.08 -14.37 33.05
N PHE B 261 -9.09 -13.86 32.33
CA PHE B 261 -8.84 -12.87 31.28
C PHE B 261 -9.76 -11.66 31.36
N GLY B 262 -10.57 -11.54 32.42
CA GLY B 262 -11.47 -10.40 32.53
C GLY B 262 -12.49 -10.31 31.42
N ARG B 263 -12.88 -11.44 30.85
CA ARG B 263 -13.84 -11.46 29.75
C ARG B 263 -15.25 -11.62 30.31
N GLU B 264 -16.13 -10.68 29.99
CA GLU B 264 -17.49 -10.66 30.50
C GLU B 264 -18.49 -10.82 29.36
N TYR B 265 -19.54 -11.61 29.61
CA TYR B 265 -20.58 -11.80 28.63
C TYR B 265 -21.41 -10.53 28.47
N ASP B 266 -21.92 -10.32 27.26
CA ASP B 266 -22.52 -9.04 26.89
C ASP B 266 -24.02 -9.11 26.62
N LEU B 267 -24.62 -10.30 26.66
CA LEU B 267 -26.03 -10.46 26.33
C LEU B 267 -26.79 -11.00 27.52
N ASP B 268 -28.12 -10.85 27.47
CA ASP B 268 -28.97 -11.33 28.55
C ASP B 268 -29.24 -12.82 28.48
N VAL B 269 -29.03 -13.44 27.32
CA VAL B 269 -29.26 -14.88 27.14
C VAL B 269 -28.04 -15.50 26.48
N PHE B 270 -27.81 -16.77 26.81
CA PHE B 270 -26.79 -17.58 26.15
C PHE B 270 -27.39 -18.97 25.94
N ASN B 271 -27.61 -19.34 24.68
CA ASN B 271 -28.33 -20.56 24.35
C ASN B 271 -27.42 -21.56 23.67
N VAL B 272 -27.60 -22.83 24.01
CA VAL B 272 -26.88 -23.94 23.39
C VAL B 272 -27.91 -24.96 22.92
N VAL B 273 -27.78 -25.40 21.67
CA VAL B 273 -28.76 -26.29 21.04
C VAL B 273 -28.03 -27.53 20.55
N CYS B 274 -28.63 -28.69 20.82
CA CYS B 274 -28.08 -29.98 20.42
C CYS B 274 -28.56 -30.33 19.02
N ALA B 275 -27.63 -30.76 18.17
CA ALA B 275 -27.93 -31.15 16.79
C ALA B 275 -27.47 -32.58 16.57
N LYS B 276 -28.39 -33.44 16.14
CA LYS B 276 -28.05 -34.84 15.89
C LYS B 276 -27.28 -35.03 14.59
N ASP B 277 -27.49 -34.14 13.61
CA ASP B 277 -26.79 -34.18 12.33
C ASP B 277 -25.93 -32.93 12.24
N PHE B 278 -24.62 -33.11 12.44
CA PHE B 278 -23.69 -31.99 12.50
C PHE B 278 -22.32 -32.45 12.03
N ASN B 279 -21.70 -31.66 11.15
CA ASN B 279 -20.40 -32.04 10.60
C ASN B 279 -19.28 -31.83 11.62
N MET B 280 -19.17 -30.63 12.16
CA MET B 280 -18.13 -30.31 13.13
C MET B 280 -18.49 -30.90 14.51
N GLY B 281 -17.75 -30.49 15.52
CA GLY B 281 -18.05 -30.86 16.89
C GLY B 281 -19.00 -29.88 17.54
N ALA B 282 -18.84 -28.59 17.20
CA ALA B 282 -19.70 -27.53 17.73
C ALA B 282 -19.41 -26.26 16.96
N MET B 283 -20.35 -25.32 17.04
CA MET B 283 -20.25 -24.04 16.35
C MET B 283 -20.54 -22.90 17.32
N GLU B 284 -19.81 -21.81 17.19
CA GLU B 284 -19.81 -20.71 18.17
C GLU B 284 -20.71 -19.56 17.76
N ASN B 285 -21.83 -19.83 17.10
CA ASN B 285 -22.76 -18.78 16.70
C ASN B 285 -23.12 -17.90 17.90
N LYS B 286 -23.06 -16.59 17.70
CA LYS B 286 -23.14 -15.64 18.80
C LYS B 286 -24.45 -15.79 19.57
N GLY B 287 -24.34 -16.20 20.83
CA GLY B 287 -25.49 -16.38 21.69
C GLY B 287 -26.33 -17.59 21.38
N LEU B 288 -26.03 -18.33 20.28
CA LEU B 288 -26.82 -19.47 19.86
C LEU B 288 -25.86 -20.56 19.37
N ASN B 289 -25.08 -21.12 20.29
CA ASN B 289 -24.18 -22.20 19.95
C ASN B 289 -24.96 -23.46 19.57
N ILE B 290 -24.54 -24.10 18.49
CA ILE B 290 -25.10 -25.38 18.06
C ILE B 290 -24.01 -26.44 18.23
N PHE B 291 -24.38 -27.55 18.88
CA PHE B 291 -23.43 -28.58 19.27
C PHE B 291 -23.78 -29.89 18.60
N ASN B 292 -22.75 -30.64 18.19
CA ASN B 292 -22.93 -32.05 17.89
C ASN B 292 -23.39 -32.77 19.15
N ALA B 293 -24.31 -33.71 18.98
CA ALA B 293 -24.85 -34.43 20.13
C ALA B 293 -23.76 -35.16 20.90
N ALA B 294 -22.73 -35.65 20.21
CA ALA B 294 -21.64 -36.35 20.88
C ALA B 294 -20.79 -35.42 21.73
N LEU B 295 -20.90 -34.11 21.54
CA LEU B 295 -20.14 -33.13 22.30
C LEU B 295 -21.00 -32.36 23.29
N LEU B 296 -22.18 -32.89 23.64
CA LEU B 296 -23.09 -32.18 24.53
C LEU B 296 -23.82 -33.14 25.48
N LEU B 297 -24.52 -34.12 24.93
CA LEU B 297 -25.27 -35.06 25.76
C LEU B 297 -24.32 -35.91 26.60
N ALA B 298 -24.73 -36.21 27.82
CA ALA B 298 -23.88 -36.96 28.75
C ALA B 298 -24.72 -37.72 29.75
N ASP B 299 -24.32 -38.96 30.04
CA ASP B 299 -24.95 -39.81 31.03
C ASP B 299 -23.96 -40.89 31.42
N PRO B 300 -23.86 -41.26 32.69
CA PRO B 300 -22.87 -42.28 33.08
C PRO B 300 -23.06 -43.61 32.38
N SER B 301 -24.29 -43.96 32.01
CA SER B 301 -24.55 -45.23 31.34
C SER B 301 -24.21 -45.22 29.86
N THR B 302 -23.93 -44.03 29.29
CA THR B 302 -23.67 -43.91 27.87
C THR B 302 -22.36 -43.18 27.54
N THR B 303 -21.74 -42.51 28.51
CA THR B 303 -20.65 -41.58 28.24
C THR B 303 -19.43 -41.96 29.07
N THR B 304 -18.26 -42.01 28.43
CA THR B 304 -17.03 -42.32 29.13
C THR B 304 -16.46 -41.08 29.80
N ASP B 305 -15.47 -41.30 30.67
CA ASP B 305 -14.83 -40.18 31.36
C ASP B 305 -14.14 -39.24 30.38
N ALA B 306 -13.49 -39.80 29.36
CA ALA B 306 -12.83 -38.96 28.36
C ALA B 306 -13.84 -38.15 27.56
N GLU B 307 -15.00 -38.74 27.25
CA GLU B 307 -16.03 -37.99 26.56
C GLU B 307 -16.61 -36.90 27.45
N TYR B 308 -16.74 -37.17 28.75
CA TYR B 308 -17.18 -36.15 29.69
C TYR B 308 -16.22 -34.96 29.68
N GLN B 309 -14.91 -35.23 29.74
CA GLN B 309 -13.93 -34.15 29.74
C GLN B 309 -13.92 -33.40 28.43
N ARG B 310 -14.10 -34.11 27.30
CA ARG B 310 -14.14 -33.46 26.01
C ARG B 310 -15.37 -32.55 25.87
N ILE B 311 -16.49 -32.93 26.49
CA ILE B 311 -17.67 -32.07 26.47
C ILE B 311 -17.38 -30.78 27.22
N LEU B 312 -16.78 -30.88 28.41
CA LEU B 312 -16.41 -29.69 29.16
C LEU B 312 -15.39 -28.86 28.40
N ASN B 313 -14.48 -29.51 27.67
CA ASN B 313 -13.46 -28.79 26.93
C ASN B 313 -14.04 -28.04 25.73
N VAL B 314 -14.97 -28.67 25.02
CA VAL B 314 -15.53 -28.05 23.82
C VAL B 314 -16.56 -26.99 24.19
N VAL B 315 -17.37 -27.26 25.22
CA VAL B 315 -18.28 -26.24 25.72
C VAL B 315 -17.51 -24.98 26.11
N GLY B 316 -16.42 -25.16 26.85
CA GLY B 316 -15.54 -24.04 27.13
C GLY B 316 -15.01 -23.38 25.88
N HIS B 317 -14.58 -24.19 24.91
CA HIS B 317 -14.05 -23.68 23.65
C HIS B 317 -15.06 -22.74 22.98
N GLU B 318 -16.30 -23.20 22.84
CA GLU B 318 -17.30 -22.40 22.12
C GLU B 318 -17.60 -21.11 22.85
N TYR B 319 -17.68 -21.14 24.19
CA TYR B 319 -17.95 -19.91 24.92
C TYR B 319 -16.76 -18.95 24.84
N PHE B 320 -15.54 -19.48 24.86
CA PHE B 320 -14.36 -18.62 24.76
C PHE B 320 -14.28 -17.92 23.42
N HIS B 321 -14.93 -18.49 22.39
CA HIS B 321 -14.98 -17.85 21.08
C HIS B 321 -15.72 -16.52 21.11
N GLN B 322 -16.57 -16.29 22.11
CA GLN B 322 -17.37 -15.08 22.17
C GLN B 322 -16.50 -13.83 22.16
N TRP B 323 -15.30 -13.91 22.74
CA TRP B 323 -14.33 -12.83 22.65
C TRP B 323 -13.24 -13.09 21.63
N THR B 324 -12.72 -14.31 21.56
CA THR B 324 -11.68 -14.67 20.59
C THR B 324 -12.36 -15.36 19.41
N GLY B 325 -12.96 -14.54 18.54
CA GLY B 325 -13.64 -15.05 17.37
C GLY B 325 -14.89 -14.27 17.03
N ASN B 326 -15.66 -13.87 18.04
CA ASN B 326 -16.93 -13.22 17.79
C ASN B 326 -16.82 -11.71 17.95
N ARG B 327 -16.54 -11.24 19.16
CA ARG B 327 -16.37 -9.81 19.36
C ARG B 327 -15.12 -9.30 18.64
N VAL B 328 -14.09 -10.13 18.54
CA VAL B 328 -12.93 -9.86 17.68
C VAL B 328 -12.86 -11.01 16.69
N THR B 329 -13.19 -10.72 15.43
CA THR B 329 -13.29 -11.73 14.39
C THR B 329 -12.14 -11.57 13.40
N CYS B 330 -12.14 -12.44 12.38
CA CYS B 330 -11.06 -12.52 11.41
C CYS B 330 -11.34 -11.63 10.21
N ARG B 331 -10.29 -10.95 9.73
CA ARG B 331 -10.41 -10.14 8.53
C ARG B 331 -10.66 -11.01 7.30
N ASP B 332 -10.01 -12.16 7.23
CA ASP B 332 -10.22 -13.11 6.15
C ASP B 332 -9.96 -14.50 6.69
N TRP B 333 -10.30 -15.51 5.89
CA TRP B 333 -10.22 -16.88 6.35
C TRP B 333 -8.80 -17.42 6.44
N PHE B 334 -7.82 -16.72 5.86
CA PHE B 334 -6.42 -17.07 6.11
C PHE B 334 -6.02 -16.82 7.54
N GLN B 335 -6.76 -15.98 8.27
CA GLN B 335 -6.52 -15.71 9.68
C GLN B 335 -7.34 -16.61 10.58
N LEU B 336 -7.71 -17.81 10.12
CA LEU B 336 -8.54 -18.69 10.94
C LEU B 336 -7.86 -19.02 12.26
N THR B 337 -6.55 -19.25 12.23
CA THR B 337 -5.83 -19.57 13.46
C THR B 337 -5.77 -18.41 14.45
N LEU B 338 -6.11 -17.20 14.01
CA LEU B 338 -6.17 -16.08 14.95
C LEU B 338 -7.22 -16.33 16.03
N LYS B 339 -8.36 -16.88 15.65
CA LYS B 339 -9.39 -17.22 16.62
C LYS B 339 -9.36 -18.68 17.04
N GLU B 340 -8.89 -19.59 16.20
CA GLU B 340 -8.87 -21.00 16.57
C GLU B 340 -7.68 -21.33 17.46
N GLY B 341 -6.48 -20.90 17.05
CA GLY B 341 -5.31 -21.16 17.88
C GLY B 341 -5.39 -20.51 19.25
N LEU B 342 -5.97 -19.31 19.30
CA LEU B 342 -6.10 -18.62 20.59
C LEU B 342 -7.19 -19.26 21.45
N THR B 343 -8.28 -19.71 20.83
CA THR B 343 -9.37 -20.30 21.60
C THR B 343 -9.00 -21.70 22.08
N VAL B 344 -8.27 -22.46 21.27
CA VAL B 344 -7.85 -23.80 21.70
C VAL B 344 -6.90 -23.69 22.89
N PHE B 345 -5.95 -22.75 22.83
CA PHE B 345 -5.10 -22.49 23.99
C PHE B 345 -5.91 -22.10 25.22
N ARG B 346 -7.03 -21.41 25.01
CA ARG B 346 -7.86 -20.98 26.13
C ARG B 346 -8.61 -22.16 26.75
N ASP B 347 -9.13 -23.07 25.93
CA ASP B 347 -9.78 -24.25 26.50
C ASP B 347 -8.77 -25.23 27.08
N GLN B 348 -7.52 -25.19 26.63
CA GLN B 348 -6.48 -26.04 27.23
C GLN B 348 -6.15 -25.57 28.64
N LEU B 349 -5.99 -24.25 28.83
CA LEU B 349 -5.83 -23.71 30.17
C LEU B 349 -7.05 -23.99 31.03
N PHE B 350 -8.23 -23.84 30.45
CA PHE B 350 -9.47 -24.10 31.19
C PHE B 350 -9.57 -25.56 31.60
N THR B 351 -9.35 -26.47 30.65
CA THR B 351 -9.40 -27.90 30.97
C THR B 351 -8.36 -28.28 32.01
N ALA B 352 -7.18 -27.65 31.96
CA ALA B 352 -6.15 -27.95 32.93
C ALA B 352 -6.56 -27.54 34.34
N ASP B 353 -7.19 -26.37 34.48
CA ASP B 353 -7.60 -25.90 35.80
C ASP B 353 -8.79 -26.69 36.33
N MET B 354 -9.67 -27.17 35.44
CA MET B 354 -10.85 -27.92 35.88
C MET B 354 -10.52 -29.37 36.19
N CYS B 355 -9.57 -29.98 35.48
CA CYS B 355 -9.26 -31.39 35.63
C CYS B 355 -7.84 -31.47 36.20
N SER B 356 -6.94 -32.17 35.51
CA SER B 356 -5.54 -32.24 35.89
C SER B 356 -4.70 -31.53 34.83
N ALA B 357 -3.82 -30.63 35.27
CA ALA B 357 -3.01 -29.86 34.34
C ALA B 357 -1.99 -30.74 33.63
N ALA B 358 -1.45 -31.75 34.34
CA ALA B 358 -0.45 -32.61 33.73
C ALA B 358 -1.08 -33.61 32.78
N VAL B 359 -2.28 -34.11 33.08
CA VAL B 359 -2.92 -35.05 32.17
C VAL B 359 -3.32 -34.36 30.88
N LYS B 360 -3.71 -33.09 30.95
CA LYS B 360 -4.19 -32.40 29.76
C LYS B 360 -3.04 -32.07 28.82
N ARG B 361 -1.90 -31.65 29.38
CA ARG B 361 -0.72 -31.37 28.55
C ARG B 361 -0.22 -32.65 27.87
N ILE B 362 -0.18 -33.76 28.59
CA ILE B 362 0.28 -35.01 28.01
C ILE B 362 -0.65 -35.46 26.89
N GLU B 363 -1.97 -35.31 27.11
CA GLU B 363 -2.92 -35.67 26.06
C GLU B 363 -2.74 -34.79 24.83
N ASP B 364 -2.54 -33.49 25.03
CA ASP B 364 -2.41 -32.58 23.89
C ASP B 364 -1.13 -32.84 23.11
N VAL B 365 -0.03 -33.15 23.81
CA VAL B 365 1.23 -33.42 23.12
C VAL B 365 1.14 -34.73 22.36
N VAL B 366 0.52 -35.75 22.95
CA VAL B 366 0.37 -37.04 22.27
C VAL B 366 -0.47 -36.86 21.01
N PHE B 367 -1.55 -36.09 21.09
CA PHE B 367 -2.38 -35.85 19.91
C PHE B 367 -1.62 -35.05 18.85
N LEU B 368 -0.83 -34.06 19.30
CA LEU B 368 -0.07 -33.24 18.36
C LEU B 368 0.99 -34.06 17.65
N ARG B 369 1.80 -34.81 18.40
CA ARG B 369 2.91 -35.56 17.83
C ARG B 369 2.46 -36.72 16.96
N SER B 370 1.18 -37.08 16.99
CA SER B 370 0.68 -38.14 16.13
C SER B 370 -0.03 -37.56 14.91
N ARG B 371 -1.18 -36.91 15.13
CA ARG B 371 -2.00 -36.44 14.03
C ARG B 371 -1.42 -35.18 13.38
N GLN B 372 -1.04 -34.20 14.20
CA GLN B 372 -0.54 -32.93 13.65
C GLN B 372 0.82 -33.12 12.98
N PHE B 373 1.70 -33.92 13.60
CA PHE B 373 3.02 -34.14 13.01
C PHE B 373 2.91 -34.86 11.67
N ALA B 374 1.93 -35.75 11.52
CA ALA B 374 1.74 -36.42 10.24
C ALA B 374 1.26 -35.44 9.17
N GLU B 375 0.32 -34.56 9.54
CA GLU B 375 -0.14 -33.54 8.60
C GLU B 375 1.00 -32.60 8.21
N ASP B 376 1.78 -32.17 9.19
CA ASP B 376 2.89 -31.26 8.94
C ASP B 376 4.02 -31.91 8.14
N SER B 377 4.04 -33.23 8.04
CA SER B 377 5.08 -33.94 7.30
C SER B 377 4.55 -34.58 6.01
N GLY B 378 3.31 -34.28 5.63
CA GLY B 378 2.71 -34.90 4.48
C GLY B 378 2.37 -33.90 3.39
N PRO B 379 1.64 -34.37 2.36
CA PRO B 379 1.32 -33.49 1.22
C PRO B 379 0.39 -32.34 1.57
N MET B 380 -0.36 -32.41 2.67
CA MET B 380 -1.26 -31.34 3.06
C MET B 380 -0.62 -30.36 4.04
N ALA B 381 0.70 -30.45 4.25
CA ALA B 381 1.37 -29.59 5.21
C ALA B 381 1.22 -28.13 4.83
N HIS B 382 0.82 -27.30 5.80
CA HIS B 382 0.59 -25.89 5.58
C HIS B 382 0.92 -25.15 6.86
N PRO B 383 1.34 -23.88 6.77
CA PRO B 383 1.54 -23.09 7.98
C PRO B 383 0.21 -22.77 8.64
N ILE B 384 0.28 -22.40 9.92
CA ILE B 384 -0.94 -22.12 10.67
C ILE B 384 -1.71 -20.96 10.04
N ARG B 385 -1.01 -20.06 9.37
CA ARG B 385 -1.63 -19.03 8.54
C ARG B 385 -1.36 -19.41 7.08
N PRO B 386 -2.27 -20.14 6.43
CA PRO B 386 -1.98 -20.66 5.09
C PRO B 386 -1.79 -19.55 4.08
N GLU B 387 -1.15 -19.91 2.96
CA GLU B 387 -0.97 -18.99 1.84
C GLU B 387 -1.95 -19.23 0.71
N THR B 388 -2.38 -20.47 0.49
CA THR B 388 -3.31 -20.81 -0.56
C THR B 388 -4.31 -21.83 -0.07
N TYR B 389 -5.53 -21.74 -0.58
CA TYR B 389 -6.54 -22.77 -0.37
C TYR B 389 -7.54 -22.70 -1.52
N ILE B 390 -8.16 -23.84 -1.80
CA ILE B 390 -9.25 -23.92 -2.77
C ILE B 390 -10.61 -23.95 -2.08
N ALA B 391 -10.78 -24.90 -1.15
CA ALA B 391 -11.98 -24.99 -0.34
C ALA B 391 -11.58 -24.73 1.11
N MET B 392 -12.09 -23.64 1.68
CA MET B 392 -11.69 -23.24 3.02
C MET B 392 -12.07 -24.27 4.07
N ASP B 393 -13.10 -25.09 3.82
CA ASP B 393 -13.49 -26.12 4.78
C ASP B 393 -12.42 -27.19 4.95
N ASN B 394 -11.46 -27.28 4.04
CA ASN B 394 -10.38 -28.25 4.13
C ASN B 394 -9.26 -27.82 5.07
N PHE B 395 -9.34 -26.62 5.64
CA PHE B 395 -8.25 -26.09 6.45
C PHE B 395 -8.68 -25.81 7.88
N TYR B 396 -9.68 -26.54 8.36
CA TYR B 396 -10.00 -26.59 9.78
C TYR B 396 -9.28 -27.81 10.37
N THR B 397 -7.97 -27.68 10.45
CA THR B 397 -7.05 -28.80 10.62
C THR B 397 -6.41 -28.79 12.00
N ALA B 398 -5.71 -29.89 12.30
CA ALA B 398 -4.93 -29.97 13.52
C ALA B 398 -3.80 -28.95 13.54
N THR B 399 -3.31 -28.56 12.36
CA THR B 399 -2.28 -27.53 12.29
C THR B 399 -2.84 -26.18 12.70
N VAL B 400 -3.96 -25.77 12.08
CA VAL B 400 -4.57 -24.48 12.39
C VAL B 400 -5.02 -24.45 13.85
N TYR B 401 -5.65 -25.53 14.31
CA TYR B 401 -6.23 -25.55 15.65
C TYR B 401 -5.17 -25.81 16.72
N ASP B 402 -4.49 -26.95 16.63
CA ASP B 402 -3.68 -27.43 17.74
C ASP B 402 -2.24 -26.95 17.69
N LYS B 403 -1.60 -26.94 16.50
CA LYS B 403 -0.30 -26.29 16.40
C LYS B 403 -0.42 -24.79 16.60
N GLY B 404 -1.53 -24.20 16.14
CA GLY B 404 -1.77 -22.79 16.42
C GLY B 404 -1.86 -22.49 17.89
N ALA B 405 -2.40 -23.43 18.68
CA ALA B 405 -2.45 -23.25 20.13
C ALA B 405 -1.06 -23.32 20.74
N GLU B 406 -0.22 -24.24 20.26
CA GLU B 406 1.15 -24.31 20.73
C GLU B 406 1.91 -23.03 20.36
N VAL B 407 1.57 -22.41 19.23
CA VAL B 407 2.19 -21.14 18.87
C VAL B 407 1.74 -20.04 19.83
N ILE B 408 0.47 -20.05 20.21
CA ILE B 408 -0.01 -19.10 21.22
C ILE B 408 0.67 -19.36 22.56
N ARG B 409 0.85 -20.64 22.90
CA ARG B 409 1.53 -20.97 24.15
C ARG B 409 2.97 -20.48 24.16
N MET B 410 3.60 -20.42 22.99
CA MET B 410 4.97 -19.90 22.91
C MET B 410 5.01 -18.40 23.19
N TYR B 411 3.92 -17.68 22.89
CA TYR B 411 3.77 -16.32 23.39
C TYR B 411 3.81 -16.30 24.91
N HIS B 412 3.00 -17.16 25.54
CA HIS B 412 2.92 -17.21 26.99
C HIS B 412 4.25 -17.59 27.62
N THR B 413 5.03 -18.45 26.95
CA THR B 413 6.32 -18.85 27.49
C THR B 413 7.34 -17.71 27.42
N LEU B 414 7.36 -16.97 26.31
CA LEU B 414 8.34 -15.91 26.15
C LEU B 414 8.01 -14.71 27.02
N LEU B 415 6.73 -14.36 27.14
CA LEU B 415 6.33 -13.14 27.83
C LEU B 415 5.94 -13.34 29.28
N GLY B 416 5.63 -14.58 29.68
CA GLY B 416 5.17 -14.83 31.04
C GLY B 416 3.67 -14.63 31.16
N GLU B 417 3.14 -15.11 32.29
CA GLU B 417 1.71 -15.06 32.52
C GLU B 417 1.21 -13.62 32.58
N ALA B 418 1.91 -12.76 33.33
CA ALA B 418 1.49 -11.37 33.45
C ALA B 418 1.65 -10.64 32.12
N GLY B 419 2.72 -10.90 31.38
CA GLY B 419 2.91 -10.25 30.10
C GLY B 419 1.92 -10.71 29.06
N PHE B 420 1.59 -12.01 29.06
CA PHE B 420 0.60 -12.53 28.12
C PHE B 420 -0.76 -11.89 28.36
N ARG B 421 -1.11 -11.67 29.63
CA ARG B 421 -2.39 -11.01 29.94
C ARG B 421 -2.41 -9.58 29.44
N LYS B 422 -1.28 -8.88 29.52
CA LYS B 422 -1.21 -7.52 29.02
C LYS B 422 -1.42 -7.47 27.51
N GLY B 423 -0.85 -8.45 26.80
CA GLY B 423 -1.08 -8.53 25.36
C GLY B 423 -2.53 -8.83 25.03
N MET B 424 -3.16 -9.72 25.81
CA MET B 424 -4.57 -10.02 25.58
C MET B 424 -5.44 -8.80 25.85
N ASP B 425 -5.14 -8.06 26.92
CA ASP B 425 -5.90 -6.85 27.23
C ASP B 425 -5.78 -5.83 26.11
N LEU B 426 -4.56 -5.61 25.61
CA LEU B 426 -4.36 -4.67 24.50
C LEU B 426 -4.99 -5.19 23.21
N TYR B 427 -4.98 -6.51 23.01
CA TYR B 427 -5.60 -7.08 21.82
C TYR B 427 -7.10 -6.83 21.81
N PHE B 428 -7.76 -7.06 22.96
CA PHE B 428 -9.21 -6.84 23.02
C PHE B 428 -9.55 -5.36 22.99
N LYS B 429 -8.71 -4.52 23.61
CA LYS B 429 -9.01 -3.09 23.65
C LYS B 429 -8.89 -2.45 22.28
N ARG B 430 -7.91 -2.87 21.48
CA ARG B 430 -7.69 -2.24 20.18
C ARG B 430 -8.73 -2.68 19.16
N HIS B 431 -9.09 -3.96 19.16
CA HIS B 431 -9.79 -4.56 18.03
C HIS B 431 -11.18 -5.09 18.39
N ASP B 432 -11.75 -4.63 19.49
CA ASP B 432 -13.11 -5.05 19.85
C ASP B 432 -14.09 -4.55 18.79
N GLY B 433 -14.90 -5.47 18.28
CA GLY B 433 -15.87 -5.16 17.25
C GLY B 433 -15.30 -5.03 15.86
N LYS B 434 -14.10 -5.52 15.62
CA LYS B 434 -13.45 -5.40 14.32
C LYS B 434 -12.99 -6.77 13.84
N ALA B 435 -12.62 -6.83 12.55
CA ALA B 435 -12.09 -8.03 11.92
C ALA B 435 -10.60 -7.80 11.65
N VAL B 436 -9.74 -8.55 12.35
CA VAL B 436 -8.31 -8.30 12.29
C VAL B 436 -7.58 -9.55 11.81
N THR B 437 -6.25 -9.48 11.81
CA THR B 437 -5.38 -10.52 11.28
C THR B 437 -4.48 -11.07 12.39
N CYS B 438 -3.68 -12.07 12.02
CA CYS B 438 -2.71 -12.64 12.95
C CYS B 438 -1.63 -11.63 13.31
N ASP B 439 -1.26 -10.75 12.37
CA ASP B 439 -0.25 -9.75 12.63
C ASP B 439 -0.71 -8.77 13.71
N ASP B 440 -2.01 -8.48 13.77
CA ASP B 440 -2.51 -7.56 14.79
C ASP B 440 -2.40 -8.17 16.18
N PHE B 441 -2.64 -9.47 16.30
CA PHE B 441 -2.47 -10.14 17.59
C PHE B 441 -1.00 -10.16 18.00
N ARG B 442 -0.11 -10.46 17.06
CA ARG B 442 1.32 -10.46 17.36
C ARG B 442 1.80 -9.06 17.73
N ALA B 443 1.27 -8.04 17.05
CA ALA B 443 1.63 -6.67 17.39
C ALA B 443 1.17 -6.31 18.79
N ALA B 444 0.00 -6.80 19.19
CA ALA B 444 -0.48 -6.54 20.55
C ALA B 444 0.44 -7.15 21.59
N MET B 445 0.90 -8.38 21.34
CA MET B 445 1.84 -9.02 22.26
C MET B 445 3.17 -8.30 22.27
N ALA B 446 3.61 -7.78 21.11
CA ALA B 446 4.88 -7.08 21.04
C ALA B 446 4.79 -5.70 21.66
N ASP B 447 3.71 -4.96 21.37
CA ASP B 447 3.59 -3.59 21.84
C ASP B 447 3.40 -3.54 23.36
N ALA B 448 2.58 -4.43 23.90
CA ALA B 448 2.27 -4.40 25.33
C ALA B 448 3.47 -4.80 26.19
N ASN B 449 4.43 -5.55 25.63
CA ASN B 449 5.55 -6.07 26.40
C ASN B 449 6.88 -5.47 25.99
N GLY B 450 6.92 -4.60 24.98
CA GLY B 450 8.18 -4.06 24.51
C GLY B 450 9.14 -5.11 24.00
N ARG B 451 8.63 -6.17 23.39
CA ARG B 451 9.43 -7.26 22.89
C ARG B 451 9.37 -7.31 21.37
N ASP B 452 10.50 -7.57 20.73
CA ASP B 452 10.55 -7.72 19.28
C ASP B 452 10.15 -9.14 18.91
N LEU B 453 9.02 -9.27 18.21
CA LEU B 453 8.50 -10.57 17.79
C LEU B 453 8.50 -10.69 16.26
N GLY B 454 9.53 -10.14 15.62
CA GLY B 454 9.62 -10.21 14.17
C GLY B 454 9.94 -11.61 13.68
N GLN B 455 10.96 -12.24 14.27
CA GLN B 455 11.31 -13.60 13.89
C GLN B 455 10.20 -14.58 14.24
N PHE B 456 9.37 -14.23 15.23
CA PHE B 456 8.27 -15.11 15.63
C PHE B 456 7.26 -15.32 14.51
N GLU B 457 7.18 -14.39 13.55
CA GLU B 457 6.22 -14.53 12.45
C GLU B 457 6.52 -15.74 11.58
N ARG B 458 7.74 -16.28 11.64
CA ARG B 458 8.08 -17.45 10.86
C ARG B 458 7.29 -18.68 11.29
N TRP B 459 6.72 -18.67 12.50
CA TRP B 459 5.77 -19.72 12.86
C TRP B 459 4.50 -19.61 12.03
N TYR B 460 4.11 -18.40 11.64
CA TYR B 460 2.95 -18.21 10.79
C TYR B 460 3.27 -18.40 9.31
N LEU B 461 4.53 -18.20 8.93
CA LEU B 461 4.90 -18.20 7.51
C LEU B 461 5.35 -19.56 7.01
N GLN B 462 5.95 -20.39 7.87
CA GLN B 462 6.61 -21.62 7.44
C GLN B 462 5.90 -22.83 8.03
N ALA B 463 5.68 -23.84 7.19
CA ALA B 463 5.11 -25.11 7.62
C ALA B 463 6.23 -26.06 8.04
N GLY B 464 5.85 -27.23 8.53
CA GLY B 464 6.82 -28.25 8.85
C GLY B 464 7.16 -28.29 10.33
N THR B 465 7.50 -29.49 10.80
CA THR B 465 7.90 -29.68 12.19
C THR B 465 9.40 -29.45 12.32
N PRO B 466 9.84 -28.44 13.08
CA PRO B 466 11.28 -28.25 13.28
C PRO B 466 11.88 -29.38 14.11
N GLU B 467 13.17 -29.62 13.89
CA GLU B 467 13.90 -30.66 14.58
C GLU B 467 15.06 -30.02 15.34
N VAL B 468 15.01 -30.12 16.67
CA VAL B 468 16.04 -29.56 17.54
C VAL B 468 16.97 -30.68 17.97
N THR B 469 18.25 -30.52 17.69
CA THR B 469 19.27 -31.50 18.05
C THR B 469 20.11 -30.97 19.20
N VAL B 470 20.29 -31.79 20.24
CA VAL B 470 21.21 -31.47 21.33
C VAL B 470 22.58 -32.02 20.92
N SER B 471 23.40 -31.15 20.33
CA SER B 471 24.69 -31.58 19.81
C SER B 471 25.72 -31.78 20.92
N GLU B 472 25.64 -30.99 21.99
CA GLU B 472 26.56 -31.14 23.11
C GLU B 472 25.88 -30.70 24.40
N ALA B 473 26.07 -31.49 25.45
CA ALA B 473 25.51 -31.19 26.77
C ALA B 473 26.47 -31.80 27.80
N VAL B 474 27.42 -30.99 28.26
CA VAL B 474 28.46 -31.45 29.18
C VAL B 474 28.50 -30.55 30.40
N PHE B 475 28.84 -31.14 31.54
CA PHE B 475 29.05 -30.41 32.78
C PHE B 475 30.52 -30.05 32.90
N GLN B 476 30.80 -28.79 33.20
CA GLN B 476 32.19 -28.32 33.32
C GLN B 476 32.50 -28.05 34.79
N PRO B 477 33.13 -28.99 35.51
CA PRO B 477 33.36 -28.78 36.94
C PRO B 477 34.38 -27.71 37.25
N ASP B 478 35.35 -27.49 36.37
CA ASP B 478 36.37 -26.47 36.63
C ASP B 478 35.77 -25.08 36.66
N ARG B 479 34.84 -24.79 35.76
CA ARG B 479 34.20 -23.50 35.67
C ARG B 479 32.82 -23.47 36.30
N LYS B 480 32.34 -24.61 36.82
CA LYS B 480 31.00 -24.72 37.40
C LYS B 480 29.94 -24.28 36.40
N LYS B 481 30.07 -24.74 35.16
CA LYS B 481 29.16 -24.39 34.09
C LYS B 481 28.65 -25.65 33.41
N PHE B 482 27.54 -25.49 32.68
CA PHE B 482 26.98 -26.55 31.85
C PHE B 482 26.90 -26.04 30.42
N LYS B 483 27.71 -26.60 29.54
CA LYS B 483 27.72 -26.19 28.13
C LYS B 483 26.60 -26.90 27.40
N LEU B 484 25.74 -26.13 26.74
CA LEU B 484 24.60 -26.66 26.01
C LEU B 484 24.56 -26.00 24.63
N THR B 485 24.77 -26.79 23.59
CA THR B 485 24.73 -26.32 22.21
C THR B 485 23.59 -27.02 21.48
N LEU B 486 22.75 -26.25 20.80
CA LEU B 486 21.59 -26.77 20.11
C LEU B 486 21.63 -26.42 18.63
N LYS B 487 21.00 -27.26 17.82
CA LYS B 487 20.86 -27.03 16.39
C LYS B 487 19.40 -27.21 15.99
N GLN B 488 18.95 -26.42 15.02
CA GLN B 488 17.59 -26.52 14.52
C GLN B 488 17.61 -26.65 13.00
N ARG B 489 16.68 -27.44 12.48
CA ARG B 489 16.49 -27.60 11.04
C ARG B 489 15.08 -28.12 10.81
N THR B 490 14.52 -27.75 9.65
CA THR B 490 13.16 -28.11 9.30
C THR B 490 13.14 -28.66 7.88
N PRO B 491 12.52 -29.81 7.65
CA PRO B 491 12.49 -30.38 6.28
C PRO B 491 11.58 -29.56 5.38
N PRO B 492 11.76 -29.66 4.07
CA PRO B 492 10.89 -28.92 3.15
C PRO B 492 9.45 -29.42 3.19
N THR B 493 8.55 -28.53 2.84
CA THR B 493 7.12 -28.80 2.73
C THR B 493 6.65 -28.36 1.36
N PRO B 494 5.48 -28.85 0.90
CA PRO B 494 4.97 -28.43 -0.42
C PRO B 494 4.92 -26.93 -0.60
N GLY B 495 5.59 -26.43 -1.65
CA GLY B 495 5.59 -25.01 -1.95
C GLY B 495 6.56 -24.17 -1.17
N GLN B 496 7.43 -24.78 -0.36
CA GLN B 496 8.40 -24.02 0.43
C GLN B 496 9.54 -24.96 0.81
N VAL B 497 10.65 -24.86 0.10
CA VAL B 497 11.78 -25.74 0.36
C VAL B 497 12.65 -25.19 1.49
N GLU B 498 13.02 -23.91 1.40
CA GLU B 498 13.90 -23.30 2.39
C GLU B 498 13.11 -22.95 3.64
N LYS B 499 13.66 -23.30 4.80
CA LYS B 499 13.06 -23.00 6.10
C LYS B 499 14.06 -22.16 6.90
N HIS B 500 13.71 -20.90 7.13
CA HIS B 500 14.57 -20.02 7.91
C HIS B 500 14.41 -20.30 9.40
N PRO B 501 15.45 -20.05 10.19
CA PRO B 501 15.42 -20.45 11.62
C PRO B 501 14.26 -19.83 12.37
N PHE B 502 13.63 -20.64 13.21
CA PHE B 502 12.51 -20.21 14.04
C PHE B 502 12.99 -19.59 15.33
N HIS B 503 12.09 -18.86 15.99
CA HIS B 503 12.31 -18.37 17.35
C HIS B 503 11.74 -19.42 18.30
N ILE B 504 12.61 -20.32 18.77
CA ILE B 504 12.20 -21.51 19.50
C ILE B 504 12.50 -21.29 20.98
N PRO B 505 11.50 -21.10 21.83
CA PRO B 505 11.74 -21.07 23.28
C PRO B 505 11.86 -22.49 23.82
N ILE B 506 12.94 -22.76 24.54
CA ILE B 506 13.24 -24.09 25.04
C ILE B 506 13.40 -24.01 26.56
N LYS B 507 12.41 -24.52 27.29
CA LYS B 507 12.51 -24.64 28.73
C LYS B 507 13.42 -25.79 29.09
N VAL B 508 14.39 -25.52 29.98
CA VAL B 508 15.35 -26.53 30.39
C VAL B 508 15.46 -26.54 31.91
N GLY B 509 15.99 -27.64 32.43
CA GLY B 509 16.27 -27.76 33.85
C GLY B 509 17.44 -28.69 34.06
N LEU B 510 18.02 -28.61 35.25
CA LEU B 510 19.17 -29.42 35.62
C LEU B 510 18.90 -30.09 36.95
N ILE B 511 18.96 -31.41 36.98
CA ILE B 511 18.77 -32.20 38.19
C ILE B 511 20.15 -32.66 38.67
N GLY B 512 20.53 -32.22 39.86
CA GLY B 512 21.83 -32.58 40.40
C GLY B 512 21.91 -34.07 40.69
N LYS B 513 23.09 -34.65 40.43
CA LYS B 513 23.28 -36.07 40.66
C LYS B 513 23.32 -36.39 42.15
N THR B 514 23.73 -35.44 42.98
CA THR B 514 23.79 -35.62 44.42
C THR B 514 22.53 -35.12 45.13
N SER B 515 22.09 -33.89 44.83
CA SER B 515 20.89 -33.36 45.46
C SER B 515 19.62 -34.01 44.92
N LYS B 516 19.67 -34.57 43.71
CA LYS B 516 18.51 -35.22 43.08
C LYS B 516 17.33 -34.25 42.96
N LYS B 517 17.62 -32.97 42.76
CA LYS B 517 16.60 -31.95 42.62
C LYS B 517 17.13 -30.85 41.71
N ASP B 518 16.29 -29.86 41.45
CA ASP B 518 16.68 -28.75 40.58
C ASP B 518 17.83 -27.97 41.19
N ILE B 519 18.79 -27.58 40.34
CA ILE B 519 19.92 -26.78 40.76
C ILE B 519 19.97 -25.44 40.06
N LEU B 520 19.06 -25.16 39.13
CA LEU B 520 19.02 -23.88 38.43
C LEU B 520 18.28 -22.85 39.26
N PRO B 522 16.09 -19.90 39.04
CA PRO B 522 14.78 -20.52 38.85
C PRO B 522 14.89 -21.98 38.37
N PRO B 523 14.00 -22.84 38.84
CA PRO B 523 14.10 -24.27 38.48
C PRO B 523 13.99 -24.52 36.98
N THR B 524 13.23 -23.71 36.26
CA THR B 524 13.07 -23.85 34.81
C THR B 524 13.53 -22.56 34.15
N LYS B 525 14.48 -22.67 33.22
CA LYS B 525 15.01 -21.54 32.49
C LYS B 525 14.57 -21.60 31.04
N VAL B 526 14.09 -20.48 30.51
CA VAL B 526 13.62 -20.40 29.13
C VAL B 526 14.81 -20.02 28.26
N LEU B 527 15.24 -20.95 27.40
CA LEU B 527 16.29 -20.68 26.44
C LEU B 527 15.66 -20.31 25.10
N GLU B 528 16.15 -19.21 24.51
CA GLU B 528 15.62 -18.72 23.25
C GLU B 528 16.58 -19.11 22.13
N LEU B 529 16.28 -20.22 21.46
CA LEU B 529 17.06 -20.67 20.31
C LEU B 529 16.57 -19.91 19.08
N THR B 530 17.36 -18.94 18.63
CA THR B 530 16.98 -18.09 17.51
C THR B 530 17.87 -18.27 16.29
N GLU B 531 18.87 -19.14 16.36
CA GLU B 531 19.84 -19.30 15.29
C GLU B 531 19.87 -20.75 14.83
N ALA B 532 20.59 -20.99 13.72
CA ALA B 532 20.73 -22.36 13.22
C ALA B 532 21.56 -23.21 14.16
N GLU B 533 22.49 -22.61 14.90
CA GLU B 533 23.26 -23.29 15.92
C GLU B 533 23.57 -22.28 17.02
N GLN B 534 23.34 -22.68 18.27
CA GLN B 534 23.45 -21.75 19.39
C GLN B 534 23.96 -22.50 20.62
N THR B 535 24.85 -21.85 21.36
CA THR B 535 25.44 -22.42 22.56
C THR B 535 25.00 -21.63 23.78
N PHE B 536 24.60 -22.33 24.83
CA PHE B 536 24.15 -21.72 26.07
C PHE B 536 25.00 -22.20 27.23
N GLU B 537 25.22 -21.31 28.20
CA GLU B 537 26.03 -21.60 29.38
C GLU B 537 25.14 -21.48 30.61
N LEU B 538 24.86 -22.61 31.25
CA LEU B 538 24.07 -22.65 32.47
C LEU B 538 24.98 -22.74 33.68
N ASP B 539 24.54 -22.16 34.79
CA ASP B 539 25.28 -22.22 36.04
C ASP B 539 24.94 -23.53 36.75
N ALA B 540 25.95 -24.38 36.94
CA ALA B 540 25.77 -25.68 37.58
C ALA B 540 26.69 -25.78 38.78
N ALA B 541 26.10 -25.99 39.95
CA ALA B 541 26.86 -26.11 41.19
C ALA B 541 27.34 -27.54 41.46
N GLU B 542 26.92 -28.51 40.67
CA GLU B 542 27.34 -29.89 40.82
C GLU B 542 27.04 -30.63 39.53
N ASP B 543 27.54 -31.86 39.45
CA ASP B 543 27.26 -32.70 38.27
C ASP B 543 25.76 -32.95 38.16
N CYS B 544 25.23 -32.75 36.96
CA CYS B 544 23.79 -32.70 36.76
C CYS B 544 23.38 -33.48 35.53
N VAL B 545 22.08 -33.68 35.39
CA VAL B 545 21.48 -34.31 34.22
C VAL B 545 20.45 -33.34 33.65
N LEU B 546 20.47 -33.16 32.33
CA LEU B 546 19.66 -32.15 31.67
C LEU B 546 18.22 -32.63 31.51
N SER B 547 17.27 -31.75 31.86
CA SER B 547 15.86 -31.97 31.58
C SER B 547 15.47 -31.05 30.42
N PHE B 548 15.31 -31.63 29.24
CA PHE B 548 15.19 -30.88 28.00
C PHE B 548 13.73 -30.70 27.59
N LEU B 549 13.40 -29.51 27.10
CA LEU B 549 12.09 -29.18 26.55
C LEU B 549 10.97 -29.46 27.56
N ARG B 550 11.10 -28.83 28.73
CA ARG B 550 10.09 -28.99 29.77
C ARG B 550 8.76 -28.38 29.32
N ASP B 551 7.67 -29.03 29.74
CA ASP B 551 6.30 -28.61 29.40
C ASP B 551 6.05 -28.58 27.89
N PHE B 552 6.92 -29.24 27.12
CA PHE B 552 6.86 -29.23 25.66
C PHE B 552 6.75 -27.79 25.14
N SER B 553 7.75 -26.99 25.53
CA SER B 553 7.73 -25.55 25.32
C SER B 553 7.79 -25.15 23.85
N ALA B 554 7.94 -26.10 22.92
CA ALA B 554 7.96 -25.79 21.51
C ALA B 554 7.53 -27.02 20.73
N PRO B 555 6.70 -26.86 19.69
CA PRO B 555 6.23 -28.01 18.90
C PRO B 555 7.30 -28.52 17.94
N VAL B 556 8.33 -29.16 18.49
CA VAL B 556 9.48 -29.60 17.72
C VAL B 556 9.76 -31.07 18.00
N LYS B 557 10.49 -31.69 17.07
CA LYS B 557 11.10 -32.98 17.30
C LYS B 557 12.47 -32.78 17.96
N VAL B 558 12.85 -33.72 18.81
CA VAL B 558 14.06 -33.61 19.60
C VAL B 558 14.97 -34.79 19.29
N LYS B 559 16.23 -34.49 18.96
CA LYS B 559 17.28 -35.49 18.81
C LYS B 559 18.25 -35.28 19.97
N HIS B 560 18.17 -36.16 20.98
CA HIS B 560 18.89 -35.98 22.23
C HIS B 560 19.41 -37.35 22.68
N GLU B 561 20.70 -37.59 22.45
CA GLU B 561 21.31 -38.85 22.87
C GLU B 561 21.46 -38.89 24.39
N GLN B 562 20.93 -39.94 25.00
CA GLN B 562 20.99 -40.11 26.44
C GLN B 562 21.33 -41.56 26.77
N THR B 563 22.10 -41.75 27.84
CA THR B 563 22.32 -43.09 28.35
C THR B 563 21.06 -43.60 29.04
N ASP B 564 20.95 -44.93 29.13
CA ASP B 564 19.82 -45.52 29.86
C ASP B 564 19.85 -45.14 31.32
N GLU B 565 21.05 -44.89 31.87
CA GLU B 565 21.14 -44.47 33.27
C GLU B 565 20.56 -43.08 33.47
N ASP B 566 20.87 -42.15 32.57
CA ASP B 566 20.32 -40.80 32.67
C ASP B 566 18.81 -40.81 32.47
N ILE B 567 18.31 -41.67 31.59
CA ILE B 567 16.86 -41.78 31.39
C ILE B 567 16.20 -42.31 32.65
N ALA B 568 16.78 -43.34 33.26
CA ALA B 568 16.24 -43.85 34.52
C ALA B 568 16.37 -42.83 35.64
N PHE B 569 17.43 -42.01 35.61
CA PHE B 569 17.58 -40.95 36.60
C PHE B 569 16.48 -39.90 36.45
N LEU B 570 16.18 -39.50 35.21
CA LEU B 570 15.11 -38.52 34.99
C LEU B 570 13.74 -39.11 35.25
N MET B 571 13.56 -40.40 35.00
CA MET B 571 12.28 -41.05 35.25
C MET B 571 11.90 -41.03 36.72
N ALA B 572 12.87 -40.87 37.62
CA ALA B 572 12.62 -40.94 39.05
C ALA B 572 12.72 -39.61 39.77
N HIS B 573 13.50 -38.65 39.27
CA HIS B 573 13.79 -37.43 40.02
C HIS B 573 13.50 -36.13 39.27
N ASP B 574 12.98 -36.19 38.06
CA ASP B 574 12.67 -34.96 37.34
C ASP B 574 11.44 -34.29 37.94
N SER B 575 11.51 -32.97 38.11
CA SER B 575 10.42 -32.24 38.72
C SER B 575 9.29 -31.94 37.73
N ASP B 576 9.64 -31.60 36.50
CA ASP B 576 8.64 -31.33 35.47
C ASP B 576 7.87 -32.60 35.15
N ASP B 577 6.54 -32.54 35.29
CA ASP B 577 5.72 -33.73 35.11
C ASP B 577 5.76 -34.23 33.67
N PHE B 578 5.73 -33.30 32.70
CA PHE B 578 5.83 -33.72 31.31
C PHE B 578 7.20 -34.30 31.00
N ALA B 579 8.27 -33.65 31.48
CA ALA B 579 9.62 -34.15 31.24
C ALA B 579 9.84 -35.50 31.89
N LYS B 580 9.28 -35.70 33.08
CA LYS B 580 9.36 -37.01 33.72
C LYS B 580 8.61 -38.06 32.92
N TRP B 581 7.40 -37.72 32.46
CA TRP B 581 6.64 -38.63 31.61
C TRP B 581 7.34 -38.84 30.27
N GLN B 582 7.96 -37.79 29.75
CA GLN B 582 8.63 -37.89 28.46
C GLN B 582 9.83 -38.84 28.51
N ALA B 583 10.56 -38.83 29.63
CA ALA B 583 11.70 -39.73 29.77
C ALA B 583 11.24 -41.19 29.72
N ALA B 584 10.16 -41.51 30.42
CA ALA B 584 9.60 -42.86 30.34
C ALA B 584 9.01 -43.14 28.97
N HIS B 585 8.44 -42.12 28.32
CA HIS B 585 7.91 -42.31 26.97
C HIS B 585 9.03 -42.54 25.96
N THR B 586 10.17 -41.88 26.14
CA THR B 586 11.31 -42.09 25.25
C THR B 586 11.81 -43.52 25.34
N LEU B 587 11.90 -44.06 26.56
CA LEU B 587 12.39 -45.42 26.73
C LEU B 587 11.41 -46.44 26.14
N ALA B 588 10.12 -46.27 26.42
CA ALA B 588 9.13 -47.24 25.96
C ALA B 588 8.97 -47.19 24.44
N SER B 589 9.01 -45.99 23.86
CA SER B 589 8.84 -45.86 22.41
C SER B 589 10.05 -46.41 21.67
N GLY B 590 11.25 -46.19 22.22
CA GLY B 590 12.44 -46.77 21.60
C GLY B 590 12.42 -48.28 21.61
N LEU B 591 11.92 -48.88 22.69
CA LEU B 591 11.77 -50.33 22.74
C LEU B 591 10.70 -50.81 21.77
N LEU B 592 9.59 -50.09 21.67
CA LEU B 592 8.55 -50.45 20.72
C LEU B 592 9.04 -50.29 19.29
N LYS B 593 9.76 -49.21 19.00
CA LYS B 593 10.20 -48.94 17.63
C LYS B 593 11.21 -49.98 17.15
N HIS B 594 12.11 -50.42 18.05
CA HIS B 594 13.09 -51.42 17.65
C HIS B 594 12.44 -52.76 17.37
N ARG B 595 11.51 -53.18 18.24
CA ARG B 595 10.81 -54.45 18.01
C ARG B 595 9.98 -54.39 16.74
N ALA B 596 9.41 -53.22 16.42
CA ALA B 596 8.65 -53.07 15.19
C ALA B 596 9.57 -53.23 13.97
N GLU B 597 10.76 -52.63 14.03
CA GLU B 597 11.70 -52.77 12.92
C GLU B 597 12.20 -54.19 12.79
N GLN B 598 12.37 -54.89 13.93
CA GLN B 598 12.74 -56.31 13.88
C GLN B 598 11.66 -57.13 13.19
N TRP B 599 10.39 -56.88 13.55
CA TRP B 599 9.28 -57.60 12.92
C TRP B 599 9.16 -57.21 11.45
N ARG B 600 9.42 -55.94 11.13
CA ARG B 600 9.31 -55.48 9.75
C ARG B 600 10.35 -56.15 8.85
N GLU B 601 11.49 -56.54 9.41
CA GLU B 601 12.54 -57.16 8.60
C GLU B 601 12.10 -58.50 8.04
N LYS B 602 11.46 -59.33 8.87
CA LYS B 602 11.02 -60.66 8.45
C LYS B 602 9.52 -60.75 8.22
N GLN B 603 8.77 -59.69 8.50
CA GLN B 603 7.32 -59.66 8.32
C GLN B 603 6.63 -60.81 9.05
N GLU B 605 9.09 -64.06 9.98
CA GLU B 605 8.47 -65.36 10.20
C GLU B 605 8.89 -65.93 11.56
N ASP B 606 10.18 -65.86 11.85
CA ASP B 606 10.70 -66.37 13.12
C ASP B 606 11.33 -65.23 13.92
N VAL B 607 10.56 -64.18 14.16
CA VAL B 607 11.06 -63.01 14.87
C VAL B 607 11.17 -63.33 16.37
N GLU B 608 12.37 -63.23 16.91
CA GLU B 608 12.62 -63.44 18.33
C GLU B 608 13.04 -62.11 18.96
N PHE B 609 12.36 -61.73 20.04
CA PHE B 609 12.61 -60.47 20.72
C PHE B 609 13.52 -60.68 21.91
N ALA B 610 14.44 -59.73 22.12
CA ALA B 610 15.25 -59.74 23.32
C ALA B 610 14.38 -59.43 24.53
N ARG B 611 14.83 -59.88 25.71
CA ARG B 611 14.10 -59.62 26.93
C ARG B 611 14.10 -58.12 27.23
N LEU B 612 13.03 -57.67 27.88
CA LEU B 612 12.92 -56.26 28.21
C LEU B 612 14.01 -55.87 29.20
N PRO B 613 14.62 -54.69 29.06
CA PRO B 613 15.68 -54.30 29.99
C PRO B 613 15.16 -54.05 31.39
N LYS B 614 16.05 -54.23 32.36
CA LYS B 614 15.67 -54.06 33.77
C LYS B 614 15.31 -52.61 34.07
N ILE B 615 15.86 -51.66 33.31
CA ILE B 615 15.53 -50.25 33.55
C ILE B 615 14.07 -49.97 33.22
N TYR B 616 13.50 -50.69 32.27
CA TYR B 616 12.10 -50.48 31.91
C TYR B 616 11.17 -51.25 32.85
N VAL B 617 11.50 -52.50 33.17
CA VAL B 617 10.61 -53.33 33.98
C VAL B 617 10.52 -52.79 35.41
N GLU B 618 11.67 -52.48 36.02
CA GLU B 618 11.67 -52.00 37.39
C GLU B 618 11.01 -50.63 37.50
N ALA B 619 11.17 -49.77 36.48
CA ALA B 619 10.46 -48.49 36.49
C ALA B 619 8.97 -48.70 36.33
N PHE B 620 8.56 -49.63 35.47
CA PHE B 620 7.15 -49.99 35.37
C PHE B 620 6.64 -50.54 36.69
N LYS B 621 7.41 -51.41 37.33
CA LYS B 621 7.00 -52.00 38.61
C LYS B 621 6.91 -50.94 39.69
N GLN B 622 7.87 -50.01 39.74
CA GLN B 622 7.85 -48.97 40.75
C GLN B 622 6.69 -48.01 40.53
N THR B 623 6.38 -47.70 39.27
CA THR B 623 5.23 -46.85 38.98
C THR B 623 3.92 -47.56 39.29
N LEU B 624 3.87 -48.86 39.03
CA LEU B 624 2.63 -49.61 39.28
C LEU B 624 2.33 -49.70 40.78
N LEU B 625 3.36 -49.91 41.60
CA LEU B 625 3.18 -50.14 43.02
C LEU B 625 3.26 -48.86 43.86
N GLU B 626 3.54 -47.71 43.25
CA GLU B 626 3.65 -46.48 44.00
C GLU B 626 2.32 -46.13 44.66
N GLN B 627 2.41 -45.48 45.82
CA GLN B 627 1.25 -45.10 46.61
C GLN B 627 1.28 -43.60 46.88
N GLY B 628 0.10 -42.97 46.83
CA GLY B 628 -0.03 -41.57 47.10
C GLY B 628 0.18 -40.65 45.92
N ARG B 629 0.56 -41.19 44.76
CA ARG B 629 0.78 -40.38 43.58
C ARG B 629 -0.50 -40.20 42.78
N ASP B 630 -0.43 -39.36 41.74
CA ASP B 630 -1.57 -39.16 40.86
C ASP B 630 -1.82 -40.42 40.04
N ARG B 631 -3.01 -41.00 40.18
CA ARG B 631 -3.33 -42.22 39.45
C ARG B 631 -3.44 -41.96 37.95
N SER B 632 -3.81 -40.74 37.55
CA SER B 632 -3.86 -40.42 36.12
C SER B 632 -2.47 -40.39 35.52
N ILE B 633 -1.53 -39.72 36.19
CA ILE B 633 -0.13 -39.76 35.75
C ILE B 633 0.41 -41.18 35.77
N GLN B 634 -0.01 -41.96 36.77
CA GLN B 634 0.38 -43.37 36.83
C GLN B 634 -0.09 -44.12 35.59
N ALA B 635 -1.38 -43.97 35.24
CA ALA B 635 -1.94 -44.73 34.13
C ALA B 635 -1.30 -44.33 32.81
N TYR B 636 -1.05 -43.04 32.61
CA TYR B 636 -0.44 -42.58 31.36
C TYR B 636 1.04 -42.92 31.26
N THR B 637 1.72 -43.08 32.40
CA THR B 637 3.11 -43.52 32.36
C THR B 637 3.22 -45.02 32.09
N LEU B 638 2.27 -45.80 32.57
CA LEU B 638 2.28 -47.24 32.34
C LEU B 638 1.78 -47.61 30.96
N ARG B 639 0.83 -46.84 30.42
CA ARG B 639 0.29 -47.12 29.10
C ARG B 639 1.37 -47.07 28.04
N LEU B 640 1.33 -48.04 27.11
CA LEU B 640 2.31 -48.09 26.05
C LEU B 640 2.17 -46.87 25.13
N PRO B 641 3.25 -46.46 24.48
CA PRO B 641 3.18 -45.29 23.60
C PRO B 641 2.16 -45.47 22.49
N ASP B 642 1.57 -44.35 22.07
CA ASP B 642 0.60 -44.37 20.99
C ASP B 642 1.24 -44.86 19.70
N ARG B 643 0.56 -45.79 19.01
CA ARG B 643 1.14 -46.40 17.83
C ARG B 643 1.34 -45.39 16.72
N ASP B 644 0.37 -44.49 16.53
CA ASP B 644 0.52 -43.45 15.50
C ASP B 644 1.66 -42.50 15.83
N GLY B 645 1.93 -42.28 17.12
CA GLY B 645 3.06 -41.44 17.49
C GLY B 645 4.39 -42.08 17.18
N VAL B 646 4.51 -43.39 17.42
CA VAL B 646 5.73 -44.10 17.08
C VAL B 646 5.88 -44.23 15.57
N ALA B 647 4.75 -44.37 14.85
CA ALA B 647 4.81 -44.50 13.40
C ALA B 647 5.39 -43.27 12.72
N GLN B 648 5.30 -42.10 13.36
CA GLN B 648 5.86 -40.89 12.77
C GLN B 648 7.38 -40.90 12.76
N GLU B 649 8.01 -41.78 13.54
CA GLU B 649 9.46 -41.92 13.56
C GLU B 649 9.92 -43.19 12.86
N MET B 650 9.05 -43.80 12.06
CA MET B 650 9.35 -45.05 11.36
C MET B 650 9.33 -44.82 9.86
N GLU B 651 10.34 -45.35 9.16
CA GLU B 651 10.42 -45.24 7.71
C GLU B 651 10.88 -46.56 7.12
N PRO B 652 10.00 -47.30 6.43
CA PRO B 652 8.60 -46.92 6.20
C PRO B 652 7.68 -47.29 7.36
N ILE B 653 6.47 -46.73 7.36
CA ILE B 653 5.50 -47.04 8.40
C ILE B 653 4.94 -48.44 8.15
N ASP B 654 5.08 -49.31 9.14
CA ASP B 654 4.51 -50.66 9.09
C ASP B 654 3.56 -50.84 10.27
N PRO B 655 2.25 -50.62 10.07
CA PRO B 655 1.31 -50.72 11.19
C PRO B 655 1.18 -52.13 11.74
N LEU B 656 1.26 -53.15 10.90
CA LEU B 656 1.21 -54.52 11.40
C LEU B 656 2.42 -54.84 12.25
N ALA B 657 3.60 -54.33 11.88
CA ALA B 657 4.79 -54.54 12.69
C ALA B 657 4.70 -53.78 14.01
N LEU B 658 4.08 -52.60 13.99
CA LEU B 658 3.92 -51.85 15.23
C LEU B 658 2.91 -52.51 16.15
N LYS B 659 1.87 -53.14 15.59
CA LYS B 659 0.86 -53.80 16.40
C LYS B 659 1.44 -55.02 17.10
N GLU B 660 2.18 -55.85 16.37
CA GLU B 660 2.79 -57.04 16.98
C GLU B 660 3.84 -56.65 18.00
N ALA B 661 4.58 -55.56 17.74
CA ALA B 661 5.54 -55.07 18.73
C ALA B 661 4.84 -54.60 19.99
N THR B 662 3.68 -53.94 19.84
CA THR B 662 2.92 -53.48 20.99
C THR B 662 2.40 -54.66 21.80
N GLU B 663 1.80 -55.65 21.14
CA GLU B 663 1.24 -56.79 21.85
C GLU B 663 2.33 -57.62 22.52
N SER B 664 3.52 -57.68 21.93
CA SER B 664 4.60 -58.47 22.52
C SER B 664 5.04 -57.87 23.85
N VAL B 665 5.14 -56.55 23.94
CA VAL B 665 5.47 -55.90 25.20
C VAL B 665 4.31 -56.04 26.18
N ARG B 666 3.08 -55.96 25.68
CA ARG B 666 1.90 -56.13 26.54
C ARG B 666 1.89 -57.51 27.20
N ARG B 667 2.22 -58.55 26.43
CA ARG B 667 2.22 -59.90 26.98
C ARG B 667 3.41 -60.10 27.94
N GLU B 668 4.58 -59.61 27.57
CA GLU B 668 5.76 -59.80 28.41
C GLU B 668 5.62 -59.06 29.74
N VAL B 669 5.06 -57.85 29.71
CA VAL B 669 4.82 -57.13 30.96
C VAL B 669 3.78 -57.85 31.80
N GLY B 670 2.75 -58.40 31.16
CA GLY B 670 1.70 -59.09 31.90
C GLY B 670 2.20 -60.34 32.60
N GLN B 671 3.15 -61.05 32.00
CA GLN B 671 3.70 -62.25 32.61
C GLN B 671 4.75 -61.92 33.66
N LEU B 672 5.52 -60.84 33.45
CA LEU B 672 6.62 -60.51 34.35
C LEU B 672 6.11 -59.99 35.69
N LEU B 673 5.02 -59.24 35.68
CA LEU B 673 4.47 -58.61 36.88
C LEU B 673 3.02 -59.00 37.12
N LYS B 674 2.69 -60.26 36.84
CA LYS B 674 1.30 -60.70 36.95
C LYS B 674 0.78 -60.57 38.37
N SER B 675 1.62 -60.90 39.36
CA SER B 675 1.18 -60.82 40.75
C SER B 675 0.96 -59.38 41.18
N ASP B 676 1.86 -58.48 40.79
CA ASP B 676 1.73 -57.08 41.19
C ASP B 676 0.59 -56.40 40.45
N LEU B 677 0.37 -56.74 39.19
CA LEU B 677 -0.75 -56.18 38.44
C LEU B 677 -2.08 -56.61 39.06
N LEU B 678 -2.21 -57.88 39.43
CA LEU B 678 -3.44 -58.36 40.04
C LEU B 678 -3.68 -57.74 41.41
N LYS B 679 -2.60 -57.46 42.16
CA LYS B 679 -2.75 -56.88 43.48
C LYS B 679 -3.30 -55.46 43.41
N VAL B 680 -2.73 -54.63 42.52
CA VAL B 680 -3.20 -53.25 42.39
C VAL B 680 -4.57 -53.23 41.73
N TYR B 681 -4.82 -54.13 40.77
CA TYR B 681 -6.11 -54.17 40.10
C TYR B 681 -7.25 -54.43 41.08
N ALA B 682 -7.03 -55.34 42.04
CA ALA B 682 -8.07 -55.62 43.03
C ALA B 682 -8.23 -54.46 44.01
N SER B 683 -7.15 -53.70 44.25
CA SER B 683 -7.21 -52.58 45.16
C SER B 683 -7.96 -51.38 44.59
N LEU B 684 -8.21 -51.36 43.27
CA LEU B 684 -8.87 -50.25 42.61
C LEU B 684 -10.37 -50.47 42.45
N SER B 685 -10.96 -51.33 43.28
CA SER B 685 -12.39 -51.57 43.21
C SER B 685 -13.17 -50.35 43.70
N ALA B 686 -14.45 -50.32 43.38
CA ALA B 686 -15.31 -49.21 43.78
C ALA B 686 -15.74 -49.36 45.24
N GLU B 688 -20.28 -49.17 49.78
CA GLU B 688 -19.90 -48.94 48.39
C GLU B 688 -19.89 -47.45 48.05
N SER B 689 -20.95 -46.75 48.48
CA SER B 689 -21.09 -45.31 48.35
C SER B 689 -21.27 -44.86 46.89
N GLU B 690 -20.68 -45.59 45.95
CA GLU B 690 -20.72 -45.22 44.54
C GLU B 690 -21.83 -46.00 43.84
N ALA B 691 -22.78 -45.28 43.25
CA ALA B 691 -23.82 -45.91 42.44
C ALA B 691 -23.32 -46.06 41.00
N GLU B 692 -23.32 -44.96 40.26
CA GLU B 692 -22.76 -44.92 38.92
C GLU B 692 -21.42 -44.21 38.94
N GLU B 693 -20.72 -44.26 37.80
CA GLU B 693 -19.45 -43.56 37.66
C GLU B 693 -19.65 -42.06 37.80
N SER B 694 -19.09 -41.48 38.87
CA SER B 694 -19.26 -40.08 39.16
C SER B 694 -18.17 -39.25 38.49
N ARG B 695 -18.26 -37.93 38.64
CA ARG B 695 -17.34 -37.01 38.01
C ARG B 695 -16.16 -36.63 38.89
N ASP B 696 -16.06 -37.22 40.09
CA ASP B 696 -14.95 -36.91 40.98
C ASP B 696 -13.62 -37.25 40.32
N GLN B 697 -12.64 -36.35 40.45
CA GLN B 697 -11.34 -36.55 39.82
C GLN B 697 -10.62 -37.76 40.39
N SER B 698 -10.82 -38.06 41.67
CA SER B 698 -10.22 -39.25 42.25
C SER B 698 -10.79 -40.52 41.63
N GLU B 699 -12.10 -40.52 41.36
CA GLU B 699 -12.72 -41.69 40.73
C GLU B 699 -12.35 -41.79 39.27
N VAL B 700 -12.18 -40.65 38.59
CA VAL B 700 -11.75 -40.67 37.19
C VAL B 700 -10.36 -41.28 37.08
N SER B 701 -9.44 -40.83 37.94
CA SER B 701 -8.08 -41.38 37.91
C SER B 701 -8.07 -42.84 38.29
N ARG B 702 -8.90 -43.25 39.26
CA ARG B 702 -8.95 -44.65 39.66
C ARG B 702 -9.37 -45.54 38.50
N ARG B 703 -10.37 -45.10 37.72
CA ARG B 703 -10.80 -45.89 36.57
C ARG B 703 -9.76 -45.90 35.47
N ARG B 704 -8.99 -44.82 35.34
CA ARG B 704 -7.91 -44.78 34.35
C ARG B 704 -6.87 -45.85 34.62
N LEU B 705 -6.35 -45.88 35.85
CA LEU B 705 -5.34 -46.87 36.20
C LEU B 705 -5.88 -48.29 36.12
N ARG B 706 -7.14 -48.48 36.52
CA ARG B 706 -7.72 -49.81 36.51
C ARG B 706 -7.93 -50.32 35.09
N ASN B 707 -8.26 -49.44 34.15
CA ASN B 707 -8.41 -49.86 32.76
C ASN B 707 -7.06 -50.17 32.13
N VAL B 708 -6.03 -49.42 32.50
CA VAL B 708 -4.69 -49.67 31.98
C VAL B 708 -4.18 -51.02 32.45
N ILE B 709 -4.38 -51.33 33.74
CA ILE B 709 -3.91 -52.60 34.29
C ILE B 709 -4.65 -53.77 33.65
N LEU B 710 -5.94 -53.60 33.36
CA LEU B 710 -6.68 -54.64 32.68
C LEU B 710 -6.08 -54.96 31.31
N TYR B 711 -5.57 -53.93 30.63
CA TYR B 711 -4.93 -54.14 29.33
C TYR B 711 -3.70 -55.04 29.45
N PHE B 712 -2.90 -54.83 30.49
CA PHE B 712 -1.70 -55.65 30.69
C PHE B 712 -2.01 -57.02 31.26
N LEU B 713 -3.21 -57.23 31.80
CA LEU B 713 -3.59 -58.51 32.37
C LEU B 713 -4.28 -59.42 31.37
N THR B 714 -4.55 -58.94 30.15
CA THR B 714 -5.30 -59.70 29.16
C THR B 714 -4.53 -59.84 27.85
N GLY B 715 -3.20 -59.74 27.89
CA GLY B 715 -2.42 -59.78 26.67
C GLY B 715 -2.45 -61.11 25.96
N GLU B 716 -2.60 -62.20 26.71
CA GLU B 716 -2.60 -63.53 26.09
C GLU B 716 -3.84 -63.74 25.23
N ARG B 717 -4.94 -63.05 25.55
CA ARG B 717 -6.19 -63.14 24.79
C ARG B 717 -6.68 -64.58 24.71
N ASP B 718 -6.60 -65.30 25.81
CA ASP B 718 -7.05 -66.67 25.90
C ASP B 718 -8.39 -66.73 26.66
N LYS B 719 -8.78 -67.93 27.06
CA LYS B 719 -10.02 -68.08 27.83
C LYS B 719 -9.91 -67.36 29.18
N GLU B 720 -8.71 -67.38 29.77
CA GLU B 720 -8.52 -66.69 31.05
C GLU B 720 -8.59 -65.18 30.89
N ALA B 721 -8.04 -64.65 29.79
CA ALA B 721 -8.12 -63.21 29.56
C ALA B 721 -9.54 -62.79 29.22
N ALA B 722 -10.25 -63.59 28.43
CA ALA B 722 -11.63 -63.27 28.08
C ALA B 722 -12.53 -63.28 29.32
N ALA B 723 -12.27 -64.17 30.27
CA ALA B 723 -13.08 -64.23 31.48
C ALA B 723 -12.83 -63.00 32.36
N LEU B 724 -11.58 -62.57 32.47
CA LEU B 724 -11.28 -61.38 33.27
C LEU B 724 -11.89 -60.13 32.64
N ALA B 725 -11.81 -60.02 31.31
CA ALA B 725 -12.38 -58.86 30.63
C ALA B 725 -13.90 -58.85 30.74
N MET B 726 -14.54 -60.02 30.62
CA MET B 726 -15.99 -60.09 30.75
C MET B 726 -16.43 -59.73 32.16
N ASN B 727 -15.67 -60.17 33.17
CA ASN B 727 -15.99 -59.78 34.54
C ASN B 727 -15.83 -58.29 34.74
N HIS B 728 -14.83 -57.69 34.10
CA HIS B 728 -14.68 -56.24 34.10
C HIS B 728 -15.86 -55.58 33.38
N PHE B 729 -16.33 -56.21 32.30
CA PHE B 729 -17.47 -55.70 31.57
C PHE B 729 -18.75 -55.78 32.39
N LYS B 730 -18.96 -56.89 33.10
CA LYS B 730 -20.20 -57.10 33.82
C LYS B 730 -20.29 -56.22 35.06
N SER B 731 -19.17 -55.98 35.74
CA SER B 731 -19.15 -55.23 36.99
C SER B 731 -18.90 -53.75 36.80
N ALA B 732 -18.90 -53.26 35.56
CA ALA B 732 -18.66 -51.85 35.32
C ALA B 732 -19.88 -51.04 35.74
N LYS B 733 -19.64 -49.98 36.53
CA LYS B 733 -20.71 -49.11 37.00
C LYS B 733 -21.11 -48.06 35.97
N GLY B 734 -20.43 -47.99 34.84
CA GLY B 734 -20.77 -47.01 33.83
C GLY B 734 -20.04 -47.31 32.54
N MET B 735 -20.12 -46.36 31.61
CA MET B 735 -19.59 -46.58 30.27
C MET B 735 -18.07 -46.62 30.24
N THR B 736 -17.40 -45.94 31.17
CA THR B 736 -15.94 -45.85 31.13
C THR B 736 -15.30 -47.23 31.21
N GLU B 737 -15.55 -47.96 32.31
CA GLU B 737 -14.99 -49.29 32.45
C GLU B 737 -15.69 -50.31 31.54
N LYS B 738 -16.93 -50.05 31.15
CA LYS B 738 -17.63 -50.97 30.26
C LYS B 738 -17.05 -50.95 28.85
N TYR B 739 -16.68 -49.76 28.36
CA TYR B 739 -16.14 -49.65 27.02
C TYR B 739 -14.72 -50.18 26.94
N ALA B 740 -13.91 -49.93 27.97
CA ALA B 740 -12.54 -50.42 27.96
C ALA B 740 -12.50 -51.94 27.96
N ALA B 741 -13.42 -52.58 28.69
CA ALA B 741 -13.48 -54.03 28.70
C ALA B 741 -13.98 -54.57 27.37
N LEU B 742 -14.97 -53.91 26.78
CA LEU B 742 -15.47 -54.34 25.47
C LEU B 742 -14.42 -54.16 24.39
N SER B 743 -13.65 -53.07 24.47
CA SER B 743 -12.55 -52.89 23.53
C SER B 743 -11.55 -54.04 23.60
N ILE B 744 -11.21 -54.46 24.82
CA ILE B 744 -10.29 -55.58 24.99
C ILE B 744 -10.93 -56.89 24.55
N LEU B 745 -12.24 -57.04 24.81
CA LEU B 745 -12.92 -58.29 24.47
C LEU B 745 -13.01 -58.50 22.97
N CYS B 746 -13.15 -57.43 22.19
CA CYS B 746 -13.34 -57.56 20.75
C CYS B 746 -12.06 -57.95 20.02
N ASP B 747 -10.91 -57.94 20.69
CA ASP B 747 -9.68 -58.49 20.14
C ASP B 747 -9.53 -59.98 20.41
N ILE B 748 -10.50 -60.60 21.09
CA ILE B 748 -10.47 -62.01 21.43
C ILE B 748 -11.68 -62.65 20.77
N GLU B 749 -11.46 -63.29 19.62
CA GLU B 749 -12.54 -63.97 18.92
C GLU B 749 -13.04 -65.15 19.74
N GLY B 750 -14.32 -65.14 20.08
CA GLY B 750 -14.92 -66.19 20.87
C GLY B 750 -16.32 -65.85 21.33
N PRO B 751 -16.89 -66.70 22.18
CA PRO B 751 -18.27 -66.45 22.63
C PRO B 751 -18.39 -65.26 23.58
N GLU B 752 -17.35 -64.96 24.35
CA GLU B 752 -17.41 -63.79 25.23
C GLU B 752 -17.51 -62.50 24.44
N ARG B 753 -16.77 -62.41 23.32
CA ARG B 753 -16.86 -61.23 22.47
C ARG B 753 -18.25 -61.10 21.86
N THR B 754 -18.82 -62.21 21.38
CA THR B 754 -20.15 -62.16 20.78
C THR B 754 -21.21 -61.77 21.80
N ALA B 755 -21.13 -62.35 23.01
CA ALA B 755 -22.13 -62.05 24.03
C ALA B 755 -22.03 -60.61 24.52
N ALA B 756 -20.80 -60.08 24.61
CA ALA B 756 -20.62 -58.70 25.05
C ALA B 756 -21.16 -57.72 24.00
N LEU B 757 -20.94 -58.00 22.72
CA LEU B 757 -21.43 -57.12 21.67
C LEU B 757 -22.95 -57.13 21.62
N GLU B 758 -23.58 -58.29 21.84
CA GLU B 758 -25.03 -58.37 21.83
C GLU B 758 -25.62 -57.64 23.03
N GLN B 759 -25.05 -57.82 24.21
CA GLN B 759 -25.53 -57.11 25.40
C GLN B 759 -25.30 -55.62 25.27
N PHE B 760 -24.17 -55.21 24.67
CA PHE B 760 -23.90 -53.79 24.45
C PHE B 760 -24.92 -53.19 23.50
N TYR B 761 -25.29 -53.91 22.45
CA TYR B 761 -26.29 -53.40 21.51
C TYR B 761 -27.66 -53.28 22.17
N ARG B 762 -28.03 -54.25 23.00
CA ARG B 762 -29.33 -54.20 23.66
C ARG B 762 -29.41 -53.07 24.67
N ASP B 763 -28.32 -52.83 25.41
CA ASP B 763 -28.30 -51.77 26.40
C ASP B 763 -28.37 -50.39 25.77
N ALA B 764 -28.07 -50.27 24.47
CA ALA B 764 -28.16 -48.98 23.80
C ALA B 764 -29.59 -48.45 23.77
N LYS B 765 -30.57 -49.34 23.64
CA LYS B 765 -31.99 -48.95 23.58
C LYS B 765 -32.25 -47.93 22.47
N GLY B 766 -31.56 -48.11 21.35
CA GLY B 766 -31.71 -47.23 20.21
C GLY B 766 -30.94 -45.92 20.30
N ASP B 767 -30.17 -45.71 21.36
CA ASP B 767 -29.41 -44.48 21.51
C ASP B 767 -28.39 -44.35 20.38
N PRO B 768 -28.45 -43.31 19.56
CA PRO B 768 -27.50 -43.21 18.44
C PRO B 768 -26.04 -43.12 18.88
N LEU B 769 -25.77 -42.45 20.00
CA LEU B 769 -24.39 -42.30 20.45
C LEU B 769 -23.82 -43.63 20.96
N VAL B 770 -24.65 -44.44 21.61
CA VAL B 770 -24.19 -45.76 22.04
C VAL B 770 -24.06 -46.69 20.85
N LEU B 771 -24.97 -46.57 19.88
CA LEU B 771 -24.84 -47.36 18.66
C LEU B 771 -23.60 -46.99 17.86
N ASP B 772 -23.19 -45.72 17.92
CA ASP B 772 -21.93 -45.31 17.29
C ASP B 772 -20.76 -46.08 17.89
N LYS B 773 -20.74 -46.21 19.23
CA LYS B 773 -19.69 -46.99 19.88
C LYS B 773 -19.77 -48.46 19.51
N TRP B 774 -20.98 -48.98 19.27
CA TRP B 774 -21.13 -50.38 18.88
C TRP B 774 -20.53 -50.63 17.50
N PHE B 775 -20.74 -49.70 16.56
CA PHE B 775 -20.08 -49.83 15.26
C PHE B 775 -18.58 -49.63 15.38
N ALA B 776 -18.15 -48.64 16.17
CA ALA B 776 -16.73 -48.29 16.23
C ALA B 776 -15.91 -49.39 16.91
N VAL B 777 -16.46 -50.02 17.95
CA VAL B 777 -15.71 -51.05 18.65
C VAL B 777 -15.44 -52.25 17.73
N GLN B 778 -16.33 -52.49 16.77
CA GLN B 778 -16.14 -53.61 15.85
C GLN B 778 -15.17 -53.24 14.72
N ALA B 779 -15.22 -51.99 14.26
CA ALA B 779 -14.31 -51.54 13.21
C ALA B 779 -12.87 -51.54 13.67
N LEU B 780 -12.63 -51.36 14.97
CA LEU B 780 -11.29 -51.35 15.52
C LEU B 780 -10.86 -52.70 16.07
N SER B 781 -11.66 -53.74 15.89
CA SER B 781 -11.32 -55.06 16.41
C SER B 781 -10.16 -55.66 15.63
N ASP B 782 -9.23 -56.28 16.35
CA ASP B 782 -8.10 -56.97 15.73
C ASP B 782 -8.42 -58.47 15.63
N VAL B 783 -9.36 -58.78 14.74
CA VAL B 783 -9.75 -60.16 14.48
C VAL B 783 -9.49 -60.47 13.02
N ARG B 784 -9.74 -61.72 12.62
CA ARG B 784 -9.37 -62.22 11.29
C ARG B 784 -10.01 -61.41 10.17
N GLN B 785 -11.32 -61.52 10.02
CA GLN B 785 -12.03 -60.88 8.90
C GLN B 785 -12.73 -59.59 9.34
N VAL B 786 -11.98 -58.69 9.98
CA VAL B 786 -12.58 -57.43 10.42
C VAL B 786 -12.94 -56.55 9.22
N THR B 787 -12.20 -56.66 8.11
CA THR B 787 -12.52 -55.88 6.93
C THR B 787 -13.87 -56.28 6.36
N GLU B 788 -14.14 -57.59 6.29
CA GLU B 788 -15.43 -58.06 5.82
C GLU B 788 -16.55 -57.70 6.79
N THR B 789 -16.25 -57.70 8.09
CA THR B 789 -17.26 -57.31 9.08
C THR B 789 -17.68 -55.86 8.88
N VAL B 790 -16.71 -54.97 8.63
CA VAL B 790 -17.04 -53.57 8.37
C VAL B 790 -17.89 -53.44 7.12
N LYS B 791 -17.52 -54.18 6.06
CA LYS B 791 -18.31 -54.15 4.83
C LYS B 791 -19.72 -54.68 5.07
N GLU B 792 -19.86 -55.72 5.90
CA GLU B 792 -21.18 -56.25 6.21
C GLU B 792 -21.95 -55.29 7.11
N LEU B 793 -21.26 -54.61 8.02
CA LEU B 793 -21.93 -53.65 8.90
C LEU B 793 -22.48 -52.46 8.14
N GLN B 794 -21.98 -52.20 6.93
CA GLN B 794 -22.54 -51.13 6.11
C GLN B 794 -23.97 -51.44 5.67
N LYS B 795 -24.35 -52.71 5.63
CA LYS B 795 -25.72 -53.12 5.30
C LYS B 795 -26.60 -53.28 6.53
N HIS B 796 -26.11 -52.90 7.71
CA HIS B 796 -26.91 -53.01 8.92
C HIS B 796 -28.06 -52.01 8.89
N ALA B 797 -29.17 -52.40 9.52
CA ALA B 797 -30.37 -51.57 9.53
C ALA B 797 -30.16 -50.27 10.30
N ASP B 798 -29.20 -50.24 11.23
CA ASP B 798 -28.94 -49.04 12.02
C ASP B 798 -27.86 -48.15 11.42
N PHE B 799 -27.27 -48.53 10.30
CA PHE B 799 -26.23 -47.74 9.67
C PHE B 799 -26.81 -46.93 8.52
N THR B 800 -26.49 -45.64 8.51
CA THR B 800 -26.82 -44.76 7.39
C THR B 800 -25.69 -43.76 7.22
N ALA B 801 -25.16 -43.68 6.00
CA ALA B 801 -24.03 -42.79 5.73
C ALA B 801 -24.42 -41.32 5.75
N LYS B 802 -25.71 -41.00 5.70
CA LYS B 802 -26.16 -39.62 5.69
C LYS B 802 -26.04 -38.94 7.05
N ASN B 803 -25.80 -39.71 8.12
CA ASN B 803 -25.49 -39.13 9.43
C ASN B 803 -23.99 -39.12 9.63
N PRO B 804 -23.36 -37.96 9.82
CA PRO B 804 -21.89 -37.94 9.90
C PRO B 804 -21.32 -38.75 11.05
N ASN B 805 -21.99 -38.77 12.20
CA ASN B 805 -21.49 -39.53 13.33
C ASN B 805 -21.51 -41.03 13.05
N ARG B 806 -22.61 -41.51 12.44
CA ARG B 806 -22.72 -42.94 12.16
C ARG B 806 -21.69 -43.39 11.13
N LEU B 807 -21.45 -42.56 10.12
CA LEU B 807 -20.42 -42.91 9.12
C LEU B 807 -19.04 -42.90 9.73
N ARG B 808 -18.71 -41.85 10.51
CA ARG B 808 -17.41 -41.78 11.14
C ARG B 808 -17.24 -42.87 12.18
N ALA B 809 -18.32 -43.27 12.84
CA ALA B 809 -18.23 -44.34 13.84
C ALA B 809 -17.76 -45.64 13.21
N LEU B 810 -18.27 -45.98 12.02
CA LEU B 810 -17.89 -47.22 11.36
C LEU B 810 -16.68 -47.02 10.44
N ILE B 811 -16.79 -46.08 9.50
CA ILE B 811 -15.79 -45.97 8.43
C ILE B 811 -14.51 -45.34 8.95
N PHE B 812 -14.63 -44.18 9.61
CA PHE B 812 -13.43 -43.49 10.09
C PHE B 812 -12.69 -44.33 11.13
N SER B 813 -13.43 -45.06 11.97
CA SER B 813 -12.78 -45.94 12.94
C SER B 813 -11.99 -47.03 12.24
N PHE B 814 -12.50 -47.54 11.12
CA PHE B 814 -11.81 -48.62 10.40
C PHE B 814 -10.47 -48.15 9.86
N THR B 815 -10.39 -46.90 9.41
CA THR B 815 -9.13 -46.37 8.89
C THR B 815 -8.05 -46.30 9.97
N ARG B 816 -8.43 -46.32 11.24
CA ARG B 816 -7.47 -46.35 12.32
C ARG B 816 -7.12 -47.76 12.77
N ASN B 817 -7.86 -48.76 12.29
CA ASN B 817 -7.47 -50.16 12.52
C ASN B 817 -6.22 -50.46 11.71
N PRO B 818 -5.20 -51.10 12.30
CA PRO B 818 -4.01 -51.45 11.51
C PRO B 818 -4.30 -52.37 10.34
N GLN B 819 -5.39 -53.14 10.39
CA GLN B 819 -5.77 -53.99 9.27
C GLN B 819 -6.35 -53.20 8.10
N PHE B 820 -6.54 -51.89 8.25
CA PHE B 820 -6.92 -51.06 7.11
C PHE B 820 -5.79 -50.99 6.09
N HIS B 821 -4.54 -51.20 6.53
CA HIS B 821 -3.39 -51.21 5.64
C HIS B 821 -2.99 -52.63 5.22
N ASN B 822 -3.96 -53.55 5.19
CA ASN B 822 -3.66 -54.91 4.75
C ASN B 822 -3.16 -54.92 3.33
N LYS B 823 -2.12 -55.73 3.08
CA LYS B 823 -1.43 -55.72 1.80
C LYS B 823 -2.30 -56.18 0.63
N ASP B 824 -3.46 -56.76 0.89
CA ASP B 824 -4.36 -57.15 -0.19
C ASP B 824 -5.18 -55.99 -0.73
N GLY B 825 -5.11 -54.82 -0.09
CA GLY B 825 -5.80 -53.64 -0.59
C GLY B 825 -7.29 -53.61 -0.35
N ALA B 826 -7.84 -54.59 0.37
CA ALA B 826 -9.28 -54.61 0.61
C ALA B 826 -9.71 -53.41 1.45
N GLY B 827 -8.90 -53.02 2.42
CA GLY B 827 -9.24 -51.86 3.25
C GLY B 827 -9.24 -50.57 2.45
N TYR B 828 -8.23 -50.38 1.60
CA TYR B 828 -8.17 -49.16 0.80
C TYR B 828 -9.36 -49.05 -0.14
N ALA B 829 -9.82 -50.18 -0.67
CA ALA B 829 -10.97 -50.16 -1.58
C ALA B 829 -12.27 -49.87 -0.83
N LEU B 830 -12.39 -50.36 0.41
CA LEU B 830 -13.60 -50.11 1.19
C LEU B 830 -13.74 -48.62 1.51
N LEU B 831 -12.65 -47.98 1.90
CA LEU B 831 -12.70 -46.54 2.18
C LEU B 831 -12.98 -45.74 0.92
N ALA B 832 -12.36 -46.14 -0.20
CA ALA B 832 -12.60 -45.43 -1.46
C ALA B 832 -14.06 -45.52 -1.87
N ASP B 833 -14.64 -46.72 -1.78
CA ASP B 833 -16.07 -46.86 -2.04
C ASP B 833 -16.89 -46.00 -1.09
N SER B 834 -16.46 -45.90 0.17
CA SER B 834 -17.16 -45.06 1.13
C SER B 834 -17.05 -43.59 0.75
N VAL B 835 -15.85 -43.14 0.41
CA VAL B 835 -15.65 -41.73 0.06
C VAL B 835 -16.46 -41.34 -1.17
N LEU B 836 -16.49 -42.21 -2.19
CA LEU B 836 -17.19 -41.88 -3.42
C LEU B 836 -18.69 -41.75 -3.20
N ALA B 837 -19.25 -42.59 -2.34
CA ALA B 837 -20.70 -42.53 -2.09
C ALA B 837 -21.07 -41.33 -1.24
N VAL B 838 -20.26 -41.03 -0.22
CA VAL B 838 -20.59 -39.92 0.67
C VAL B 838 -20.40 -38.58 -0.01
N ASP B 839 -19.45 -38.49 -0.95
CA ASP B 839 -19.20 -37.22 -1.64
C ASP B 839 -20.40 -36.76 -2.45
N ARG B 840 -21.31 -37.66 -2.79
CA ARG B 840 -22.47 -37.28 -3.58
C ARG B 840 -23.45 -36.40 -2.80
N PHE B 841 -23.35 -36.37 -1.47
CA PHE B 841 -24.24 -35.56 -0.65
C PHE B 841 -23.55 -34.77 0.45
N ASN B 842 -22.39 -35.20 0.93
CA ASN B 842 -21.69 -34.51 2.02
C ASN B 842 -20.20 -34.42 1.69
N PRO B 843 -19.80 -33.38 0.96
CA PRO B 843 -18.38 -33.27 0.57
C PRO B 843 -17.42 -33.15 1.74
N GLN B 844 -17.83 -32.46 2.81
CA GLN B 844 -16.93 -32.22 3.93
C GLN B 844 -16.49 -33.53 4.58
N ILE B 845 -17.43 -34.44 4.81
CA ILE B 845 -17.11 -35.71 5.45
C ILE B 845 -16.32 -36.60 4.50
N ALA B 846 -16.64 -36.55 3.20
CA ALA B 846 -15.91 -37.38 2.23
C ALA B 846 -14.48 -36.90 2.08
N ALA B 847 -14.25 -35.58 2.11
CA ALA B 847 -12.90 -35.06 1.98
C ALA B 847 -12.04 -35.49 3.16
N ARG B 848 -12.59 -35.46 4.37
CA ARG B 848 -11.83 -35.89 5.53
C ARG B 848 -11.58 -37.39 5.50
N GLY B 849 -12.54 -38.17 5.00
CA GLY B 849 -12.32 -39.59 4.84
C GLY B 849 -11.21 -39.90 3.85
N ALA B 850 -11.15 -39.12 2.76
CA ALA B 850 -10.07 -39.29 1.79
C ALA B 850 -8.70 -38.92 2.36
N GLY B 851 -8.67 -38.16 3.46
CA GLY B 851 -7.41 -37.77 4.06
C GLY B 851 -6.59 -38.92 4.61
N ALA B 852 -7.21 -40.09 4.80
CA ALA B 852 -6.47 -41.26 5.24
C ALA B 852 -5.48 -41.75 4.19
N PHE B 853 -5.63 -41.33 2.94
CA PHE B 853 -4.71 -41.68 1.88
C PHE B 853 -3.55 -40.70 1.73
N LEU B 854 -3.49 -39.67 2.57
CA LEU B 854 -2.53 -38.59 2.36
C LEU B 854 -1.10 -39.04 2.59
N GLN B 855 -0.87 -39.89 3.60
CA GLN B 855 0.48 -40.32 3.96
C GLN B 855 0.93 -41.56 3.21
N TRP B 856 0.48 -41.73 1.96
CA TRP B 856 0.83 -42.94 1.21
C TRP B 856 2.33 -43.07 1.00
N LYS B 857 3.04 -41.93 0.90
CA LYS B 857 4.48 -41.97 0.65
C LYS B 857 5.26 -42.57 1.81
N LYS B 858 4.68 -42.64 3.00
CA LYS B 858 5.38 -43.12 4.18
C LYS B 858 5.38 -44.64 4.32
N TYR B 859 4.69 -45.36 3.44
CA TYR B 859 4.56 -46.80 3.55
C TYR B 859 5.44 -47.51 2.52
N ASP B 860 5.43 -48.84 2.58
CA ASP B 860 6.23 -49.62 1.64
C ASP B 860 5.65 -49.50 0.23
N GLU B 861 6.45 -49.91 -0.75
CA GLU B 861 6.08 -49.72 -2.15
C GLU B 861 4.79 -50.45 -2.50
N THR B 862 4.54 -51.61 -1.88
CA THR B 862 3.30 -52.34 -2.13
C THR B 862 2.09 -51.52 -1.70
N ARG B 863 2.10 -51.04 -0.46
CA ARG B 863 0.99 -50.22 0.04
C ARG B 863 0.89 -48.90 -0.72
N GLN B 864 2.02 -48.36 -1.18
CA GLN B 864 1.98 -47.14 -1.97
C GLN B 864 1.16 -47.33 -3.24
N ARG B 865 1.41 -48.41 -3.97
CA ARG B 865 0.71 -48.66 -5.23
C ARG B 865 -0.79 -48.81 -5.01
N GLU B 866 -1.18 -49.46 -3.90
CA GLU B 866 -2.60 -49.70 -3.67
C GLU B 866 -3.33 -48.42 -3.28
N MET B 867 -2.70 -47.58 -2.45
CA MET B 867 -3.32 -46.32 -2.08
C MET B 867 -3.36 -45.34 -3.24
N LEU B 868 -2.31 -45.36 -4.09
CA LEU B 868 -2.32 -44.50 -5.27
C LEU B 868 -3.40 -44.89 -6.25
N LYS B 869 -3.71 -46.19 -6.35
CA LYS B 869 -4.78 -46.62 -7.25
C LYS B 869 -6.13 -46.07 -6.80
N GLN B 870 -6.41 -46.12 -5.50
CA GLN B 870 -7.68 -45.59 -5.00
C GLN B 870 -7.72 -44.08 -5.04
N LEU B 871 -6.56 -43.42 -4.85
CA LEU B 871 -6.53 -41.96 -4.93
C LEU B 871 -6.89 -41.48 -6.33
N ARG B 872 -6.33 -42.13 -7.36
CA ARG B 872 -6.66 -41.75 -8.73
C ARG B 872 -8.08 -42.13 -9.11
N ARG B 873 -8.60 -43.21 -8.52
CA ARG B 873 -10.00 -43.58 -8.78
C ARG B 873 -10.95 -42.52 -8.25
N ILE B 874 -10.62 -41.93 -7.09
CA ILE B 874 -11.47 -40.87 -6.54
C ILE B 874 -11.32 -39.59 -7.36
N ALA B 875 -10.10 -39.28 -7.78
CA ALA B 875 -9.87 -38.05 -8.55
C ALA B 875 -10.55 -38.10 -9.91
N ASN B 876 -10.77 -39.29 -10.45
CA ASN B 876 -11.40 -39.45 -11.75
C ASN B 876 -12.92 -39.57 -11.66
N ALA B 877 -13.49 -39.54 -10.46
CA ALA B 877 -14.93 -39.74 -10.32
C ALA B 877 -15.68 -38.54 -10.86
N PRO B 878 -16.68 -38.75 -11.72
CA PRO B 878 -17.47 -37.62 -12.21
C PRO B 878 -18.30 -37.00 -11.09
N GLY B 879 -18.45 -35.68 -11.15
CA GLY B 879 -19.21 -34.98 -10.13
C GLY B 879 -18.56 -34.90 -8.78
N LEU B 880 -17.25 -35.16 -8.70
CA LEU B 880 -16.55 -35.06 -7.43
C LEU B 880 -16.51 -33.61 -6.96
N SER B 881 -16.66 -33.42 -5.66
CA SER B 881 -16.74 -32.08 -5.10
C SER B 881 -15.37 -31.42 -5.08
N VAL B 882 -15.39 -30.08 -5.01
CA VAL B 882 -14.15 -29.31 -4.90
C VAL B 882 -13.42 -29.65 -3.61
N ASP B 883 -14.16 -29.93 -2.54
CA ASP B 883 -13.54 -30.27 -1.26
C ASP B 883 -12.67 -31.51 -1.38
N THR B 884 -13.26 -32.63 -1.80
CA THR B 884 -12.51 -33.88 -1.90
C THR B 884 -11.49 -33.84 -3.02
N LEU B 885 -11.77 -33.12 -4.11
CA LEU B 885 -10.82 -33.02 -5.19
C LEU B 885 -9.54 -32.33 -4.74
N GLU B 886 -9.67 -31.31 -3.87
CA GLU B 886 -8.48 -30.64 -3.36
C GLU B 886 -7.61 -31.58 -2.53
N ILE B 887 -8.24 -32.45 -1.75
CA ILE B 887 -7.49 -33.36 -0.89
C ILE B 887 -6.73 -34.38 -1.74
N VAL B 888 -7.41 -35.00 -2.70
CA VAL B 888 -6.77 -36.05 -3.49
C VAL B 888 -5.77 -35.47 -4.48
N GLN B 889 -5.98 -34.22 -4.91
CA GLN B 889 -5.01 -33.57 -5.79
C GLN B 889 -3.70 -33.30 -5.06
N LYS B 890 -3.79 -32.83 -3.81
CA LYS B 890 -2.59 -32.58 -3.03
C LYS B 890 -1.87 -33.89 -2.69
N ALA B 891 -2.65 -34.95 -2.45
CA ALA B 891 -2.04 -36.26 -2.17
C ALA B 891 -1.28 -36.78 -3.38
N LEU B 892 -1.83 -36.59 -4.58
CA LEU B 892 -1.22 -37.06 -5.82
C LEU B 892 -0.20 -36.09 -6.39
N ALA B 893 0.05 -34.95 -5.73
CA ALA B 893 0.97 -33.96 -6.28
C ALA B 893 2.37 -34.54 -6.45
N GLY B 894 2.86 -35.23 -5.43
CA GLY B 894 4.14 -35.90 -5.49
C GLY B 894 4.08 -37.34 -5.96
N ALA B 895 2.93 -37.79 -6.46
CA ALA B 895 2.76 -39.14 -6.95
C ALA B 895 3.43 -39.29 -8.31
N PRO B 896 3.75 -40.53 -8.71
CA PRO B 896 4.37 -40.73 -10.03
C PRO B 896 3.35 -40.54 -11.14
N GLU B 897 3.84 -40.01 -12.26
CA GLU B 897 2.98 -39.77 -13.41
C GLU B 897 2.57 -41.11 -14.03
N GLU B 898 1.27 -41.35 -14.12
CA GLU B 898 0.73 -42.60 -14.64
C GLU B 898 -0.24 -42.35 -15.78
N ALA B 899 0.13 -41.45 -16.69
CA ALA B 899 -0.70 -41.18 -17.86
C ALA B 899 -0.57 -42.31 -18.88
N THR B 900 -1.61 -42.48 -19.68
CA THR B 900 -1.62 -43.56 -20.67
C THR B 900 -0.50 -43.41 -21.68
N ALA B 901 -0.14 -42.17 -22.03
CA ALA B 901 0.89 -41.94 -23.04
C ALA B 901 2.23 -42.55 -22.62
N HIS B 902 2.48 -42.65 -21.32
CA HIS B 902 3.66 -43.35 -20.84
C HIS B 902 3.43 -44.85 -20.87
N HIS B 903 4.44 -45.59 -21.31
CA HIS B 903 4.32 -47.04 -21.41
C HIS B 903 4.61 -47.71 -20.08
N PRO C 2 2.94 -34.19 -11.56
CA PRO C 2 3.81 -33.03 -11.33
C PRO C 2 3.13 -31.91 -10.56
N VAL C 3 3.86 -30.84 -10.29
CA VAL C 3 3.33 -29.68 -9.57
C VAL C 3 3.53 -28.44 -10.42
N GLU C 4 2.85 -27.36 -10.01
CA GLU C 4 2.94 -26.10 -10.73
C GLU C 4 4.29 -25.45 -10.46
N LYS C 5 4.95 -25.01 -11.54
CA LYS C 5 6.23 -24.33 -11.44
C LYS C 5 6.00 -22.83 -11.43
N HIS C 6 6.83 -22.11 -10.66
CA HIS C 6 6.68 -20.68 -10.49
C HIS C 6 7.92 -19.96 -10.99
N ARG C 7 7.70 -18.81 -11.64
CA ARG C 7 8.80 -18.07 -12.25
C ARG C 7 9.81 -17.61 -11.22
N LEU C 8 9.34 -17.02 -10.12
CA LEU C 8 10.22 -16.42 -9.12
C LEU C 8 10.91 -17.47 -8.24
N ASP C 9 10.66 -18.75 -8.47
CA ASP C 9 11.30 -19.81 -7.71
C ASP C 9 12.64 -20.25 -8.29
N TYR C 10 13.12 -19.56 -9.33
CA TYR C 10 14.33 -20.00 -10.02
C TYR C 10 15.53 -19.98 -9.08
N LYS C 11 16.43 -20.93 -9.28
CA LYS C 11 17.68 -21.06 -8.54
C LYS C 11 18.67 -21.79 -9.44
N PRO C 12 19.93 -21.35 -9.49
CA PRO C 12 20.92 -22.07 -10.31
C PRO C 12 21.07 -23.52 -9.86
N THR C 13 21.54 -24.34 -10.79
CA THR C 13 21.67 -25.77 -10.54
C THR C 13 22.72 -26.02 -9.45
N ASP C 14 22.52 -27.11 -8.70
CA ASP C 14 23.51 -27.52 -7.72
C ASP C 14 24.79 -27.98 -8.38
N PHE C 15 24.68 -28.63 -9.53
CA PHE C 15 25.82 -29.18 -10.24
C PHE C 15 25.91 -28.61 -11.65
N LEU C 16 27.11 -28.68 -12.22
CA LEU C 16 27.36 -28.30 -13.59
C LEU C 16 27.71 -29.53 -14.41
N ILE C 17 27.49 -29.47 -15.71
CA ILE C 17 27.84 -30.54 -16.64
C ILE C 17 28.93 -30.00 -17.56
N ASP C 18 30.12 -30.58 -17.45
CA ASP C 18 31.27 -30.10 -18.22
C ASP C 18 31.40 -30.78 -19.57
N PHE C 19 30.98 -32.03 -19.69
CA PHE C 19 31.11 -32.76 -20.95
C PHE C 19 30.05 -33.84 -21.03
N VAL C 20 29.53 -34.05 -22.24
CA VAL C 20 28.51 -35.07 -22.51
C VAL C 20 29.07 -36.01 -23.57
N ASP C 21 29.20 -37.28 -23.23
CA ASP C 21 29.75 -38.30 -24.12
C ASP C 21 28.66 -39.34 -24.39
N LEU C 22 28.03 -39.24 -25.55
CA LEU C 22 26.90 -40.10 -25.91
C LEU C 22 27.32 -41.13 -26.95
N ASP C 23 26.78 -42.34 -26.81
CA ASP C 23 27.01 -43.41 -27.76
C ASP C 23 25.68 -44.13 -28.01
N PHE C 24 25.22 -44.11 -29.26
CA PHE C 24 23.92 -44.65 -29.63
C PHE C 24 24.10 -45.95 -30.42
N ASP C 25 23.44 -47.00 -29.97
CA ASP C 25 23.31 -48.25 -30.75
C ASP C 25 21.89 -48.27 -31.28
N LEU C 26 21.72 -47.75 -32.50
CA LEU C 26 20.40 -47.42 -33.02
C LEU C 26 19.72 -48.66 -33.61
N TYR C 27 18.54 -48.97 -33.08
CA TYR C 27 17.63 -49.94 -33.67
C TYR C 27 16.22 -49.38 -33.60
N ASP C 28 15.35 -49.90 -34.47
CA ASP C 28 13.99 -49.37 -34.54
C ASP C 28 13.18 -49.70 -33.30
N ASP C 29 13.29 -50.93 -32.80
CA ASP C 29 12.45 -51.37 -31.69
C ASP C 29 13.09 -51.14 -30.32
N ARG C 30 14.43 -51.17 -30.23
CA ARG C 30 15.10 -50.94 -28.96
C ARG C 30 16.50 -50.39 -29.23
N THR C 31 16.74 -49.15 -28.82
CA THR C 31 18.01 -48.47 -29.01
C THR C 31 18.74 -48.38 -27.67
N LYS C 32 20.02 -48.74 -27.66
CA LYS C 32 20.85 -48.62 -26.48
C LYS C 32 21.54 -47.26 -26.46
N VAL C 33 21.44 -46.56 -25.34
CA VAL C 33 22.02 -45.23 -25.18
C VAL C 33 23.05 -45.32 -24.05
N THR C 34 24.32 -45.14 -24.39
CA THR C 34 25.40 -45.10 -23.42
C THR C 34 25.87 -43.65 -23.28
N SER C 35 25.85 -43.14 -22.06
CA SER C 35 26.16 -41.74 -21.82
C SER C 35 27.10 -41.61 -20.62
N THR C 36 28.11 -40.75 -20.77
CA THR C 36 29.03 -40.41 -19.69
C THR C 36 28.97 -38.90 -19.45
N LEU C 37 28.56 -38.51 -18.26
CA LEU C 37 28.49 -37.11 -17.87
C LEU C 37 29.68 -36.74 -17.00
N THR C 38 30.42 -35.71 -17.40
CA THR C 38 31.49 -35.15 -16.60
C THR C 38 30.95 -33.92 -15.88
N MET C 39 30.87 -33.99 -14.56
CA MET C 39 30.16 -33.01 -13.76
C MET C 39 31.01 -32.54 -12.59
N HIS C 40 30.55 -31.46 -11.96
CA HIS C 40 31.13 -30.95 -10.72
C HIS C 40 30.09 -30.10 -10.03
N ARG C 41 30.28 -29.90 -8.72
CA ARG C 41 29.35 -29.11 -7.93
C ARG C 41 29.63 -27.63 -8.09
N ARG C 42 28.57 -26.82 -7.97
CA ARG C 42 28.72 -25.37 -8.11
C ARG C 42 29.65 -24.82 -7.03
N GLU C 43 30.46 -23.83 -7.42
CA GLU C 43 31.48 -23.32 -6.52
C GLU C 43 30.86 -22.70 -5.28
N GLN C 44 31.54 -22.89 -4.14
CA GLN C 44 31.14 -22.28 -2.87
C GLN C 44 29.73 -22.69 -2.45
N THR C 45 29.44 -23.98 -2.56
CA THR C 45 28.20 -24.58 -2.10
C THR C 45 28.52 -25.84 -1.32
N PRO C 46 27.71 -26.17 -0.31
CA PRO C 46 27.96 -27.37 0.48
C PRO C 46 27.65 -28.63 -0.32
N PRO C 47 28.14 -29.78 0.10
CA PRO C 47 27.81 -31.03 -0.60
C PRO C 47 26.31 -31.31 -0.54
N THR C 48 25.80 -31.89 -1.62
CA THR C 48 24.39 -32.23 -1.71
C THR C 48 24.22 -33.39 -2.68
N ASP C 49 23.04 -34.01 -2.63
CA ASP C 49 22.76 -35.15 -3.50
C ASP C 49 22.66 -34.71 -4.95
N LEU C 50 23.03 -35.62 -5.85
CA LEU C 50 22.90 -35.40 -7.28
C LEU C 50 21.58 -36.01 -7.76
N VAL C 51 20.78 -35.22 -8.47
CA VAL C 51 19.50 -35.68 -9.01
C VAL C 51 19.47 -35.35 -10.50
N LEU C 52 19.29 -36.38 -11.32
CA LEU C 52 19.30 -36.24 -12.77
C LEU C 52 17.93 -36.61 -13.33
N ASP C 53 17.40 -35.76 -14.21
CA ASP C 53 16.13 -36.06 -14.85
C ASP C 53 16.26 -37.25 -15.79
N GLY C 54 15.23 -38.08 -15.83
CA GLY C 54 15.21 -39.25 -16.69
C GLY C 54 13.82 -39.84 -16.79
N GLU C 55 13.25 -39.86 -17.99
CA GLU C 55 11.86 -40.19 -18.20
C GLU C 55 11.73 -41.40 -19.12
N ASP C 56 11.03 -42.43 -18.63
CA ASP C 56 10.71 -43.62 -19.42
C ASP C 56 11.97 -44.31 -19.95
N LEU C 57 12.99 -44.39 -19.10
CA LEU C 57 14.24 -45.04 -19.47
C LEU C 57 14.30 -46.43 -18.87
N GLU C 58 14.88 -47.36 -19.62
CA GLU C 58 15.11 -48.73 -19.15
C GLU C 58 16.57 -48.81 -18.70
N LEU C 59 16.78 -48.68 -17.39
CA LEU C 59 18.12 -48.56 -16.84
C LEU C 59 18.79 -49.93 -16.76
N GLU C 60 20.00 -50.03 -17.31
CA GLU C 60 20.80 -51.26 -17.26
C GLU C 60 21.95 -51.19 -16.26
N SER C 61 22.68 -50.08 -16.22
CA SER C 61 23.82 -49.98 -15.32
C SER C 61 24.07 -48.52 -14.97
N VAL C 62 24.61 -48.30 -13.77
CA VAL C 62 25.03 -46.99 -13.29
C VAL C 62 26.46 -47.12 -12.78
N GLU C 63 27.34 -46.23 -13.24
CA GLU C 63 28.75 -46.27 -12.91
C GLU C 63 29.21 -44.87 -12.51
N LEU C 64 29.92 -44.78 -11.38
CA LEU C 64 30.41 -43.52 -10.85
C LEU C 64 31.92 -43.60 -10.72
N ASP C 65 32.61 -42.77 -11.50
CA ASP C 65 34.08 -42.73 -11.51
C ASP C 65 34.67 -44.12 -11.74
N GLY C 66 34.08 -44.85 -12.68
CA GLY C 66 34.54 -46.18 -13.03
C GLY C 66 34.08 -47.29 -12.11
N ASN C 67 33.38 -46.96 -11.01
CA ASN C 67 32.93 -47.97 -10.06
C ASN C 67 31.43 -48.20 -10.24
N ALA C 68 31.05 -49.47 -10.35
CA ALA C 68 29.65 -49.82 -10.54
C ALA C 68 28.85 -49.53 -9.29
N LEU C 69 27.64 -49.00 -9.47
CA LEU C 69 26.71 -48.75 -8.39
C LEU C 69 25.49 -49.65 -8.56
N SER C 70 25.06 -50.26 -7.46
CA SER C 70 23.92 -51.16 -7.45
C SER C 70 22.66 -50.43 -7.01
N MET C 71 21.52 -50.98 -7.40
CA MET C 71 20.24 -50.42 -6.98
C MET C 71 20.08 -50.58 -5.47
N HIS C 72 19.74 -49.48 -4.79
CA HIS C 72 19.54 -49.53 -3.35
C HIS C 72 18.37 -50.45 -3.00
N SER C 73 18.63 -51.40 -2.11
CA SER C 73 17.63 -52.37 -1.69
C SER C 73 17.82 -52.65 -0.20
N THR C 74 17.03 -53.57 0.33
CA THR C 74 17.20 -53.99 1.71
C THR C 74 18.40 -54.93 1.86
N GLU C 75 18.74 -55.67 0.81
CA GLU C 75 19.91 -56.54 0.86
C GLU C 75 21.20 -55.74 0.86
N THR C 76 21.26 -54.67 0.07
CA THR C 76 22.43 -53.82 0.06
C THR C 76 22.54 -52.97 1.33
N GLN C 77 21.42 -52.73 2.01
CA GLN C 77 21.47 -51.98 3.27
C GLN C 77 21.96 -52.87 4.41
N LYS C 78 21.53 -54.13 4.43
CA LYS C 78 21.98 -55.04 5.48
C LYS C 78 23.46 -55.38 5.34
N ALA C 79 23.97 -55.42 4.11
CA ALA C 79 25.37 -55.76 3.87
C ALA C 79 26.31 -54.58 4.04
N GLY C 80 25.78 -53.38 4.31
CA GLY C 80 26.62 -52.21 4.46
C GLY C 80 27.32 -51.79 3.19
N ASP C 81 26.63 -51.88 2.04
CA ASP C 81 27.19 -51.51 0.75
C ASP C 81 26.72 -50.11 0.41
N LYS C 82 27.66 -49.15 0.41
CA LYS C 82 27.34 -47.76 0.14
C LYS C 82 27.45 -47.39 -1.34
N ARG C 83 28.02 -48.26 -2.16
CA ARG C 83 28.12 -48.02 -3.60
C ARG C 83 26.78 -48.33 -4.26
N VAL C 84 25.83 -47.43 -4.04
CA VAL C 84 24.45 -47.61 -4.49
C VAL C 84 23.92 -46.32 -5.09
N TYR C 85 22.82 -46.46 -5.82
CA TYR C 85 22.07 -45.32 -6.34
C TYR C 85 20.59 -45.51 -6.01
N SER C 86 19.83 -44.42 -6.13
CA SER C 86 18.41 -44.44 -5.87
C SER C 86 17.66 -43.89 -7.07
N LEU C 87 16.38 -44.28 -7.18
CA LEU C 87 15.48 -43.75 -8.17
C LEU C 87 14.32 -43.08 -7.47
N ASP C 88 14.03 -41.83 -7.85
CA ASP C 88 12.98 -41.07 -7.19
C ASP C 88 11.61 -41.56 -7.70
N VAL C 89 10.54 -40.87 -7.28
CA VAL C 89 9.20 -41.30 -7.63
C VAL C 89 8.95 -41.18 -9.12
N ASP C 90 9.66 -40.29 -9.80
CA ASP C 90 9.49 -40.07 -11.24
C ASP C 90 10.57 -40.78 -12.07
N GLY C 91 11.43 -41.57 -11.42
CA GLY C 91 12.50 -42.26 -12.12
C GLY C 91 13.81 -41.50 -12.20
N ARG C 92 13.90 -40.33 -11.59
CA ARG C 92 15.15 -39.56 -11.63
C ARG C 92 16.25 -40.29 -10.87
N LEU C 93 17.46 -40.24 -11.41
CA LEU C 93 18.60 -40.92 -10.82
C LEU C 93 19.19 -40.08 -9.70
N VAL C 94 19.38 -40.70 -8.54
CA VAL C 94 19.86 -40.02 -7.33
C VAL C 94 21.12 -40.71 -6.85
N ILE C 95 22.18 -39.92 -6.64
CA ILE C 95 23.44 -40.40 -6.10
C ILE C 95 23.74 -39.57 -4.85
N ALA C 96 23.97 -40.25 -3.73
CA ALA C 96 24.12 -39.57 -2.46
C ALA C 96 25.39 -38.71 -2.45
N ALA C 97 25.34 -37.64 -1.65
CA ALA C 97 26.44 -36.69 -1.60
C ALA C 97 27.71 -37.33 -1.05
N ASP C 98 27.58 -38.37 -0.23
CA ASP C 98 28.75 -39.02 0.35
C ASP C 98 29.59 -39.74 -0.70
N LEU C 99 29.01 -40.09 -1.84
CA LEU C 99 29.75 -40.71 -2.93
C LEU C 99 30.39 -39.69 -3.87
N LEU C 100 30.03 -38.43 -3.76
CA LEU C 100 30.50 -37.35 -4.61
C LEU C 100 31.67 -36.64 -3.98
N PRO C 101 32.48 -35.93 -4.78
CA PRO C 101 33.65 -35.24 -4.22
C PRO C 101 33.24 -34.20 -3.18
N GLN C 102 34.07 -34.07 -2.14
CA GLN C 102 33.82 -33.06 -1.11
C GLN C 102 34.07 -31.66 -1.65
N GLU C 103 35.20 -31.47 -2.33
CA GLU C 103 35.48 -30.20 -2.96
C GLU C 103 34.53 -29.97 -4.13
N ALA C 104 34.05 -28.73 -4.26
CA ALA C 104 33.03 -28.43 -5.26
C ALA C 104 33.60 -28.51 -6.68
N GLU C 105 34.84 -28.07 -6.88
CA GLU C 105 35.42 -27.98 -8.21
C GLU C 105 35.96 -29.30 -8.73
N LYS C 106 36.08 -30.33 -7.88
CA LYS C 106 36.60 -31.60 -8.33
C LYS C 106 35.58 -32.32 -9.20
N LYS C 107 36.00 -32.73 -10.40
CA LYS C 107 35.10 -33.32 -11.35
C LYS C 107 34.92 -34.82 -11.10
N PHE C 108 33.72 -35.30 -11.39
CA PHE C 108 33.39 -36.72 -11.34
C PHE C 108 32.65 -37.10 -12.60
N LYS C 109 32.57 -38.41 -12.85
CA LYS C 109 31.96 -38.93 -14.07
C LYS C 109 30.84 -39.89 -13.73
N VAL C 110 29.67 -39.66 -14.33
CA VAL C 110 28.51 -40.53 -14.20
C VAL C 110 28.30 -41.21 -15.55
N LYS C 111 28.34 -42.54 -15.57
CA LYS C 111 28.14 -43.30 -16.78
C LYS C 111 26.94 -44.22 -16.62
N THR C 112 26.00 -44.15 -17.56
CA THR C 112 24.79 -44.94 -17.53
C THR C 112 24.57 -45.62 -18.87
N VAL C 113 23.85 -46.74 -18.84
CA VAL C 113 23.43 -47.46 -20.02
C VAL C 113 21.93 -47.69 -19.93
N VAL C 114 21.16 -47.12 -20.85
CA VAL C 114 19.72 -47.25 -20.85
C VAL C 114 19.27 -47.70 -22.23
N TYR C 115 17.99 -48.09 -22.31
CA TYR C 115 17.36 -48.48 -23.56
C TYR C 115 16.09 -47.67 -23.76
N VAL C 116 15.83 -47.29 -25.01
CA VAL C 116 14.60 -46.61 -25.39
C VAL C 116 14.01 -47.34 -26.59
N ARG C 117 12.76 -47.01 -26.91
CA ARG C 117 12.01 -47.67 -27.97
C ARG C 117 11.48 -46.62 -28.94
N PRO C 118 12.22 -46.34 -30.01
CA PRO C 118 11.80 -45.25 -30.92
C PRO C 118 10.51 -45.54 -31.66
N LYS C 119 10.30 -46.79 -32.09
CA LYS C 119 9.11 -47.10 -32.88
C LYS C 119 7.84 -46.99 -32.04
N GLU C 120 7.95 -47.17 -30.72
CA GLU C 120 6.81 -47.04 -29.82
C GLU C 120 6.67 -45.63 -29.26
N ASN C 121 7.53 -44.69 -29.64
CA ASN C 121 7.52 -43.34 -29.10
C ASN C 121 6.58 -42.46 -29.93
N LEU C 122 5.28 -42.72 -29.76
CA LEU C 122 4.26 -41.96 -30.48
C LEU C 122 4.08 -40.55 -29.94
N GLN C 123 4.71 -40.20 -28.81
CA GLN C 123 4.70 -38.82 -28.34
C GLN C 123 5.51 -37.91 -29.25
N LEU C 124 6.38 -38.48 -30.09
CA LEU C 124 7.27 -37.70 -30.96
C LEU C 124 8.13 -36.76 -30.13
N MET C 125 8.54 -37.22 -28.95
CA MET C 125 9.39 -36.47 -28.04
C MET C 125 10.53 -37.39 -27.61
N GLY C 126 11.76 -36.97 -27.86
CA GLY C 126 12.90 -37.85 -27.72
C GLY C 126 13.24 -38.51 -29.05
N LEU C 127 13.89 -39.66 -28.95
CA LEU C 127 14.23 -40.44 -30.14
C LEU C 127 13.01 -41.23 -30.58
N TYR C 128 12.62 -41.07 -31.84
CA TYR C 128 11.45 -41.78 -32.35
C TYR C 128 11.60 -42.00 -33.86
N LYS C 129 10.70 -42.82 -34.40
CA LYS C 129 10.70 -43.20 -35.80
C LYS C 129 9.66 -42.38 -36.55
N SER C 130 10.09 -41.73 -37.63
CA SER C 130 9.21 -40.94 -38.49
C SER C 130 9.42 -41.43 -39.92
N GLY C 131 8.47 -42.22 -40.43
CA GLY C 131 8.62 -42.83 -41.73
C GLY C 131 9.75 -43.84 -41.75
N ALA C 132 10.74 -43.61 -42.59
CA ALA C 132 11.92 -44.47 -42.66
C ALA C 132 13.11 -43.89 -41.91
N LEU C 133 12.89 -42.87 -41.09
CA LEU C 133 13.97 -42.17 -40.41
C LEU C 133 13.84 -42.32 -38.90
N LEU C 134 14.99 -42.28 -38.23
CA LEU C 134 15.07 -42.12 -36.79
C LEU C 134 15.45 -40.66 -36.51
N VAL C 135 14.56 -39.92 -35.86
CA VAL C 135 14.73 -38.50 -35.61
C VAL C 135 14.51 -38.22 -34.13
N THR C 136 14.81 -36.98 -33.75
CA THR C 136 14.69 -36.56 -32.36
C THR C 136 13.93 -35.25 -32.27
N GLN C 137 13.35 -35.01 -31.10
CA GLN C 137 12.77 -33.72 -30.73
C GLN C 137 12.89 -33.59 -29.23
N CYS C 138 13.63 -32.57 -28.76
CA CYS C 138 13.95 -32.44 -27.35
C CYS C 138 13.37 -31.22 -26.67
N GLU C 139 12.99 -30.17 -27.40
CA GLU C 139 12.36 -29.02 -26.79
C GLU C 139 10.92 -29.37 -26.45
N ALA C 140 10.50 -29.06 -25.22
CA ALA C 140 11.32 -28.34 -24.25
C ALA C 140 12.10 -29.27 -23.34
N GLU C 141 11.43 -30.32 -22.84
CA GLU C 141 12.06 -31.24 -21.90
C GLU C 141 12.01 -32.67 -22.42
N GLY C 142 12.49 -32.87 -23.65
CA GLY C 142 12.44 -34.18 -24.27
C GLY C 142 13.73 -34.97 -24.21
N PHE C 143 14.84 -34.28 -23.92
CA PHE C 143 16.12 -34.98 -23.87
C PHE C 143 16.16 -36.00 -22.75
N ARG C 144 15.47 -35.73 -21.64
CA ARG C 144 15.43 -36.69 -20.53
C ARG C 144 14.76 -38.01 -20.92
N ARG C 145 14.06 -38.05 -22.05
CA ARG C 145 13.54 -39.30 -22.57
C ARG C 145 14.57 -40.07 -23.39
N ILE C 146 15.78 -39.54 -23.51
CA ILE C 146 16.86 -40.21 -24.22
C ILE C 146 17.93 -40.72 -23.25
N THR C 147 18.32 -39.91 -22.27
CA THR C 147 19.24 -40.33 -21.22
C THR C 147 19.15 -39.33 -20.08
N TYR C 148 19.82 -39.67 -18.97
CA TYR C 148 19.79 -38.82 -17.79
C TYR C 148 20.58 -37.54 -18.03
N PHE C 149 20.09 -36.44 -17.46
CA PHE C 149 20.67 -35.12 -17.67
C PHE C 149 20.05 -34.15 -16.68
N LEU C 150 20.64 -32.95 -16.62
CA LEU C 150 20.00 -31.80 -15.99
C LEU C 150 19.22 -31.08 -17.08
N ASP C 151 17.99 -31.54 -17.31
CA ASP C 151 17.19 -31.15 -18.47
C ASP C 151 16.56 -29.77 -18.23
N ARG C 152 17.41 -28.74 -18.29
CA ARG C 152 16.98 -27.36 -18.19
C ARG C 152 17.91 -26.50 -19.04
N PRO C 153 17.39 -25.42 -19.65
CA PRO C 153 18.19 -24.69 -20.64
C PRO C 153 19.37 -23.91 -20.06
N ASP C 154 19.45 -23.73 -18.75
CA ASP C 154 20.61 -23.03 -18.17
C ASP C 154 21.80 -23.95 -17.97
N VAL C 155 21.68 -25.23 -18.33
CA VAL C 155 22.79 -26.17 -18.28
C VAL C 155 23.34 -26.30 -19.71
N MET C 156 24.54 -25.76 -19.93
CA MET C 156 25.17 -25.78 -21.24
C MET C 156 26.45 -26.59 -21.16
N SER C 157 26.69 -27.42 -22.18
CA SER C 157 27.81 -28.35 -22.14
C SER C 157 28.30 -28.61 -23.56
N LEU C 158 29.51 -29.17 -23.64
CA LEU C 158 30.06 -29.65 -24.90
C LEU C 158 29.59 -31.09 -25.12
N PHE C 159 29.28 -31.41 -26.37
CA PHE C 159 28.72 -32.70 -26.73
C PHE C 159 29.66 -33.47 -27.64
N LYS C 160 29.82 -34.76 -27.35
CA LYS C 160 30.47 -35.70 -28.27
C LYS C 160 29.51 -36.86 -28.46
N VAL C 161 29.12 -37.13 -29.71
CA VAL C 161 28.03 -38.03 -30.03
C VAL C 161 28.51 -39.06 -31.03
N ARG C 162 28.33 -40.35 -30.70
CA ARG C 162 28.61 -41.45 -31.61
C ARG C 162 27.31 -42.16 -31.94
N LEU C 163 27.05 -42.34 -33.23
CA LEU C 163 25.84 -43.01 -33.71
C LEU C 163 26.25 -44.26 -34.49
N ALA C 164 25.72 -45.41 -34.08
CA ALA C 164 25.94 -46.67 -34.80
C ALA C 164 24.59 -47.16 -35.32
N ALA C 165 24.55 -47.55 -36.59
CA ALA C 165 23.30 -47.97 -37.20
C ALA C 165 23.57 -48.94 -38.34
N ASP C 166 22.50 -49.53 -38.84
CA ASP C 166 22.59 -50.46 -39.95
C ASP C 166 23.02 -49.75 -41.23
N GLU C 167 23.95 -50.37 -41.96
CA GLU C 167 24.48 -49.72 -43.16
C GLU C 167 23.42 -49.57 -44.24
N LYS C 168 22.60 -50.59 -44.44
CA LYS C 168 21.60 -50.54 -45.51
C LYS C 168 20.42 -49.66 -45.15
N ALA C 169 19.99 -49.69 -43.89
CA ALA C 169 18.77 -48.98 -43.51
C ALA C 169 19.04 -47.54 -43.15
N CYS C 170 20.23 -47.22 -42.63
CA CYS C 170 20.59 -45.87 -42.24
C CYS C 170 21.99 -45.53 -42.76
N PRO C 171 22.12 -45.31 -44.07
CA PRO C 171 23.42 -44.92 -44.61
C PRO C 171 23.85 -43.52 -44.20
N VAL C 172 22.91 -42.65 -43.86
CA VAL C 172 23.19 -41.26 -43.51
C VAL C 172 23.01 -41.11 -42.00
N LEU C 173 24.07 -40.68 -41.32
CA LEU C 173 24.05 -40.41 -39.88
C LEU C 173 24.41 -38.95 -39.65
N LEU C 174 23.65 -38.29 -38.78
CA LEU C 174 23.83 -36.85 -38.55
C LEU C 174 23.62 -36.53 -37.08
N SER C 175 24.44 -35.61 -36.57
CA SER C 175 24.28 -35.05 -35.24
C SER C 175 24.84 -33.64 -35.25
N ASN C 176 24.74 -32.95 -34.11
CA ASN C 176 25.20 -31.57 -34.01
C ASN C 176 26.70 -31.49 -34.18
N GLY C 177 27.16 -30.48 -34.90
CA GLY C 177 28.57 -30.15 -34.97
C GLY C 177 29.34 -30.74 -36.13
N ASN C 178 30.63 -31.00 -35.91
CA ASN C 178 31.53 -31.51 -36.93
C ASN C 178 31.66 -33.02 -36.80
N MET C 179 31.56 -33.72 -37.92
CA MET C 179 31.78 -35.17 -37.95
C MET C 179 33.28 -35.43 -37.99
N VAL C 180 33.83 -35.92 -36.89
CA VAL C 180 35.29 -36.08 -36.76
C VAL C 180 35.77 -37.49 -37.09
N GLU C 181 34.86 -38.46 -37.22
CA GLU C 181 35.27 -39.82 -37.53
C GLU C 181 34.07 -40.61 -38.03
N SER C 182 34.32 -41.53 -38.96
CA SER C 182 33.31 -42.46 -39.43
C SER C 182 34.02 -43.76 -39.80
N GLY C 183 33.33 -44.88 -39.57
CA GLY C 183 33.92 -46.16 -39.90
C GLY C 183 32.93 -47.29 -39.65
N LYS C 184 33.46 -48.50 -39.68
CA LYS C 184 32.64 -49.69 -39.47
C LYS C 184 32.62 -50.06 -38.00
N VAL C 185 31.50 -50.65 -37.57
CA VAL C 185 31.39 -51.17 -36.22
C VAL C 185 32.17 -52.47 -36.13
N GLU C 186 33.07 -52.56 -35.16
CA GLU C 186 33.92 -53.74 -35.02
C GLU C 186 33.07 -54.95 -34.63
N GLY C 187 33.26 -56.04 -35.36
CA GLY C 187 32.50 -57.26 -35.11
C GLY C 187 31.93 -57.86 -36.39
N GLU C 188 30.68 -58.30 -36.35
CA GLU C 188 30.03 -58.78 -37.55
C GLU C 188 29.72 -57.61 -38.48
N LYS C 189 29.91 -57.82 -39.78
CA LYS C 189 29.70 -56.77 -40.76
C LYS C 189 28.23 -56.35 -40.80
N GLY C 190 27.98 -55.19 -41.39
CA GLY C 190 26.63 -54.69 -41.60
C GLY C 190 26.29 -53.39 -40.89
N ARG C 191 27.13 -52.91 -39.97
CA ARG C 191 26.84 -51.70 -39.23
C ARG C 191 28.03 -50.75 -39.32
N HIS C 192 27.73 -49.45 -39.36
CA HIS C 192 28.73 -48.40 -39.40
C HIS C 192 28.43 -47.37 -38.33
N PHE C 193 29.36 -46.43 -38.13
CA PHE C 193 29.20 -45.43 -37.10
C PHE C 193 29.74 -44.09 -37.58
N ALA C 194 29.41 -43.04 -36.82
CA ALA C 194 29.91 -41.70 -37.07
C ALA C 194 29.96 -40.96 -35.74
N VAL C 195 30.99 -40.13 -35.57
CA VAL C 195 31.22 -39.39 -34.33
C VAL C 195 31.13 -37.90 -34.64
N PHE C 196 30.33 -37.19 -33.84
CA PHE C 196 30.10 -35.76 -34.02
C PHE C 196 30.50 -35.03 -32.75
N GLU C 197 31.29 -33.97 -32.90
CA GLU C 197 31.74 -33.15 -31.78
C GLU C 197 31.30 -31.71 -32.01
N ASP C 198 30.50 -31.18 -31.09
CA ASP C 198 30.04 -29.81 -31.17
C ASP C 198 30.99 -28.92 -30.38
N PRO C 199 31.73 -28.01 -31.02
CA PRO C 199 32.74 -27.23 -30.31
C PRO C 199 32.19 -26.12 -29.43
N PHE C 200 30.88 -25.88 -29.44
CA PHE C 200 30.27 -24.79 -28.69
C PHE C 200 29.27 -25.35 -27.68
N GLN C 201 29.26 -24.78 -26.48
CA GLN C 201 28.38 -25.26 -25.43
C GLN C 201 26.93 -24.94 -25.78
N LYS C 202 26.03 -25.87 -25.45
CA LYS C 202 24.62 -25.72 -25.77
C LYS C 202 23.79 -26.47 -24.74
N PRO C 203 22.56 -26.05 -24.51
CA PRO C 203 21.64 -26.83 -23.67
C PRO C 203 21.12 -28.04 -24.42
N CYS C 204 20.61 -29.00 -23.65
CA CYS C 204 20.26 -30.29 -24.23
C CYS C 204 19.03 -30.24 -25.12
N TYR C 205 18.19 -29.21 -24.99
CA TYR C 205 17.02 -29.12 -25.87
C TYR C 205 17.40 -28.84 -27.31
N LEU C 206 18.65 -28.43 -27.58
CA LEU C 206 19.12 -28.22 -28.94
C LEU C 206 19.83 -29.43 -29.52
N PHE C 207 19.94 -30.52 -28.77
CA PHE C 207 20.55 -31.74 -29.29
C PHE C 207 19.65 -32.37 -30.34
N ALA C 208 20.26 -33.07 -31.29
CA ALA C 208 19.51 -33.76 -32.33
C ALA C 208 20.37 -34.84 -32.97
N LEU C 209 19.71 -35.90 -33.41
CA LEU C 209 20.34 -36.94 -34.21
C LEU C 209 19.35 -37.39 -35.28
N VAL C 210 19.90 -37.78 -36.43
CA VAL C 210 19.10 -38.29 -37.54
C VAL C 210 19.83 -39.49 -38.14
N ALA C 211 19.08 -40.55 -38.42
CA ALA C 211 19.62 -41.76 -39.02
C ALA C 211 18.59 -42.37 -39.95
N GLY C 212 18.97 -42.59 -41.20
CA GLY C 212 18.07 -43.19 -42.16
C GLY C 212 18.62 -43.07 -43.57
N ASP C 213 17.76 -43.41 -44.53
CA ASP C 213 18.09 -43.33 -45.95
C ASP C 213 17.69 -41.95 -46.45
N LEU C 214 18.68 -41.07 -46.62
CA LEU C 214 18.43 -39.68 -46.98
C LEU C 214 19.17 -39.30 -48.25
N LYS C 215 18.50 -38.53 -49.10
CA LYS C 215 19.13 -37.85 -50.22
C LYS C 215 19.21 -36.36 -49.90
N SER C 216 20.10 -35.67 -50.62
CA SER C 216 20.36 -34.28 -50.28
C SER C 216 20.67 -33.46 -51.52
N ILE C 217 20.35 -32.17 -51.44
CA ILE C 217 20.90 -31.15 -52.31
C ILE C 217 21.64 -30.16 -51.43
N SER C 218 22.58 -29.44 -52.04
CA SER C 218 23.42 -28.57 -51.23
C SER C 218 23.96 -27.42 -52.09
N GLN C 219 24.48 -26.41 -51.39
CA GLN C 219 25.12 -25.26 -52.00
C GLN C 219 25.97 -24.56 -50.95
N SER C 220 27.13 -24.06 -51.37
CA SER C 220 28.05 -23.42 -50.44
C SER C 220 27.68 -21.95 -50.26
N PHE C 221 27.88 -21.45 -49.04
CA PHE C 221 27.66 -20.05 -48.70
C PHE C 221 28.91 -19.51 -48.03
N THR C 222 29.37 -18.36 -48.50
CA THR C 222 30.55 -17.70 -47.94
C THR C 222 30.10 -16.59 -47.01
N THR C 223 30.49 -16.68 -45.74
CA THR C 223 30.11 -15.68 -44.75
C THR C 223 30.91 -14.40 -44.97
N MET C 224 30.62 -13.39 -44.14
CA MET C 224 31.26 -12.08 -44.32
C MET C 224 32.75 -12.12 -43.97
N SER C 225 33.15 -13.00 -43.05
CA SER C 225 34.56 -13.14 -42.72
C SER C 225 35.31 -14.08 -43.66
N GLY C 226 34.60 -14.74 -44.58
CA GLY C 226 35.22 -15.62 -45.53
C GLY C 226 35.07 -17.11 -45.27
N ARG C 227 34.28 -17.50 -44.27
CA ARG C 227 34.07 -18.90 -43.97
C ARG C 227 33.12 -19.52 -44.98
N ASN C 228 33.49 -20.69 -45.49
CA ASN C 228 32.65 -21.43 -46.43
C ASN C 228 31.77 -22.40 -45.65
N VAL C 229 30.46 -22.28 -45.84
CA VAL C 229 29.48 -23.10 -45.14
C VAL C 229 28.74 -23.93 -46.17
N LYS C 230 28.75 -25.26 -46.00
CA LYS C 230 28.00 -26.15 -46.87
C LYS C 230 26.59 -26.28 -46.32
N VAL C 231 25.62 -25.71 -47.04
CA VAL C 231 24.22 -25.78 -46.66
C VAL C 231 23.57 -26.93 -47.40
N SER C 232 23.01 -27.88 -46.67
CA SER C 232 22.39 -29.06 -47.27
C SER C 232 20.98 -29.23 -46.75
N ILE C 233 20.10 -29.74 -47.61
CA ILE C 233 18.72 -30.07 -47.27
C ILE C 233 18.54 -31.56 -47.49
N PHE C 234 18.16 -32.27 -46.44
CA PHE C 234 18.00 -33.72 -46.49
C PHE C 234 16.52 -34.08 -46.49
N SER C 235 16.20 -35.19 -47.16
CA SER C 235 14.84 -35.71 -47.21
C SER C 235 14.90 -37.17 -47.64
N GLU C 236 13.79 -37.87 -47.44
CA GLU C 236 13.67 -39.21 -47.97
C GLU C 236 13.76 -39.18 -49.49
N PRO C 237 14.23 -40.25 -50.12
CA PRO C 237 14.48 -40.21 -51.58
C PRO C 237 13.29 -39.73 -52.40
N GLU C 238 12.11 -40.17 -52.12
CA GLU C 238 10.97 -39.73 -52.86
C GLU C 238 10.65 -38.24 -52.81
N ASP C 239 11.16 -37.52 -51.83
CA ASP C 239 10.93 -36.09 -51.72
C ASP C 239 12.18 -35.27 -52.04
N SER C 240 13.24 -35.92 -52.50
CA SER C 240 14.51 -35.24 -52.73
C SER C 240 14.48 -34.24 -53.88
N SER C 241 13.41 -34.18 -54.66
CA SER C 241 13.31 -33.26 -55.79
C SER C 241 12.49 -32.02 -55.49
N LYS C 242 12.04 -31.83 -54.24
CA LYS C 242 11.22 -30.70 -53.87
C LYS C 242 11.90 -29.84 -52.80
N LEU C 243 13.22 -29.76 -52.83
CA LEU C 243 13.99 -29.12 -51.77
C LEU C 243 14.63 -27.80 -52.21
N THR C 244 14.48 -27.40 -53.47
CA THR C 244 15.20 -26.22 -53.96
C THR C 244 14.71 -24.94 -53.28
N TRP C 245 13.39 -24.79 -53.13
CA TRP C 245 12.86 -23.58 -52.51
C TRP C 245 13.37 -23.43 -51.08
N ALA C 246 13.49 -24.54 -50.35
CA ALA C 246 14.02 -24.48 -48.99
C ALA C 246 15.49 -24.07 -48.98
N LEU C 247 16.29 -24.63 -49.91
CA LEU C 247 17.69 -24.28 -49.98
C LEU C 247 17.89 -22.80 -50.28
N GLU C 248 17.12 -22.26 -51.23
CA GLU C 248 17.26 -20.85 -51.56
C GLU C 248 16.83 -19.97 -50.39
N SER C 249 15.87 -20.42 -49.59
CA SER C 249 15.43 -19.63 -48.45
C SER C 249 16.48 -19.59 -47.35
N VAL C 250 17.22 -20.68 -47.18
CA VAL C 250 18.33 -20.67 -46.21
C VAL C 250 19.38 -19.67 -46.63
N LEU C 251 19.78 -19.71 -47.91
CA LEU C 251 20.81 -18.80 -48.39
C LEU C 251 20.37 -17.35 -48.24
N LYS C 252 19.09 -17.05 -48.52
CA LYS C 252 18.58 -15.71 -48.28
C LYS C 252 18.61 -15.38 -46.80
N SER C 253 18.30 -16.36 -45.94
CA SER C 253 18.30 -16.11 -44.50
C SER C 253 19.69 -15.78 -43.99
N MET C 254 20.70 -16.50 -44.46
CA MET C 254 22.06 -16.29 -43.97
C MET C 254 22.60 -14.93 -44.41
N LYS C 255 22.30 -14.52 -45.64
CA LYS C 255 22.74 -13.21 -46.10
C LYS C 255 22.00 -12.09 -45.39
N TRP C 256 20.70 -12.27 -45.14
CA TRP C 256 19.90 -11.22 -44.52
C TRP C 256 20.35 -10.94 -43.10
N ASP C 257 20.61 -11.99 -42.31
CA ASP C 257 21.05 -11.79 -40.93
C ASP C 257 22.41 -11.13 -40.84
N GLU C 258 23.24 -11.26 -41.89
CA GLU C 258 24.51 -10.54 -41.92
C GLU C 258 24.30 -9.06 -42.20
N GLU C 259 23.48 -8.74 -43.21
CA GLU C 259 23.28 -7.35 -43.60
C GLU C 259 22.44 -6.59 -42.59
N ARG C 260 21.45 -7.26 -41.99
CA ARG C 260 20.48 -6.57 -41.15
C ARG C 260 20.88 -6.51 -39.68
N PHE C 261 21.62 -7.51 -39.19
CA PHE C 261 21.98 -7.52 -37.77
C PHE C 261 23.42 -7.95 -37.52
N GLY C 262 24.25 -8.07 -38.56
CA GLY C 262 25.64 -8.43 -38.37
C GLY C 262 25.86 -9.80 -37.77
N ARG C 263 24.94 -10.73 -37.99
CA ARG C 263 25.04 -12.07 -37.43
C ARG C 263 25.68 -13.02 -38.44
N GLU C 264 26.72 -13.72 -38.01
CA GLU C 264 27.50 -14.60 -38.87
C GLU C 264 27.42 -16.03 -38.35
N TYR C 265 27.29 -16.97 -39.29
CA TYR C 265 27.32 -18.38 -38.93
C TYR C 265 28.73 -18.81 -38.57
N ASP C 266 28.83 -19.76 -37.63
CA ASP C 266 30.11 -20.09 -37.01
C ASP C 266 30.58 -21.51 -37.31
N LEU C 267 29.85 -22.29 -38.09
CA LEU C 267 30.23 -23.67 -38.37
C LEU C 267 30.38 -23.89 -39.87
N ASP C 268 31.09 -24.96 -40.22
CA ASP C 268 31.34 -25.29 -41.62
C ASP C 268 30.14 -25.94 -42.29
N VAL C 269 29.19 -26.48 -41.54
CA VAL C 269 28.04 -27.14 -42.12
C VAL C 269 26.77 -26.59 -41.48
N PHE C 270 25.70 -26.53 -42.28
CA PHE C 270 24.36 -26.22 -41.80
C PHE C 270 23.41 -27.17 -42.49
N ASN C 271 22.78 -28.06 -41.71
CA ASN C 271 21.96 -29.13 -42.26
C ASN C 271 20.50 -28.93 -41.89
N VAL C 272 19.62 -29.23 -42.85
CA VAL C 272 18.18 -29.20 -42.64
C VAL C 272 17.62 -30.55 -43.09
N VAL C 273 16.88 -31.20 -42.20
CA VAL C 273 16.32 -32.53 -42.45
C VAL C 273 14.80 -32.45 -42.39
N CYS C 274 14.16 -33.08 -43.36
CA CYS C 274 12.70 -33.13 -43.43
C CYS C 274 12.17 -34.34 -42.67
N ALA C 275 11.11 -34.12 -41.90
CA ALA C 275 10.48 -35.18 -41.12
C ALA C 275 8.98 -35.21 -41.41
N LYS C 276 8.47 -36.41 -41.69
CA LYS C 276 7.05 -36.54 -42.04
C LYS C 276 6.16 -36.57 -40.80
N ASP C 277 6.69 -37.02 -39.66
CA ASP C 277 5.97 -37.03 -38.39
C ASP C 277 6.62 -36.04 -37.46
N PHE C 278 5.97 -34.90 -37.24
CA PHE C 278 6.55 -33.80 -36.48
C PHE C 278 5.43 -32.98 -35.86
N ASN C 279 5.52 -32.76 -34.54
CA ASN C 279 4.48 -32.00 -33.84
C ASN C 279 4.54 -30.52 -34.20
N MET C 280 5.73 -29.93 -34.13
CA MET C 280 5.89 -28.52 -34.43
C MET C 280 5.98 -28.30 -35.94
N GLY C 281 6.20 -27.05 -36.34
CA GLY C 281 6.49 -26.75 -37.72
C GLY C 281 7.93 -26.98 -38.09
N ALA C 282 8.84 -26.73 -37.15
CA ALA C 282 10.27 -26.96 -37.33
C ALA C 282 10.97 -26.77 -35.99
N MET C 283 12.20 -27.28 -35.90
CA MET C 283 13.00 -27.19 -34.68
C MET C 283 14.40 -26.70 -35.04
N GLU C 284 14.94 -25.82 -34.20
CA GLU C 284 16.17 -25.09 -34.51
C GLU C 284 17.42 -25.76 -33.95
N ASN C 285 17.45 -27.10 -33.86
CA ASN C 285 18.61 -27.80 -33.35
C ASN C 285 19.88 -27.31 -34.04
N LYS C 286 20.89 -26.97 -33.23
CA LYS C 286 22.07 -26.26 -33.72
C LYS C 286 22.75 -27.05 -34.83
N GLY C 287 22.84 -26.43 -36.01
CA GLY C 287 23.47 -27.05 -37.16
C GLY C 287 22.72 -28.21 -37.77
N LEU C 288 21.60 -28.63 -37.17
CA LEU C 288 20.82 -29.77 -37.63
C LEU C 288 19.33 -29.47 -37.44
N ASN C 289 18.83 -28.50 -38.19
CA ASN C 289 17.42 -28.15 -38.14
C ASN C 289 16.58 -29.29 -38.68
N ILE C 290 15.48 -29.58 -37.99
CA ILE C 290 14.52 -30.61 -38.41
C ILE C 290 13.20 -29.91 -38.69
N PHE C 291 12.64 -30.17 -39.86
CA PHE C 291 11.47 -29.47 -40.36
C PHE C 291 10.31 -30.43 -40.56
N ASN C 292 9.11 -29.98 -40.20
CA ASN C 292 7.90 -30.63 -40.68
C ASN C 292 7.87 -30.58 -42.19
N ALA C 293 7.42 -31.67 -42.82
CA ALA C 293 7.41 -31.74 -44.28
C ALA C 293 6.56 -30.64 -44.88
N ALA C 294 5.47 -30.25 -44.20
CA ALA C 294 4.60 -29.19 -44.70
C ALA C 294 5.28 -27.83 -44.73
N LEU C 295 6.39 -27.67 -44.01
CA LEU C 295 7.12 -26.42 -43.98
C LEU C 295 8.47 -26.50 -44.71
N LEU C 296 8.61 -27.47 -45.62
CA LEU C 296 9.88 -27.63 -46.33
C LEU C 296 9.67 -28.03 -47.79
N LEU C 297 8.96 -29.13 -48.03
CA LEU C 297 8.74 -29.60 -49.39
C LEU C 297 7.87 -28.63 -50.17
N ALA C 298 8.25 -28.36 -51.42
CA ALA C 298 7.55 -27.38 -52.23
C ALA C 298 7.58 -27.80 -53.69
N ASP C 299 6.43 -27.66 -54.36
CA ASP C 299 6.29 -27.92 -55.78
C ASP C 299 5.06 -27.17 -56.27
N PRO C 300 5.11 -26.54 -57.46
CA PRO C 300 3.95 -25.74 -57.91
C PRO C 300 2.66 -26.53 -58.02
N SER C 301 2.71 -27.82 -58.34
CA SER C 301 1.49 -28.61 -58.46
C SER C 301 0.96 -29.09 -57.11
N THR C 302 1.71 -28.90 -56.03
CA THR C 302 1.28 -29.30 -54.70
C THR C 302 1.21 -28.16 -53.69
N THR C 303 1.92 -27.06 -53.93
CA THR C 303 2.13 -26.02 -52.92
C THR C 303 1.51 -24.71 -53.39
N THR C 304 0.71 -24.09 -52.53
CA THR C 304 0.11 -22.80 -52.82
C THR C 304 1.13 -21.69 -52.64
N ASP C 305 0.76 -20.49 -53.09
CA ASP C 305 1.62 -19.32 -52.90
C ASP C 305 1.82 -19.02 -51.42
N ALA C 306 0.77 -19.18 -50.62
CA ALA C 306 0.87 -18.91 -49.19
C ALA C 306 1.80 -19.90 -48.50
N GLU C 307 1.71 -21.19 -48.88
CA GLU C 307 2.60 -22.18 -48.32
C GLU C 307 4.05 -21.95 -48.75
N TYR C 308 4.24 -21.43 -49.96
CA TYR C 308 5.59 -21.08 -50.41
C TYR C 308 6.19 -19.99 -49.53
N GLN C 309 5.43 -18.92 -49.29
CA GLN C 309 5.89 -17.85 -48.43
C GLN C 309 6.07 -18.33 -46.99
N ARG C 310 5.22 -19.26 -46.54
CA ARG C 310 5.35 -19.78 -45.18
C ARG C 310 6.64 -20.58 -45.01
N ILE C 311 7.01 -21.37 -46.02
CA ILE C 311 8.26 -22.11 -45.97
C ILE C 311 9.44 -21.15 -45.85
N LEU C 312 9.45 -20.11 -46.70
CA LEU C 312 10.50 -19.10 -46.62
C LEU C 312 10.53 -18.43 -45.27
N ASN C 313 9.36 -18.16 -44.69
CA ASN C 313 9.29 -17.51 -43.38
C ASN C 313 9.81 -18.42 -42.27
N VAL C 314 9.44 -19.71 -42.32
CA VAL C 314 9.84 -20.62 -41.26
C VAL C 314 11.30 -21.03 -41.41
N VAL C 315 11.77 -21.20 -42.65
CA VAL C 315 13.19 -21.47 -42.88
C VAL C 315 14.03 -20.36 -42.27
N GLY C 316 13.65 -19.10 -42.54
CA GLY C 316 14.36 -17.99 -41.92
C GLY C 316 14.27 -18.01 -40.41
N HIS C 317 13.05 -18.28 -39.89
CA HIS C 317 12.85 -18.32 -38.44
C HIS C 317 13.82 -19.28 -37.77
N GLU C 318 13.97 -20.48 -38.32
CA GLU C 318 14.84 -21.47 -37.70
C GLU C 318 16.30 -21.05 -37.77
N TYR C 319 16.73 -20.46 -38.89
CA TYR C 319 18.11 -20.00 -38.97
C TYR C 319 18.36 -18.84 -38.04
N PHE C 320 17.40 -17.91 -37.92
CA PHE C 320 17.57 -16.78 -37.03
C PHE C 320 17.69 -17.20 -35.57
N HIS C 321 17.17 -18.38 -35.23
CA HIS C 321 17.32 -18.91 -33.87
C HIS C 321 18.77 -19.21 -33.53
N GLN C 322 19.65 -19.35 -34.54
CA GLN C 322 21.04 -19.68 -34.27
C GLN C 322 21.71 -18.64 -33.38
N TRP C 323 21.31 -17.37 -33.50
CA TRP C 323 21.82 -16.33 -32.62
C TRP C 323 20.82 -15.95 -31.54
N THR C 324 19.55 -15.75 -31.90
CA THR C 324 18.51 -15.42 -30.93
C THR C 324 17.83 -16.72 -30.50
N GLY C 325 18.52 -17.47 -29.65
CA GLY C 325 17.99 -18.73 -29.17
C GLY C 325 19.07 -19.77 -28.89
N ASN C 326 20.03 -19.90 -29.79
CA ASN C 326 21.09 -20.89 -29.67
C ASN C 326 22.36 -20.30 -29.04
N ARG C 327 22.98 -19.34 -29.71
CA ARG C 327 24.16 -18.69 -29.15
C ARG C 327 23.84 -17.99 -27.84
N VAL C 328 22.68 -17.34 -27.78
CA VAL C 328 22.15 -16.76 -26.55
C VAL C 328 20.83 -17.47 -26.26
N THR C 329 20.83 -18.33 -25.25
CA THR C 329 19.67 -19.17 -24.96
C THR C 329 18.95 -18.66 -23.72
N CYS C 330 17.97 -19.44 -23.26
CA CYS C 330 17.09 -19.06 -22.16
C CYS C 330 17.60 -19.62 -20.84
N ARG C 331 17.57 -18.79 -19.80
CA ARG C 331 17.92 -19.26 -18.47
C ARG C 331 16.91 -20.28 -17.96
N ASP C 332 15.65 -20.12 -18.32
CA ASP C 332 14.60 -21.04 -17.94
C ASP C 332 13.45 -20.88 -18.92
N TRP C 333 12.48 -21.80 -18.85
CA TRP C 333 11.42 -21.83 -19.84
C TRP C 333 10.38 -20.73 -19.64
N PHE C 334 10.37 -20.07 -18.49
CA PHE C 334 9.53 -18.88 -18.34
C PHE C 334 9.97 -17.77 -19.28
N GLN C 335 11.24 -17.79 -19.72
CA GLN C 335 11.76 -16.84 -20.68
C GLN C 335 11.65 -17.32 -22.12
N LEU C 336 10.62 -18.11 -22.44
CA LEU C 336 10.50 -18.66 -23.79
C LEU C 336 10.37 -17.55 -24.82
N THR C 337 9.63 -16.49 -24.50
CA THR C 337 9.46 -15.39 -25.44
C THR C 337 10.75 -14.63 -25.69
N LEU C 338 11.77 -14.82 -24.86
CA LEU C 338 13.04 -14.16 -25.09
C LEU C 338 13.64 -14.57 -26.43
N LYS C 339 13.52 -15.85 -26.78
CA LYS C 339 13.98 -16.31 -28.08
C LYS C 339 12.86 -16.42 -29.11
N GLU C 340 11.63 -16.68 -28.69
CA GLU C 340 10.55 -16.87 -29.66
C GLU C 340 10.00 -15.53 -30.15
N GLY C 341 9.67 -14.63 -29.22
CA GLY C 341 9.19 -13.32 -29.64
C GLY C 341 10.22 -12.55 -30.46
N LEU C 342 11.49 -12.68 -30.09
CA LEU C 342 12.55 -11.99 -30.84
C LEU C 342 12.76 -12.62 -32.21
N THR C 343 12.71 -13.96 -32.28
CA THR C 343 12.92 -14.63 -33.56
C THR C 343 11.73 -14.45 -34.50
N VAL C 344 10.51 -14.42 -33.94
CA VAL C 344 9.34 -14.17 -34.79
C VAL C 344 9.41 -12.78 -35.39
N PHE C 345 9.80 -11.78 -34.59
CA PHE C 345 9.99 -10.44 -35.12
C PHE C 345 11.05 -10.43 -36.21
N ARG C 346 12.08 -11.25 -36.06
CA ARG C 346 13.15 -11.30 -37.06
C ARG C 346 12.67 -11.94 -38.35
N ASP C 347 11.81 -12.95 -38.27
CA ASP C 347 11.26 -13.51 -39.50
C ASP C 347 10.18 -12.63 -40.10
N GLN C 348 9.53 -11.78 -39.30
CA GLN C 348 8.56 -10.84 -39.86
C GLN C 348 9.27 -9.75 -40.67
N LEU C 349 10.37 -9.21 -40.17
CA LEU C 349 11.16 -8.27 -40.95
C LEU C 349 11.76 -8.94 -42.18
N PHE C 350 12.19 -10.19 -42.04
CA PHE C 350 12.80 -10.92 -43.14
C PHE C 350 11.79 -11.13 -44.27
N THR C 351 10.62 -11.68 -43.95
CA THR C 351 9.59 -11.89 -44.96
C THR C 351 9.14 -10.57 -45.58
N ALA C 352 9.10 -9.50 -44.76
CA ALA C 352 8.73 -8.19 -45.29
C ALA C 352 9.71 -7.72 -46.36
N ASP C 353 11.01 -7.96 -46.15
CA ASP C 353 11.99 -7.55 -47.13
C ASP C 353 11.99 -8.45 -48.35
N MET C 354 11.65 -9.73 -48.17
CA MET C 354 11.68 -10.67 -49.30
C MET C 354 10.44 -10.57 -50.17
N CYS C 355 9.30 -10.19 -49.58
CA CYS C 355 8.04 -10.12 -50.33
C CYS C 355 7.51 -8.71 -50.15
N SER C 356 6.26 -8.55 -49.69
CA SER C 356 5.63 -7.24 -49.52
C SER C 356 5.56 -6.92 -48.04
N ALA C 357 6.12 -5.78 -47.65
CA ALA C 357 6.17 -5.41 -46.24
C ALA C 357 4.77 -5.13 -45.69
N ALA C 358 3.97 -4.38 -46.45
CA ALA C 358 2.62 -4.04 -46.00
C ALA C 358 1.72 -5.26 -45.96
N VAL C 359 1.88 -6.17 -46.92
CA VAL C 359 1.05 -7.37 -46.95
C VAL C 359 1.36 -8.26 -45.75
N LYS C 360 2.64 -8.45 -45.46
CA LYS C 360 3.02 -9.28 -44.30
C LYS C 360 2.52 -8.68 -43.00
N ARG C 361 2.62 -7.36 -42.86
CA ARG C 361 2.12 -6.71 -41.65
C ARG C 361 0.62 -6.93 -41.49
N ILE C 362 -0.14 -6.81 -42.59
CA ILE C 362 -1.58 -7.04 -42.52
C ILE C 362 -1.87 -8.48 -42.12
N GLU C 363 -1.11 -9.44 -42.68
CA GLU C 363 -1.30 -10.84 -42.34
C GLU C 363 -1.05 -11.09 -40.86
N ASP C 364 0.01 -10.50 -40.31
CA ASP C 364 0.35 -10.74 -38.91
C ASP C 364 -0.67 -10.10 -37.97
N VAL C 365 -1.16 -8.90 -38.32
CA VAL C 365 -2.15 -8.25 -37.48
C VAL C 365 -3.47 -9.03 -37.52
N VAL C 366 -3.83 -9.54 -38.69
CA VAL C 366 -5.07 -10.33 -38.82
C VAL C 366 -4.97 -11.58 -37.95
N PHE C 367 -3.83 -12.25 -37.97
CA PHE C 367 -3.66 -13.44 -37.13
C PHE C 367 -3.69 -13.09 -35.65
N LEU C 368 -3.09 -11.96 -35.28
CA LEU C 368 -3.01 -11.57 -33.87
C LEU C 368 -4.39 -11.23 -33.32
N ARG C 369 -5.14 -10.39 -34.04
CA ARG C 369 -6.42 -9.90 -33.53
C ARG C 369 -7.51 -10.96 -33.53
N SER C 370 -7.27 -12.13 -34.13
CA SER C 370 -8.23 -13.23 -34.09
C SER C 370 -7.83 -14.30 -33.07
N ARG C 371 -6.68 -14.94 -33.28
CA ARG C 371 -6.27 -16.04 -32.42
C ARG C 371 -5.66 -15.54 -31.11
N GLN C 372 -4.73 -14.59 -31.19
CA GLN C 372 -4.06 -14.11 -29.99
C GLN C 372 -5.00 -13.31 -29.11
N PHE C 373 -5.83 -12.45 -29.71
CA PHE C 373 -6.81 -11.69 -28.93
C PHE C 373 -7.79 -12.62 -28.22
N ALA C 374 -8.14 -13.73 -28.87
CA ALA C 374 -9.02 -14.72 -28.22
C ALA C 374 -8.33 -15.36 -27.04
N GLU C 375 -7.03 -15.69 -27.17
CA GLU C 375 -6.30 -16.30 -26.06
C GLU C 375 -6.17 -15.33 -24.90
N ASP C 376 -5.84 -14.06 -25.18
CA ASP C 376 -5.66 -13.07 -24.14
C ASP C 376 -6.98 -12.69 -23.46
N SER C 377 -8.12 -13.03 -24.05
CA SER C 377 -9.42 -12.74 -23.45
C SER C 377 -10.11 -13.99 -22.91
N GLY C 378 -9.36 -15.08 -22.73
CA GLY C 378 -9.93 -16.33 -22.30
C GLY C 378 -9.26 -16.90 -21.06
N PRO C 379 -9.64 -18.12 -20.69
CA PRO C 379 -9.10 -18.72 -19.46
C PRO C 379 -7.61 -19.02 -19.51
N MET C 380 -7.02 -19.18 -20.70
CA MET C 380 -5.59 -19.43 -20.82
C MET C 380 -4.78 -18.16 -20.97
N ALA C 381 -5.36 -17.00 -20.67
CA ALA C 381 -4.65 -15.74 -20.83
C ALA C 381 -3.45 -15.67 -19.91
N HIS C 382 -2.29 -15.37 -20.47
CA HIS C 382 -1.02 -15.32 -19.76
C HIS C 382 -0.15 -14.25 -20.38
N PRO C 383 0.70 -13.59 -19.61
CA PRO C 383 1.66 -12.65 -20.19
C PRO C 383 2.69 -13.39 -21.02
N ILE C 384 3.39 -12.64 -21.88
CA ILE C 384 4.39 -13.24 -22.75
C ILE C 384 5.51 -13.89 -21.94
N ARG C 385 5.73 -13.44 -20.72
CA ARG C 385 6.60 -14.12 -19.76
C ARG C 385 5.69 -14.71 -18.67
N PRO C 386 5.30 -15.98 -18.80
CA PRO C 386 4.32 -16.53 -17.85
C PRO C 386 4.87 -16.59 -16.44
N GLU C 387 3.95 -16.55 -15.47
CA GLU C 387 4.33 -16.68 -14.07
C GLU C 387 4.29 -18.12 -13.58
N THR C 388 3.36 -18.92 -14.11
CA THR C 388 3.22 -20.31 -13.71
C THR C 388 2.90 -21.17 -14.92
N TYR C 389 3.31 -22.44 -14.85
CA TYR C 389 2.89 -23.45 -15.82
C TYR C 389 2.98 -24.81 -15.15
N ILE C 390 2.16 -25.74 -15.65
CA ILE C 390 2.23 -27.14 -15.24
C ILE C 390 3.00 -27.97 -16.27
N ALA C 391 2.60 -27.86 -17.54
CA ALA C 391 3.30 -28.49 -18.64
C ALA C 391 3.81 -27.39 -19.57
N MET C 392 5.14 -27.32 -19.73
CA MET C 392 5.72 -26.23 -20.51
C MET C 392 5.30 -26.28 -21.97
N ASP C 393 5.01 -27.48 -22.50
CA ASP C 393 4.59 -27.61 -23.88
C ASP C 393 3.25 -26.93 -24.16
N ASN C 394 2.50 -26.55 -23.12
CA ASN C 394 1.24 -25.84 -23.31
C ASN C 394 1.42 -24.36 -23.56
N PHE C 395 2.64 -23.84 -23.45
CA PHE C 395 2.88 -22.40 -23.53
C PHE C 395 3.74 -22.03 -24.72
N TYR C 396 3.70 -22.84 -25.78
CA TYR C 396 4.22 -22.44 -27.08
C TYR C 396 3.08 -21.86 -27.89
N THR C 397 2.63 -20.70 -27.43
CA THR C 397 1.33 -20.13 -27.80
C THR C 397 1.49 -18.91 -28.69
N ALA C 398 0.37 -18.47 -29.25
CA ALA C 398 0.35 -17.25 -30.04
C ALA C 398 0.70 -16.03 -29.19
N THR C 399 0.45 -16.08 -27.89
CA THR C 399 0.85 -15.00 -26.99
C THR C 399 2.36 -14.92 -26.91
N VAL C 400 3.01 -16.03 -26.55
CA VAL C 400 4.46 -16.04 -26.39
C VAL C 400 5.16 -15.76 -27.72
N TYR C 401 4.61 -16.30 -28.81
CA TYR C 401 5.25 -16.14 -30.11
C TYR C 401 4.91 -14.80 -30.76
N ASP C 402 3.63 -14.57 -31.03
CA ASP C 402 3.22 -13.49 -31.91
C ASP C 402 2.97 -12.18 -31.19
N LYS C 403 2.37 -12.21 -30.00
CA LYS C 403 2.34 -11.00 -29.18
C LYS C 403 3.74 -10.66 -28.68
N GLY C 404 4.52 -11.68 -28.35
CA GLY C 404 5.90 -11.44 -27.95
C GLY C 404 6.69 -10.71 -29.02
N ALA C 405 6.39 -10.99 -30.29
CA ALA C 405 7.05 -10.26 -31.38
C ALA C 405 6.54 -8.83 -31.47
N GLU C 406 5.26 -8.61 -31.21
CA GLU C 406 4.73 -7.24 -31.19
C GLU C 406 5.36 -6.43 -30.07
N VAL C 407 5.71 -7.08 -28.96
CA VAL C 407 6.41 -6.38 -27.88
C VAL C 407 7.84 -6.06 -28.29
N ILE C 408 8.49 -6.97 -29.02
CA ILE C 408 9.81 -6.67 -29.56
C ILE C 408 9.73 -5.52 -30.55
N ARG C 409 8.71 -5.52 -31.41
CA ARG C 409 8.55 -4.43 -32.36
C ARG C 409 8.32 -3.10 -31.66
N MET C 410 7.71 -3.12 -30.47
CA MET C 410 7.51 -1.89 -29.72
C MET C 410 8.84 -1.30 -29.25
N TYR C 411 9.84 -2.16 -28.97
CA TYR C 411 11.20 -1.68 -28.81
C TYR C 411 11.65 -0.92 -30.06
N HIS C 412 11.50 -1.56 -31.22
CA HIS C 412 11.92 -0.96 -32.48
C HIS C 412 11.20 0.36 -32.74
N THR C 413 9.93 0.46 -32.32
CA THR C 413 9.20 1.71 -32.50
C THR C 413 9.72 2.79 -31.56
N LEU C 414 10.01 2.43 -30.30
CA LEU C 414 10.43 3.42 -29.33
C LEU C 414 11.86 3.91 -29.58
N LEU C 415 12.74 3.00 -29.99
CA LEU C 415 14.15 3.30 -30.11
C LEU C 415 14.60 3.56 -31.54
N GLY C 416 13.75 3.31 -32.54
CA GLY C 416 14.12 3.48 -33.92
C GLY C 416 14.97 2.33 -34.45
N GLU C 417 15.19 2.35 -35.76
CA GLU C 417 15.96 1.29 -36.40
C GLU C 417 17.39 1.26 -35.87
N ALA C 418 18.03 2.43 -35.77
CA ALA C 418 19.41 2.47 -35.33
C ALA C 418 19.55 2.11 -33.85
N GLY C 419 18.62 2.60 -33.02
CA GLY C 419 18.70 2.30 -31.60
C GLY C 419 18.44 0.83 -31.29
N PHE C 420 17.49 0.23 -32.00
CA PHE C 420 17.22 -1.19 -31.82
C PHE C 420 18.43 -2.04 -32.18
N ARG C 421 19.13 -1.69 -33.26
CA ARG C 421 20.32 -2.42 -33.65
C ARG C 421 21.43 -2.27 -32.62
N LYS C 422 21.55 -1.08 -32.02
CA LYS C 422 22.53 -0.88 -30.96
C LYS C 422 22.22 -1.75 -29.75
N GLY C 423 20.93 -1.88 -29.40
CA GLY C 423 20.55 -2.77 -28.33
C GLY C 423 20.82 -4.22 -28.65
N MET C 424 20.54 -4.63 -29.89
CA MET C 424 20.84 -5.99 -30.31
C MET C 424 22.33 -6.29 -30.21
N ASP C 425 23.17 -5.35 -30.66
CA ASP C 425 24.61 -5.55 -30.57
C ASP C 425 25.08 -5.69 -29.13
N LEU C 426 24.57 -4.83 -28.24
CA LEU C 426 24.91 -4.96 -26.82
C LEU C 426 24.37 -6.26 -26.24
N TYR C 427 23.18 -6.67 -26.67
CA TYR C 427 22.59 -7.92 -26.20
C TYR C 427 23.47 -9.11 -26.59
N PHE C 428 23.95 -9.14 -27.83
CA PHE C 428 24.79 -10.26 -28.27
C PHE C 428 26.19 -10.19 -27.65
N LYS C 429 26.74 -8.98 -27.50
CA LYS C 429 28.07 -8.85 -26.93
C LYS C 429 28.11 -9.29 -25.47
N ARG C 430 27.05 -8.96 -24.72
CA ARG C 430 27.05 -9.25 -23.28
C ARG C 430 26.88 -10.74 -23.00
N HIS C 431 25.97 -11.40 -23.74
CA HIS C 431 25.47 -12.70 -23.34
C HIS C 431 25.74 -13.79 -24.37
N ASP C 432 26.72 -13.60 -25.25
CA ASP C 432 27.10 -14.66 -26.17
C ASP C 432 27.56 -15.88 -25.40
N GLY C 433 26.93 -17.03 -25.65
CA GLY C 433 27.28 -18.25 -24.96
C GLY C 433 26.72 -18.37 -23.56
N LYS C 434 25.60 -17.72 -23.28
CA LYS C 434 25.03 -17.72 -21.94
C LYS C 434 23.51 -17.92 -22.03
N ALA C 435 22.93 -18.31 -20.90
CA ALA C 435 21.49 -18.51 -20.76
C ALA C 435 20.94 -17.37 -19.90
N VAL C 436 20.16 -16.49 -20.53
CA VAL C 436 19.73 -15.25 -19.86
C VAL C 436 18.22 -15.16 -19.84
N THR C 437 17.70 -13.99 -19.47
CA THR C 437 16.28 -13.76 -19.28
C THR C 437 15.79 -12.61 -20.15
N CYS C 438 14.47 -12.41 -20.12
CA CYS C 438 13.87 -11.28 -20.83
C CYS C 438 14.34 -9.95 -20.25
N ASP C 439 14.51 -9.89 -18.93
CA ASP C 439 15.03 -8.67 -18.30
C ASP C 439 16.40 -8.31 -18.83
N ASP C 440 17.23 -9.29 -19.16
CA ASP C 440 18.54 -9.00 -19.72
C ASP C 440 18.42 -8.38 -21.10
N PHE C 441 17.47 -8.86 -21.92
CA PHE C 441 17.26 -8.25 -23.23
C PHE C 441 16.71 -6.83 -23.08
N ARG C 442 15.77 -6.63 -22.16
CA ARG C 442 15.24 -5.30 -21.94
C ARG C 442 16.32 -4.36 -21.40
N ALA C 443 17.21 -4.88 -20.57
CA ALA C 443 18.30 -4.06 -20.06
C ALA C 443 19.26 -3.66 -21.18
N ALA C 444 19.49 -4.55 -22.14
CA ALA C 444 20.36 -4.22 -23.26
C ALA C 444 19.75 -3.11 -24.12
N MET C 445 18.45 -3.20 -24.41
CA MET C 445 17.78 -2.13 -25.14
C MET C 445 17.82 -0.81 -24.37
N ALA C 446 17.62 -0.89 -23.06
CA ALA C 446 17.63 0.33 -22.24
C ALA C 446 19.03 0.91 -22.12
N ASP C 447 20.01 0.06 -21.79
CA ASP C 447 21.36 0.56 -21.56
C ASP C 447 21.97 1.14 -22.83
N ALA C 448 21.71 0.51 -23.98
CA ALA C 448 22.31 0.98 -25.22
C ALA C 448 21.72 2.29 -25.71
N ASN C 449 20.56 2.70 -25.19
CA ASN C 449 19.88 3.89 -25.66
C ASN C 449 19.64 4.93 -24.57
N GLY C 450 20.14 4.71 -23.36
CA GLY C 450 19.94 5.68 -22.29
C GLY C 450 18.50 5.91 -21.92
N ARG C 451 17.67 4.88 -22.01
CA ARG C 451 16.25 4.98 -21.69
C ARG C 451 15.93 4.16 -20.46
N ASP C 452 14.90 4.61 -19.73
CA ASP C 452 14.38 3.88 -18.58
C ASP C 452 13.17 3.08 -19.06
N LEU C 453 13.34 1.76 -19.14
CA LEU C 453 12.31 0.86 -19.62
C LEU C 453 11.71 0.03 -18.48
N GLY C 454 11.60 0.64 -17.30
CA GLY C 454 11.02 -0.06 -16.17
C GLY C 454 9.52 -0.29 -16.34
N GLN C 455 8.80 0.75 -16.76
CA GLN C 455 7.37 0.61 -17.01
C GLN C 455 7.11 -0.34 -18.18
N PHE C 456 8.04 -0.44 -19.12
CA PHE C 456 7.89 -1.35 -20.25
C PHE C 456 7.80 -2.80 -19.81
N GLU C 457 8.32 -3.14 -18.62
CA GLU C 457 8.27 -4.51 -18.14
C GLU C 457 6.85 -5.00 -17.93
N ARG C 458 5.88 -4.08 -17.80
CA ARG C 458 4.48 -4.49 -17.64
C ARG C 458 3.97 -5.25 -18.85
N TRP C 459 4.60 -5.09 -20.01
CA TRP C 459 4.29 -5.95 -21.15
C TRP C 459 4.63 -7.41 -20.86
N TYR C 460 5.64 -7.65 -20.04
CA TYR C 460 6.04 -8.99 -19.65
C TYR C 460 5.29 -9.49 -18.42
N LEU C 461 4.76 -8.60 -17.60
CA LEU C 461 4.15 -8.97 -16.32
C LEU C 461 2.64 -9.11 -16.39
N GLN C 462 1.97 -8.40 -17.30
CA GLN C 462 0.52 -8.31 -17.33
C GLN C 462 -0.02 -8.89 -18.62
N ALA C 463 -1.01 -9.77 -18.51
CA ALA C 463 -1.69 -10.33 -19.66
C ALA C 463 -2.87 -9.44 -20.07
N GLY C 464 -3.58 -9.85 -21.10
CA GLY C 464 -4.75 -9.11 -21.54
C GLY C 464 -4.44 -8.10 -22.62
N THR C 465 -5.45 -7.82 -23.44
CA THR C 465 -5.32 -6.86 -24.53
C THR C 465 -5.72 -5.47 -24.04
N PRO C 466 -4.82 -4.50 -24.02
CA PRO C 466 -5.21 -3.13 -23.63
C PRO C 466 -6.16 -2.52 -24.64
N GLU C 467 -6.95 -1.57 -24.15
CA GLU C 467 -7.93 -0.86 -24.95
C GLU C 467 -7.63 0.62 -24.91
N VAL C 468 -7.32 1.20 -26.08
CA VAL C 468 -7.00 2.61 -26.20
C VAL C 468 -8.20 3.33 -26.81
N THR C 469 -8.73 4.31 -26.10
CA THR C 469 -9.88 5.09 -26.54
C THR C 469 -9.42 6.47 -26.97
N VAL C 470 -9.89 6.93 -28.13
CA VAL C 470 -9.66 8.30 -28.59
C VAL C 470 -10.85 9.10 -28.08
N SER C 471 -10.68 9.69 -26.88
CA SER C 471 -11.78 10.43 -26.27
C SER C 471 -11.98 11.79 -26.91
N GLU C 472 -10.93 12.40 -27.45
CA GLU C 472 -11.06 13.70 -28.11
C GLU C 472 -9.96 13.83 -29.17
N ALA C 473 -10.37 14.20 -30.38
CA ALA C 473 -9.42 14.44 -31.47
C ALA C 473 -10.02 15.54 -32.35
N VAL C 474 -9.56 16.76 -32.16
CA VAL C 474 -10.11 17.93 -32.83
C VAL C 474 -8.97 18.82 -33.31
N PHE C 475 -9.15 19.43 -34.48
CA PHE C 475 -8.19 20.40 -35.01
C PHE C 475 -8.52 21.77 -34.46
N GLN C 476 -7.50 22.48 -33.96
CA GLN C 476 -7.64 23.81 -33.39
C GLN C 476 -7.03 24.82 -34.35
N PRO C 477 -7.83 25.44 -35.23
CA PRO C 477 -7.26 26.41 -36.18
C PRO C 477 -6.77 27.68 -35.51
N ASP C 478 -7.25 28.00 -34.30
CA ASP C 478 -6.78 29.20 -33.62
C ASP C 478 -5.32 29.06 -33.20
N ARG C 479 -4.96 27.92 -32.63
CA ARG C 479 -3.60 27.67 -32.17
C ARG C 479 -2.77 26.87 -33.18
N LYS C 480 -3.37 26.47 -34.30
CA LYS C 480 -2.69 25.64 -35.31
C LYS C 480 -2.15 24.36 -34.69
N LYS C 481 -2.97 23.72 -33.86
CA LYS C 481 -2.60 22.49 -33.17
C LYS C 481 -3.73 21.48 -33.26
N PHE C 482 -3.39 20.22 -33.08
CA PHE C 482 -4.35 19.13 -33.04
C PHE C 482 -4.34 18.52 -31.64
N LYS C 483 -5.47 18.64 -30.95
CA LYS C 483 -5.59 18.12 -29.59
C LYS C 483 -6.03 16.67 -29.65
N LEU C 484 -5.24 15.79 -29.03
CA LEU C 484 -5.51 14.34 -29.03
C LEU C 484 -5.44 13.84 -27.59
N THR C 485 -6.58 13.41 -27.06
CA THR C 485 -6.68 12.89 -25.70
C THR C 485 -6.97 11.40 -25.77
N LEU C 486 -6.12 10.60 -25.13
CA LEU C 486 -6.22 9.16 -25.17
C LEU C 486 -6.39 8.59 -23.76
N LYS C 487 -7.12 7.49 -23.68
CA LYS C 487 -7.29 6.74 -22.44
C LYS C 487 -6.97 5.27 -22.67
N GLN C 488 -6.43 4.62 -21.65
CA GLN C 488 -6.10 3.19 -21.73
C GLN C 488 -6.71 2.47 -20.54
N ARG C 489 -7.17 1.24 -20.79
CA ARG C 489 -7.70 0.36 -19.76
C ARG C 489 -7.58 -1.07 -20.26
N THR C 490 -7.39 -2.00 -19.33
CA THR C 490 -7.18 -3.39 -19.67
C THR C 490 -8.05 -4.27 -18.76
N PRO C 491 -8.82 -5.20 -19.31
CA PRO C 491 -9.69 -6.03 -18.49
C PRO C 491 -8.89 -7.04 -17.68
N PRO C 492 -9.47 -7.59 -16.62
CA PRO C 492 -8.74 -8.57 -15.82
C PRO C 492 -8.56 -9.88 -16.57
N THR C 493 -7.54 -10.62 -16.15
CA THR C 493 -7.20 -11.94 -16.66
C THR C 493 -7.03 -12.88 -15.47
N PRO C 494 -7.12 -14.21 -15.69
CA PRO C 494 -7.00 -15.14 -14.57
C PRO C 494 -5.74 -14.94 -13.73
N GLY C 495 -5.93 -14.70 -12.44
CA GLY C 495 -4.82 -14.50 -11.53
C GLY C 495 -4.27 -13.10 -11.47
N GLN C 496 -4.94 -12.12 -12.08
CA GLN C 496 -4.45 -10.74 -12.05
C GLN C 496 -5.63 -9.83 -12.36
N VAL C 497 -6.16 -9.16 -11.33
CA VAL C 497 -7.30 -8.27 -11.51
C VAL C 497 -6.85 -6.89 -11.95
N GLU C 498 -5.93 -6.29 -11.19
CA GLU C 498 -5.48 -4.93 -11.46
C GLU C 498 -4.45 -4.93 -12.59
N LYS C 499 -4.61 -4.00 -13.52
CA LYS C 499 -3.70 -3.83 -14.65
C LYS C 499 -3.15 -2.41 -14.61
N HIS C 500 -1.88 -2.28 -14.23
CA HIS C 500 -1.26 -0.96 -14.19
C HIS C 500 -1.03 -0.45 -15.62
N PRO C 501 -0.98 0.88 -15.79
CA PRO C 501 -0.89 1.43 -17.14
C PRO C 501 0.35 0.95 -17.89
N PHE C 502 0.16 0.60 -19.16
CA PHE C 502 1.24 0.15 -20.01
C PHE C 502 1.98 1.35 -20.61
N HIS C 503 3.18 1.07 -21.15
CA HIS C 503 3.95 2.03 -21.93
C HIS C 503 3.64 1.74 -23.39
N ILE C 504 2.70 2.49 -23.95
CA ILE C 504 2.09 2.19 -25.24
C ILE C 504 2.61 3.18 -26.28
N PRO C 505 3.50 2.75 -27.19
CA PRO C 505 3.90 3.64 -28.30
C PRO C 505 2.82 3.70 -29.35
N ILE C 506 2.46 4.91 -29.76
CA ILE C 506 1.33 5.14 -30.66
C ILE C 506 1.81 6.01 -31.81
N LYS C 507 1.98 5.40 -32.99
CA LYS C 507 2.32 6.13 -34.20
C LYS C 507 1.08 6.83 -34.74
N VAL C 508 1.20 8.13 -35.02
CA VAL C 508 0.07 8.91 -35.51
C VAL C 508 0.51 9.74 -36.72
N GLY C 509 -0.49 10.23 -37.45
CA GLY C 509 -0.25 11.07 -38.60
C GLY C 509 -1.46 11.94 -38.88
N LEU C 510 -1.22 13.03 -39.60
CA LEU C 510 -2.28 13.98 -39.94
C LEU C 510 -2.27 14.20 -41.45
N ILE C 511 -3.43 14.00 -42.08
CA ILE C 511 -3.60 14.21 -43.51
C ILE C 511 -4.37 15.50 -43.71
N GLY C 512 -3.75 16.46 -44.38
CA GLY C 512 -4.40 17.75 -44.60
C GLY C 512 -5.61 17.62 -45.53
N LYS C 513 -6.66 18.34 -45.19
CA LYS C 513 -7.89 18.27 -45.98
C LYS C 513 -7.76 18.94 -47.34
N THR C 514 -6.79 19.84 -47.51
CA THR C 514 -6.53 20.49 -48.80
C THR C 514 -5.34 19.88 -49.52
N SER C 515 -4.23 19.66 -48.82
CA SER C 515 -3.05 19.06 -49.44
C SER C 515 -3.26 17.60 -49.76
N LYS C 516 -4.19 16.93 -49.07
CA LYS C 516 -4.46 15.50 -49.25
C LYS C 516 -3.21 14.66 -49.02
N LYS C 517 -2.30 15.14 -48.19
CA LYS C 517 -1.05 14.45 -47.91
C LYS C 517 -0.66 14.70 -46.45
N ASP C 518 0.47 14.13 -46.05
CA ASP C 518 0.95 14.29 -44.69
C ASP C 518 1.34 15.74 -44.42
N ILE C 519 0.97 16.24 -43.24
CA ILE C 519 1.35 17.57 -42.81
C ILE C 519 2.30 17.55 -41.61
N LEU C 520 2.55 16.39 -41.01
CA LEU C 520 3.53 16.28 -39.96
C LEU C 520 4.93 16.10 -40.56
N SER C 521 5.92 16.59 -39.85
CA SER C 521 7.33 16.46 -40.27
C SER C 521 8.17 16.05 -39.08
N PRO C 522 8.60 14.78 -38.99
CA PRO C 522 8.38 13.69 -39.94
C PRO C 522 6.90 13.26 -40.04
N PRO C 523 6.53 12.60 -41.14
CA PRO C 523 5.10 12.33 -41.38
C PRO C 523 4.44 11.49 -40.31
N THR C 524 5.17 10.63 -39.61
CA THR C 524 4.62 9.81 -38.54
C THR C 524 5.34 10.14 -37.24
N LYS C 525 4.55 10.48 -36.22
CA LYS C 525 5.07 10.82 -34.91
C LYS C 525 4.70 9.73 -33.91
N VAL C 526 5.67 9.33 -33.08
CA VAL C 526 5.46 8.29 -32.09
C VAL C 526 5.07 8.96 -30.78
N LEU C 527 3.82 8.75 -30.35
CA LEU C 527 3.35 9.23 -29.05
C LEU C 527 3.53 8.14 -28.02
N GLU C 528 3.92 8.54 -26.81
CA GLU C 528 4.16 7.61 -25.71
C GLU C 528 3.04 7.77 -24.69
N LEU C 529 2.08 6.84 -24.73
CA LEU C 529 0.97 6.82 -23.78
C LEU C 529 1.41 6.02 -22.56
N THR C 530 1.78 6.73 -21.49
CA THR C 530 2.30 6.09 -20.29
C THR C 530 1.37 6.20 -19.09
N GLU C 531 0.28 6.94 -19.19
CA GLU C 531 -0.65 7.13 -18.08
C GLU C 531 -2.01 6.55 -18.45
N ALA C 532 -2.93 6.60 -17.49
CA ALA C 532 -4.29 6.15 -17.74
C ALA C 532 -5.01 7.09 -18.71
N GLU C 533 -4.66 8.37 -18.70
CA GLU C 533 -5.19 9.33 -19.64
C GLU C 533 -4.12 10.37 -19.93
N GLN C 534 -3.95 10.70 -21.21
CA GLN C 534 -2.95 11.68 -21.62
C GLN C 534 -3.50 12.51 -22.78
N THR C 535 -3.01 13.73 -22.88
CA THR C 535 -3.40 14.65 -23.95
C THR C 535 -2.15 15.07 -24.72
N PHE C 536 -2.24 15.02 -26.05
CA PHE C 536 -1.12 15.35 -26.92
C PHE C 536 -1.54 16.47 -27.88
N GLU C 537 -0.59 17.35 -28.18
CA GLU C 537 -0.82 18.48 -29.08
C GLU C 537 0.16 18.38 -30.23
N LEU C 538 -0.35 18.07 -31.42
CA LEU C 538 0.45 17.99 -32.63
C LEU C 538 0.32 19.28 -33.44
N ASP C 539 1.39 19.66 -34.12
CA ASP C 539 1.38 20.85 -34.96
C ASP C 539 0.65 20.54 -36.26
N ALA C 540 -0.41 21.28 -36.54
CA ALA C 540 -1.21 21.10 -37.75
C ALA C 540 -1.30 22.43 -38.48
N ALA C 541 -0.70 22.50 -39.67
CA ALA C 541 -0.71 23.75 -40.43
C ALA C 541 -2.07 24.03 -41.03
N GLU C 542 -2.83 23.01 -41.38
CA GLU C 542 -4.16 23.17 -41.98
C GLU C 542 -5.11 22.18 -41.32
N ASP C 543 -6.38 22.24 -41.73
CA ASP C 543 -7.35 21.28 -41.23
C ASP C 543 -6.97 19.88 -41.65
N CYS C 544 -7.09 18.94 -40.72
CA CYS C 544 -6.47 17.63 -40.84
C CYS C 544 -7.46 16.52 -40.52
N VAL C 545 -7.03 15.29 -40.82
CA VAL C 545 -7.74 14.07 -40.45
C VAL C 545 -6.73 13.15 -39.79
N LEU C 546 -7.09 12.60 -38.63
CA LEU C 546 -6.16 11.83 -37.83
C LEU C 546 -5.97 10.43 -38.41
N SER C 547 -4.71 10.00 -38.51
CA SER C 547 -4.34 8.64 -38.90
C SER C 547 -3.78 7.96 -37.64
N PHE C 548 -4.61 7.15 -36.99
CA PHE C 548 -4.31 6.63 -35.67
C PHE C 548 -3.71 5.23 -35.74
N LEU C 549 -2.73 4.98 -34.87
CA LEU C 549 -2.10 3.67 -34.71
C LEU C 549 -1.57 3.14 -36.06
N ARG C 550 -0.71 3.94 -36.67
CA ARG C 550 -0.08 3.54 -37.92
C ARG C 550 0.85 2.36 -37.70
N ASP C 551 0.91 1.48 -38.70
CA ASP C 551 1.72 0.26 -38.67
C ASP C 551 1.35 -0.65 -37.51
N PHE C 552 0.18 -0.45 -36.92
CA PHE C 552 -0.27 -1.18 -35.73
C PHE C 552 0.81 -1.14 -34.65
N SER C 553 1.14 0.09 -34.24
CA SER C 553 2.30 0.33 -33.39
C SER C 553 2.15 -0.25 -31.99
N ALA C 554 0.97 -0.77 -31.62
CA ALA C 554 0.77 -1.35 -30.31
C ALA C 554 -0.31 -2.43 -30.39
N PRO C 555 -0.13 -3.56 -29.71
CA PRO C 555 -1.13 -4.64 -29.72
C PRO C 555 -2.32 -4.32 -28.82
N VAL C 556 -3.16 -3.39 -29.27
CA VAL C 556 -4.26 -2.88 -28.47
C VAL C 556 -5.53 -2.81 -29.31
N LYS C 557 -6.67 -2.82 -28.63
CA LYS C 557 -7.95 -2.52 -29.24
C LYS C 557 -8.19 -1.01 -29.21
N VAL C 558 -8.84 -0.51 -30.25
CA VAL C 558 -9.00 0.93 -30.45
C VAL C 558 -10.47 1.29 -30.45
N LYS C 559 -10.84 2.24 -29.61
CA LYS C 559 -12.17 2.85 -29.62
C LYS C 559 -12.01 4.27 -30.16
N HIS C 560 -12.47 4.49 -31.39
CA HIS C 560 -12.25 5.76 -32.08
C HIS C 560 -13.43 6.02 -32.99
N GLU C 561 -14.32 6.92 -32.57
CA GLU C 561 -15.47 7.29 -33.37
C GLU C 561 -15.04 8.17 -34.54
N GLN C 562 -15.41 7.77 -35.75
CA GLN C 562 -15.08 8.52 -36.95
C GLN C 562 -16.34 8.70 -37.81
N THR C 563 -16.42 9.84 -38.47
CA THR C 563 -17.49 10.07 -39.43
C THR C 563 -17.22 9.31 -40.72
N ASP C 564 -18.30 9.04 -41.46
CA ASP C 564 -18.15 8.35 -42.75
C ASP C 564 -17.31 9.16 -43.72
N GLU C 565 -17.32 10.49 -43.58
CA GLU C 565 -16.51 11.34 -44.44
C GLU C 565 -15.02 11.13 -44.16
N ASP C 566 -14.64 11.10 -42.88
CA ASP C 566 -13.25 10.88 -42.53
C ASP C 566 -12.78 9.49 -42.92
N ILE C 567 -13.65 8.49 -42.76
CA ILE C 567 -13.29 7.12 -43.13
C ILE C 567 -13.02 7.03 -44.62
N ALA C 568 -13.91 7.61 -45.42
CA ALA C 568 -13.71 7.62 -46.88
C ALA C 568 -12.48 8.45 -47.24
N PHE C 569 -12.23 9.53 -46.51
CA PHE C 569 -11.06 10.36 -46.77
C PHE C 569 -9.78 9.61 -46.46
N LEU C 570 -9.78 8.81 -45.38
CA LEU C 570 -8.59 8.03 -45.03
C LEU C 570 -8.39 6.87 -46.01
N MET C 571 -9.47 6.26 -46.47
CA MET C 571 -9.37 5.14 -47.41
C MET C 571 -8.76 5.56 -48.73
N ALA C 572 -8.71 6.85 -49.03
CA ALA C 572 -8.24 7.34 -50.32
C ALA C 572 -6.94 8.12 -50.26
N HIS C 573 -6.61 8.73 -49.12
CA HIS C 573 -5.47 9.63 -49.06
C HIS C 573 -4.49 9.35 -47.93
N ASP C 574 -4.70 8.32 -47.13
CA ASP C 574 -3.75 8.00 -46.08
C ASP C 574 -2.50 7.35 -46.68
N SER C 575 -1.33 7.70 -46.12
CA SER C 575 -0.07 7.21 -46.64
C SER C 575 0.32 5.86 -46.05
N ASP C 576 0.10 5.66 -44.74
CA ASP C 576 0.44 4.39 -44.10
C ASP C 576 -0.45 3.29 -44.67
N ASP C 577 0.19 2.28 -45.27
CA ASP C 577 -0.57 1.23 -45.94
C ASP C 577 -1.44 0.45 -44.97
N PHE C 578 -0.96 0.21 -43.75
CA PHE C 578 -1.78 -0.46 -42.76
C PHE C 578 -2.98 0.40 -42.38
N ALA C 579 -2.74 1.68 -42.09
CA ALA C 579 -3.82 2.59 -41.71
C ALA C 579 -4.82 2.77 -42.83
N LYS C 580 -4.35 2.78 -44.09
CA LYS C 580 -5.29 2.82 -45.21
C LYS C 580 -6.12 1.55 -45.29
N TRP C 581 -5.48 0.39 -45.10
CA TRP C 581 -6.22 -0.87 -45.06
C TRP C 581 -7.08 -0.95 -43.80
N GLN C 582 -6.59 -0.40 -42.68
CA GLN C 582 -7.34 -0.44 -41.43
C GLN C 582 -8.63 0.37 -41.54
N ALA C 583 -8.58 1.51 -42.24
CA ALA C 583 -9.78 2.31 -42.43
C ALA C 583 -10.83 1.55 -43.21
N ALA C 584 -10.41 0.89 -44.30
CA ALA C 584 -11.34 0.05 -45.06
C ALA C 584 -11.78 -1.15 -44.26
N HIS C 585 -10.87 -1.75 -43.48
CA HIS C 585 -11.22 -2.90 -42.66
C HIS C 585 -12.19 -2.51 -41.55
N THR C 586 -12.01 -1.34 -40.95
CA THR C 586 -12.92 -0.90 -39.91
C THR C 586 -14.32 -0.68 -40.45
N LEU C 587 -14.43 -0.12 -41.66
CA LEU C 587 -15.75 0.11 -42.26
C LEU C 587 -16.46 -1.20 -42.55
N ALA C 588 -15.76 -2.15 -43.18
CA ALA C 588 -16.39 -3.41 -43.56
C ALA C 588 -16.67 -4.28 -42.34
N SER C 589 -15.78 -4.25 -41.34
CA SER C 589 -15.99 -5.07 -40.15
C SER C 589 -17.20 -4.59 -39.36
N GLY C 590 -17.40 -3.27 -39.26
CA GLY C 590 -18.58 -2.75 -38.59
C GLY C 590 -19.86 -3.15 -39.30
N LEU C 591 -19.87 -3.08 -40.63
CA LEU C 591 -21.04 -3.50 -41.39
C LEU C 591 -21.31 -4.99 -41.21
N LEU C 592 -20.25 -5.81 -41.22
CA LEU C 592 -20.42 -7.24 -40.98
C LEU C 592 -20.96 -7.51 -39.59
N LYS C 593 -20.44 -6.81 -38.58
CA LYS C 593 -20.85 -7.05 -37.21
C LYS C 593 -22.32 -6.69 -36.99
N HIS C 594 -22.77 -5.57 -37.57
CA HIS C 594 -24.15 -5.16 -37.39
C HIS C 594 -25.12 -6.15 -38.04
N ARG C 595 -24.77 -6.65 -39.23
CA ARG C 595 -25.61 -7.65 -39.88
C ARG C 595 -25.63 -8.96 -39.10
N ALA C 596 -24.47 -9.35 -38.54
CA ALA C 596 -24.42 -10.57 -37.75
C ALA C 596 -25.29 -10.46 -36.50
N GLU C 597 -25.23 -9.30 -35.82
CA GLU C 597 -26.09 -9.10 -34.66
C GLU C 597 -27.55 -9.09 -35.07
N GLN C 598 -27.87 -8.47 -36.21
CA GLN C 598 -29.24 -8.52 -36.73
C GLN C 598 -29.68 -9.96 -36.97
N TRP C 599 -28.81 -10.77 -37.56
CA TRP C 599 -29.12 -12.19 -37.74
C TRP C 599 -29.23 -12.90 -36.41
N ARG C 600 -28.37 -12.53 -35.44
CA ARG C 600 -28.37 -13.21 -34.15
C ARG C 600 -29.66 -12.97 -33.37
N GLU C 601 -30.27 -11.79 -33.53
CA GLU C 601 -31.49 -11.48 -32.78
C GLU C 601 -32.66 -12.35 -33.25
N LYS C 602 -32.80 -12.52 -34.56
CA LYS C 602 -33.88 -13.33 -35.12
C LYS C 602 -33.46 -14.76 -35.43
N GLN C 603 -32.16 -15.07 -35.35
CA GLN C 603 -31.64 -16.40 -35.68
C GLN C 603 -32.07 -16.83 -37.08
N GLY C 604 -32.06 -15.88 -38.02
CA GLY C 604 -32.34 -16.17 -39.40
C GLY C 604 -33.79 -16.35 -39.76
N GLU C 605 -34.70 -15.85 -38.93
CA GLU C 605 -36.13 -15.97 -39.21
C GLU C 605 -36.52 -15.09 -40.40
N ASP C 606 -36.86 -13.84 -40.13
CA ASP C 606 -37.20 -12.85 -41.15
C ASP C 606 -36.28 -11.65 -40.98
N VAL C 607 -35.03 -11.81 -41.39
CA VAL C 607 -34.01 -10.77 -41.22
C VAL C 607 -33.95 -9.91 -42.47
N GLU C 608 -34.03 -8.60 -42.28
CA GLU C 608 -33.92 -7.63 -43.37
C GLU C 608 -32.67 -6.79 -43.13
N PHE C 609 -31.79 -6.76 -44.12
CA PHE C 609 -30.56 -5.98 -44.03
C PHE C 609 -30.73 -4.67 -44.78
N ALA C 610 -30.22 -3.59 -44.19
CA ALA C 610 -30.12 -2.34 -44.91
C ALA C 610 -29.08 -2.47 -46.02
N ARG C 611 -29.32 -1.76 -47.12
CA ARG C 611 -28.42 -1.85 -48.26
C ARG C 611 -27.05 -1.27 -47.88
N LEU C 612 -26.01 -1.79 -48.56
CA LEU C 612 -24.66 -1.36 -48.25
C LEU C 612 -24.49 0.12 -48.53
N PRO C 613 -23.83 0.86 -47.64
CA PRO C 613 -23.68 2.30 -47.86
C PRO C 613 -22.83 2.60 -49.07
N LYS C 614 -23.07 3.78 -49.67
CA LYS C 614 -22.33 4.16 -50.86
C LYS C 614 -20.85 4.33 -50.58
N ILE C 615 -20.48 4.62 -49.33
CA ILE C 615 -19.08 4.78 -48.99
C ILE C 615 -18.34 3.45 -49.12
N TYR C 616 -19.01 2.35 -48.77
CA TYR C 616 -18.38 1.04 -48.90
C TYR C 616 -18.35 0.56 -50.34
N VAL C 617 -19.46 0.70 -51.06
CA VAL C 617 -19.54 0.19 -52.42
C VAL C 617 -18.61 0.96 -53.35
N GLU C 618 -18.56 2.29 -53.21
CA GLU C 618 -17.73 3.09 -54.10
C GLU C 618 -16.24 2.88 -53.80
N ALA C 619 -15.88 2.73 -52.53
CA ALA C 619 -14.49 2.44 -52.19
C ALA C 619 -14.08 1.06 -52.69
N PHE C 620 -14.97 0.08 -52.57
CA PHE C 620 -14.73 -1.23 -53.16
C PHE C 620 -14.49 -1.12 -54.66
N LYS C 621 -15.36 -0.38 -55.36
CA LYS C 621 -15.24 -0.27 -56.81
C LYS C 621 -13.95 0.45 -57.21
N GLN C 622 -13.60 1.52 -56.50
CA GLN C 622 -12.38 2.24 -56.81
C GLN C 622 -11.14 1.39 -56.56
N THR C 623 -11.11 0.68 -55.43
CA THR C 623 -10.01 -0.24 -55.16
C THR C 623 -9.94 -1.34 -56.22
N LEU C 624 -11.10 -1.82 -56.67
CA LEU C 624 -11.12 -2.89 -57.66
C LEU C 624 -10.59 -2.41 -59.02
N LEU C 625 -10.87 -1.16 -59.38
CA LEU C 625 -10.58 -0.66 -60.71
C LEU C 625 -9.26 0.11 -60.80
N GLU C 626 -8.55 0.30 -59.69
CA GLU C 626 -7.29 1.03 -59.75
C GLU C 626 -6.26 0.25 -60.56
N GLN C 627 -5.38 0.98 -61.23
CA GLN C 627 -4.53 0.43 -62.28
C GLN C 627 -3.11 0.15 -61.82
N GLY C 628 -2.44 1.13 -61.19
CA GLY C 628 -1.03 1.00 -60.90
C GLY C 628 -0.68 0.70 -59.46
N ARG C 629 -1.59 0.07 -58.73
CA ARG C 629 -1.39 -0.26 -57.33
C ARG C 629 -0.87 -1.69 -57.17
N ASP C 630 -0.48 -2.02 -55.95
CA ASP C 630 -0.02 -3.37 -55.62
C ASP C 630 -1.22 -4.31 -55.55
N ARG C 631 -1.21 -5.35 -56.38
CA ARG C 631 -2.37 -6.22 -56.49
C ARG C 631 -2.64 -7.00 -55.22
N SER C 632 -1.61 -7.28 -54.43
CA SER C 632 -1.82 -8.00 -53.18
C SER C 632 -2.50 -7.12 -52.14
N ILE C 633 -2.08 -5.85 -52.04
CA ILE C 633 -2.82 -4.89 -51.22
C ILE C 633 -4.25 -4.76 -51.71
N GLN C 634 -4.43 -4.75 -53.03
CA GLN C 634 -5.77 -4.71 -53.63
C GLN C 634 -6.61 -5.89 -53.14
N ALA C 635 -6.04 -7.10 -53.17
CA ALA C 635 -6.80 -8.27 -52.78
C ALA C 635 -7.12 -8.27 -51.30
N TYR C 636 -6.19 -7.82 -50.46
CA TYR C 636 -6.43 -7.80 -49.02
C TYR C 636 -7.42 -6.70 -48.63
N THR C 637 -7.51 -5.63 -49.43
CA THR C 637 -8.47 -4.57 -49.14
C THR C 637 -9.87 -4.98 -49.55
N LEU C 638 -10.01 -5.70 -50.67
CA LEU C 638 -11.32 -6.14 -51.13
C LEU C 638 -11.83 -7.35 -50.33
N ARG C 639 -10.93 -8.18 -49.81
CA ARG C 639 -11.33 -9.35 -49.05
C ARG C 639 -12.13 -8.93 -47.82
N LEU C 640 -13.21 -9.67 -47.55
CA LEU C 640 -14.05 -9.37 -46.41
C LEU C 640 -13.30 -9.64 -45.10
N PRO C 641 -13.63 -8.91 -44.03
CA PRO C 641 -12.90 -9.09 -42.78
C PRO C 641 -12.96 -10.53 -42.25
N ASP C 642 -11.87 -10.93 -41.60
CA ASP C 642 -11.78 -12.27 -41.03
C ASP C 642 -12.91 -12.50 -40.02
N ARG C 643 -13.65 -13.59 -40.21
CA ARG C 643 -14.80 -13.87 -39.34
C ARG C 643 -14.38 -14.04 -37.90
N ASP C 644 -13.31 -14.79 -37.65
CA ASP C 644 -12.83 -14.98 -36.28
C ASP C 644 -12.38 -13.66 -35.66
N GLY C 645 -11.90 -12.72 -36.48
CA GLY C 645 -11.52 -11.42 -35.95
C GLY C 645 -12.73 -10.60 -35.54
N VAL C 646 -13.81 -10.66 -36.31
CA VAL C 646 -15.02 -9.93 -35.96
C VAL C 646 -15.67 -10.54 -34.72
N ALA C 647 -15.56 -11.86 -34.56
CA ALA C 647 -16.15 -12.52 -33.40
C ALA C 647 -15.55 -12.02 -32.09
N GLN C 648 -14.32 -11.51 -32.14
CA GLN C 648 -13.67 -11.00 -30.94
C GLN C 648 -14.31 -9.72 -30.41
N GLU C 649 -15.19 -9.09 -31.19
CA GLU C 649 -15.89 -7.89 -30.76
C GLU C 649 -17.38 -8.14 -30.51
N MET C 650 -17.78 -9.39 -30.49
CA MET C 650 -19.17 -9.75 -30.29
C MET C 650 -19.50 -10.54 -29.04
N GLU C 651 -20.56 -10.20 -28.36
CA GLU C 651 -20.97 -10.91 -27.17
C GLU C 651 -22.45 -11.10 -27.21
N PRO C 652 -22.92 -12.32 -27.36
CA PRO C 652 -22.10 -13.47 -27.61
C PRO C 652 -21.63 -13.66 -29.05
N ILE C 653 -20.69 -14.55 -29.19
CA ILE C 653 -20.17 -14.96 -30.45
C ILE C 653 -21.18 -15.92 -31.03
N ASP C 654 -21.68 -15.58 -32.20
CA ASP C 654 -22.58 -16.43 -32.98
C ASP C 654 -21.92 -16.73 -34.31
N PRO C 655 -21.27 -17.89 -34.46
CA PRO C 655 -20.59 -18.18 -35.73
C PRO C 655 -21.54 -18.35 -36.89
N LEU C 656 -22.75 -18.85 -36.66
CA LEU C 656 -23.73 -18.96 -37.74
C LEU C 656 -24.18 -17.59 -38.21
N ALA C 657 -24.35 -16.64 -37.27
CA ALA C 657 -24.72 -15.29 -37.66
C ALA C 657 -23.62 -14.61 -38.44
N LEU C 658 -22.36 -14.84 -38.05
CA LEU C 658 -21.24 -14.22 -38.76
C LEU C 658 -21.09 -14.78 -40.16
N LYS C 659 -21.37 -16.07 -40.34
CA LYS C 659 -21.26 -16.68 -41.66
C LYS C 659 -22.33 -16.13 -42.60
N GLU C 660 -23.58 -16.05 -42.13
CA GLU C 660 -24.66 -15.56 -42.98
C GLU C 660 -24.49 -14.08 -43.29
N ALA C 661 -24.00 -13.29 -42.33
CA ALA C 661 -23.73 -11.89 -42.58
C ALA C 661 -22.61 -11.73 -43.62
N THR C 662 -21.60 -12.59 -43.57
CA THR C 662 -20.52 -12.54 -44.55
C THR C 662 -21.05 -12.89 -45.94
N GLU C 663 -21.86 -13.95 -46.03
CA GLU C 663 -22.40 -14.35 -47.33
C GLU C 663 -23.34 -13.30 -47.90
N SER C 664 -24.05 -12.57 -47.05
CA SER C 664 -24.97 -11.54 -47.53
C SER C 664 -24.22 -10.37 -48.16
N VAL C 665 -23.12 -9.96 -47.54
CA VAL C 665 -22.30 -8.90 -48.13
C VAL C 665 -21.62 -9.41 -49.40
N ARG C 666 -21.18 -10.66 -49.39
CA ARG C 666 -20.53 -11.24 -50.57
C ARG C 666 -21.48 -11.25 -51.77
N ARG C 667 -22.74 -11.60 -51.55
CA ARG C 667 -23.70 -11.66 -52.65
C ARG C 667 -24.09 -10.26 -53.12
N GLU C 668 -24.24 -9.33 -52.18
CA GLU C 668 -24.67 -7.98 -52.55
C GLU C 668 -23.60 -7.27 -53.36
N VAL C 669 -22.35 -7.31 -52.90
CA VAL C 669 -21.26 -6.71 -53.65
C VAL C 669 -21.10 -7.40 -55.00
N GLY C 670 -21.33 -8.71 -55.04
CA GLY C 670 -21.20 -9.43 -56.30
C GLY C 670 -22.20 -8.97 -57.34
N GLN C 671 -23.44 -8.71 -56.92
CA GLN C 671 -24.46 -8.27 -57.86
C GLN C 671 -24.24 -6.82 -58.30
N LEU C 672 -23.91 -5.95 -57.35
CA LEU C 672 -23.83 -4.52 -57.65
C LEU C 672 -22.67 -4.22 -58.60
N LEU C 673 -21.55 -4.92 -58.45
CA LEU C 673 -20.35 -4.66 -59.23
C LEU C 673 -19.98 -5.83 -60.13
N LYS C 674 -20.98 -6.61 -60.57
CA LYS C 674 -20.70 -7.79 -61.38
C LYS C 674 -19.98 -7.43 -62.67
N SER C 675 -20.39 -6.35 -63.32
CA SER C 675 -19.77 -5.96 -64.58
C SER C 675 -18.30 -5.61 -64.38
N ASP C 676 -17.97 -4.92 -63.30
CA ASP C 676 -16.58 -4.57 -63.03
C ASP C 676 -15.79 -5.76 -62.49
N LEU C 677 -16.44 -6.65 -61.73
CA LEU C 677 -15.76 -7.83 -61.24
C LEU C 677 -15.36 -8.75 -62.40
N LEU C 678 -16.24 -8.90 -63.39
CA LEU C 678 -15.94 -9.75 -64.53
C LEU C 678 -14.83 -9.15 -65.39
N LYS C 679 -14.80 -7.82 -65.51
CA LYS C 679 -13.80 -7.17 -66.35
C LYS C 679 -12.40 -7.36 -65.79
N VAL C 680 -12.22 -7.11 -64.49
CA VAL C 680 -10.90 -7.25 -63.89
C VAL C 680 -10.49 -8.71 -63.82
N TYR C 681 -11.46 -9.60 -63.58
CA TYR C 681 -11.15 -11.03 -63.48
C TYR C 681 -10.59 -11.57 -64.79
N ALA C 682 -11.18 -11.17 -65.91
CA ALA C 682 -10.70 -11.63 -67.22
C ALA C 682 -9.33 -11.03 -67.55
N SER C 683 -9.06 -9.81 -67.11
CA SER C 683 -7.79 -9.16 -67.39
C SER C 683 -6.64 -9.74 -66.57
N LEU C 684 -6.93 -10.57 -65.57
CA LEU C 684 -5.91 -11.17 -64.72
C LEU C 684 -5.55 -12.59 -65.16
N SER C 685 -5.99 -13.01 -66.34
CA SER C 685 -5.73 -14.36 -66.80
C SER C 685 -4.28 -14.49 -67.29
N ALA C 686 -3.71 -15.67 -67.07
CA ALA C 686 -2.33 -15.91 -67.47
C ALA C 686 -2.26 -16.11 -68.99
N PRO C 687 -1.11 -15.83 -69.60
CA PRO C 687 -0.96 -16.03 -71.05
C PRO C 687 -0.95 -17.51 -71.45
N GLU C 688 -0.29 -17.81 -72.56
CA GLU C 688 -0.29 -19.18 -73.08
C GLU C 688 0.42 -20.13 -72.12
N SER C 689 1.67 -19.83 -71.77
CA SER C 689 2.44 -20.68 -70.88
C SER C 689 2.25 -20.26 -69.42
N GLU C 692 -1.04 -21.45 -59.59
CA GLU C 692 0.32 -21.41 -59.04
C GLU C 692 1.36 -21.86 -60.05
N GLU C 693 2.08 -20.89 -60.63
CA GLU C 693 3.18 -21.25 -61.50
C GLU C 693 4.47 -20.58 -61.02
N SER C 694 4.74 -19.37 -61.48
CA SER C 694 6.01 -18.72 -61.19
C SER C 694 5.99 -18.14 -59.78
N ARG C 695 7.18 -18.07 -59.18
CA ARG C 695 7.34 -17.51 -57.84
C ARG C 695 7.45 -15.98 -57.85
N ASP C 696 7.45 -15.36 -59.01
CA ASP C 696 7.57 -13.91 -59.09
C ASP C 696 6.43 -13.24 -58.31
N GLN C 697 6.79 -12.23 -57.52
CA GLN C 697 5.80 -11.55 -56.68
C GLN C 697 4.69 -10.92 -57.52
N SER C 698 5.00 -10.52 -58.75
CA SER C 698 3.96 -9.99 -59.63
C SER C 698 2.91 -11.05 -59.96
N GLU C 699 3.34 -12.31 -60.08
CA GLU C 699 2.39 -13.39 -60.35
C GLU C 699 1.64 -13.80 -59.08
N VAL C 700 2.32 -13.76 -57.93
CA VAL C 700 1.63 -14.05 -56.67
C VAL C 700 0.55 -13.02 -56.41
N SER C 701 0.84 -11.75 -56.67
CA SER C 701 -0.17 -10.71 -56.49
C SER C 701 -1.31 -10.86 -57.48
N ARG C 702 -1.00 -11.26 -58.71
CA ARG C 702 -2.05 -11.43 -59.71
C ARG C 702 -2.98 -12.58 -59.35
N ARG C 703 -2.43 -13.70 -58.89
CA ARG C 703 -3.27 -14.83 -58.51
C ARG C 703 -4.10 -14.52 -57.28
N ARG C 704 -3.54 -13.75 -56.34
CA ARG C 704 -4.28 -13.42 -55.12
C ARG C 704 -5.50 -12.56 -55.43
N LEU C 705 -5.33 -11.55 -56.28
CA LEU C 705 -6.48 -10.73 -56.66
C LEU C 705 -7.48 -11.53 -57.48
N ARG C 706 -6.99 -12.39 -58.38
CA ARG C 706 -7.88 -13.21 -59.18
C ARG C 706 -8.71 -14.16 -58.32
N ASN C 707 -8.11 -14.66 -57.24
CA ASN C 707 -8.84 -15.58 -56.35
C ASN C 707 -9.85 -14.82 -55.50
N VAL C 708 -9.51 -13.59 -55.09
CA VAL C 708 -10.45 -12.80 -54.30
C VAL C 708 -11.65 -12.40 -55.15
N ILE C 709 -11.42 -12.04 -56.41
CA ILE C 709 -12.51 -11.65 -57.30
C ILE C 709 -13.41 -12.85 -57.59
N LEU C 710 -12.82 -14.03 -57.74
CA LEU C 710 -13.61 -15.24 -57.95
C LEU C 710 -14.56 -15.50 -56.78
N TYR C 711 -14.13 -15.15 -55.56
CA TYR C 711 -14.99 -15.32 -54.40
C TYR C 711 -16.23 -14.45 -54.51
N PHE C 712 -16.09 -13.22 -54.99
CA PHE C 712 -17.22 -12.31 -55.13
C PHE C 712 -18.07 -12.61 -56.36
N LEU C 713 -17.53 -13.38 -57.31
CA LEU C 713 -18.28 -13.76 -58.51
C LEU C 713 -19.11 -15.02 -58.31
N THR C 714 -18.97 -15.70 -57.18
CA THR C 714 -19.63 -16.98 -56.96
C THR C 714 -20.50 -16.96 -55.70
N GLY C 715 -20.89 -15.78 -55.24
CA GLY C 715 -21.62 -15.68 -53.99
C GLY C 715 -22.99 -16.35 -54.02
N GLU C 716 -23.66 -16.33 -55.17
CA GLU C 716 -24.98 -16.94 -55.26
C GLU C 716 -24.92 -18.44 -55.03
N ARG C 717 -23.78 -19.07 -55.30
CA ARG C 717 -23.58 -20.50 -55.07
C ARG C 717 -24.62 -21.33 -55.81
N ASP C 718 -25.02 -20.86 -56.99
CA ASP C 718 -25.98 -21.55 -57.83
C ASP C 718 -25.23 -22.32 -58.91
N LYS C 719 -25.98 -22.79 -59.93
CA LYS C 719 -25.36 -23.56 -61.01
C LYS C 719 -24.35 -22.72 -61.79
N GLU C 720 -24.64 -21.44 -61.98
CA GLU C 720 -23.71 -20.57 -62.70
C GLU C 720 -22.44 -20.35 -61.89
N ALA C 721 -22.57 -20.22 -60.57
CA ALA C 721 -21.39 -20.03 -59.73
C ALA C 721 -20.57 -21.31 -59.64
N ALA C 722 -21.24 -22.47 -59.57
CA ALA C 722 -20.51 -23.74 -59.52
C ALA C 722 -19.79 -24.01 -60.83
N ALA C 723 -20.36 -23.57 -61.96
CA ALA C 723 -19.70 -23.80 -63.24
C ALA C 723 -18.50 -22.87 -63.41
N LEU C 724 -18.60 -21.63 -62.91
CA LEU C 724 -17.47 -20.71 -62.99
C LEU C 724 -16.32 -21.17 -62.11
N ALA C 725 -16.63 -21.66 -60.91
CA ALA C 725 -15.59 -22.18 -60.03
C ALA C 725 -14.98 -23.46 -60.59
N MET C 726 -15.80 -24.32 -61.18
CA MET C 726 -15.29 -25.56 -61.77
C MET C 726 -14.33 -25.26 -62.91
N ASN C 727 -14.65 -24.25 -63.72
CA ASN C 727 -13.73 -23.84 -64.78
C ASN C 727 -12.43 -23.31 -64.19
N HIS C 728 -12.52 -22.51 -63.13
CA HIS C 728 -11.33 -22.06 -62.42
C HIS C 728 -10.55 -23.24 -61.85
N PHE C 729 -11.26 -24.29 -61.44
CA PHE C 729 -10.60 -25.46 -60.87
C PHE C 729 -9.90 -26.28 -61.96
N LYS C 730 -10.55 -26.50 -63.10
CA LYS C 730 -10.00 -27.34 -64.13
C LYS C 730 -8.93 -26.63 -64.97
N SER C 731 -9.07 -25.33 -65.17
CA SER C 731 -8.11 -24.58 -65.98
C SER C 731 -6.91 -24.09 -65.18
N ALA C 732 -6.91 -24.28 -63.86
CA ALA C 732 -5.78 -23.84 -63.05
C ALA C 732 -4.54 -24.64 -63.38
N LYS C 733 -3.41 -23.95 -63.48
CA LYS C 733 -2.13 -24.58 -63.79
C LYS C 733 -1.26 -24.75 -62.55
N GLY C 734 -1.82 -24.53 -61.36
CA GLY C 734 -1.09 -24.71 -60.12
C GLY C 734 -2.04 -24.82 -58.95
N MET C 735 -1.46 -25.13 -57.80
CA MET C 735 -2.29 -25.42 -56.62
C MET C 735 -2.97 -24.16 -56.08
N THR C 736 -2.36 -22.99 -56.24
CA THR C 736 -2.91 -21.76 -55.68
C THR C 736 -4.31 -21.49 -56.23
N GLU C 737 -4.43 -21.42 -57.56
CA GLU C 737 -5.74 -21.17 -58.15
C GLU C 737 -6.65 -22.38 -58.09
N LYS C 738 -6.06 -23.59 -58.12
CA LYS C 738 -6.86 -24.81 -58.06
C LYS C 738 -7.50 -24.99 -56.70
N TYR C 739 -6.73 -24.78 -55.63
CA TYR C 739 -7.26 -24.97 -54.28
C TYR C 739 -8.28 -23.90 -53.94
N ALA C 740 -8.07 -22.66 -54.39
CA ALA C 740 -9.02 -21.58 -54.10
C ALA C 740 -10.36 -21.86 -54.75
N ALA C 741 -10.35 -22.42 -55.97
CA ALA C 741 -11.60 -22.79 -56.62
C ALA C 741 -12.26 -23.97 -55.92
N LEU C 742 -11.45 -24.92 -55.44
CA LEU C 742 -12.01 -26.08 -54.73
C LEU C 742 -12.66 -25.66 -53.42
N SER C 743 -12.04 -24.72 -52.70
CA SER C 743 -12.62 -24.25 -51.44
C SER C 743 -13.96 -23.57 -51.68
N ILE C 744 -14.07 -22.79 -52.76
CA ILE C 744 -15.33 -22.15 -53.09
C ILE C 744 -16.38 -23.19 -53.50
N LEU C 745 -15.95 -24.22 -54.24
CA LEU C 745 -16.88 -25.26 -54.66
C LEU C 745 -17.40 -26.07 -53.48
N CYS C 746 -16.59 -26.22 -52.42
CA CYS C 746 -16.97 -27.04 -51.28
C CYS C 746 -18.04 -26.39 -50.41
N ASP C 747 -18.40 -25.14 -50.68
CA ASP C 747 -19.54 -24.49 -50.03
C ASP C 747 -20.80 -24.57 -50.88
N ILE C 748 -20.75 -25.26 -52.01
CA ILE C 748 -21.88 -25.44 -52.90
C ILE C 748 -22.21 -26.93 -52.91
N GLU C 749 -23.17 -27.33 -52.10
CA GLU C 749 -23.59 -28.73 -52.06
C GLU C 749 -24.18 -29.13 -53.41
N GLY C 750 -23.63 -30.17 -54.02
CA GLY C 750 -24.09 -30.64 -55.30
C GLY C 750 -23.08 -31.54 -55.99
N PRO C 751 -23.41 -31.96 -57.23
CA PRO C 751 -22.53 -32.91 -57.93
C PRO C 751 -21.20 -32.30 -58.36
N GLU C 752 -21.16 -31.00 -58.64
CA GLU C 752 -19.88 -30.39 -59.03
C GLU C 752 -18.88 -30.42 -57.88
N ARG C 753 -19.36 -30.23 -56.64
CA ARG C 753 -18.47 -30.29 -55.50
C ARG C 753 -17.90 -31.70 -55.31
N THR C 754 -18.76 -32.71 -55.38
CA THR C 754 -18.29 -34.09 -55.22
C THR C 754 -17.36 -34.49 -56.36
N ALA C 755 -17.58 -33.99 -57.57
CA ALA C 755 -16.72 -34.32 -58.69
C ALA C 755 -15.33 -33.68 -58.52
N ALA C 756 -15.29 -32.41 -58.12
CA ALA C 756 -14.00 -31.75 -57.92
C ALA C 756 -13.24 -32.37 -56.76
N LEU C 757 -13.94 -32.78 -55.70
CA LEU C 757 -13.28 -33.44 -54.58
C LEU C 757 -12.68 -34.78 -55.02
N GLU C 758 -13.41 -35.53 -55.84
CA GLU C 758 -12.90 -36.82 -56.32
C GLU C 758 -11.68 -36.64 -57.20
N GLN C 759 -11.70 -35.63 -58.09
CA GLN C 759 -10.54 -35.37 -58.94
C GLN C 759 -9.35 -34.92 -58.11
N PHE C 760 -9.57 -34.02 -57.16
CA PHE C 760 -8.48 -33.53 -56.32
C PHE C 760 -7.82 -34.67 -55.56
N TYR C 761 -8.62 -35.63 -55.07
CA TYR C 761 -8.05 -36.77 -54.35
C TYR C 761 -7.11 -37.56 -55.23
N ARG C 762 -7.53 -37.86 -56.47
CA ARG C 762 -6.69 -38.62 -57.37
C ARG C 762 -5.48 -37.82 -57.84
N ASP C 763 -5.62 -36.49 -57.95
CA ASP C 763 -4.49 -35.65 -58.31
C ASP C 763 -3.40 -35.65 -57.26
N ALA C 764 -3.72 -36.05 -56.03
CA ALA C 764 -2.69 -36.13 -54.99
C ALA C 764 -1.67 -37.20 -55.29
N LYS C 765 -2.09 -38.29 -55.93
CA LYS C 765 -1.21 -39.41 -56.28
C LYS C 765 -0.49 -39.95 -55.03
N GLY C 766 -1.21 -39.97 -53.91
CA GLY C 766 -0.66 -40.47 -52.67
C GLY C 766 0.14 -39.47 -51.86
N ASP C 767 0.31 -38.25 -52.35
CA ASP C 767 1.08 -37.23 -51.64
C ASP C 767 0.40 -36.90 -50.31
N PRO C 768 1.02 -37.19 -49.17
CA PRO C 768 0.37 -36.91 -47.88
C PRO C 768 0.06 -35.44 -47.68
N LEU C 769 0.88 -34.53 -48.21
CA LEU C 769 0.63 -33.11 -48.04
C LEU C 769 -0.59 -32.67 -48.84
N VAL C 770 -0.76 -33.21 -50.05
CA VAL C 770 -1.95 -32.88 -50.84
C VAL C 770 -3.18 -33.57 -50.25
N LEU C 771 -3.01 -34.78 -49.73
CA LEU C 771 -4.12 -35.47 -49.08
C LEU C 771 -4.59 -34.71 -47.84
N ASP C 772 -3.68 -34.02 -47.16
CA ASP C 772 -4.08 -33.17 -46.03
C ASP C 772 -5.04 -32.07 -46.48
N LYS C 773 -4.73 -31.42 -47.61
CA LYS C 773 -5.63 -30.41 -48.14
C LYS C 773 -6.98 -31.01 -48.51
N TRP C 774 -6.98 -32.26 -48.98
CA TRP C 774 -8.23 -32.94 -49.31
C TRP C 774 -9.09 -33.15 -48.07
N PHE C 775 -8.46 -33.61 -46.98
CA PHE C 775 -9.19 -33.73 -45.72
C PHE C 775 -9.64 -32.38 -45.19
N ALA C 776 -8.76 -31.37 -45.28
CA ALA C 776 -9.05 -30.07 -44.68
C ALA C 776 -10.18 -29.35 -45.42
N VAL C 777 -10.18 -29.41 -46.75
CA VAL C 777 -11.19 -28.67 -47.51
C VAL C 777 -12.57 -29.26 -47.27
N GLN C 778 -12.67 -30.55 -46.97
CA GLN C 778 -13.95 -31.14 -46.63
C GLN C 778 -14.39 -30.76 -45.23
N ALA C 779 -13.44 -30.74 -44.28
CA ALA C 779 -13.77 -30.40 -42.91
C ALA C 779 -14.24 -28.96 -42.77
N LEU C 780 -13.80 -28.08 -43.68
CA LEU C 780 -14.20 -26.68 -43.67
C LEU C 780 -15.36 -26.40 -44.62
N SER C 781 -16.04 -27.44 -45.11
CA SER C 781 -17.12 -27.25 -46.05
C SER C 781 -18.37 -26.70 -45.34
N ASP C 782 -19.03 -25.74 -46.00
CA ASP C 782 -20.29 -25.21 -45.49
C ASP C 782 -21.45 -25.93 -46.18
N VAL C 783 -21.58 -27.23 -45.83
CA VAL C 783 -22.64 -28.08 -46.36
C VAL C 783 -23.38 -28.70 -45.19
N ARG C 784 -24.51 -29.34 -45.51
CA ARG C 784 -25.43 -29.79 -44.47
C ARG C 784 -24.82 -30.88 -43.61
N GLN C 785 -24.31 -31.94 -44.23
CA GLN C 785 -23.79 -33.11 -43.52
C GLN C 785 -22.29 -33.07 -43.33
N VAL C 786 -21.73 -31.90 -42.99
CA VAL C 786 -20.28 -31.79 -42.87
C VAL C 786 -19.78 -32.49 -41.60
N THR C 787 -20.57 -32.45 -40.52
CA THR C 787 -20.15 -33.09 -39.28
C THR C 787 -20.11 -34.61 -39.43
N GLU C 788 -21.13 -35.19 -40.07
CA GLU C 788 -21.14 -36.61 -40.33
C GLU C 788 -20.04 -37.00 -41.31
N THR C 789 -19.72 -36.12 -42.26
CA THR C 789 -18.65 -36.41 -43.22
C THR C 789 -17.30 -36.46 -42.53
N VAL C 790 -17.05 -35.53 -41.59
CA VAL C 790 -15.79 -35.55 -40.86
C VAL C 790 -15.68 -36.80 -40.01
N LYS C 791 -16.78 -37.19 -39.36
CA LYS C 791 -16.77 -38.42 -38.57
C LYS C 791 -16.53 -39.63 -39.45
N GLU C 792 -17.10 -39.64 -40.65
CA GLU C 792 -16.89 -40.76 -41.57
C GLU C 792 -15.48 -40.76 -42.12
N LEU C 793 -14.90 -39.58 -42.38
CA LEU C 793 -13.54 -39.50 -42.88
C LEU C 793 -12.52 -40.02 -41.89
N GLN C 794 -12.89 -40.14 -40.62
CA GLN C 794 -12.00 -40.73 -39.62
C GLN C 794 -11.77 -42.21 -39.87
N LYS C 795 -12.67 -42.86 -40.59
CA LYS C 795 -12.51 -44.27 -40.95
C LYS C 795 -11.91 -44.46 -42.34
N HIS C 796 -11.49 -43.37 -42.98
CA HIS C 796 -10.88 -43.47 -44.30
C HIS C 796 -9.52 -44.16 -44.21
N ALA C 797 -9.18 -44.90 -45.27
CA ALA C 797 -7.94 -45.64 -45.29
C ALA C 797 -6.71 -44.73 -45.22
N ASP C 798 -6.85 -43.50 -45.70
CA ASP C 798 -5.74 -42.55 -45.72
C ASP C 798 -5.69 -41.65 -44.49
N PHE C 799 -6.54 -41.90 -43.49
CA PHE C 799 -6.53 -41.13 -42.25
C PHE C 799 -5.92 -41.96 -41.12
N THR C 800 -5.02 -41.34 -40.37
CA THR C 800 -4.49 -41.93 -39.15
C THR C 800 -4.22 -40.81 -38.15
N ALA C 801 -4.71 -40.98 -36.93
CA ALA C 801 -4.51 -39.97 -35.89
C ALA C 801 -3.08 -39.94 -35.38
N LYS C 802 -2.27 -40.96 -35.69
CA LYS C 802 -0.90 -41.01 -35.19
C LYS C 802 0.03 -40.04 -35.92
N ASN C 803 -0.39 -39.54 -37.08
CA ASN C 803 0.37 -38.51 -37.78
C ASN C 803 -0.24 -37.15 -37.46
N PRO C 804 0.50 -36.24 -36.82
CA PRO C 804 -0.12 -34.97 -36.40
C PRO C 804 -0.65 -34.14 -37.56
N ASN C 805 0.07 -34.11 -38.68
CA ASN C 805 -0.39 -33.32 -39.83
C ASN C 805 -1.71 -33.86 -40.37
N ARG C 806 -1.89 -35.18 -40.35
CA ARG C 806 -3.13 -35.76 -40.84
C ARG C 806 -4.27 -35.53 -39.86
N LEU C 807 -4.01 -35.65 -38.56
CA LEU C 807 -5.04 -35.38 -37.57
C LEU C 807 -5.43 -33.91 -37.57
N ARG C 808 -4.44 -33.02 -37.62
CA ARG C 808 -4.74 -31.59 -37.68
C ARG C 808 -5.45 -31.22 -38.96
N ALA C 809 -5.13 -31.89 -40.07
CA ALA C 809 -5.77 -31.58 -41.34
C ALA C 809 -7.27 -31.81 -41.27
N LEU C 810 -7.70 -32.89 -40.63
CA LEU C 810 -9.12 -33.21 -40.54
C LEU C 810 -9.77 -32.58 -39.31
N ILE C 811 -9.26 -32.89 -38.13
CA ILE C 811 -9.95 -32.54 -36.90
C ILE C 811 -9.76 -31.06 -36.56
N PHE C 812 -8.52 -30.58 -36.62
CA PHE C 812 -8.27 -29.18 -36.26
C PHE C 812 -8.98 -28.22 -37.20
N SER C 813 -8.97 -28.54 -38.51
CA SER C 813 -9.68 -27.71 -39.48
C SER C 813 -11.17 -27.68 -39.19
N PHE C 814 -11.73 -28.80 -38.74
CA PHE C 814 -13.16 -28.85 -38.46
C PHE C 814 -13.55 -27.92 -37.32
N THR C 815 -12.65 -27.73 -36.35
CA THR C 815 -12.95 -26.82 -35.24
C THR C 815 -13.05 -25.37 -35.70
N ARG C 816 -12.55 -25.05 -36.90
CA ARG C 816 -12.69 -23.72 -37.46
C ARG C 816 -13.88 -23.60 -38.41
N ASN C 817 -14.60 -24.69 -38.64
CA ASN C 817 -15.86 -24.62 -39.36
C ASN C 817 -16.94 -24.06 -38.45
N PRO C 818 -17.72 -23.08 -38.91
CA PRO C 818 -18.79 -22.54 -38.04
C PRO C 818 -19.79 -23.60 -37.59
N GLN C 819 -19.97 -24.68 -38.35
CA GLN C 819 -20.88 -25.73 -37.95
C GLN C 819 -20.35 -26.58 -36.79
N PHE C 820 -19.06 -26.43 -36.45
CA PHE C 820 -18.53 -27.11 -35.27
C PHE C 820 -19.27 -26.69 -34.01
N HIS C 821 -19.84 -25.48 -34.00
CA HIS C 821 -20.58 -24.95 -32.86
C HIS C 821 -22.07 -25.21 -32.95
N ASN C 822 -22.50 -26.22 -33.71
CA ASN C 822 -23.92 -26.50 -33.85
C ASN C 822 -24.54 -26.82 -32.49
N LYS C 823 -25.72 -26.23 -32.24
CA LYS C 823 -26.32 -26.30 -30.91
C LYS C 823 -26.62 -27.73 -30.46
N ASP C 824 -26.75 -28.68 -31.39
CA ASP C 824 -26.99 -30.06 -30.99
C ASP C 824 -25.75 -30.72 -30.37
N GLY C 825 -24.61 -30.04 -30.38
CA GLY C 825 -23.41 -30.53 -29.73
C GLY C 825 -22.69 -31.65 -30.45
N ALA C 826 -23.11 -32.01 -31.67
CA ALA C 826 -22.46 -33.10 -32.38
C ALA C 826 -21.02 -32.75 -32.72
N GLY C 827 -20.76 -31.48 -33.05
CA GLY C 827 -19.39 -31.07 -33.35
C GLY C 827 -18.49 -31.10 -32.12
N TYR C 828 -19.02 -30.67 -30.98
CA TYR C 828 -18.24 -30.69 -29.74
C TYR C 828 -17.89 -32.12 -29.34
N ALA C 829 -18.86 -33.03 -29.44
CA ALA C 829 -18.61 -34.42 -29.08
C ALA C 829 -17.60 -35.08 -30.02
N LEU C 830 -17.61 -34.68 -31.30
CA LEU C 830 -16.65 -35.24 -32.24
C LEU C 830 -15.23 -34.84 -31.88
N LEU C 831 -15.02 -33.56 -31.55
CA LEU C 831 -13.69 -33.10 -31.15
C LEU C 831 -13.24 -33.78 -29.86
N ALA C 832 -14.16 -33.92 -28.89
CA ALA C 832 -13.80 -34.53 -27.62
C ALA C 832 -13.40 -36.00 -27.80
N ASP C 833 -14.10 -36.71 -28.69
CA ASP C 833 -13.73 -38.10 -28.96
C ASP C 833 -12.32 -38.20 -29.52
N SER C 834 -11.95 -37.28 -30.42
CA SER C 834 -10.61 -37.30 -31.00
C SER C 834 -9.56 -36.94 -29.96
N VAL C 835 -9.83 -35.94 -29.11
CA VAL C 835 -8.88 -35.55 -28.08
C VAL C 835 -8.59 -36.73 -27.16
N LEU C 836 -9.63 -37.45 -26.76
CA LEU C 836 -9.46 -38.58 -25.85
C LEU C 836 -8.66 -39.70 -26.50
N ALA C 837 -8.88 -39.95 -27.80
CA ALA C 837 -8.15 -41.01 -28.48
C ALA C 837 -6.69 -40.61 -28.70
N VAL C 838 -6.44 -39.35 -29.07
CA VAL C 838 -5.08 -38.91 -29.35
C VAL C 838 -4.27 -38.79 -28.07
N ASP C 839 -4.92 -38.41 -26.96
CA ASP C 839 -4.20 -38.24 -25.70
C ASP C 839 -3.59 -39.55 -25.20
N ARG C 840 -4.07 -40.69 -25.69
CA ARG C 840 -3.49 -41.96 -25.28
C ARG C 840 -2.06 -42.15 -25.79
N PHE C 841 -1.65 -41.40 -26.82
CA PHE C 841 -0.31 -41.58 -27.37
C PHE C 841 0.43 -40.27 -27.66
N ASN C 842 -0.26 -39.16 -27.92
CA ASN C 842 0.40 -37.89 -28.22
C ASN C 842 -0.28 -36.78 -27.41
N PRO C 843 0.15 -36.56 -26.17
CA PRO C 843 -0.49 -35.53 -25.35
C PRO C 843 -0.41 -34.13 -25.93
N GLN C 844 0.70 -33.81 -26.60
CA GLN C 844 0.88 -32.47 -27.15
C GLN C 844 -0.25 -32.09 -28.09
N ILE C 845 -0.52 -32.96 -29.07
CA ILE C 845 -1.54 -32.64 -30.07
C ILE C 845 -2.94 -32.65 -29.44
N ALA C 846 -3.19 -33.58 -28.52
CA ALA C 846 -4.50 -33.63 -27.87
C ALA C 846 -4.76 -32.36 -27.06
N ALA C 847 -3.73 -31.83 -26.41
CA ALA C 847 -3.90 -30.60 -25.64
C ALA C 847 -4.26 -29.42 -26.54
N ARG C 848 -3.63 -29.34 -27.72
CA ARG C 848 -3.97 -28.28 -28.66
C ARG C 848 -5.40 -28.46 -29.18
N GLY C 849 -5.82 -29.71 -29.40
CA GLY C 849 -7.18 -29.94 -29.84
C GLY C 849 -8.22 -29.52 -28.82
N ALA C 850 -7.91 -29.73 -27.53
CA ALA C 850 -8.82 -29.31 -26.47
C ALA C 850 -8.91 -27.80 -26.35
N GLY C 851 -7.95 -27.07 -26.90
CA GLY C 851 -7.94 -25.63 -26.81
C GLY C 851 -9.13 -24.96 -27.47
N ALA C 852 -9.82 -25.66 -28.38
CA ALA C 852 -11.02 -25.12 -29.00
C ALA C 852 -12.17 -24.93 -28.01
N PHE C 853 -12.10 -25.58 -26.85
CA PHE C 853 -13.11 -25.46 -25.83
C PHE C 853 -12.85 -24.32 -24.86
N LEU C 854 -11.76 -23.57 -25.05
CA LEU C 854 -11.37 -22.56 -24.06
C LEU C 854 -12.34 -21.39 -24.04
N GLN C 855 -12.84 -20.96 -25.21
CA GLN C 855 -13.68 -19.78 -25.32
C GLN C 855 -15.16 -20.09 -25.16
N TRP C 856 -15.50 -21.11 -24.36
CA TRP C 856 -16.91 -21.49 -24.21
C TRP C 856 -17.75 -20.35 -23.65
N LYS C 857 -17.17 -19.50 -22.79
CA LYS C 857 -17.93 -18.45 -22.13
C LYS C 857 -18.40 -17.37 -23.11
N LYS C 858 -17.80 -17.30 -24.30
CA LYS C 858 -18.14 -16.27 -25.28
C LYS C 858 -19.40 -16.60 -26.08
N TYR C 859 -19.99 -17.77 -25.90
CA TYR C 859 -21.11 -18.23 -26.71
C TYR C 859 -22.39 -18.24 -25.90
N ASP C 860 -23.49 -18.52 -26.60
CA ASP C 860 -24.80 -18.57 -25.97
C ASP C 860 -24.88 -19.74 -24.99
N GLU C 861 -25.96 -19.74 -24.20
CA GLU C 861 -26.08 -20.72 -23.12
C GLU C 861 -26.16 -22.14 -23.65
N THR C 862 -26.84 -22.34 -24.78
CA THR C 862 -26.95 -23.68 -25.36
C THR C 862 -25.58 -24.22 -25.75
N ARG C 863 -24.76 -23.38 -26.40
CA ARG C 863 -23.41 -23.82 -26.77
C ARG C 863 -22.52 -23.95 -25.56
N GLN C 864 -22.71 -23.10 -24.56
CA GLN C 864 -21.92 -23.18 -23.33
C GLN C 864 -22.12 -24.53 -22.65
N ARG C 865 -23.38 -24.95 -22.51
CA ARG C 865 -23.67 -26.20 -21.81
C ARG C 865 -23.08 -27.41 -22.53
N GLU C 866 -23.10 -27.39 -23.86
CA GLU C 866 -22.57 -28.53 -24.61
C GLU C 866 -21.05 -28.59 -24.54
N MET C 867 -20.39 -27.43 -24.58
CA MET C 867 -18.93 -27.42 -24.46
C MET C 867 -18.47 -27.80 -23.06
N LEU C 868 -19.17 -27.32 -22.04
CA LEU C 868 -18.84 -27.69 -20.67
C LEU C 868 -19.02 -29.19 -20.46
N LYS C 869 -20.04 -29.78 -21.08
CA LYS C 869 -20.25 -31.22 -20.99
C LYS C 869 -19.04 -31.99 -21.53
N GLN C 870 -18.51 -31.56 -22.67
CA GLN C 870 -17.36 -32.24 -23.24
C GLN C 870 -16.08 -31.93 -22.47
N LEU C 871 -15.96 -30.72 -21.92
CA LEU C 871 -14.78 -30.38 -21.13
C LEU C 871 -14.69 -31.27 -19.89
N ARG C 872 -15.82 -31.45 -19.19
CA ARG C 872 -15.81 -32.29 -18.00
C ARG C 872 -15.63 -33.76 -18.34
N ARG C 873 -16.10 -34.18 -19.52
CA ARG C 873 -15.86 -35.56 -19.94
C ARG C 873 -14.37 -35.80 -20.16
N ILE C 874 -13.65 -34.82 -20.70
CA ILE C 874 -12.22 -34.97 -20.89
C ILE C 874 -11.49 -34.97 -19.55
N ALA C 875 -11.86 -34.05 -18.66
CA ALA C 875 -11.15 -33.94 -17.38
C ALA C 875 -11.34 -35.18 -16.52
N ASN C 876 -12.43 -35.92 -16.72
CA ASN C 876 -12.71 -37.11 -15.93
C ASN C 876 -12.12 -38.39 -16.53
N ALA C 877 -11.54 -38.31 -17.72
CA ALA C 877 -10.98 -39.50 -18.36
C ALA C 877 -9.79 -40.02 -17.57
N PRO C 878 -9.80 -41.27 -17.11
CA PRO C 878 -8.64 -41.80 -16.40
C PRO C 878 -7.44 -41.94 -17.33
N GLY C 879 -6.26 -41.68 -16.78
CA GLY C 879 -5.04 -41.71 -17.57
C GLY C 879 -4.84 -40.51 -18.46
N LEU C 880 -5.59 -39.43 -18.25
CA LEU C 880 -5.41 -38.22 -19.05
C LEU C 880 -4.04 -37.62 -18.79
N SER C 881 -3.41 -37.09 -19.84
CA SER C 881 -2.07 -36.57 -19.73
C SER C 881 -2.05 -35.26 -18.93
N VAL C 882 -0.86 -34.94 -18.41
CA VAL C 882 -0.67 -33.68 -17.70
C VAL C 882 -0.94 -32.50 -18.63
N ASP C 883 -0.55 -32.64 -19.90
CA ASP C 883 -0.72 -31.55 -20.86
C ASP C 883 -2.20 -31.22 -21.07
N THR C 884 -3.00 -32.22 -21.44
CA THR C 884 -4.41 -31.98 -21.71
C THR C 884 -5.16 -31.63 -20.43
N LEU C 885 -4.77 -32.22 -19.30
CA LEU C 885 -5.43 -31.90 -18.03
C LEU C 885 -5.32 -30.43 -17.69
N GLU C 886 -4.13 -29.85 -17.87
CA GLU C 886 -3.94 -28.43 -17.56
C GLU C 886 -4.83 -27.55 -18.41
N ILE C 887 -4.99 -27.89 -19.70
CA ILE C 887 -5.81 -27.09 -20.60
C ILE C 887 -7.26 -27.10 -20.15
N VAL C 888 -7.82 -28.28 -19.92
CA VAL C 888 -9.23 -28.37 -19.53
C VAL C 888 -9.44 -27.86 -18.11
N GLN C 889 -8.43 -28.00 -17.25
CA GLN C 889 -8.56 -27.46 -15.89
C GLN C 889 -8.63 -25.94 -15.91
N LYS C 890 -7.79 -25.30 -16.73
CA LYS C 890 -7.84 -23.84 -16.84
C LYS C 890 -9.13 -23.37 -17.50
N ALA C 891 -9.68 -24.16 -18.42
CA ALA C 891 -10.94 -23.78 -19.05
C ALA C 891 -12.10 -23.87 -18.08
N LEU C 892 -12.08 -24.88 -17.20
CA LEU C 892 -13.14 -25.09 -16.24
C LEU C 892 -12.96 -24.28 -14.95
N ALA C 893 -11.92 -23.45 -14.87
CA ALA C 893 -11.69 -22.67 -13.66
C ALA C 893 -12.82 -21.69 -13.40
N GLY C 894 -13.31 -21.02 -14.45
CA GLY C 894 -14.42 -20.10 -14.32
C GLY C 894 -15.73 -20.73 -14.71
N ALA C 895 -15.78 -22.06 -14.74
CA ALA C 895 -16.97 -22.79 -15.09
C ALA C 895 -17.86 -23.00 -13.86
N PRO C 896 -19.15 -23.26 -14.06
CA PRO C 896 -20.02 -23.48 -12.90
C PRO C 896 -19.74 -24.83 -12.25
N GLU C 897 -19.92 -24.87 -10.94
CA GLU C 897 -19.72 -26.12 -10.20
C GLU C 897 -20.78 -27.13 -10.58
N GLU C 898 -20.35 -28.32 -10.98
CA GLU C 898 -21.26 -29.40 -11.37
C GLU C 898 -21.14 -30.59 -10.41
N ALA C 899 -20.83 -30.32 -9.15
CA ALA C 899 -20.70 -31.39 -8.18
C ALA C 899 -22.06 -32.02 -7.88
N THR C 900 -22.05 -33.33 -7.62
CA THR C 900 -23.29 -34.04 -7.33
C THR C 900 -23.99 -33.47 -6.10
N ALA C 901 -23.22 -32.95 -5.13
CA ALA C 901 -23.80 -32.42 -3.91
C ALA C 901 -24.66 -31.20 -4.16
N HIS C 902 -24.53 -30.55 -5.32
CA HIS C 902 -25.38 -29.42 -5.69
C HIS C 902 -26.61 -29.98 -6.40
N HIS C 903 -27.66 -30.23 -5.62
CA HIS C 903 -28.90 -30.79 -6.16
C HIS C 903 -29.66 -29.76 -6.98
N GLU D 4 -27.92 31.76 43.87
CA GLU D 4 -27.77 32.85 42.91
C GLU D 4 -26.51 33.65 43.15
N LYS D 5 -25.72 33.84 42.11
CA LYS D 5 -24.51 34.66 42.19
C LYS D 5 -24.86 36.14 42.09
N HIS D 6 -24.11 36.96 42.82
CA HIS D 6 -24.36 38.40 42.87
C HIS D 6 -23.14 39.15 42.36
N ARG D 7 -23.40 40.23 41.62
CA ARG D 7 -22.31 41.00 41.02
C ARG D 7 -21.46 41.69 42.08
N LEU D 8 -22.10 42.30 43.07
CA LEU D 8 -21.38 43.05 44.10
C LEU D 8 -20.61 42.15 45.06
N ASP D 9 -20.70 40.84 44.92
CA ASP D 9 -19.97 39.92 45.77
C ASP D 9 -18.60 39.54 45.23
N TYR D 10 -18.10 40.27 44.24
CA TYR D 10 -16.81 39.94 43.66
C TYR D 10 -15.68 40.13 44.67
N LYS D 11 -14.71 39.23 44.63
CA LYS D 11 -13.54 39.29 45.47
C LYS D 11 -12.37 38.72 44.68
N PRO D 12 -11.18 39.33 44.77
CA PRO D 12 -10.02 38.76 44.07
C PRO D 12 -9.68 37.37 44.58
N THR D 13 -8.99 36.62 43.73
CA THR D 13 -8.65 35.24 44.06
C THR D 13 -7.65 35.18 45.20
N ASP D 14 -7.70 34.07 45.94
CA ASP D 14 -6.72 33.86 47.00
C ASP D 14 -5.35 33.51 46.45
N PHE D 15 -5.30 32.85 45.29
CA PHE D 15 -4.05 32.41 44.69
C PHE D 15 -3.95 32.89 43.26
N LEU D 16 -2.72 32.99 42.78
CA LEU D 16 -2.42 33.35 41.41
C LEU D 16 -1.81 32.15 40.69
N ILE D 17 -2.01 32.08 39.38
CA ILE D 17 -1.48 31.00 38.56
C ILE D 17 -0.45 31.62 37.60
N ASP D 18 0.81 31.23 37.78
CA ASP D 18 1.90 31.80 36.98
C ASP D 18 2.19 31.00 35.73
N PHE D 19 1.99 29.69 35.75
CA PHE D 19 2.30 28.85 34.61
C PHE D 19 1.45 27.59 34.64
N VAL D 20 1.03 27.15 33.47
CA VAL D 20 0.29 25.89 33.32
C VAL D 20 1.05 25.03 32.33
N ASP D 21 1.15 23.73 32.63
CA ASP D 21 1.89 22.78 31.81
C ASP D 21 0.99 21.58 31.54
N LEU D 22 0.34 21.57 30.38
CA LEU D 22 -0.61 20.53 30.03
C LEU D 22 0.03 19.48 29.13
N ASP D 23 -0.43 18.24 29.29
CA ASP D 23 0.02 17.12 28.47
C ASP D 23 -1.18 16.23 28.21
N PHE D 24 -1.59 16.14 26.94
CA PHE D 24 -2.80 15.42 26.56
C PHE D 24 -2.43 14.12 25.86
N ASP D 25 -2.94 13.01 26.37
CA ASP D 25 -2.88 11.71 25.70
C ASP D 25 -4.27 11.45 25.13
N LEU D 26 -4.45 11.79 23.85
CA LEU D 26 -5.79 11.91 23.28
C LEU D 26 -6.30 10.55 22.82
N TYR D 27 -7.47 10.16 23.35
CA TYR D 27 -8.22 9.02 22.87
C TYR D 27 -9.69 9.39 22.84
N ASP D 28 -10.44 8.73 21.96
CA ASP D 28 -11.86 9.04 21.83
C ASP D 28 -12.65 8.57 23.05
N ASP D 29 -12.26 7.44 23.63
CA ASP D 29 -13.00 6.88 24.75
C ASP D 29 -12.58 7.46 26.10
N ARG D 30 -11.28 7.61 26.33
CA ARG D 30 -10.79 8.17 27.58
C ARG D 30 -9.45 8.85 27.32
N THR D 31 -9.37 10.13 27.64
CA THR D 31 -8.18 10.94 27.39
C THR D 31 -7.51 11.29 28.71
N LYS D 32 -6.21 10.99 28.80
CA LYS D 32 -5.45 11.35 29.99
C LYS D 32 -4.98 12.79 29.90
N VAL D 33 -5.14 13.54 30.98
CA VAL D 33 -4.76 14.95 31.04
C VAL D 33 -3.81 15.13 32.21
N THR D 34 -2.56 15.48 31.91
CA THR D 34 -1.54 15.75 32.91
C THR D 34 -1.27 17.24 32.94
N SER D 35 -1.38 17.85 34.12
CA SER D 35 -1.26 19.29 34.26
C SER D 35 -0.42 19.63 35.48
N THR D 36 0.46 20.61 35.32
CA THR D 36 1.26 21.15 36.42
C THR D 36 0.98 22.66 36.52
N LEU D 37 0.49 23.09 37.68
CA LEU D 37 0.18 24.48 37.93
C LEU D 37 1.23 25.08 38.84
N THR D 38 1.91 26.12 38.35
CA THR D 38 2.84 26.90 39.17
C THR D 38 2.08 28.09 39.74
N MET D 39 1.85 28.06 41.05
CA MET D 39 0.96 29.02 41.70
C MET D 39 1.68 29.70 42.86
N HIS D 40 1.05 30.76 43.36
CA HIS D 40 1.52 31.47 44.54
C HIS D 40 0.38 32.30 45.10
N ARG D 41 0.37 32.46 46.42
CA ARG D 41 -0.65 33.25 47.08
C ARG D 41 -0.45 34.73 46.79
N ARG D 42 -1.54 35.51 46.91
CA ARG D 42 -1.48 36.97 46.78
C ARG D 42 -0.45 37.52 47.75
N GLU D 43 0.04 38.74 47.52
CA GLU D 43 1.21 39.20 48.27
C GLU D 43 0.88 39.61 49.70
N GLN D 44 -0.32 40.16 49.95
CA GLN D 44 -0.64 40.66 51.27
C GLN D 44 -1.83 39.94 51.87
N THR D 45 -1.78 38.61 51.89
CA THR D 45 -2.86 37.78 52.42
C THR D 45 -2.31 36.77 53.40
N PRO D 46 -3.12 36.38 54.39
CA PRO D 46 -2.71 35.29 55.28
C PRO D 46 -2.86 33.95 54.59
N PRO D 47 -2.22 32.91 55.12
CA PRO D 47 -2.36 31.58 54.50
C PRO D 47 -3.80 31.10 54.52
N THR D 48 -4.19 30.43 53.44
CA THR D 48 -5.54 29.90 53.31
C THR D 48 -5.50 28.65 52.45
N ASP D 49 -6.60 27.90 52.48
CA ASP D 49 -6.66 26.65 51.72
C ASP D 49 -6.73 26.92 50.22
N LEU D 50 -6.10 26.05 49.45
CA LEU D 50 -6.16 26.12 47.99
C LEU D 50 -7.34 25.29 47.49
N VAL D 51 -8.19 25.91 46.68
CA VAL D 51 -9.36 25.25 46.12
C VAL D 51 -9.31 25.41 44.61
N LEU D 52 -9.23 24.29 43.89
CA LEU D 52 -9.15 24.28 42.44
C LEU D 52 -10.42 23.66 41.87
N ASP D 53 -11.08 24.38 40.96
CA ASP D 53 -12.31 23.89 40.36
C ASP D 53 -12.04 22.66 39.50
N GLY D 54 -12.93 21.68 39.57
CA GLY D 54 -12.84 20.48 38.77
C GLY D 54 -14.18 19.79 38.63
N GLU D 55 -14.55 19.41 37.42
CA GLU D 55 -15.88 18.87 37.13
C GLU D 55 -15.75 17.58 36.35
N ASP D 56 -16.28 16.49 36.91
CA ASP D 56 -16.37 15.19 36.23
C ASP D 56 -14.99 14.68 35.82
N LEU D 57 -14.00 14.86 36.69
CA LEU D 57 -12.64 14.42 36.43
C LEU D 57 -12.38 13.10 37.17
N GLU D 58 -11.61 12.22 36.52
CA GLU D 58 -11.20 10.95 37.12
C GLU D 58 -9.79 11.13 37.64
N LEU D 59 -9.69 11.50 38.93
CA LEU D 59 -8.41 11.83 39.53
C LEU D 59 -7.59 10.56 39.79
N GLU D 60 -6.35 10.55 39.31
CA GLU D 60 -5.44 9.43 39.48
C GLU D 60 -4.33 9.71 40.50
N SER D 61 -3.76 10.91 40.49
CA SER D 61 -2.67 11.22 41.41
C SER D 61 -2.62 12.73 41.62
N VAL D 62 -2.07 13.13 42.76
CA VAL D 62 -1.85 14.52 43.11
C VAL D 62 -0.44 14.66 43.67
N GLU D 63 0.31 15.64 43.16
CA GLU D 63 1.68 15.88 43.59
C GLU D 63 1.85 17.35 43.93
N LEU D 64 2.45 17.62 45.09
CA LEU D 64 2.74 18.98 45.55
C LEU D 64 4.25 19.13 45.63
N ASP D 65 4.81 19.97 44.75
CA ASP D 65 6.25 20.21 44.69
C ASP D 65 7.03 18.91 44.53
N GLY D 66 6.49 18.01 43.69
CA GLY D 66 7.13 16.75 43.42
C GLY D 66 6.81 15.63 44.38
N ASN D 67 6.18 15.94 45.52
CA ASN D 67 5.85 14.93 46.53
C ASN D 67 4.38 14.57 46.42
N ALA D 68 4.11 13.27 46.31
CA ALA D 68 2.74 12.79 46.17
C ALA D 68 1.97 12.94 47.48
N LEU D 69 0.68 13.23 47.35
CA LEU D 69 -0.22 13.37 48.49
C LEU D 69 -1.37 12.39 48.34
N SER D 70 -1.70 11.68 49.41
CA SER D 70 -2.78 10.73 49.39
C SER D 70 -4.12 11.44 49.61
N MET D 71 -5.20 10.75 49.27
CA MET D 71 -6.53 11.30 49.49
C MET D 71 -6.89 11.22 50.97
N HIS D 72 -7.39 12.33 51.51
CA HIS D 72 -7.79 12.38 52.91
C HIS D 72 -8.93 11.40 53.16
N SER D 73 -8.76 10.52 54.15
CA SER D 73 -9.73 9.46 54.42
C SER D 73 -9.81 9.23 55.91
N THR D 74 -10.63 8.26 56.30
CA THR D 74 -10.70 7.84 57.70
C THR D 74 -9.40 7.16 58.13
N GLU D 75 -8.79 6.37 57.24
CA GLU D 75 -7.53 5.73 57.58
C GLU D 75 -6.38 6.73 57.61
N THR D 76 -6.45 7.79 56.80
CA THR D 76 -5.42 8.81 56.83
C THR D 76 -5.48 9.64 58.11
N GLN D 77 -6.69 9.91 58.59
CA GLN D 77 -6.84 10.62 59.85
C GLN D 77 -6.39 9.78 61.03
N LYS D 78 -6.59 8.46 60.96
CA LYS D 78 -6.14 7.59 62.04
C LYS D 78 -4.63 7.39 62.01
N ALA D 79 -4.03 7.37 60.81
CA ALA D 79 -2.59 7.19 60.68
C ALA D 79 -1.80 8.44 61.01
N GLY D 80 -2.46 9.59 61.16
CA GLY D 80 -1.76 10.83 61.44
C GLY D 80 -1.84 11.82 60.29
N ASP D 81 -1.62 11.32 59.07
CA ASP D 81 -1.68 12.16 57.88
C ASP D 81 -1.81 11.30 56.63
N ARG D 83 0.24 14.98 55.04
CA ARG D 83 0.49 14.95 53.60
C ARG D 83 -0.70 14.36 52.86
N VAL D 84 -1.80 15.11 52.79
CA VAL D 84 -3.02 14.65 52.15
C VAL D 84 -3.69 15.81 51.41
N TYR D 85 -4.49 15.45 50.42
CA TYR D 85 -5.34 16.40 49.71
C TYR D 85 -6.80 16.04 49.97
N SER D 86 -7.68 17.03 49.78
CA SER D 86 -9.10 16.87 50.03
C SER D 86 -9.89 17.16 48.76
N LEU D 87 -11.02 16.47 48.62
CA LEU D 87 -11.99 16.72 47.56
C LEU D 87 -13.27 17.22 48.20
N ASP D 88 -13.73 18.40 47.80
CA ASP D 88 -14.93 18.96 48.39
C ASP D 88 -16.16 18.18 47.93
N VAL D 89 -17.34 18.66 48.35
CA VAL D 89 -18.57 17.96 48.02
C VAL D 89 -18.85 17.97 46.52
N ASP D 90 -18.29 18.94 45.79
CA ASP D 90 -18.48 19.03 44.35
C ASP D 90 -17.33 18.43 43.55
N GLY D 91 -16.25 18.00 44.21
CA GLY D 91 -15.13 17.39 43.53
C GLY D 91 -13.92 18.28 43.36
N ARG D 92 -13.96 19.52 43.87
CA ARG D 92 -12.82 20.42 43.75
C ARG D 92 -11.65 19.91 44.57
N LEU D 93 -10.44 20.12 44.06
CA LEU D 93 -9.22 19.71 44.76
C LEU D 93 -8.89 20.73 45.83
N VAL D 94 -8.62 20.24 47.05
CA VAL D 94 -8.33 21.09 48.20
C VAL D 94 -7.01 20.64 48.82
N ILE D 95 -6.10 21.59 49.01
CA ILE D 95 -4.84 21.36 49.70
C ILE D 95 -4.77 22.34 50.87
N ALA D 96 -4.55 21.81 52.07
CA ALA D 96 -4.60 22.62 53.28
C ALA D 96 -3.54 23.72 53.25
N ALA D 97 -3.81 24.78 54.01
CA ALA D 97 -2.92 25.94 54.01
C ALA D 97 -1.55 25.62 54.59
N ASP D 98 -1.48 24.65 55.50
CA ASP D 98 -0.20 24.35 56.16
C ASP D 98 0.78 23.64 55.23
N LEU D 99 0.27 22.85 54.28
CA LEU D 99 1.16 22.20 53.31
C LEU D 99 1.73 23.20 52.30
N LEU D 100 1.13 24.38 52.20
CA LEU D 100 1.53 25.42 51.27
C LEU D 100 2.57 26.34 51.91
N PRO D 101 3.35 27.05 51.09
CA PRO D 101 4.36 27.95 51.66
C PRO D 101 3.74 29.04 52.51
N GLN D 102 4.37 29.31 53.65
CA GLN D 102 3.90 30.40 54.52
C GLN D 102 4.14 31.76 53.86
N GLU D 103 5.25 31.91 53.15
CA GLU D 103 5.52 33.14 52.44
C GLU D 103 4.56 33.29 51.26
N ALA D 104 4.06 34.51 51.08
CA ALA D 104 3.02 34.74 50.08
C ALA D 104 3.57 34.64 48.66
N GLU D 105 4.72 35.28 48.41
CA GLU D 105 5.30 35.29 47.08
C GLU D 105 6.00 33.99 46.71
N LYS D 106 6.10 33.04 47.65
CA LYS D 106 6.78 31.78 47.37
C LYS D 106 5.93 30.92 46.46
N LYS D 107 6.50 30.50 45.33
CA LYS D 107 5.76 29.72 44.36
C LYS D 107 5.79 28.24 44.70
N PHE D 108 4.72 27.54 44.34
CA PHE D 108 4.62 26.09 44.53
C PHE D 108 4.02 25.46 43.28
N LYS D 109 4.21 24.15 43.15
CA LYS D 109 3.78 23.40 41.98
C LYS D 109 2.80 22.32 42.41
N VAL D 110 1.64 22.29 41.77
CA VAL D 110 0.64 21.25 41.96
C VAL D 110 0.45 20.54 40.63
N LYS D 111 0.71 19.24 40.60
CA LYS D 111 0.58 18.44 39.39
C LYS D 111 -0.46 17.35 39.58
N THR D 112 -1.35 17.21 38.60
CA THR D 112 -2.43 16.23 38.66
C THR D 112 -2.45 15.41 37.38
N VAL D 113 -3.04 14.22 37.49
CA VAL D 113 -3.28 13.33 36.36
C VAL D 113 -4.74 12.92 36.41
N VAL D 114 -5.52 13.34 35.42
CA VAL D 114 -6.95 13.06 35.38
C VAL D 114 -7.28 12.38 34.05
N TYR D 115 -8.47 11.80 34.00
CA TYR D 115 -9.02 11.21 32.79
C TYR D 115 -10.38 11.81 32.50
N VAL D 116 -10.62 12.14 31.22
CA VAL D 116 -11.92 12.58 30.75
C VAL D 116 -12.30 11.74 29.54
N ARG D 117 -13.59 11.73 29.23
CA ARG D 117 -14.14 10.88 28.17
C ARG D 117 -14.82 11.74 27.11
N PRO D 118 -14.14 12.04 26.00
CA PRO D 118 -14.71 12.98 25.03
C PRO D 118 -15.92 12.45 24.29
N LYS D 119 -15.98 11.15 24.00
CA LYS D 119 -17.10 10.61 23.24
C LYS D 119 -18.39 10.69 24.03
N GLU D 120 -18.33 10.61 25.35
CA GLU D 120 -19.50 10.68 26.20
C GLU D 120 -19.88 12.11 26.58
N ASN D 121 -19.10 13.10 26.15
CA ASN D 121 -19.35 14.50 26.49
C ASN D 121 -20.36 15.07 25.50
N LEU D 122 -21.63 14.68 25.70
CA LEU D 122 -22.71 15.19 24.87
C LEU D 122 -23.06 16.64 25.17
N GLN D 123 -22.60 17.19 26.29
CA GLN D 123 -22.85 18.58 26.62
C GLN D 123 -22.06 19.55 25.75
N LEU D 124 -21.07 19.05 25.00
CA LEU D 124 -20.24 19.87 24.12
C LEU D 124 -19.52 20.98 24.89
N MET D 125 -19.23 20.74 26.16
CA MET D 125 -18.47 21.65 27.00
C MET D 125 -17.21 20.94 27.48
N GLY D 126 -16.06 21.57 27.23
CA GLY D 126 -14.79 20.92 27.49
C GLY D 126 -14.32 20.14 26.28
N LEU D 127 -13.52 19.10 26.49
CA LEU D 127 -13.05 18.28 25.39
C LEU D 127 -14.13 17.30 24.97
N TYR D 128 -14.53 17.34 23.69
CA TYR D 128 -15.55 16.44 23.19
C TYR D 128 -15.28 16.14 21.73
N LYS D 129 -15.91 15.07 21.23
CA LYS D 129 -15.76 14.63 19.86
C LYS D 129 -16.82 15.28 18.98
N SER D 130 -16.39 15.81 17.83
CA SER D 130 -17.29 16.44 16.86
C SER D 130 -16.93 15.90 15.48
N GLY D 131 -17.73 14.96 14.99
CA GLY D 131 -17.43 14.29 13.74
C GLY D 131 -16.13 13.50 13.80
N ALA D 132 -15.17 13.88 12.97
CA ALA D 132 -13.85 13.26 12.96
C ALA D 132 -12.83 14.08 13.74
N LEU D 133 -13.27 15.01 14.57
CA LEU D 133 -12.38 15.94 15.26
C LEU D 133 -12.59 15.88 16.76
N LEU D 134 -11.50 16.04 17.50
CA LEU D 134 -11.56 16.29 18.94
C LEU D 134 -11.44 17.79 19.15
N VAL D 135 -12.48 18.39 19.74
CA VAL D 135 -12.58 19.83 19.88
C VAL D 135 -12.80 20.18 21.35
N THR D 136 -12.70 21.47 21.65
CA THR D 136 -12.90 21.98 23.00
C THR D 136 -13.81 23.20 22.97
N GLN D 137 -14.54 23.38 24.08
CA GLN D 137 -15.32 24.59 24.31
C GLN D 137 -15.27 24.87 25.81
N CYS D 138 -14.73 26.03 26.18
CA CYS D 138 -14.47 26.34 27.57
C CYS D 138 -15.23 27.55 28.10
N GLU D 139 -15.68 28.46 27.24
CA GLU D 139 -16.50 29.57 27.68
C GLU D 139 -17.91 29.09 27.98
N ALA D 140 -18.41 29.40 29.17
CA ALA D 140 -17.73 30.29 30.12
C ALA D 140 -16.88 29.54 31.13
N GLU D 141 -17.37 28.40 31.59
CA GLU D 141 -16.71 27.64 32.66
C GLU D 141 -16.59 26.17 32.27
N GLY D 142 -15.99 25.91 31.11
CA GLY D 142 -15.85 24.55 30.64
C GLY D 142 -14.46 23.97 30.84
N PHE D 143 -13.47 24.82 31.08
CA PHE D 143 -12.11 24.34 31.24
C PHE D 143 -11.95 23.47 32.48
N ARG D 144 -12.78 23.69 33.50
CA ARG D 144 -12.72 22.86 34.70
C ARG D 144 -13.14 21.42 34.40
N ARG D 145 -13.79 21.18 33.27
CA ARG D 145 -14.13 19.83 32.84
C ARG D 145 -12.97 19.13 32.14
N ILE D 146 -11.83 19.79 31.98
CA ILE D 146 -10.64 19.20 31.38
C ILE D 146 -9.58 18.90 32.43
N THR D 147 -9.30 19.87 33.31
CA THR D 147 -8.37 19.67 34.41
C THR D 147 -8.66 20.72 35.47
N TYR D 148 -8.03 20.55 36.64
CA TYR D 148 -8.22 21.48 37.73
C TYR D 148 -7.63 22.84 37.40
N PHE D 149 -8.34 23.89 37.81
CA PHE D 149 -7.93 25.26 37.51
C PHE D 149 -8.80 26.21 38.34
N LEU D 150 -8.35 27.46 38.40
CA LEU D 150 -9.16 28.55 38.95
C LEU D 150 -9.97 29.15 37.80
N ASP D 151 -11.10 28.49 37.52
CA ASP D 151 -11.88 28.73 36.31
C ASP D 151 -12.65 30.05 36.45
N ARG D 152 -11.94 31.15 36.24
CA ARG D 152 -12.54 32.47 36.24
C ARG D 152 -11.69 33.40 35.37
N PRO D 153 -12.32 34.31 34.62
CA PRO D 153 -11.58 35.07 33.60
C PRO D 153 -10.57 36.06 34.18
N ASP D 154 -10.63 36.39 35.47
CA ASP D 154 -9.66 37.31 36.05
C ASP D 154 -8.32 36.64 36.37
N VAL D 155 -8.22 35.33 36.16
CA VAL D 155 -6.97 34.60 36.37
C VAL D 155 -6.35 34.33 35.01
N MET D 156 -5.20 34.94 34.75
CA MET D 156 -4.50 34.78 33.49
C MET D 156 -3.12 34.16 33.74
N SER D 157 -2.65 33.37 32.78
CA SER D 157 -1.41 32.64 32.93
C SER D 157 -0.86 32.30 31.55
N LEU D 158 0.40 31.89 31.53
CA LEU D 158 1.05 31.43 30.31
C LEU D 158 0.80 29.93 30.15
N PHE D 159 0.62 29.50 28.90
CA PHE D 159 0.22 28.13 28.60
C PHE D 159 1.32 27.42 27.81
N LYS D 160 1.61 26.18 28.22
CA LYS D 160 2.42 25.26 27.43
C LYS D 160 1.63 23.97 27.30
N VAL D 161 1.35 23.57 26.05
CA VAL D 161 0.41 22.49 25.76
C VAL D 161 1.10 21.46 24.88
N ARG D 162 1.01 20.19 25.27
CA ARG D 162 1.51 19.08 24.48
C ARG D 162 0.35 18.13 24.18
N LEU D 163 0.18 17.80 22.90
CA LEU D 163 -0.91 16.94 22.44
C LEU D 163 -0.33 15.69 21.80
N ALA D 164 -0.76 14.53 22.28
CA ALA D 164 -0.37 13.24 21.71
C ALA D 164 -1.61 12.51 21.24
N ALA D 165 -1.57 12.01 20.01
CA ALA D 165 -2.75 11.36 19.43
C ALA D 165 -2.29 10.41 18.33
N ASP D 166 -3.24 9.61 17.84
CA ASP D 166 -2.99 8.70 16.73
C ASP D 166 -2.70 9.50 15.47
N GLU D 167 -1.64 9.12 14.76
CA GLU D 167 -1.22 9.88 13.59
C GLU D 167 -2.16 9.66 12.40
N LYS D 168 -2.77 8.48 12.30
CA LYS D 168 -3.69 8.24 11.19
C LYS D 168 -5.03 8.94 11.41
N ALA D 169 -5.54 8.92 12.65
CA ALA D 169 -6.83 9.54 12.93
C ALA D 169 -6.72 11.04 13.14
N CYS D 170 -5.62 11.51 13.72
CA CYS D 170 -5.42 12.93 14.02
C CYS D 170 -4.07 13.39 13.49
N PRO D 171 -3.93 13.53 12.18
CA PRO D 171 -2.65 14.01 11.63
C PRO D 171 -2.39 15.48 11.91
N VAL D 172 -3.41 16.26 12.26
CA VAL D 172 -3.27 17.67 12.58
C VAL D 172 -3.57 17.88 14.06
N LEU D 173 -2.64 18.53 14.75
CA LEU D 173 -2.79 18.87 16.16
C LEU D 173 -2.62 20.37 16.32
N LEU D 174 -3.55 21.00 17.05
CA LEU D 174 -3.56 22.45 17.18
C LEU D 174 -3.90 22.86 18.61
N SER D 175 -3.24 23.92 19.07
CA SER D 175 -3.55 24.57 20.33
C SER D 175 -3.10 26.02 20.24
N ASN D 176 -3.35 26.78 21.29
CA ASN D 176 -3.02 28.21 21.29
C ASN D 176 -1.51 28.42 21.26
N GLY D 177 -1.07 29.42 20.52
CA GLY D 177 0.31 29.82 20.49
C GLY D 177 1.10 29.26 19.33
N ASN D 178 2.42 29.24 19.51
CA ASN D 178 3.35 28.76 18.50
C ASN D 178 3.72 27.31 18.78
N MET D 179 3.77 26.49 17.73
CA MET D 179 4.23 25.12 17.86
C MET D 179 5.76 25.12 17.93
N VAL D 180 6.29 24.64 19.05
CA VAL D 180 7.73 24.64 19.28
C VAL D 180 8.37 23.28 19.14
N GLU D 181 7.58 22.20 19.01
CA GLU D 181 8.13 20.87 18.88
C GLU D 181 7.07 19.94 18.33
N SER D 182 7.51 18.93 17.58
CA SER D 182 6.63 17.89 17.06
C SER D 182 7.48 16.69 16.68
N GLY D 183 6.91 15.50 16.87
CA GLY D 183 7.63 14.29 16.54
C GLY D 183 6.81 13.07 16.90
N LYS D 184 7.46 11.91 16.82
CA LYS D 184 6.82 10.65 17.16
C LYS D 184 6.85 10.45 18.68
N VAL D 185 5.84 9.73 19.17
CA VAL D 185 5.76 9.41 20.60
C VAL D 185 6.74 8.28 20.89
N GLU D 186 7.69 8.53 21.79
CA GLU D 186 8.69 7.52 22.14
C GLU D 186 8.02 6.34 22.83
N GLY D 187 8.13 5.16 22.21
CA GLY D 187 7.57 3.95 22.80
C GLY D 187 6.40 3.39 22.04
N GLU D 188 5.37 4.21 21.83
CA GLU D 188 4.15 3.79 21.16
C GLU D 188 4.23 4.16 19.68
N LYS D 189 4.31 3.15 18.82
CA LYS D 189 4.37 3.37 17.39
C LYS D 189 2.97 3.66 16.85
N GLY D 190 2.90 4.60 15.91
CA GLY D 190 1.64 5.03 15.33
C GLY D 190 1.06 6.29 15.93
N ARG D 191 1.68 6.84 16.98
CA ARG D 191 1.20 8.06 17.62
C ARG D 191 2.30 9.11 17.56
N HIS D 192 1.89 10.35 17.30
CA HIS D 192 2.80 11.50 17.24
C HIS D 192 2.33 12.56 18.23
N PHE D 193 3.14 13.60 18.38
CA PHE D 193 2.84 14.66 19.33
C PHE D 193 3.22 16.02 18.74
N ALA D 194 2.81 17.07 19.45
CA ALA D 194 3.14 18.44 19.11
C ALA D 194 3.02 19.29 20.36
N VAL D 195 3.91 20.27 20.51
CA VAL D 195 3.97 21.11 21.69
C VAL D 195 3.72 22.55 21.26
N PHE D 196 2.81 23.23 21.96
CA PHE D 196 2.46 24.62 21.69
C PHE D 196 2.72 25.47 22.92
N GLU D 197 3.20 26.69 22.69
CA GLU D 197 3.52 27.62 23.77
C GLU D 197 2.91 28.98 23.43
N ASP D 198 2.01 29.46 24.28
CA ASP D 198 1.38 30.76 24.10
C ASP D 198 2.21 31.81 24.84
N PRO D 199 2.83 32.76 24.14
CA PRO D 199 3.70 33.73 24.84
C PRO D 199 2.96 34.81 25.60
N PHE D 200 1.64 34.92 25.43
CA PHE D 200 0.84 35.95 26.09
C PHE D 200 -0.09 35.31 27.11
N GLN D 201 -0.21 35.93 28.28
CA GLN D 201 -1.10 35.44 29.30
C GLN D 201 -2.54 35.54 28.84
N LYS D 202 -3.36 34.55 29.24
CA LYS D 202 -4.75 34.49 28.85
C LYS D 202 -5.54 33.75 29.91
N PRO D 203 -6.82 34.06 30.07
CA PRO D 203 -7.66 33.25 30.96
C PRO D 203 -8.00 31.91 30.32
N CYS D 204 -8.42 30.98 31.18
CA CYS D 204 -8.61 29.59 30.77
C CYS D 204 -9.75 29.40 29.78
N TYR D 205 -10.71 30.32 29.74
CA TYR D 205 -11.84 30.14 28.83
C TYR D 205 -11.45 30.35 27.37
N LEU D 206 -10.30 30.97 27.11
CA LEU D 206 -9.81 31.14 25.76
C LEU D 206 -8.89 30.02 25.32
N PHE D 207 -8.68 29.00 26.16
CA PHE D 207 -7.90 27.84 25.77
C PHE D 207 -8.67 27.01 24.74
N ALA D 208 -7.92 26.37 23.83
CA ALA D 208 -8.54 25.55 22.81
C ALA D 208 -7.63 24.38 22.46
N LEU D 209 -8.23 23.37 21.84
CA LEU D 209 -7.54 22.14 21.47
C LEU D 209 -8.29 21.52 20.30
N VAL D 210 -7.58 21.23 19.22
CA VAL D 210 -8.15 20.56 18.05
C VAL D 210 -7.21 19.46 17.62
N ALA D 211 -7.78 18.29 17.32
CA ALA D 211 -6.99 17.14 16.88
C ALA D 211 -7.87 16.27 15.99
N GLY D 212 -7.43 16.07 14.75
CA GLY D 212 -8.17 15.26 13.81
C GLY D 212 -7.63 15.42 12.41
N ASP D 213 -8.38 14.87 11.45
CA ASP D 213 -8.02 14.98 10.04
C ASP D 213 -8.51 16.33 9.52
N LEU D 214 -7.58 17.24 9.26
CA LEU D 214 -7.90 18.58 8.81
C LEU D 214 -7.05 18.96 7.61
N LYS D 215 -7.66 19.65 6.65
CA LYS D 215 -6.96 20.32 5.58
C LYS D 215 -7.19 21.82 5.73
N SER D 216 -6.32 22.62 5.10
CA SER D 216 -6.38 24.06 5.34
C SER D 216 -5.96 24.83 4.10
N ILE D 217 -6.51 26.01 3.96
CA ILE D 217 -6.04 27.01 3.02
C ILE D 217 -5.44 28.15 3.83
N SER D 218 -4.58 28.95 3.19
CA SER D 218 -3.85 29.97 3.92
C SER D 218 -3.61 31.19 3.05
N GLN D 219 -3.25 32.28 3.71
CA GLN D 219 -2.83 33.52 3.08
C GLN D 219 -2.22 34.42 4.15
N SER D 220 -1.10 35.04 3.83
CA SER D 220 -0.37 35.87 4.78
C SER D 220 -0.90 37.29 4.78
N PHE D 221 -0.91 37.91 5.95
CA PHE D 221 -1.32 39.30 6.13
C PHE D 221 -0.17 40.08 6.76
N THR D 222 0.16 41.22 6.17
CA THR D 222 1.22 42.08 6.67
C THR D 222 0.60 43.17 7.52
N THR D 223 0.99 43.23 8.80
CA THR D 223 0.45 44.22 9.71
C THR D 223 1.14 45.56 9.50
N MET D 224 0.65 46.58 10.23
CA MET D 224 1.21 47.92 10.08
C MET D 224 2.63 48.00 10.63
N SER D 225 2.99 47.14 11.57
CA SER D 225 4.37 47.08 12.04
C SER D 225 5.29 46.32 11.09
N GLY D 226 4.74 45.67 10.07
CA GLY D 226 5.52 44.83 9.18
C GLY D 226 5.54 43.37 9.54
N ARG D 227 4.84 42.96 10.60
CA ARG D 227 4.81 41.57 10.98
C ARG D 227 3.94 40.77 10.00
N ASN D 228 4.43 39.61 9.59
CA ASN D 228 3.72 38.73 8.69
C ASN D 228 2.91 37.72 9.51
N VAL D 229 1.60 37.68 9.28
CA VAL D 229 0.69 36.79 9.99
C VAL D 229 0.14 35.78 8.99
N LYS D 230 0.37 34.49 9.28
CA LYS D 230 -0.16 33.42 8.44
C LYS D 230 -1.57 33.09 8.92
N VAL D 231 -2.56 33.46 8.11
CA VAL D 231 -3.95 33.16 8.41
C VAL D 231 -4.33 31.86 7.72
N SER D 232 -4.92 30.94 8.48
CA SER D 232 -5.31 29.64 7.95
C SER D 232 -6.70 29.27 8.43
N ILE D 233 -7.48 28.69 7.52
CA ILE D 233 -8.82 28.17 7.82
C ILE D 233 -8.75 26.66 7.73
N PHE D 234 -9.12 25.98 8.80
CA PHE D 234 -9.06 24.52 8.87
C PHE D 234 -10.46 23.93 8.75
N SER D 235 -10.56 22.80 8.07
CA SER D 235 -11.83 22.11 7.91
C SER D 235 -11.56 20.63 7.65
N GLU D 236 -12.61 19.83 7.81
CA GLU D 236 -12.52 18.43 7.42
C GLU D 236 -12.34 18.34 5.90
N PRO D 237 -11.62 17.32 5.42
CA PRO D 237 -11.23 17.31 3.99
C PRO D 237 -12.37 17.48 3.01
N GLU D 238 -13.56 16.97 3.32
CA GLU D 238 -14.68 17.09 2.40
C GLU D 238 -15.19 18.53 2.29
N ASP D 239 -14.87 19.38 3.26
CA ASP D 239 -15.29 20.78 3.23
C ASP D 239 -14.14 21.74 2.99
N SER D 240 -12.96 21.24 2.61
CA SER D 240 -11.78 22.07 2.51
C SER D 240 -11.81 23.01 1.30
N SER D 241 -12.78 22.88 0.41
CA SER D 241 -12.90 23.75 -0.75
C SER D 241 -13.98 24.82 -0.59
N LYS D 242 -14.52 24.98 0.61
CA LYS D 242 -15.56 25.97 0.88
C LYS D 242 -15.10 27.01 1.89
N LEU D 243 -13.82 27.37 1.88
CA LEU D 243 -13.24 28.22 2.91
C LEU D 243 -12.72 29.55 2.38
N THR D 244 -12.89 29.84 1.08
CA THR D 244 -12.34 31.07 0.53
C THR D 244 -13.04 32.30 1.09
N TRP D 245 -14.36 32.24 1.24
CA TRP D 245 -15.11 33.40 1.71
C TRP D 245 -14.73 33.75 3.15
N ALA D 246 -14.49 32.74 3.99
CA ALA D 246 -14.07 33.01 5.36
C ALA D 246 -12.67 33.60 5.39
N LEU D 247 -11.78 33.13 4.52
CA LEU D 247 -10.40 33.64 4.50
C LEU D 247 -10.37 35.11 4.09
N GLU D 248 -11.10 35.47 3.05
CA GLU D 248 -11.21 36.87 2.67
C GLU D 248 -11.85 37.69 3.78
N SER D 249 -12.80 37.10 4.51
CA SER D 249 -13.41 37.80 5.64
C SER D 249 -12.39 38.07 6.73
N VAL D 250 -11.42 37.18 6.92
CA VAL D 250 -10.39 37.43 7.93
C VAL D 250 -9.54 38.63 7.52
N LEU D 251 -9.06 38.63 6.27
CA LEU D 251 -8.15 39.67 5.83
C LEU D 251 -8.81 41.05 5.82
N LYS D 252 -10.11 41.10 5.48
CA LYS D 252 -10.84 42.36 5.56
C LYS D 252 -10.93 42.84 7.01
N SER D 253 -11.13 41.91 7.95
CA SER D 253 -11.28 42.30 9.35
C SER D 253 -9.97 42.80 9.93
N MET D 254 -8.85 42.14 9.60
CA MET D 254 -7.55 42.59 10.10
C MET D 254 -7.20 43.98 9.57
N LYS D 255 -7.53 44.23 8.29
CA LYS D 255 -7.27 45.55 7.72
C LYS D 255 -8.21 46.60 8.30
N TRP D 256 -9.49 46.26 8.45
CA TRP D 256 -10.47 47.22 8.95
C TRP D 256 -10.18 47.64 10.38
N ASP D 257 -9.78 46.69 11.22
CA ASP D 257 -9.46 47.02 12.60
C ASP D 257 -8.22 47.90 12.71
N GLU D 258 -7.30 47.78 11.75
CA GLU D 258 -6.15 48.67 11.71
C GLU D 258 -6.55 50.09 11.34
N GLU D 259 -7.45 50.22 10.37
CA GLU D 259 -7.81 51.54 9.86
C GLU D 259 -8.76 52.27 10.80
N ARG D 260 -9.76 51.58 11.34
CA ARG D 260 -10.79 52.24 12.12
C ARG D 260 -10.45 52.38 13.60
N PHE D 261 -9.59 51.51 14.15
CA PHE D 261 -9.27 51.58 15.56
C PHE D 261 -7.80 51.35 15.87
N GLY D 262 -6.93 51.31 14.86
CA GLY D 262 -5.51 51.11 15.11
C GLY D 262 -5.16 49.83 15.82
N ARG D 263 -5.99 48.81 15.68
CA ARG D 263 -5.76 47.53 16.34
C ARG D 263 -4.90 46.65 15.45
N GLU D 264 -3.86 46.06 16.03
CA GLU D 264 -2.88 45.27 15.30
C GLU D 264 -2.75 43.89 15.93
N TYR D 265 -2.74 42.86 15.08
CA TYR D 265 -2.53 41.49 15.57
C TYR D 265 -1.10 41.33 16.05
N ASP D 266 -0.93 40.61 17.16
CA ASP D 266 0.36 40.52 17.84
C ASP D 266 0.99 39.14 17.76
N LEU D 267 0.42 38.22 17.00
CA LEU D 267 0.95 36.88 16.87
C LEU D 267 1.28 36.56 15.42
N ASP D 268 2.12 35.54 15.23
CA ASP D 268 2.55 35.16 13.88
C ASP D 268 1.53 34.31 13.15
N VAL D 269 0.62 33.64 13.87
CA VAL D 269 -0.37 32.78 13.25
C VAL D 269 -1.76 33.15 13.76
N PHE D 270 -2.76 32.95 12.90
CA PHE D 270 -4.17 33.11 13.27
C PHE D 270 -4.92 31.97 12.60
N ASN D 271 -5.44 31.05 13.40
CA ASN D 271 -6.05 29.81 12.90
C ASN D 271 -7.54 29.79 13.18
N VAL D 272 -8.31 29.27 12.22
CA VAL D 272 -9.75 29.14 12.33
C VAL D 272 -10.11 27.71 11.93
N VAL D 273 -10.80 27.00 12.83
CA VAL D 273 -11.11 25.59 12.63
C VAL D 273 -12.63 25.43 12.59
N CYS D 274 -13.11 24.66 11.62
CA CYS D 274 -14.53 24.38 11.47
C CYS D 274 -14.94 23.20 12.34
N ALA D 275 -16.07 23.32 13.02
CA ALA D 275 -16.60 22.28 13.88
C ALA D 275 -18.06 22.02 13.51
N LYS D 276 -18.39 20.75 13.31
CA LYS D 276 -19.74 20.40 12.87
C LYS D 276 -20.73 20.34 14.04
N ASP D 277 -20.25 20.00 15.24
CA ASP D 277 -21.09 19.97 16.44
C ASP D 277 -20.63 21.11 17.34
N PHE D 278 -21.42 22.18 17.41
CA PHE D 278 -21.05 23.37 18.15
C PHE D 278 -22.30 24.05 18.68
N ASN D 279 -22.28 24.38 19.98
CA ASN D 279 -23.43 25.05 20.58
C ASN D 279 -23.54 26.49 20.12
N MET D 280 -22.45 27.25 20.23
CA MET D 280 -22.43 28.65 19.82
C MET D 280 -22.29 28.75 18.30
N GLY D 281 -22.23 29.99 17.82
CA GLY D 281 -21.96 30.24 16.42
C GLY D 281 -20.48 30.20 16.12
N ALA D 282 -19.68 30.68 17.06
CA ALA D 282 -18.22 30.67 16.95
C ALA D 282 -17.63 31.04 18.30
N MET D 283 -16.36 30.68 18.49
CA MET D 283 -15.64 30.95 19.72
C MET D 283 -14.31 31.63 19.38
N GLU D 284 -13.92 32.59 20.23
CA GLU D 284 -12.78 33.46 19.96
C GLU D 284 -11.50 33.01 20.67
N ASN D 285 -11.31 31.70 20.83
CA ASN D 285 -10.09 31.18 21.44
C ASN D 285 -8.86 31.81 20.78
N LYS D 286 -7.98 32.37 21.60
CA LYS D 286 -6.89 33.21 21.12
C LYS D 286 -6.03 32.48 20.11
N GLY D 287 -5.97 33.00 18.89
CA GLY D 287 -5.19 32.41 17.82
C GLY D 287 -5.76 31.14 17.23
N LEU D 288 -6.81 30.56 17.84
CA LEU D 288 -7.37 29.29 17.40
C LEU D 288 -8.89 29.37 17.53
N ASN D 289 -9.52 30.17 16.66
CA ASN D 289 -10.97 30.29 16.66
C ASN D 289 -11.60 28.99 16.18
N ILE D 290 -12.69 28.59 16.83
CA ILE D 290 -13.48 27.44 16.43
C ILE D 290 -14.86 27.93 16.01
N PHE D 291 -15.25 27.58 14.79
CA PHE D 291 -16.49 28.06 14.19
C PHE D 291 -17.50 26.94 14.02
N ASN D 292 -18.77 27.28 14.18
CA ASN D 292 -19.83 26.38 13.74
C ASN D 292 -19.81 26.30 12.22
N ALA D 293 -20.10 25.11 11.69
CA ALA D 293 -20.03 24.90 10.25
C ALA D 293 -20.95 25.84 9.49
N ALA D 294 -22.10 26.20 10.09
CA ALA D 294 -23.05 27.09 9.44
C ALA D 294 -22.55 28.53 9.39
N LEU D 295 -21.54 28.88 10.18
CA LEU D 295 -21.00 30.24 10.23
C LEU D 295 -19.62 30.34 9.57
N LEU D 296 -19.26 29.37 8.73
CA LEU D 296 -17.94 29.35 8.11
C LEU D 296 -18.00 28.84 6.67
N LEU D 297 -18.56 27.66 6.48
CA LEU D 297 -18.61 27.06 5.15
C LEU D 297 -19.55 27.85 4.25
N ALA D 298 -19.12 28.09 3.02
CA ALA D 298 -19.89 28.91 2.08
C ALA D 298 -19.68 28.38 0.67
N ASP D 299 -20.78 28.26 -0.08
CA ASP D 299 -20.76 27.87 -1.48
C ASP D 299 -22.02 28.39 -2.13
N PRO D 300 -21.96 28.90 -3.37
CA PRO D 300 -23.17 29.46 -3.99
C PRO D 300 -24.31 28.46 -4.11
N SER D 301 -24.03 27.16 -4.22
CA SER D 301 -25.08 26.17 -4.35
C SER D 301 -25.67 25.75 -3.01
N THR D 302 -25.08 26.15 -1.89
CA THR D 302 -25.55 25.77 -0.56
C THR D 302 -25.83 26.94 0.37
N THR D 303 -25.33 28.14 0.06
CA THR D 303 -25.34 29.26 0.99
C THR D 303 -26.10 30.43 0.38
N THR D 304 -27.01 31.01 1.15
CA THR D 304 -27.77 32.17 0.70
C THR D 304 -26.96 33.45 0.88
N ASP D 305 -27.46 34.54 0.29
CA ASP D 305 -26.80 35.83 0.44
C ASP D 305 -26.79 36.29 1.89
N ALA D 306 -27.88 35.99 2.62
CA ALA D 306 -27.94 36.37 4.03
C ALA D 306 -26.95 35.55 4.86
N GLU D 307 -26.81 34.26 4.54
CA GLU D 307 -25.83 33.44 5.26
C GLU D 307 -24.41 33.83 4.88
N TYR D 308 -24.19 34.24 3.63
CA TYR D 308 -22.89 34.76 3.22
C TYR D 308 -22.51 35.99 4.03
N GLN D 309 -23.41 36.97 4.10
CA GLN D 309 -23.16 38.17 4.89
C GLN D 309 -23.01 37.83 6.37
N ARG D 310 -23.73 36.82 6.85
CA ARG D 310 -23.61 36.42 8.25
C ARG D 310 -22.24 35.83 8.55
N ILE D 311 -21.64 35.12 7.60
CA ILE D 311 -20.32 34.54 7.81
C ILE D 311 -19.28 35.65 7.93
N LEU D 312 -19.35 36.64 7.05
CA LEU D 312 -18.42 37.77 7.12
C LEU D 312 -18.59 38.54 8.41
N ASN D 313 -19.83 38.65 8.90
CA ASN D 313 -20.07 39.39 10.14
C ASN D 313 -19.55 38.64 11.35
N VAL D 314 -19.71 37.32 11.37
CA VAL D 314 -19.27 36.53 12.53
C VAL D 314 -17.76 36.36 12.52
N VAL D 315 -17.17 36.14 11.35
CA VAL D 315 -15.71 36.02 11.26
C VAL D 315 -15.05 37.29 11.77
N GLY D 316 -15.54 38.45 11.32
CA GLY D 316 -15.03 39.71 11.82
C GLY D 316 -15.26 39.87 13.31
N HIS D 317 -16.45 39.47 13.79
CA HIS D 317 -16.75 39.52 15.22
C HIS D 317 -15.71 38.78 16.03
N GLU D 318 -15.38 37.55 15.62
CA GLU D 318 -14.42 36.75 16.39
C GLU D 318 -13.03 37.36 16.35
N TYR D 319 -12.62 37.93 15.21
CA TYR D 319 -11.31 38.56 15.17
C TYR D 319 -11.27 39.82 16.03
N PHE D 320 -12.35 40.59 16.04
CA PHE D 320 -12.39 41.80 16.86
C PHE D 320 -12.32 41.47 18.34
N HIS D 321 -12.71 40.25 18.73
CA HIS D 321 -12.57 39.81 20.12
C HIS D 321 -11.11 39.77 20.56
N GLN D 322 -10.17 39.74 19.62
CA GLN D 322 -8.76 39.61 20.00
C GLN D 322 -8.31 40.79 20.84
N TRP D 323 -8.83 41.98 20.56
CA TRP D 323 -8.55 43.16 21.38
C TRP D 323 -9.65 43.44 22.38
N THR D 324 -10.91 43.35 21.96
CA THR D 324 -12.05 43.58 22.84
C THR D 324 -12.56 42.23 23.32
N GLY D 325 -11.81 41.63 24.25
CA GLY D 325 -12.17 40.35 24.80
C GLY D 325 -10.98 39.49 25.18
N ASN D 326 -9.93 39.49 24.36
CA ASN D 326 -8.75 38.66 24.60
C ASN D 326 -7.61 39.45 25.23
N ARG D 327 -7.09 40.44 24.51
CA ARG D 327 -6.03 41.27 25.08
C ARG D 327 -6.55 42.11 26.25
N VAL D 328 -7.82 42.51 26.21
CA VAL D 328 -8.49 43.16 27.33
C VAL D 328 -9.73 42.33 27.62
N THR D 329 -9.67 41.50 28.66
CA THR D 329 -10.72 40.54 28.96
C THR D 329 -11.61 41.05 30.08
N CYS D 330 -12.50 40.20 30.56
CA CYS D 330 -13.48 40.56 31.57
C CYS D 330 -12.99 40.14 32.95
N ARG D 331 -13.20 41.02 33.94
CA ARG D 331 -12.84 40.70 35.31
C ARG D 331 -13.70 39.58 35.86
N ASP D 332 -14.97 39.55 35.47
CA ASP D 332 -15.89 38.49 35.89
C ASP D 332 -17.00 38.41 34.85
N TRP D 333 -17.85 37.38 35.01
CA TRP D 333 -18.86 37.11 33.99
C TRP D 333 -20.04 38.07 34.04
N PHE D 334 -20.20 38.84 35.13
CA PHE D 334 -21.19 39.90 35.13
C PHE D 334 -20.84 41.01 34.14
N GLN D 335 -19.56 41.12 33.76
CA GLN D 335 -19.11 42.07 32.76
C GLN D 335 -19.07 41.49 31.36
N LEU D 336 -19.93 40.51 31.06
CA LEU D 336 -19.90 39.87 29.74
C LEU D 336 -20.17 40.87 28.63
N THR D 337 -21.02 41.86 28.86
CA THR D 337 -21.31 42.86 27.84
C THR D 337 -20.14 43.80 27.58
N LEU D 338 -19.13 43.81 28.46
CA LEU D 338 -17.95 44.63 28.21
C LEU D 338 -17.24 44.19 26.93
N LYS D 339 -17.15 42.88 26.70
CA LYS D 339 -16.51 42.38 25.49
C LYS D 339 -17.52 41.98 24.42
N GLU D 340 -18.77 41.67 24.78
CA GLU D 340 -19.73 41.24 23.79
C GLU D 340 -20.47 42.41 23.14
N GLY D 341 -20.95 43.36 23.95
CA GLY D 341 -21.60 44.53 23.39
C GLY D 341 -20.65 45.38 22.57
N LEU D 342 -19.39 45.47 22.99
CA LEU D 342 -18.40 46.24 22.25
C LEU D 342 -18.02 45.55 20.95
N THR D 343 -17.91 44.22 20.98
CA THR D 343 -17.51 43.49 19.78
C THR D 343 -18.68 43.42 18.79
N VAL D 344 -19.90 43.29 19.28
CA VAL D 344 -21.06 43.28 18.38
C VAL D 344 -21.18 44.62 17.68
N PHE D 345 -20.98 45.72 18.42
CA PHE D 345 -20.95 47.04 17.80
C PHE D 345 -19.83 47.14 16.78
N ARG D 346 -18.72 46.43 16.98
CA ARG D 346 -17.60 46.51 16.06
C ARG D 346 -17.88 45.74 14.78
N ASP D 347 -18.57 44.60 14.86
CA ASP D 347 -18.96 43.90 13.64
C ASP D 347 -20.12 44.57 12.94
N GLN D 348 -20.92 45.37 13.66
CA GLN D 348 -21.94 46.17 13.00
C GLN D 348 -21.31 47.29 12.19
N LEU D 349 -20.28 47.94 12.73
CA LEU D 349 -19.53 48.92 11.95
C LEU D 349 -18.83 48.26 10.77
N PHE D 350 -18.25 47.08 11.00
CA PHE D 350 -17.51 46.39 9.94
C PHE D 350 -18.43 45.97 8.81
N THR D 351 -19.55 45.31 9.14
CA THR D 351 -20.48 44.87 8.10
C THR D 351 -21.06 46.06 7.35
N ALA D 352 -21.28 47.18 8.04
CA ALA D 352 -21.81 48.37 7.38
C ALA D 352 -20.83 48.91 6.35
N ASP D 353 -19.54 48.83 6.63
CA ASP D 353 -18.54 49.29 5.67
C ASP D 353 -18.32 48.30 4.55
N MET D 354 -18.51 47.00 4.79
CA MET D 354 -18.30 46.00 3.76
C MET D 354 -19.51 45.84 2.85
N CYS D 355 -20.72 45.99 3.40
CA CYS D 355 -21.94 45.84 2.63
C CYS D 355 -22.67 47.16 2.51
N SER D 356 -23.93 47.21 2.94
CA SER D 356 -24.73 48.43 2.92
C SER D 356 -24.93 48.89 4.36
N ALA D 357 -24.55 50.14 4.64
CA ALA D 357 -24.66 50.66 6.00
C ALA D 357 -26.12 50.83 6.41
N ALA D 358 -26.97 51.32 5.49
CA ALA D 358 -28.37 51.51 5.82
C ALA D 358 -29.10 50.18 5.97
N VAL D 359 -28.80 49.22 5.10
CA VAL D 359 -29.46 47.92 5.17
C VAL D 359 -29.07 47.19 6.44
N LYS D 360 -27.80 47.28 6.84
CA LYS D 360 -27.35 46.62 8.06
C LYS D 360 -28.02 47.22 9.29
N ARG D 361 -28.16 48.56 9.31
CA ARG D 361 -28.81 49.20 10.45
C ARG D 361 -30.27 48.81 10.56
N ILE D 362 -30.95 48.64 9.42
CA ILE D 362 -32.35 48.22 9.45
C ILE D 362 -32.46 46.79 9.96
N GLU D 363 -31.53 45.92 9.56
CA GLU D 363 -31.58 44.53 10.02
C GLU D 363 -31.38 44.43 11.53
N ASP D 364 -30.44 45.22 12.07
CA ASP D 364 -30.14 45.12 13.50
C ASP D 364 -31.30 45.61 14.36
N VAL D 365 -31.91 46.74 13.99
CA VAL D 365 -33.00 47.28 14.78
C VAL D 365 -34.24 46.40 14.66
N VAL D 366 -34.51 45.86 13.47
CA VAL D 366 -35.61 44.92 13.30
C VAL D 366 -35.41 43.71 14.22
N PHE D 367 -34.17 43.21 14.29
CA PHE D 367 -33.89 42.11 15.21
C PHE D 367 -34.01 42.55 16.66
N LEU D 368 -33.56 43.77 16.98
CA LEU D 368 -33.59 44.24 18.35
C LEU D 368 -35.01 44.48 18.83
N ARG D 369 -35.86 45.06 17.97
CA ARG D 369 -37.23 45.37 18.35
C ARG D 369 -38.15 44.16 18.32
N SER D 370 -37.65 42.99 17.99
CA SER D 370 -38.43 41.75 18.03
C SER D 370 -37.89 40.81 19.10
N ARG D 371 -36.65 40.31 18.93
CA ARG D 371 -36.11 39.34 19.87
C ARG D 371 -35.73 39.99 21.19
N GLN D 372 -35.00 41.11 21.13
CA GLN D 372 -34.52 41.74 22.36
C GLN D 372 -35.64 42.45 23.10
N PHE D 373 -36.55 43.09 22.37
CA PHE D 373 -37.67 43.77 23.01
C PHE D 373 -38.58 42.79 23.74
N ALA D 374 -38.76 41.58 23.19
CA ALA D 374 -39.54 40.56 23.88
C ALA D 374 -38.86 40.14 25.17
N GLU D 375 -37.55 39.94 25.14
CA GLU D 375 -36.82 39.56 26.35
C GLU D 375 -36.82 40.68 27.38
N ASP D 376 -36.65 41.93 26.92
CA ASP D 376 -36.62 43.07 27.84
C ASP D 376 -37.99 43.38 28.44
N SER D 377 -39.07 42.79 27.91
CA SER D 377 -40.40 42.98 28.46
C SER D 377 -40.95 41.69 29.07
N GLY D 378 -40.11 40.69 29.29
CA GLY D 378 -40.56 39.42 29.80
C GLY D 378 -39.97 39.07 31.15
N PRO D 379 -40.22 37.85 31.62
CA PRO D 379 -39.73 37.45 32.95
C PRO D 379 -38.21 37.33 33.03
N MET D 380 -37.53 37.10 31.92
CA MET D 380 -36.08 37.01 31.91
C MET D 380 -35.40 38.36 31.68
N ALA D 381 -36.13 39.46 31.84
CA ALA D 381 -35.56 40.78 31.60
C ALA D 381 -34.43 41.06 32.58
N HIS D 382 -33.31 41.52 32.05
CA HIS D 382 -32.10 41.76 32.83
C HIS D 382 -31.35 42.92 32.21
N PRO D 383 -30.60 43.68 33.00
CA PRO D 383 -29.74 44.71 32.43
C PRO D 383 -28.56 44.08 31.68
N ILE D 384 -27.93 44.90 30.83
CA ILE D 384 -26.80 44.41 30.05
C ILE D 384 -25.66 43.97 30.96
N ARG D 385 -25.57 44.55 32.16
CA ARG D 385 -24.66 44.09 33.21
C ARG D 385 -25.51 43.47 34.30
N PRO D 386 -25.74 42.17 34.27
CA PRO D 386 -26.70 41.56 35.20
C PRO D 386 -26.25 41.65 36.65
N GLU D 387 -27.24 41.69 37.55
CA GLU D 387 -26.96 41.68 38.98
C GLU D 387 -26.92 40.28 39.56
N THR D 388 -27.73 39.36 39.02
CA THR D 388 -27.79 37.99 39.52
C THR D 388 -27.87 37.01 38.37
N TYR D 389 -27.29 35.83 38.58
CA TYR D 389 -27.45 34.72 37.66
C TYR D 389 -27.14 33.43 38.41
N ILE D 390 -27.73 32.33 37.95
CA ILE D 390 -27.51 30.99 38.50
C ILE D 390 -26.62 30.17 37.57
N ALA D 391 -27.02 30.01 36.32
CA ALA D 391 -26.21 29.36 35.30
C ALA D 391 -25.76 30.42 34.30
N MET D 392 -24.45 30.61 34.18
CA MET D 392 -23.92 31.67 33.32
C MET D 392 -24.21 31.43 31.85
N ASP D 393 -24.42 30.18 31.44
CA ASP D 393 -24.72 29.90 30.04
C ASP D 393 -26.07 30.47 29.60
N ASN D 394 -26.93 30.83 30.54
CA ASN D 394 -28.25 31.36 30.24
C ASN D 394 -28.26 32.86 30.00
N PHE D 395 -27.11 33.52 30.06
CA PHE D 395 -27.06 34.97 29.93
C PHE D 395 -26.21 35.43 28.75
N TYR D 396 -26.04 34.58 27.74
CA TYR D 396 -25.48 35.00 26.46
C TYR D 396 -26.64 35.38 25.53
N THR D 397 -27.34 36.42 25.95
CA THR D 397 -28.65 36.77 25.41
C THR D 397 -28.56 37.95 24.44
N ALA D 398 -29.69 38.23 23.79
CA ALA D 398 -29.78 39.37 22.89
C ALA D 398 -29.65 40.69 23.62
N THR D 399 -29.96 40.72 24.92
CA THR D 399 -29.77 41.94 25.70
C THR D 399 -28.29 42.24 25.91
N VAL D 400 -27.53 41.25 26.37
CA VAL D 400 -26.11 41.44 26.60
C VAL D 400 -25.38 41.69 25.28
N TYR D 401 -25.83 41.03 24.21
CA TYR D 401 -25.14 41.13 22.93
C TYR D 401 -25.61 42.35 22.14
N ASP D 402 -26.89 42.37 21.76
CA ASP D 402 -27.38 43.34 20.80
C ASP D 402 -27.79 44.67 21.43
N LYS D 403 -28.47 44.63 22.59
CA LYS D 403 -28.73 45.88 23.30
C LYS D 403 -27.43 46.49 23.81
N GLY D 404 -26.49 45.64 24.23
CA GLY D 404 -25.18 46.14 24.63
C GLY D 404 -24.48 46.88 23.50
N ALA D 405 -24.67 46.42 22.27
CA ALA D 405 -24.12 47.14 21.12
C ALA D 405 -24.81 48.48 20.94
N GLU D 406 -26.12 48.54 21.17
CA GLU D 406 -26.83 49.81 21.13
C GLU D 406 -26.36 50.75 22.23
N VAL D 407 -26.00 50.20 23.39
CA VAL D 407 -25.45 51.03 24.46
C VAL D 407 -24.07 51.55 24.07
N ILE D 408 -23.25 50.69 23.45
CA ILE D 408 -21.96 51.14 22.96
C ILE D 408 -22.14 52.15 21.82
N ARG D 409 -23.16 51.95 20.99
CA ARG D 409 -23.42 52.89 19.90
C ARG D 409 -23.83 54.26 20.44
N MET D 410 -24.45 54.30 21.63
CA MET D 410 -24.83 55.59 22.20
C MET D 410 -23.63 56.37 22.70
N TYR D 411 -22.56 55.67 23.11
CA TYR D 411 -21.28 56.33 23.32
C TYR D 411 -20.84 57.06 22.06
N HIS D 412 -20.91 56.38 20.92
CA HIS D 412 -20.47 56.94 19.66
C HIS D 412 -21.31 58.14 19.26
N THR D 413 -22.61 58.11 19.57
CA THR D 413 -23.48 59.24 19.25
C THR D 413 -23.18 60.44 20.15
N LEU D 414 -22.96 60.20 21.44
CA LEU D 414 -22.73 61.30 22.37
C LEU D 414 -21.38 61.95 22.14
N LEU D 415 -20.34 61.15 21.89
CA LEU D 415 -18.98 61.67 21.80
C LEU D 415 -18.53 61.99 20.38
N GLY D 416 -19.16 61.41 19.37
CA GLY D 416 -18.74 61.59 18.00
C GLY D 416 -17.68 60.58 17.58
N GLU D 417 -17.40 60.57 16.27
CA GLU D 417 -16.46 59.59 15.73
C GLU D 417 -15.06 59.79 16.32
N ALA D 418 -14.55 61.02 16.28
CA ALA D 418 -13.22 61.28 16.82
C ALA D 418 -13.19 61.07 18.33
N GLY D 419 -14.24 61.51 19.03
CA GLY D 419 -14.27 61.34 20.48
C GLY D 419 -14.37 59.88 20.89
N PHE D 420 -15.14 59.09 20.15
CA PHE D 420 -15.26 57.67 20.46
C PHE D 420 -13.91 56.97 20.29
N ARG D 421 -13.13 57.38 19.29
CA ARG D 421 -11.82 56.77 19.07
C ARG D 421 -10.86 57.05 20.21
N LYS D 422 -10.89 58.28 20.74
CA LYS D 422 -10.03 58.62 21.87
C LYS D 422 -10.34 57.74 23.08
N GLY D 423 -11.63 57.52 23.35
CA GLY D 423 -11.99 56.63 24.45
C GLY D 423 -11.52 55.21 24.22
N MET D 424 -11.60 54.73 22.97
CA MET D 424 -11.13 53.39 22.65
C MET D 424 -9.62 53.29 22.84
N ASP D 425 -8.88 54.30 22.35
CA ASP D 425 -7.43 54.29 22.48
C ASP D 425 -7.02 54.26 23.95
N LEU D 426 -7.65 55.09 24.77
CA LEU D 426 -7.33 55.11 26.20
C LEU D 426 -7.73 53.80 26.87
N TYR D 427 -8.84 53.20 26.42
CA TYR D 427 -9.29 51.94 27.01
C TYR D 427 -8.29 50.82 26.76
N PHE D 428 -7.75 50.74 25.54
CA PHE D 428 -6.75 49.71 25.25
C PHE D 428 -5.42 50.02 25.93
N LYS D 429 -5.02 51.29 25.95
CA LYS D 429 -3.75 51.67 26.55
C LYS D 429 -3.76 51.43 28.06
N ARG D 430 -4.90 51.66 28.71
CA ARG D 430 -4.97 51.50 30.15
C ARG D 430 -4.99 50.03 30.56
N HIS D 431 -5.76 49.21 29.86
CA HIS D 431 -6.11 47.88 30.33
C HIS D 431 -5.60 46.76 29.42
N ASP D 432 -4.58 47.02 28.61
CA ASP D 432 -4.00 45.97 27.79
C ASP D 432 -3.37 44.89 28.67
N GLY D 433 -3.82 43.66 28.49
CA GLY D 433 -3.33 42.55 29.29
C GLY D 433 -3.92 42.46 30.68
N LYS D 434 -5.14 42.95 30.87
CA LYS D 434 -5.77 42.96 32.17
C LYS D 434 -7.24 42.58 32.04
N ALA D 435 -7.84 42.22 33.17
CA ALA D 435 -9.25 41.86 33.25
C ALA D 435 -9.98 42.99 33.96
N VAL D 436 -10.85 43.70 33.24
CA VAL D 436 -11.50 44.89 33.77
C VAL D 436 -13.01 44.76 33.73
N THR D 437 -13.71 45.84 34.05
CA THR D 437 -15.16 45.87 34.14
C THR D 437 -15.73 46.88 33.14
N CYS D 438 -17.05 46.91 33.06
CA CYS D 438 -17.72 47.88 32.21
C CYS D 438 -17.49 49.30 32.69
N ASP D 439 -17.40 49.50 34.01
CA ASP D 439 -17.11 50.83 34.54
C ASP D 439 -15.75 51.34 34.09
N ASP D 440 -14.80 50.44 33.87
CA ASP D 440 -13.49 50.85 33.37
C ASP D 440 -13.58 51.34 31.93
N PHE D 441 -14.46 50.74 31.13
CA PHE D 441 -14.66 51.20 29.76
C PHE D 441 -15.38 52.54 29.74
N ARG D 442 -16.45 52.66 30.53
CA ARG D 442 -17.19 53.92 30.61
C ARG D 442 -16.30 55.05 31.12
N ALA D 443 -15.38 54.74 32.04
CA ALA D 443 -14.47 55.77 32.54
C ALA D 443 -13.47 56.19 31.47
N ALA D 444 -13.02 55.25 30.64
CA ALA D 444 -12.10 55.59 29.56
C ALA D 444 -12.79 56.49 28.54
N MET D 445 -14.06 56.24 28.25
CA MET D 445 -14.81 57.12 27.36
C MET D 445 -15.05 58.49 28.01
N ALA D 446 -15.24 58.52 29.33
CA ALA D 446 -15.50 59.77 30.01
C ALA D 446 -14.23 60.60 30.19
N ASP D 447 -13.13 59.95 30.60
CA ASP D 447 -11.89 60.69 30.84
C ASP D 447 -11.29 61.23 29.55
N ALA D 448 -11.35 60.44 28.47
CA ALA D 448 -10.78 60.87 27.20
C ALA D 448 -11.53 62.03 26.58
N ASN D 449 -12.80 62.22 26.94
CA ASN D 449 -13.62 63.29 26.40
C ASN D 449 -13.98 64.36 27.42
N GLY D 450 -13.50 64.24 28.65
CA GLY D 450 -13.77 65.26 29.66
C GLY D 450 -15.23 65.44 29.97
N ARG D 451 -15.99 64.35 30.04
CA ARG D 451 -17.42 64.40 30.29
C ARG D 451 -17.77 63.53 31.48
N ASP D 452 -18.91 63.85 32.09
CA ASP D 452 -19.46 63.06 33.20
C ASP D 452 -20.55 62.17 32.64
N LEU D 453 -20.29 60.86 32.62
CA LEU D 453 -21.26 59.88 32.14
C LEU D 453 -21.75 59.00 33.29
N GLY D 454 -21.98 59.61 34.45
CA GLY D 454 -22.51 58.87 35.57
C GLY D 454 -23.95 58.45 35.37
N GLN D 455 -24.77 59.35 34.83
CA GLN D 455 -26.15 59.00 34.53
C GLN D 455 -26.23 57.94 33.43
N PHE D 456 -25.20 57.87 32.57
CA PHE D 456 -25.16 56.84 31.55
C PHE D 456 -25.07 55.44 32.14
N GLU D 457 -24.59 55.32 33.37
CA GLU D 457 -24.49 54.01 34.01
C GLU D 457 -25.85 53.33 34.19
N ARG D 458 -26.94 54.11 34.13
CA ARG D 458 -28.26 53.52 34.24
C ARG D 458 -28.59 52.60 33.07
N TRP D 459 -27.88 52.74 31.95
CA TRP D 459 -28.01 51.77 30.87
C TRP D 459 -27.48 50.40 31.29
N TYR D 460 -26.53 50.38 32.23
CA TYR D 460 -25.98 49.13 32.74
C TYR D 460 -26.69 48.62 33.98
N LEU D 461 -27.36 49.51 34.72
CA LEU D 461 -27.98 49.14 35.99
C LEU D 461 -29.44 48.76 35.86
N GLN D 462 -30.15 49.32 34.87
CA GLN D 462 -31.61 49.18 34.78
C GLN D 462 -31.98 48.46 33.49
N ALA D 463 -32.87 47.49 33.62
CA ALA D 463 -33.40 46.75 32.48
C ALA D 463 -34.67 47.42 31.96
N GLY D 464 -35.25 46.84 30.92
CA GLY D 464 -36.50 47.37 30.39
C GLY D 464 -36.28 48.32 29.23
N THR D 465 -37.24 48.34 28.31
CA THR D 465 -37.19 49.20 27.14
C THR D 465 -37.83 50.54 27.45
N PRO D 466 -37.11 51.65 27.41
CA PRO D 466 -37.72 52.96 27.69
C PRO D 466 -38.72 53.34 26.61
N GLU D 467 -39.67 54.19 27.01
CA GLU D 467 -40.73 54.67 26.14
C GLU D 467 -40.62 56.19 26.03
N VAL D 468 -40.28 56.67 24.85
CA VAL D 468 -40.12 58.10 24.56
C VAL D 468 -41.32 58.55 23.73
N THR D 469 -42.10 59.46 24.28
CA THR D 469 -43.27 60.02 23.61
C THR D 469 -43.02 61.48 23.26
N VAL D 470 -43.49 61.90 22.08
CA VAL D 470 -43.39 63.28 21.62
C VAL D 470 -44.64 64.00 22.10
N SER D 471 -44.54 64.70 23.23
CA SER D 471 -45.69 65.38 23.80
C SER D 471 -46.03 66.66 23.04
N GLU D 472 -45.03 67.34 22.48
CA GLU D 472 -45.27 68.58 21.76
C GLU D 472 -44.20 68.75 20.70
N ALA D 473 -44.63 69.07 19.47
CA ALA D 473 -43.72 69.30 18.36
C ALA D 473 -44.41 70.27 17.41
N VAL D 474 -44.16 71.57 17.61
CA VAL D 474 -44.80 72.62 16.84
C VAL D 474 -43.75 73.65 16.43
N PHE D 475 -43.98 74.27 15.27
CA PHE D 475 -43.09 75.31 14.76
C PHE D 475 -43.64 76.67 15.15
N GLN D 476 -42.76 77.53 15.67
CA GLN D 476 -43.13 78.87 16.08
C GLN D 476 -42.65 79.87 15.04
N PRO D 477 -43.52 80.37 14.15
CA PRO D 477 -43.05 81.29 13.12
C PRO D 477 -42.64 82.65 13.66
N ASP D 478 -43.22 83.09 14.77
CA ASP D 478 -42.88 84.40 15.32
C ASP D 478 -41.45 84.42 15.85
N ARG D 479 -41.02 83.33 16.48
CA ARG D 479 -39.68 83.23 17.03
C ARG D 479 -38.73 82.44 16.14
N LYS D 480 -39.22 81.89 15.04
CA LYS D 480 -38.42 81.06 14.14
C LYS D 480 -37.76 79.90 14.91
N LYS D 481 -38.58 79.21 15.70
CA LYS D 481 -38.11 78.11 16.54
C LYS D 481 -39.05 76.93 16.40
N PHE D 482 -38.54 75.75 16.75
CA PHE D 482 -39.32 74.51 16.77
C PHE D 482 -39.29 73.97 18.19
N LYS D 483 -40.44 74.00 18.86
CA LYS D 483 -40.54 73.51 20.23
C LYS D 483 -40.74 71.99 20.21
N LEU D 484 -39.94 71.29 21.00
CA LEU D 484 -39.97 69.82 21.05
C LEU D 484 -39.85 69.40 22.51
N THR D 485 -40.92 68.81 23.05
CA THR D 485 -40.94 68.31 24.42
C THR D 485 -41.03 66.79 24.40
N LEU D 486 -40.08 66.14 25.06
CA LEU D 486 -40.05 64.68 25.15
C LEU D 486 -40.30 64.23 26.58
N LYS D 487 -40.85 63.03 26.72
CA LYS D 487 -41.09 62.42 28.02
C LYS D 487 -40.72 60.95 27.94
N GLN D 488 -39.96 60.48 28.93
CA GLN D 488 -39.48 59.10 28.95
C GLN D 488 -40.05 58.37 30.16
N ARG D 489 -40.31 57.07 29.97
CA ARG D 489 -40.84 56.22 31.03
C ARG D 489 -40.50 54.77 30.69
N THR D 490 -40.15 54.00 31.71
CA THR D 490 -39.77 52.61 31.53
C THR D 490 -40.57 51.73 32.49
N PRO D 491 -41.26 50.71 31.99
CA PRO D 491 -42.05 49.84 32.87
C PRO D 491 -41.14 49.02 33.78
N PRO D 492 -41.65 48.49 34.89
CA PRO D 492 -40.81 47.71 35.79
C PRO D 492 -40.41 46.38 35.18
N THR D 493 -39.35 45.82 35.75
CA THR D 493 -38.81 44.52 35.37
C THR D 493 -38.64 43.68 36.62
N PRO D 494 -38.55 42.35 36.48
CA PRO D 494 -38.37 41.49 37.67
C PRO D 494 -37.19 41.91 38.54
N GLY D 495 -37.48 42.30 39.78
CA GLY D 495 -36.46 42.70 40.72
C GLY D 495 -36.10 44.17 40.69
N GLN D 496 -36.84 44.99 39.94
CA GLN D 496 -36.52 46.42 39.85
C GLN D 496 -37.77 47.13 39.32
N VAL D 497 -38.50 47.81 40.22
CA VAL D 497 -39.73 48.49 39.85
C VAL D 497 -39.46 49.93 39.43
N GLU D 498 -38.67 50.66 40.21
CA GLU D 498 -38.39 52.06 39.91
C GLU D 498 -37.33 52.16 38.82
N LYS D 499 -37.59 53.00 37.83
CA LYS D 499 -36.68 53.20 36.70
C LYS D 499 -36.34 54.68 36.62
N HIS D 500 -35.14 55.05 37.09
CA HIS D 500 -34.69 56.42 37.02
C HIS D 500 -34.46 56.82 35.55
N PRO D 501 -34.58 58.12 35.24
CA PRO D 501 -34.48 58.54 33.84
C PRO D 501 -33.13 58.19 33.21
N PHE D 502 -33.17 57.75 31.97
CA PHE D 502 -31.98 57.38 31.22
C PHE D 502 -31.38 58.59 30.52
N HIS D 503 -30.08 58.49 30.20
CA HIS D 503 -29.39 59.47 29.38
C HIS D 503 -29.57 59.06 27.92
N ILE D 504 -30.56 59.65 27.27
CA ILE D 504 -31.03 59.19 25.96
C ILE D 504 -30.57 60.20 24.90
N PRO D 505 -29.63 59.84 24.03
CA PRO D 505 -29.30 60.71 22.89
C PRO D 505 -30.32 60.53 21.78
N ILE D 506 -30.86 61.65 21.29
CA ILE D 506 -31.92 61.66 20.30
C ILE D 506 -31.44 62.40 19.07
N LYS D 507 -31.22 61.68 17.98
CA LYS D 507 -30.85 62.29 16.70
C LYS D 507 -32.12 62.79 16.01
N VAL D 508 -32.17 64.07 15.67
CA VAL D 508 -33.35 64.68 15.08
C VAL D 508 -32.94 65.53 13.88
N GLY D 509 -33.91 65.70 12.98
CA GLY D 509 -33.73 66.58 11.83
C GLY D 509 -35.05 67.19 11.46
N LEU D 510 -34.98 68.32 10.76
CA LEU D 510 -36.16 69.07 10.33
C LEU D 510 -36.11 69.26 8.83
N ILE D 511 -37.09 68.67 8.13
CA ILE D 511 -37.18 68.78 6.68
C ILE D 511 -38.18 69.89 6.37
N GLY D 512 -37.71 70.95 5.69
CA GLY D 512 -38.58 72.05 5.37
C GLY D 512 -39.64 71.65 4.37
N LYS D 513 -40.85 72.20 4.55
CA LYS D 513 -41.96 71.87 3.66
C LYS D 513 -41.78 72.51 2.29
N THR D 514 -41.07 73.63 2.22
CA THR D 514 -40.81 74.31 0.95
C THR D 514 -39.54 73.81 0.28
N SER D 515 -38.44 73.72 1.04
CA SER D 515 -37.17 73.31 0.46
C SER D 515 -37.09 71.80 0.25
N LYS D 516 -37.95 71.03 0.92
CA LYS D 516 -37.94 69.57 0.83
C LYS D 516 -36.58 68.98 1.20
N LYS D 517 -35.86 69.65 2.10
CA LYS D 517 -34.54 69.21 2.52
C LYS D 517 -34.32 69.63 3.96
N ASP D 518 -33.15 69.30 4.49
CA ASP D 518 -32.83 69.61 5.88
C ASP D 518 -32.74 71.11 6.10
N ILE D 519 -33.30 71.57 7.22
CA ILE D 519 -33.23 72.97 7.62
C ILE D 519 -32.27 73.23 8.75
N LEU D 520 -31.77 72.19 9.42
CA LEU D 520 -30.81 72.34 10.48
C LEU D 520 -29.38 72.20 9.94
N SER D 521 -28.46 72.91 10.57
CA SER D 521 -27.05 72.88 10.19
C SER D 521 -26.21 72.69 11.45
N PRO D 522 -25.59 71.52 11.65
CA PRO D 522 -25.59 70.30 10.81
C PRO D 522 -26.97 69.65 10.66
N PRO D 523 -27.15 68.85 9.61
CA PRO D 523 -28.48 68.29 9.34
C PRO D 523 -29.05 67.44 10.46
N THR D 524 -28.20 66.78 11.24
CA THR D 524 -28.63 65.92 12.34
C THR D 524 -28.08 66.49 13.64
N LYS D 525 -28.98 66.83 14.57
CA LYS D 525 -28.62 67.36 15.87
C LYS D 525 -28.93 66.33 16.95
N VAL D 526 -27.98 66.14 17.86
CA VAL D 526 -28.12 65.15 18.93
C VAL D 526 -28.74 65.84 20.13
N LEU D 527 -29.98 65.44 20.47
CA LEU D 527 -30.64 65.92 21.66
C LEU D 527 -30.37 64.96 22.80
N GLU D 528 -29.98 65.51 23.96
CA GLU D 528 -29.64 64.72 25.13
C GLU D 528 -30.82 64.71 26.08
N LEU D 529 -31.59 63.61 26.06
CA LEU D 529 -32.76 63.44 26.92
C LEU D 529 -32.30 62.84 28.23
N THR D 530 -32.22 63.68 29.28
CA THR D 530 -31.73 63.24 30.58
C THR D 530 -32.77 63.32 31.69
N GLU D 531 -33.91 63.95 31.47
CA GLU D 531 -34.94 64.09 32.49
C GLU D 531 -36.18 63.30 32.11
N ALA D 532 -37.13 63.23 33.03
CA ALA D 532 -38.40 62.57 32.75
C ALA D 532 -39.23 63.37 31.75
N GLU D 533 -39.06 64.69 31.72
CA GLU D 533 -39.69 65.54 30.73
C GLU D 533 -38.76 66.70 30.43
N GLN D 534 -38.68 67.09 29.17
CA GLN D 534 -37.71 68.08 28.73
C GLN D 534 -38.17 68.68 27.41
N THR D 535 -38.03 70.00 27.28
CA THR D 535 -38.41 70.73 26.07
C THR D 535 -37.16 71.31 25.42
N PHE D 536 -37.04 71.13 24.11
CA PHE D 536 -35.92 71.64 23.34
C PHE D 536 -36.41 72.65 22.32
N GLU D 537 -35.57 73.65 22.04
CA GLU D 537 -35.87 74.70 21.07
C GLU D 537 -34.83 74.65 19.96
N LEU D 538 -35.27 74.33 18.76
CA LEU D 538 -34.39 74.26 17.60
C LEU D 538 -34.54 75.50 16.74
N ASP D 539 -33.46 75.85 16.04
CA ASP D 539 -33.47 76.99 15.13
C ASP D 539 -34.03 76.53 13.78
N ALA D 540 -35.22 76.99 13.45
CA ALA D 540 -35.89 76.62 12.21
C ALA D 540 -36.44 77.86 11.51
N ALA D 541 -36.23 77.93 10.20
CA ALA D 541 -36.66 79.10 9.41
C ALA D 541 -38.06 78.87 8.85
N GLU D 542 -38.17 78.00 7.85
CA GLU D 542 -39.45 77.72 7.21
C GLU D 542 -40.20 76.63 7.95
N ASP D 543 -41.47 76.46 7.57
CA ASP D 543 -42.29 75.40 8.16
C ASP D 543 -41.71 74.04 7.82
N CYS D 544 -41.52 73.21 8.84
CA CYS D 544 -40.80 71.95 8.69
C CYS D 544 -41.57 70.81 9.33
N VAL D 545 -41.17 69.59 8.97
CA VAL D 545 -41.69 68.37 9.55
C VAL D 545 -40.55 67.67 10.28
N LEU D 546 -40.83 67.21 11.50
CA LEU D 546 -39.79 66.64 12.35
C LEU D 546 -39.44 65.22 11.91
N SER D 547 -38.14 64.94 11.83
CA SER D 547 -37.61 63.60 11.61
C SER D 547 -37.04 63.13 12.94
N PHE D 548 -37.77 62.25 13.62
CA PHE D 548 -37.46 61.89 15.00
C PHE D 548 -36.68 60.58 15.06
N LEU D 549 -35.71 60.53 15.98
CA LEU D 549 -34.90 59.35 16.25
C LEU D 549 -34.24 58.82 14.98
N ARG D 550 -33.36 59.65 14.44
CA ARG D 550 -32.62 59.27 13.24
C ARG D 550 -31.55 58.23 13.57
N ASP D 551 -31.38 57.27 12.66
CA ASP D 551 -30.40 56.19 12.80
C ASP D 551 -30.68 55.31 14.02
N PHE D 552 -31.88 55.40 14.58
CA PHE D 552 -32.25 54.69 15.81
C PHE D 552 -31.22 54.94 16.91
N SER D 553 -31.08 56.22 17.26
CA SER D 553 -30.04 56.66 18.19
C SER D 553 -30.26 56.18 19.62
N ALA D 554 -31.35 55.49 19.92
CA ALA D 554 -31.60 54.98 21.25
C ALA D 554 -32.51 53.76 21.19
N PRO D 555 -32.19 52.70 21.92
CA PRO D 555 -33.05 51.49 21.92
C PRO D 555 -34.32 51.70 22.74
N VAL D 556 -35.23 52.50 22.19
CA VAL D 556 -36.44 52.90 22.90
C VAL D 556 -37.64 52.72 21.97
N LYS D 557 -38.82 52.67 22.58
CA LYS D 557 -40.09 52.70 21.86
C LYS D 557 -40.54 54.14 21.70
N VAL D 558 -41.14 54.45 20.56
CA VAL D 558 -41.52 55.81 20.22
C VAL D 558 -43.03 55.90 20.11
N LYS D 559 -43.63 56.85 20.82
CA LYS D 559 -45.05 57.17 20.71
C LYS D 559 -45.13 58.58 20.13
N HIS D 560 -45.25 58.66 18.81
CA HIS D 560 -45.22 59.93 18.09
C HIS D 560 -46.40 59.96 17.13
N GLU D 561 -47.44 60.70 17.49
CA GLU D 561 -48.62 60.83 16.65
C GLU D 561 -48.32 61.78 15.49
N GLN D 562 -48.56 61.31 14.27
CA GLN D 562 -48.30 62.08 13.07
C GLN D 562 -49.51 62.06 12.16
N THR D 563 -49.65 63.12 11.35
CA THR D 563 -50.69 63.15 10.34
C THR D 563 -50.29 62.29 9.14
N ASP D 564 -51.30 61.92 8.34
CA ASP D 564 -51.04 61.13 7.15
C ASP D 564 -50.22 61.91 6.14
N GLU D 565 -50.32 63.24 6.15
CA GLU D 565 -49.55 64.06 5.22
C GLU D 565 -48.08 64.09 5.60
N ASP D 566 -47.78 64.26 6.90
CA ASP D 566 -46.38 64.31 7.33
C ASP D 566 -45.71 62.95 7.20
N ILE D 567 -46.44 61.86 7.39
CA ILE D 567 -45.87 60.54 7.20
C ILE D 567 -45.50 60.32 5.73
N ALA D 568 -46.39 60.71 4.83
CA ALA D 568 -46.07 60.63 3.41
C ALA D 568 -45.01 61.65 3.01
N PHE D 569 -44.95 62.79 3.71
CA PHE D 569 -43.92 63.78 3.44
C PHE D 569 -42.55 63.27 3.87
N LEU D 570 -42.47 62.62 5.03
CA LEU D 570 -41.21 62.03 5.47
C LEU D 570 -40.85 60.81 4.63
N MET D 571 -41.85 60.08 4.13
CA MET D 571 -41.60 58.91 3.30
C MET D 571 -40.99 59.25 1.95
N ALA D 572 -40.98 60.53 1.56
CA ALA D 572 -40.50 60.93 0.25
C ALA D 572 -39.34 61.91 0.27
N HIS D 573 -39.16 62.68 1.34
CA HIS D 573 -38.14 63.73 1.35
C HIS D 573 -37.20 63.66 2.55
N ASP D 574 -37.31 62.65 3.40
CA ASP D 574 -36.40 62.55 4.55
C ASP D 574 -35.02 62.12 4.10
N SER D 575 -33.98 62.69 4.73
CA SER D 575 -32.61 62.40 4.37
C SER D 575 -32.06 61.17 5.10
N ASP D 576 -32.42 60.99 6.37
CA ASP D 576 -31.96 59.83 7.12
C ASP D 576 -32.61 58.57 6.57
N ASP D 577 -31.79 57.62 6.13
CA ASP D 577 -32.32 56.43 5.48
C ASP D 577 -33.13 55.56 6.45
N PHE D 578 -32.74 55.52 7.73
CA PHE D 578 -33.52 54.75 8.69
C PHE D 578 -34.85 55.44 9.00
N ALA D 579 -34.81 56.76 9.21
CA ALA D 579 -36.04 57.50 9.49
C ALA D 579 -36.99 57.46 8.30
N LYS D 580 -36.45 57.51 7.08
CA LYS D 580 -37.29 57.40 5.90
C LYS D 580 -37.91 56.01 5.81
N TRP D 581 -37.16 54.97 6.16
CA TRP D 581 -37.72 53.63 6.19
C TRP D 581 -38.68 53.45 7.35
N GLN D 582 -38.39 54.10 8.49
CA GLN D 582 -39.25 53.97 9.66
C GLN D 582 -40.63 54.58 9.40
N ALA D 583 -40.69 55.67 8.62
CA ALA D 583 -41.97 56.27 8.30
C ALA D 583 -42.84 55.33 7.49
N ALA D 584 -42.25 54.65 6.50
CA ALA D 584 -43.01 53.66 5.74
C ALA D 584 -43.33 52.44 6.59
N HIS D 585 -42.41 52.06 7.49
CA HIS D 585 -42.65 50.89 8.34
C HIS D 585 -43.75 51.17 9.35
N THR D 586 -43.81 52.40 9.88
CA THR D 586 -44.84 52.75 10.84
C THR D 586 -46.23 52.69 10.18
N LEU D 587 -46.32 53.10 8.92
CA LEU D 587 -47.58 53.03 8.21
C LEU D 587 -48.05 51.58 8.05
N ALA D 588 -47.23 50.75 7.39
CA ALA D 588 -47.63 49.38 7.09
C ALA D 588 -47.91 48.58 8.35
N SER D 589 -47.14 48.81 9.41
CA SER D 589 -47.34 48.05 10.65
C SER D 589 -48.66 48.41 11.31
N GLY D 590 -48.98 49.71 11.37
CA GLY D 590 -50.26 50.11 11.96
C GLY D 590 -51.45 49.57 11.19
N LEU D 591 -51.33 49.52 9.86
CA LEU D 591 -52.39 48.92 9.05
C LEU D 591 -52.47 47.42 9.28
N LEU D 592 -51.32 46.75 9.39
CA LEU D 592 -51.33 45.31 9.62
C LEU D 592 -51.82 44.98 11.03
N LYS D 593 -51.44 45.80 12.01
CA LYS D 593 -51.89 45.57 13.38
C LYS D 593 -53.40 45.73 13.50
N HIS D 594 -53.96 46.71 12.78
CA HIS D 594 -55.41 46.92 12.83
C HIS D 594 -56.17 45.73 12.27
N ARG D 595 -55.73 45.20 11.13
CA ARG D 595 -56.37 44.01 10.58
C ARG D 595 -56.19 42.80 11.49
N ALA D 596 -55.13 42.80 12.31
CA ALA D 596 -54.92 41.70 13.24
C ALA D 596 -55.93 41.75 14.39
N GLU D 597 -56.22 42.95 14.91
CA GLU D 597 -57.23 43.07 15.96
C GLU D 597 -58.61 42.70 15.45
N GLN D 598 -58.91 43.05 14.19
CA GLN D 598 -60.18 42.64 13.60
C GLN D 598 -60.32 41.13 13.58
N TRP D 599 -59.27 40.43 13.14
CA TRP D 599 -59.29 38.98 13.11
C TRP D 599 -59.34 38.41 14.53
N ARG D 600 -58.56 38.99 15.45
CA ARG D 600 -58.50 38.45 16.81
C ARG D 600 -59.82 38.58 17.53
N GLU D 601 -60.62 39.61 17.21
CA GLU D 601 -61.89 39.80 17.90
C GLU D 601 -62.87 38.68 17.60
N LYS D 602 -62.97 38.27 16.33
CA LYS D 602 -63.92 37.24 15.91
C LYS D 602 -63.25 35.91 15.60
N GLN D 603 -61.93 35.80 15.74
CA GLN D 603 -61.19 34.56 15.49
C GLN D 603 -61.41 34.06 14.07
N GLY D 604 -61.51 35.00 13.12
CA GLY D 604 -61.65 34.67 11.72
C GLY D 604 -63.07 34.41 11.24
N GLU D 605 -63.98 34.36 12.20
CA GLU D 605 -65.39 34.06 11.99
C GLU D 605 -66.06 34.65 10.80
N ASP D 606 -66.11 35.97 10.65
CA ASP D 606 -66.77 36.47 9.43
C ASP D 606 -66.10 37.65 8.86
N VAL D 607 -64.81 37.77 9.06
CA VAL D 607 -64.19 39.07 8.93
C VAL D 607 -64.06 39.48 7.50
N GLU D 608 -64.27 40.75 7.29
CA GLU D 608 -64.10 41.40 6.04
C GLU D 608 -63.18 42.57 6.43
N PHE D 609 -62.17 42.84 5.64
CA PHE D 609 -61.21 43.87 5.97
C PHE D 609 -61.42 45.11 5.15
N ALA D 610 -61.14 46.26 5.72
CA ALA D 610 -61.26 47.51 4.99
C ALA D 610 -60.18 47.58 3.90
N ARG D 611 -60.54 48.18 2.78
CA ARG D 611 -59.62 48.29 1.66
C ARG D 611 -58.40 49.12 2.05
N LEU D 612 -57.28 48.83 1.43
CA LEU D 612 -56.04 49.55 1.74
C LEU D 612 -56.14 50.99 1.26
N PRO D 613 -55.68 51.95 2.05
CA PRO D 613 -55.76 53.35 1.63
C PRO D 613 -54.80 53.66 0.50
N LYS D 614 -55.12 54.73 -0.24
CA LYS D 614 -54.29 55.13 -1.36
C LYS D 614 -52.91 55.60 -0.92
N ILE D 615 -52.76 56.02 0.34
CA ILE D 615 -51.47 56.50 0.82
C ILE D 615 -50.47 55.34 0.88
N TYR D 616 -50.94 54.14 1.21
CA TYR D 616 -50.03 53.00 1.32
C TYR D 616 -49.74 52.37 -0.03
N VAL D 617 -50.75 52.25 -0.88
CA VAL D 617 -50.56 51.57 -2.17
C VAL D 617 -49.78 52.44 -3.13
N GLU D 618 -50.04 53.74 -3.16
CA GLU D 618 -49.30 54.63 -4.04
C GLU D 618 -47.83 54.71 -3.65
N ALA D 619 -47.55 54.73 -2.34
CA ALA D 619 -46.16 54.70 -1.89
C ALA D 619 -45.51 53.37 -2.22
N PHE D 620 -46.27 52.28 -2.17
CA PHE D 620 -45.74 50.98 -2.58
C PHE D 620 -45.41 50.97 -4.07
N LYS D 621 -46.30 51.55 -4.90
CA LYS D 621 -46.05 51.59 -6.34
C LYS D 621 -44.86 52.48 -6.67
N GLN D 622 -44.72 53.61 -5.96
CA GLN D 622 -43.62 54.53 -6.23
C GLN D 622 -42.28 53.86 -5.97
N THR D 623 -42.10 53.27 -4.79
CA THR D 623 -40.85 52.61 -4.46
C THR D 623 -40.61 51.36 -5.30
N LEU D 624 -41.66 50.76 -5.86
CA LEU D 624 -41.49 49.57 -6.68
C LEU D 624 -40.92 49.90 -8.05
N LEU D 625 -41.23 51.08 -8.59
CA LEU D 625 -40.84 51.46 -9.94
C LEU D 625 -39.72 52.49 -9.96
N GLU D 626 -39.01 52.68 -8.85
CA GLU D 626 -37.96 53.68 -8.79
C GLU D 626 -36.75 53.25 -9.62
N GLN D 627 -35.91 54.23 -9.94
CA GLN D 627 -34.74 53.99 -10.79
C GLN D 627 -33.52 53.55 -9.99
N GLY D 628 -33.35 54.05 -8.77
CA GLY D 628 -32.21 53.68 -7.95
C GLY D 628 -30.99 54.55 -8.17
N ASP D 630 -30.82 52.29 -4.58
CA ASP D 630 -30.34 51.09 -3.91
C ASP D 630 -31.44 50.05 -3.79
N ARG D 631 -31.27 48.92 -4.48
CA ARG D 631 -32.29 47.89 -4.48
C ARG D 631 -32.44 47.20 -3.13
N SER D 632 -31.42 47.27 -2.27
CA SER D 632 -31.53 46.68 -0.94
C SER D 632 -32.46 47.49 -0.05
N ILE D 633 -32.21 48.81 0.05
CA ILE D 633 -33.13 49.69 0.74
C ILE D 633 -34.49 49.67 0.06
N GLN D 634 -34.49 49.51 -1.27
CA GLN D 634 -35.75 49.32 -2.00
C GLN D 634 -36.48 48.08 -1.51
N ALA D 635 -35.78 46.93 -1.47
CA ALA D 635 -36.41 45.67 -1.12
C ALA D 635 -36.93 45.67 0.31
N TYR D 636 -36.17 46.25 1.24
CA TYR D 636 -36.59 46.23 2.64
C TYR D 636 -37.79 47.13 2.88
N THR D 637 -37.96 48.18 2.06
CA THR D 637 -39.12 49.06 2.23
C THR D 637 -40.41 48.38 1.79
N LEU D 638 -40.35 47.58 0.72
CA LEU D 638 -41.55 46.91 0.22
C LEU D 638 -41.93 45.71 1.06
N ARG D 639 -40.97 45.09 1.75
CA ARG D 639 -41.26 43.93 2.58
C ARG D 639 -42.18 44.32 3.74
N LEU D 640 -43.16 43.46 4.01
CA LEU D 640 -44.08 43.70 5.11
C LEU D 640 -43.33 43.64 6.44
N PRO D 641 -43.80 44.35 7.46
CA PRO D 641 -43.10 44.37 8.75
C PRO D 641 -42.98 42.97 9.35
N ASP D 642 -41.94 42.79 10.17
CA ASP D 642 -41.69 41.50 10.80
C ASP D 642 -42.85 41.12 11.70
N ARG D 643 -43.31 39.86 11.58
CA ARG D 643 -44.48 39.42 12.33
C ARG D 643 -44.22 39.45 13.83
N ASP D 644 -42.99 39.12 14.24
CA ASP D 644 -42.66 39.15 15.66
C ASP D 644 -42.41 40.56 16.18
N GLY D 645 -42.11 41.50 15.29
CA GLY D 645 -41.94 42.89 15.68
C GLY D 645 -43.27 43.57 15.92
N VAL D 646 -44.25 43.28 15.06
CA VAL D 646 -45.59 43.81 15.28
C VAL D 646 -46.19 43.22 16.55
N ALA D 647 -45.86 41.98 16.89
CA ALA D 647 -46.45 41.34 18.07
C ALA D 647 -46.03 42.00 19.37
N GLN D 648 -44.86 42.66 19.39
CA GLN D 648 -44.40 43.30 20.60
C GLN D 648 -45.20 44.56 20.95
N GLU D 649 -45.97 45.08 20.00
CA GLU D 649 -46.80 46.25 20.22
C GLU D 649 -48.28 45.90 20.39
N MET D 650 -48.56 44.61 20.48
CA MET D 650 -49.93 44.07 20.60
C MET D 650 -50.25 43.44 21.92
N GLU D 651 -51.50 43.60 22.35
CA GLU D 651 -51.94 43.03 23.61
C GLU D 651 -53.32 42.51 23.53
N PRO D 652 -53.51 41.20 23.74
CA PRO D 652 -52.54 40.12 23.82
C PRO D 652 -52.11 39.65 22.45
N ILE D 653 -51.01 38.94 22.36
CA ILE D 653 -50.49 38.44 21.11
C ILE D 653 -51.32 37.34 20.47
N ASP D 654 -51.71 37.54 19.24
CA ASP D 654 -52.41 36.50 18.48
C ASP D 654 -51.61 36.21 17.22
N PRO D 655 -50.79 35.14 17.22
CA PRO D 655 -49.99 34.86 16.02
C PRO D 655 -50.83 34.45 14.82
N LEU D 656 -52.00 33.85 15.04
CA LEU D 656 -52.87 33.51 13.92
C LEU D 656 -53.52 34.74 13.32
N ALA D 657 -53.93 35.69 14.17
CA ALA D 657 -54.45 36.96 13.66
C ALA D 657 -53.37 37.75 12.96
N LEU D 658 -52.14 37.70 13.49
CA LEU D 658 -51.03 38.41 12.86
C LEU D 658 -50.65 37.78 11.52
N LYS D 659 -50.77 36.46 11.41
CA LYS D 659 -50.42 35.78 10.17
C LYS D 659 -51.52 35.94 9.11
N GLU D 660 -52.78 35.73 9.51
CA GLU D 660 -53.88 35.85 8.56
C GLU D 660 -54.01 37.27 8.03
N ALA D 661 -53.73 38.26 8.88
CA ALA D 661 -53.75 39.65 8.42
C ALA D 661 -52.57 39.95 7.51
N THR D 662 -51.41 39.33 7.78
CA THR D 662 -50.24 39.55 6.93
C THR D 662 -50.49 39.07 5.51
N GLU D 663 -51.08 37.87 5.37
CA GLU D 663 -51.40 37.35 4.04
C GLU D 663 -52.50 38.17 3.38
N SER D 664 -53.38 38.81 4.15
CA SER D 664 -54.41 39.65 3.57
C SER D 664 -53.82 40.87 2.87
N VAL D 665 -52.84 41.52 3.52
CA VAL D 665 -52.14 42.63 2.88
C VAL D 665 -51.35 42.13 1.68
N ARG D 666 -50.78 40.93 1.79
CA ARG D 666 -49.96 40.38 0.71
C ARG D 666 -50.79 40.12 -0.55
N ARG D 667 -52.01 39.63 -0.38
CA ARG D 667 -52.86 39.34 -1.54
C ARG D 667 -53.37 40.63 -2.18
N GLU D 668 -53.79 41.60 -1.36
CA GLU D 668 -54.43 42.80 -1.91
C GLU D 668 -53.45 43.63 -2.73
N VAL D 669 -52.23 43.82 -2.24
CA VAL D 669 -51.23 44.55 -3.02
C VAL D 669 -50.80 43.72 -4.21
N GLY D 670 -50.92 42.39 -4.14
CA GLY D 670 -50.59 41.56 -5.28
C GLY D 670 -51.62 41.69 -6.38
N GLN D 671 -52.89 41.85 -6.02
CA GLN D 671 -53.94 42.00 -7.02
C GLN D 671 -54.03 43.43 -7.54
N LEU D 672 -53.69 44.42 -6.71
CA LEU D 672 -53.80 45.81 -7.14
C LEU D 672 -52.62 46.25 -8.00
N LEU D 673 -51.46 45.62 -7.83
CA LEU D 673 -50.25 46.03 -8.54
C LEU D 673 -49.66 44.86 -9.34
N LYS D 674 -50.50 43.92 -9.77
CA LYS D 674 -50.00 42.75 -10.49
C LYS D 674 -49.30 43.14 -11.79
N SER D 675 -49.75 44.21 -12.44
CA SER D 675 -49.09 44.66 -13.67
C SER D 675 -47.69 45.18 -13.38
N ASP D 676 -47.54 46.00 -12.33
CA ASP D 676 -46.23 46.55 -12.00
C ASP D 676 -45.33 45.51 -11.37
N LEU D 677 -45.89 44.56 -10.61
CA LEU D 677 -45.07 43.52 -10.01
C LEU D 677 -44.44 42.62 -11.08
N LEU D 678 -45.22 42.22 -12.08
CA LEU D 678 -44.69 41.36 -13.13
C LEU D 678 -43.67 42.10 -14.00
N LYS D 679 -43.84 43.42 -14.17
CA LYS D 679 -42.91 44.18 -15.00
C LYS D 679 -41.54 44.27 -14.35
N VAL D 680 -41.50 44.59 -13.05
CA VAL D 680 -40.21 44.70 -12.37
C VAL D 680 -39.63 43.31 -12.08
N TYR D 681 -40.48 42.30 -11.88
CA TYR D 681 -39.97 40.95 -11.66
C TYR D 681 -39.19 40.44 -12.87
N ALA D 682 -39.68 40.73 -14.08
CA ALA D 682 -38.96 40.35 -15.28
C ALA D 682 -37.75 41.25 -15.52
N SER D 683 -37.72 42.43 -14.91
CA SER D 683 -36.58 43.33 -15.07
C SER D 683 -35.35 42.85 -14.30
N LEU D 684 -35.51 41.92 -13.37
CA LEU D 684 -34.43 41.48 -12.50
C LEU D 684 -33.86 40.14 -12.90
N SER D 685 -33.93 39.79 -14.18
CA SER D 685 -33.35 38.54 -14.65
C SER D 685 -31.83 38.68 -14.80
N ALA D 686 -31.17 37.55 -15.03
CA ALA D 686 -29.71 37.50 -15.10
C ALA D 686 -29.14 38.47 -16.14
N GLU D 693 -22.38 32.73 -10.06
CA GLU D 693 -23.10 33.64 -9.18
C GLU D 693 -22.13 34.58 -8.47
N SER D 694 -22.39 35.88 -8.59
CA SER D 694 -21.51 36.89 -8.04
C SER D 694 -21.86 37.19 -6.59
N ARG D 695 -20.85 37.61 -5.83
CA ARG D 695 -21.04 38.10 -4.47
C ARG D 695 -21.10 39.62 -4.41
N ASP D 696 -21.03 40.30 -5.56
CA ASP D 696 -21.10 41.75 -5.59
C ASP D 696 -22.41 42.23 -5.00
N GLN D 697 -22.36 43.35 -4.26
CA GLN D 697 -23.56 43.87 -3.60
C GLN D 697 -24.62 44.26 -4.62
N SER D 698 -24.22 44.61 -5.84
CA SER D 698 -25.19 44.94 -6.88
C SER D 698 -26.00 43.71 -7.28
N GLU D 699 -25.35 42.55 -7.40
CA GLU D 699 -26.07 41.33 -7.71
C GLU D 699 -26.87 40.82 -6.52
N VAL D 700 -26.37 41.03 -5.30
CA VAL D 700 -27.11 40.64 -4.11
C VAL D 700 -28.40 41.43 -4.00
N SER D 701 -28.34 42.73 -4.27
CA SER D 701 -29.53 43.56 -4.22
C SER D 701 -30.52 43.20 -5.32
N ARG D 702 -30.03 42.75 -6.48
CA ARG D 702 -30.92 42.33 -7.55
C ARG D 702 -31.70 41.08 -7.16
N ARG D 703 -31.02 40.09 -6.57
CA ARG D 703 -31.71 38.89 -6.14
C ARG D 703 -32.63 39.15 -4.96
N ARG D 704 -32.26 40.09 -4.09
CA ARG D 704 -33.09 40.39 -2.92
C ARG D 704 -34.44 40.97 -3.35
N LEU D 705 -34.40 42.00 -4.20
CA LEU D 705 -35.65 42.60 -4.69
C LEU D 705 -36.47 41.61 -5.50
N ARG D 706 -35.81 40.72 -6.24
CA ARG D 706 -36.53 39.72 -7.02
C ARG D 706 -37.27 38.74 -6.12
N ASN D 707 -36.68 38.41 -4.97
CA ASN D 707 -37.32 37.48 -4.05
C ASN D 707 -38.51 38.12 -3.34
N VAL D 708 -38.38 39.40 -3.00
CA VAL D 708 -39.49 40.10 -2.33
C VAL D 708 -40.67 40.26 -3.28
N ILE D 709 -40.39 40.53 -4.56
CA ILE D 709 -41.48 40.70 -5.53
C ILE D 709 -42.20 39.38 -5.76
N LEU D 710 -41.47 38.27 -5.77
CA LEU D 710 -42.11 36.97 -5.90
C LEU D 710 -43.05 36.68 -4.74
N TYR D 711 -42.75 37.21 -3.56
CA TYR D 711 -43.62 37.03 -2.41
C TYR D 711 -44.99 37.65 -2.65
N PHE D 712 -45.01 38.85 -3.24
CA PHE D 712 -46.27 39.53 -3.52
C PHE D 712 -46.97 39.00 -4.76
N LEU D 713 -46.26 38.27 -5.61
CA LEU D 713 -46.85 37.70 -6.82
C LEU D 713 -47.50 36.34 -6.59
N THR D 714 -47.28 35.73 -5.43
CA THR D 714 -47.79 34.40 -5.13
C THR D 714 -48.65 34.38 -3.87
N GLY D 715 -49.27 35.51 -3.54
CA GLY D 715 -50.07 35.59 -2.34
C GLY D 715 -51.34 34.77 -2.40
N GLU D 716 -51.89 34.58 -3.61
CA GLU D 716 -53.16 33.86 -3.74
C GLU D 716 -53.02 32.37 -3.42
N ARG D 717 -51.81 31.82 -3.49
CA ARG D 717 -51.54 30.43 -3.13
C ARG D 717 -52.40 29.46 -3.96
N ASP D 718 -52.57 29.78 -5.24
CA ASP D 718 -53.36 28.95 -6.13
C ASP D 718 -52.42 28.17 -7.06
N LYS D 719 -52.99 27.51 -8.07
CA LYS D 719 -52.18 26.71 -8.99
C LYS D 719 -51.24 27.58 -9.82
N GLU D 720 -51.66 28.80 -10.16
CA GLU D 720 -50.79 29.68 -10.93
C GLU D 720 -49.65 30.23 -10.08
N ALA D 721 -49.92 30.52 -8.81
CA ALA D 721 -48.87 31.02 -7.93
C ALA D 721 -47.83 29.93 -7.64
N ALA D 722 -48.29 28.71 -7.41
CA ALA D 722 -47.36 27.61 -7.16
C ALA D 722 -46.50 27.31 -8.39
N ALA D 723 -47.06 27.50 -9.59
CA ALA D 723 -46.29 27.28 -10.80
C ALA D 723 -45.22 28.35 -10.99
N LEU D 724 -45.53 29.60 -10.61
CA LEU D 724 -44.55 30.67 -10.72
C LEU D 724 -43.41 30.47 -9.72
N ALA D 725 -43.72 30.09 -8.49
CA ALA D 725 -42.68 29.85 -7.50
C ALA D 725 -41.86 28.62 -7.85
N MET D 726 -42.50 27.58 -8.38
CA MET D 726 -41.76 26.41 -8.87
C MET D 726 -40.90 26.78 -10.06
N ASN D 727 -41.40 27.66 -10.93
CA ASN D 727 -40.57 28.16 -12.03
C ASN D 727 -39.39 28.96 -11.50
N HIS D 728 -39.61 29.76 -10.46
CA HIS D 728 -38.53 30.46 -9.80
C HIS D 728 -37.56 29.49 -9.14
N PHE D 729 -38.07 28.38 -8.61
CA PHE D 729 -37.23 27.40 -7.93
C PHE D 729 -36.30 26.68 -8.89
N LYS D 730 -36.81 26.34 -10.08
CA LYS D 730 -36.01 25.58 -11.03
C LYS D 730 -34.97 26.44 -11.74
N SER D 731 -35.29 27.69 -12.03
CA SER D 731 -34.38 28.58 -12.75
C SER D 731 -33.37 29.27 -11.83
N ALA D 732 -33.31 28.89 -10.55
CA ALA D 732 -32.39 29.53 -9.63
C ALA D 732 -30.95 29.10 -9.90
N LYS D 733 -30.04 30.06 -9.91
CA LYS D 733 -28.62 29.80 -10.11
C LYS D 733 -27.86 29.58 -8.81
N GLY D 734 -28.49 29.84 -7.67
CA GLY D 734 -27.85 29.66 -6.38
C GLY D 734 -28.88 29.33 -5.32
N MET D 735 -28.40 29.17 -4.09
CA MET D 735 -29.28 28.81 -2.99
C MET D 735 -30.21 29.97 -2.61
N THR D 736 -29.76 31.21 -2.82
CA THR D 736 -30.56 32.37 -2.44
C THR D 736 -31.93 32.35 -3.12
N GLU D 737 -31.93 32.32 -4.46
CA GLU D 737 -33.20 32.31 -5.18
C GLU D 737 -33.92 30.97 -5.04
N LYS D 738 -33.17 29.88 -4.85
CA LYS D 738 -33.80 28.57 -4.72
C LYS D 738 -34.50 28.43 -3.37
N TYR D 739 -33.87 28.90 -2.29
CA TYR D 739 -34.46 28.77 -0.97
C TYR D 739 -35.66 29.70 -0.80
N ALA D 740 -35.59 30.90 -1.37
CA ALA D 740 -36.70 31.84 -1.26
C ALA D 740 -37.94 31.31 -1.98
N ALA D 741 -37.75 30.70 -3.15
CA ALA D 741 -38.88 30.14 -3.88
C ALA D 741 -39.47 28.94 -3.13
N LEU D 742 -38.60 28.12 -2.51
CA LEU D 742 -39.08 26.95 -1.80
C LEU D 742 -39.90 27.33 -0.57
N SER D 743 -39.45 28.33 0.19
CA SER D 743 -40.19 28.78 1.36
C SER D 743 -41.59 29.26 0.97
N ILE D 744 -41.71 29.88 -0.21
CA ILE D 744 -43.03 30.28 -0.70
C ILE D 744 -43.84 29.04 -1.10
N LEU D 745 -43.19 28.06 -1.72
CA LEU D 745 -43.90 26.90 -2.25
C LEU D 745 -44.49 26.05 -1.13
N CYS D 746 -43.78 25.93 -0.01
CA CYS D 746 -44.23 25.06 1.08
C CYS D 746 -45.44 25.61 1.82
N ASP D 747 -45.83 26.85 1.58
CA ASP D 747 -47.09 27.39 2.08
C ASP D 747 -48.26 27.08 1.17
N ILE D 748 -48.02 26.38 0.06
CA ILE D 748 -49.05 26.03 -0.92
C ILE D 748 -49.10 24.51 -0.95
N GLU D 749 -50.04 23.92 -0.20
CA GLU D 749 -50.19 22.48 -0.17
C GLU D 749 -50.60 21.95 -1.53
N GLY D 750 -49.74 21.13 -2.13
CA GLY D 750 -50.00 20.57 -3.44
C GLY D 750 -48.84 19.76 -3.97
N PRO D 751 -48.89 19.39 -5.25
CA PRO D 751 -47.80 18.61 -5.83
C PRO D 751 -46.53 19.40 -6.07
N GLU D 752 -46.64 20.71 -6.30
CA GLU D 752 -45.44 21.52 -6.49
C GLU D 752 -44.60 21.58 -5.22
N ARG D 753 -45.26 21.68 -4.06
CA ARG D 753 -44.53 21.68 -2.80
C ARG D 753 -43.82 20.35 -2.56
N THR D 754 -44.48 19.24 -2.91
CA THR D 754 -43.88 17.93 -2.71
C THR D 754 -42.68 17.72 -3.64
N ALA D 755 -42.80 18.17 -4.89
CA ALA D 755 -41.71 17.96 -5.85
C ALA D 755 -40.48 18.79 -5.49
N ALA D 756 -40.68 20.05 -5.09
CA ALA D 756 -39.55 20.90 -4.75
C ALA D 756 -38.85 20.43 -3.49
N LEU D 757 -39.62 19.94 -2.50
CA LEU D 757 -39.01 19.44 -1.28
C LEU D 757 -38.20 18.17 -1.54
N GLU D 758 -38.71 17.29 -2.41
CA GLU D 758 -37.96 16.08 -2.75
C GLU D 758 -36.71 16.40 -3.54
N GLN D 759 -36.81 17.35 -4.48
CA GLN D 759 -35.64 17.75 -5.24
C GLN D 759 -34.62 18.46 -4.35
N PHE D 760 -35.09 19.27 -3.40
CA PHE D 760 -34.18 19.93 -2.47
C PHE D 760 -33.44 18.93 -1.60
N TYR D 761 -34.11 17.84 -1.22
CA TYR D 761 -33.45 16.81 -0.42
C TYR D 761 -32.41 16.05 -1.24
N ARG D 762 -32.76 15.68 -2.48
CA ARG D 762 -31.84 14.90 -3.30
C ARG D 762 -30.61 15.70 -3.68
N ASP D 763 -30.77 16.97 -4.01
CA ASP D 763 -29.63 17.79 -4.40
C ASP D 763 -28.72 18.16 -3.24
N ALA D 764 -29.12 17.83 -2.00
CA ALA D 764 -28.24 18.09 -0.87
C ALA D 764 -27.01 17.19 -0.89
N LYS D 765 -27.15 15.97 -1.40
CA LYS D 765 -26.05 15.01 -1.49
C LYS D 765 -25.43 14.76 -0.12
N GLY D 766 -26.27 14.74 0.91
CA GLY D 766 -25.83 14.47 2.26
C GLY D 766 -25.26 15.66 3.01
N ASP D 767 -25.23 16.84 2.39
CA ASP D 767 -24.71 18.03 3.05
C ASP D 767 -25.54 18.34 4.29
N PRO D 768 -24.94 18.33 5.49
CA PRO D 768 -25.73 18.57 6.70
C PRO D 768 -26.36 19.95 6.75
N LEU D 769 -25.70 20.96 6.19
CA LEU D 769 -26.24 22.31 6.24
C LEU D 769 -27.44 22.47 5.31
N VAL D 770 -27.37 21.88 4.12
CA VAL D 770 -28.52 21.92 3.22
C VAL D 770 -29.67 21.07 3.78
N LEU D 771 -29.33 19.98 4.46
CA LEU D 771 -30.36 19.18 5.12
C LEU D 771 -30.97 19.94 6.29
N ASP D 772 -30.21 20.83 6.93
CA ASP D 772 -30.77 21.68 7.97
C ASP D 772 -31.86 22.58 7.41
N LYS D 773 -31.65 23.13 6.21
CA LYS D 773 -32.67 23.95 5.58
C LYS D 773 -33.89 23.11 5.19
N TRP D 774 -33.66 21.86 4.78
CA TRP D 774 -34.77 20.98 4.42
C TRP D 774 -35.69 20.74 5.61
N PHE D 775 -35.12 20.51 6.80
CA PHE D 775 -35.92 20.38 8.00
C PHE D 775 -36.54 21.71 8.39
N ALA D 776 -35.81 22.82 8.18
CA ALA D 776 -36.25 24.11 8.67
C ALA D 776 -37.44 24.63 7.88
N VAL D 777 -37.38 24.55 6.55
CA VAL D 777 -38.45 25.08 5.72
C VAL D 777 -39.75 24.30 5.90
N GLN D 778 -39.67 23.04 6.36
CA GLN D 778 -40.87 22.28 6.63
C GLN D 778 -41.50 22.65 7.96
N ALA D 779 -40.67 22.91 8.98
CA ALA D 779 -41.19 23.32 10.27
C ALA D 779 -41.81 24.70 10.24
N LEU D 780 -41.34 25.56 9.34
CA LEU D 780 -41.91 26.89 9.15
C LEU D 780 -43.03 26.92 8.14
N SER D 781 -43.41 25.77 7.58
CA SER D 781 -44.52 25.71 6.65
C SER D 781 -45.83 26.06 7.36
N ASP D 782 -46.71 26.74 6.64
CA ASP D 782 -48.06 27.00 7.11
C ASP D 782 -49.03 26.09 6.35
N VAL D 783 -48.94 24.79 6.62
CA VAL D 783 -49.85 23.82 6.05
C VAL D 783 -50.85 23.41 7.12
N ARG D 784 -51.74 22.48 6.78
CA ARG D 784 -52.79 22.08 7.71
C ARG D 784 -52.21 21.33 8.91
N GLN D 785 -51.58 20.18 8.65
CA GLN D 785 -51.02 19.37 9.72
C GLN D 785 -49.51 19.52 9.81
N VAL D 786 -49.03 20.73 10.06
CA VAL D 786 -47.59 20.95 10.17
C VAL D 786 -47.05 20.48 11.51
N THR D 787 -47.89 20.49 12.56
CA THR D 787 -47.46 20.01 13.87
C THR D 787 -47.22 18.50 13.83
N GLU D 788 -48.10 17.75 13.18
CA GLU D 788 -47.90 16.32 13.03
C GLU D 788 -46.74 16.01 12.10
N THR D 789 -46.52 16.86 11.09
CA THR D 789 -45.36 16.68 10.21
C THR D 789 -44.07 16.87 10.98
N VAL D 790 -44.03 17.85 11.87
CA VAL D 790 -42.84 18.08 12.71
C VAL D 790 -42.59 16.87 13.59
N LYS D 791 -43.65 16.33 14.21
CA LYS D 791 -43.51 15.15 15.05
C LYS D 791 -43.07 13.94 14.24
N GLU D 792 -43.54 13.81 12.99
CA GLU D 792 -43.09 12.71 12.16
C GLU D 792 -41.65 12.89 11.72
N LEU D 793 -41.23 14.14 11.48
CA LEU D 793 -39.87 14.42 11.08
C LEU D 793 -38.86 14.15 12.20
N GLN D 794 -39.32 14.11 13.45
CA GLN D 794 -38.43 13.76 14.55
C GLN D 794 -37.96 12.31 14.45
N LYS D 795 -38.74 11.46 13.80
CA LYS D 795 -38.37 10.07 13.58
C LYS D 795 -37.64 9.85 12.27
N HIS D 796 -37.36 10.91 11.52
CA HIS D 796 -36.64 10.78 10.26
C HIS D 796 -35.23 10.28 10.52
N ALA D 797 -34.69 9.54 9.53
CA ALA D 797 -33.37 8.94 9.70
C ALA D 797 -32.28 10.00 9.78
N ASP D 798 -32.45 11.13 9.10
CA ASP D 798 -31.44 12.18 9.07
C ASP D 798 -31.56 13.15 10.24
N PHE D 799 -32.49 12.94 11.16
CA PHE D 799 -32.66 13.81 12.31
C PHE D 799 -32.04 13.17 13.54
N THR D 800 -31.25 13.95 14.27
CA THR D 800 -30.69 13.52 15.55
C THR D 800 -30.58 14.74 16.46
N ALA D 801 -31.13 14.62 17.67
CA ALA D 801 -31.09 15.73 18.62
C ALA D 801 -29.71 15.94 19.23
N LYS D 802 -28.79 15.00 19.06
CA LYS D 802 -27.45 15.15 19.62
C LYS D 802 -26.65 16.24 18.91
N ASN D 803 -27.02 16.57 17.67
CA ASN D 803 -26.38 17.68 16.96
C ASN D 803 -27.22 18.93 17.14
N PRO D 804 -26.66 20.00 17.72
CA PRO D 804 -27.49 21.19 17.98
C PRO D 804 -28.05 21.84 16.72
N ASN D 805 -27.27 21.86 15.64
CA ASN D 805 -27.74 22.49 14.40
C ASN D 805 -28.93 21.72 13.82
N ARG D 806 -28.88 20.39 13.87
CA ARG D 806 -29.99 19.60 13.34
C ARG D 806 -31.21 19.70 14.24
N LEU D 807 -31.01 19.79 15.55
CA LEU D 807 -32.12 19.96 16.48
C LEU D 807 -32.76 21.34 16.32
N ARG D 808 -31.93 22.38 16.24
CA ARG D 808 -32.44 23.73 16.06
C ARG D 808 -33.12 23.91 14.70
N ALA D 809 -32.67 23.17 13.69
CA ALA D 809 -33.24 23.32 12.35
C ALA D 809 -34.71 22.90 12.34
N LEU D 810 -35.07 21.88 13.13
CA LEU D 810 -36.43 21.37 13.14
C LEU D 810 -37.26 21.92 14.29
N ILE D 811 -36.77 21.75 15.52
CA ILE D 811 -37.59 22.09 16.69
C ILE D 811 -37.63 23.59 16.92
N PHE D 812 -36.47 24.26 16.86
CA PHE D 812 -36.45 25.70 17.09
C PHE D 812 -37.18 26.45 15.99
N SER D 813 -37.08 25.97 14.75
CA SER D 813 -37.80 26.61 13.65
C SER D 813 -39.31 26.49 13.84
N PHE D 814 -39.76 25.36 14.37
CA PHE D 814 -41.19 25.16 14.59
C PHE D 814 -41.74 26.11 15.64
N THR D 815 -40.92 26.50 16.62
CA THR D 815 -41.36 27.44 17.64
C THR D 815 -41.69 28.81 17.07
N ARG D 816 -41.13 29.15 15.92
CA ARG D 816 -41.45 30.41 15.25
C ARG D 816 -42.62 30.28 14.27
N ASN D 817 -43.07 29.06 13.98
CA ASN D 817 -44.26 28.89 13.16
C ASN D 817 -45.48 29.36 13.94
N PRO D 818 -46.37 30.12 13.31
CA PRO D 818 -47.57 30.57 14.05
C PRO D 818 -48.43 29.43 14.57
N GLN D 819 -48.40 28.28 13.91
CA GLN D 819 -49.17 27.13 14.38
C GLN D 819 -48.58 26.46 15.61
N PHE D 820 -47.42 26.94 16.09
CA PHE D 820 -46.88 26.41 17.34
C PHE D 820 -47.72 26.82 18.53
N HIS D 821 -48.43 27.94 18.43
CA HIS D 821 -49.30 28.43 19.50
C HIS D 821 -50.74 27.94 19.36
N ASN D 822 -50.94 26.78 18.73
CA ASN D 822 -52.29 26.28 18.53
C ASN D 822 -52.98 26.04 19.88
N LYS D 823 -54.27 26.40 19.94
CA LYS D 823 -55.00 26.38 21.20
C LYS D 823 -55.12 24.98 21.79
N ASP D 824 -55.00 23.93 20.96
CA ASP D 824 -55.09 22.58 21.47
C ASP D 824 -53.85 22.17 22.26
N GLY D 825 -52.78 22.97 22.24
CA GLY D 825 -51.59 22.69 23.01
C GLY D 825 -50.71 21.60 22.46
N ALA D 826 -50.93 21.16 21.23
CA ALA D 826 -50.08 20.11 20.66
C ALA D 826 -48.67 20.64 20.40
N GLY D 827 -48.55 21.87 19.93
CA GLY D 827 -47.23 22.44 19.70
C GLY D 827 -46.45 22.66 20.97
N TYR D 828 -47.13 23.10 22.03
CA TYR D 828 -46.46 23.31 23.31
C TYR D 828 -45.96 22.00 23.89
N ALA D 829 -46.76 20.94 23.79
CA ALA D 829 -46.33 19.64 24.30
C ALA D 829 -45.18 19.07 23.48
N LEU D 830 -45.18 19.31 22.17
CA LEU D 830 -44.08 18.84 21.32
C LEU D 830 -42.77 19.47 21.75
N LEU D 831 -42.76 20.78 21.99
CA LEU D 831 -41.54 21.44 22.43
C LEU D 831 -41.14 20.99 23.83
N ALA D 832 -42.13 20.84 24.73
CA ALA D 832 -41.83 20.42 26.09
C ALA D 832 -41.28 19.00 26.11
N ASP D 833 -41.80 18.12 25.25
CA ASP D 833 -41.24 16.78 25.13
C ASP D 833 -39.81 16.85 24.61
N SER D 834 -39.55 17.73 23.65
CA SER D 834 -38.20 17.89 23.11
C SER D 834 -37.27 18.46 24.15
N VAL D 835 -37.74 19.43 24.94
CA VAL D 835 -36.90 20.06 25.97
C VAL D 835 -36.49 19.03 27.01
N LEU D 836 -37.43 18.17 27.42
CA LEU D 836 -37.13 17.20 28.48
C LEU D 836 -36.14 16.15 28.02
N ALA D 837 -36.24 15.72 26.76
CA ALA D 837 -35.32 14.70 26.25
C ALA D 837 -33.92 15.27 26.05
N VAL D 838 -33.83 16.46 25.46
CA VAL D 838 -32.53 17.06 25.18
C VAL D 838 -31.82 17.46 26.48
N ASP D 839 -32.58 17.84 27.51
CA ASP D 839 -31.97 18.31 28.75
C ASP D 839 -31.12 17.26 29.43
N ARG D 840 -31.31 15.98 29.09
CA ARG D 840 -30.54 14.92 29.73
C ARG D 840 -29.11 14.81 29.21
N PHE D 841 -28.78 15.46 28.09
CA PHE D 841 -27.42 15.38 27.58
C PHE D 841 -26.87 16.76 27.19
N ASN D 842 -27.74 17.68 26.78
CA ASN D 842 -27.33 19.02 26.36
C ASN D 842 -28.22 20.04 27.06
N PRO D 843 -27.85 20.46 28.28
CA PRO D 843 -28.70 21.42 29.00
C PRO D 843 -28.76 22.79 28.34
N GLN D 844 -27.69 23.21 27.65
CA GLN D 844 -27.65 24.55 27.08
C GLN D 844 -28.74 24.74 26.03
N ILE D 845 -28.87 23.77 25.12
CA ILE D 845 -29.85 23.91 24.03
C ILE D 845 -31.26 23.70 24.55
N ALA D 846 -31.44 22.79 25.51
CA ALA D 846 -32.77 22.59 26.10
C ALA D 846 -33.22 23.82 26.87
N ALA D 847 -32.28 24.56 27.47
CA ALA D 847 -32.65 25.80 28.14
C ALA D 847 -33.06 26.86 27.12
N ARG D 848 -32.39 26.91 25.97
CA ARG D 848 -32.78 27.84 24.92
C ARG D 848 -34.14 27.47 24.34
N GLY D 849 -34.42 26.17 24.23
CA GLY D 849 -35.72 25.75 23.73
C GLY D 849 -36.85 26.12 24.67
N ALA D 850 -36.62 26.00 25.98
CA ALA D 850 -37.64 26.37 26.96
C ALA D 850 -37.93 27.87 26.98
N GLY D 851 -37.06 28.69 26.35
CA GLY D 851 -37.28 30.12 26.33
C GLY D 851 -38.53 30.56 25.59
N ALA D 852 -39.06 29.70 24.71
CA ALA D 852 -40.27 30.03 23.98
C ALA D 852 -41.51 30.10 24.86
N PHE D 853 -41.43 29.60 26.10
CA PHE D 853 -42.53 29.65 27.05
C PHE D 853 -42.43 30.85 27.99
N LEU D 854 -41.46 31.75 27.76
CA LEU D 854 -41.24 32.85 28.69
C LEU D 854 -42.34 33.90 28.60
N GLN D 855 -42.75 34.24 27.38
CA GLN D 855 -43.74 35.31 27.17
C GLN D 855 -45.17 34.81 27.22
N TRP D 856 -45.47 33.88 28.13
CA TRP D 856 -46.81 33.30 28.17
C TRP D 856 -47.88 34.33 28.55
N LYS D 857 -47.51 35.31 29.38
CA LYS D 857 -48.50 36.28 29.86
C LYS D 857 -49.01 37.20 28.77
N LYS D 858 -48.32 37.27 27.63
CA LYS D 858 -48.70 38.18 26.55
C LYS D 858 -49.72 37.56 25.58
N TYR D 859 -50.16 36.34 25.83
CA TYR D 859 -51.11 35.66 24.97
C TYR D 859 -52.48 35.61 25.65
N ASP D 860 -53.46 35.05 24.94
CA ASP D 860 -54.80 34.93 25.48
C ASP D 860 -54.83 33.93 26.64
N GLU D 861 -55.92 33.99 27.41
CA GLU D 861 -56.03 33.15 28.61
C GLU D 861 -55.96 31.67 28.29
N THR D 862 -56.47 31.26 27.12
CA THR D 862 -56.41 29.85 26.74
C THR D 862 -54.97 29.41 26.48
N ARG D 863 -54.23 30.21 25.71
CA ARG D 863 -52.83 29.88 25.43
C ARG D 863 -51.96 30.02 26.68
N GLN D 864 -52.36 30.90 27.61
CA GLN D 864 -51.62 31.04 28.86
C GLN D 864 -51.62 29.74 29.65
N ARG D 865 -52.80 29.17 29.87
CA ARG D 865 -52.92 27.98 30.71
C ARG D 865 -52.23 26.78 30.08
N GLU D 866 -52.18 26.70 28.75
CA GLU D 866 -51.49 25.60 28.10
C GLU D 866 -49.98 25.74 28.25
N MET D 867 -49.46 26.95 28.13
CA MET D 867 -48.04 27.18 28.34
C MET D 867 -47.65 26.95 29.79
N LEU D 868 -48.53 27.35 30.72
CA LEU D 868 -48.25 27.13 32.14
C LEU D 868 -48.27 25.65 32.50
N LYS D 869 -49.10 24.86 31.81
CA LYS D 869 -49.14 23.43 32.08
C LYS D 869 -47.83 22.75 31.71
N GLN D 870 -47.26 23.10 30.55
CA GLN D 870 -45.98 22.52 30.15
C GLN D 870 -44.84 23.04 31.02
N LEU D 871 -44.91 24.30 31.45
CA LEU D 871 -43.86 24.86 32.30
C LEU D 871 -43.81 24.15 33.65
N ARG D 872 -44.99 23.86 34.23
CA ARG D 872 -45.01 23.12 35.48
C ARG D 872 -44.55 21.67 35.31
N ARG D 873 -44.79 21.10 34.13
CA ARG D 873 -44.30 19.75 33.87
C ARG D 873 -42.78 19.73 33.76
N ILE D 874 -42.20 20.72 33.09
CA ILE D 874 -40.75 20.77 32.94
C ILE D 874 -40.08 21.06 34.29
N ALA D 875 -40.64 22.01 35.04
CA ALA D 875 -40.06 22.36 36.34
C ALA D 875 -40.11 21.23 37.34
N ASN D 876 -40.95 20.36 37.16
CA ASN D 876 -41.05 19.24 38.05
C ASN D 876 -40.48 17.89 37.57
N ALA D 877 -39.47 18.02 36.48
CA ALA D 877 -38.69 16.90 35.99
C ALA D 877 -37.67 16.49 37.04
N PRO D 878 -37.51 15.19 37.32
CA PRO D 878 -36.58 14.79 38.38
C PRO D 878 -35.13 15.10 38.06
N GLY D 879 -34.70 14.88 36.81
CA GLY D 879 -33.31 15.11 36.45
C GLY D 879 -33.11 16.37 35.64
N LEU D 880 -33.93 17.39 35.86
CA LEU D 880 -33.81 18.63 35.11
C LEU D 880 -32.52 19.35 35.49
N SER D 881 -31.88 19.94 34.48
CA SER D 881 -30.60 20.60 34.68
C SER D 881 -30.79 21.91 35.45
N VAL D 882 -29.68 22.46 35.93
CA VAL D 882 -29.69 23.78 36.54
C VAL D 882 -29.98 24.84 35.47
N ASP D 883 -29.48 24.63 34.25
CA ASP D 883 -29.72 25.59 33.18
C ASP D 883 -31.21 25.72 32.88
N THR D 884 -31.88 24.60 32.60
CA THR D 884 -33.29 24.66 32.20
C THR D 884 -34.18 25.05 33.37
N LEU D 885 -33.88 24.58 34.58
CA LEU D 885 -34.69 24.94 35.73
C LEU D 885 -34.62 26.44 36.02
N GLU D 886 -33.48 27.08 35.72
CA GLU D 886 -33.39 28.51 35.87
C GLU D 886 -34.36 29.24 34.94
N ILE D 887 -34.59 28.68 33.75
CA ILE D 887 -35.48 29.33 32.79
C ILE D 887 -36.93 29.14 33.18
N VAL D 888 -37.32 27.93 33.57
CA VAL D 888 -38.72 27.68 33.90
C VAL D 888 -39.10 28.35 35.21
N GLN D 889 -38.13 28.54 36.12
CA GLN D 889 -38.44 29.18 37.39
C GLN D 889 -38.78 30.65 37.21
N LYS D 890 -38.06 31.34 36.34
CA LYS D 890 -38.35 32.75 36.09
C LYS D 890 -39.66 32.92 35.33
N ALA D 891 -39.98 31.98 34.43
CA ALA D 891 -41.23 32.09 33.68
C ALA D 891 -42.44 31.89 34.59
N LEU D 892 -42.32 31.04 35.59
CA LEU D 892 -43.40 30.78 36.55
C LEU D 892 -43.40 31.73 37.73
N ALA D 893 -42.58 32.80 37.68
CA ALA D 893 -42.50 33.71 38.82
C ALA D 893 -43.80 34.47 39.03
N GLY D 894 -44.44 34.91 37.94
CA GLY D 894 -45.68 35.64 38.04
C GLY D 894 -46.89 34.83 37.63
N ALA D 895 -46.77 33.51 37.71
CA ALA D 895 -47.85 32.63 37.31
C ALA D 895 -48.86 32.45 38.45
N PRO D 896 -50.13 32.24 38.12
CA PRO D 896 -51.12 31.98 39.16
C PRO D 896 -50.94 30.59 39.76
N GLU D 897 -51.39 30.44 41.01
CA GLU D 897 -51.27 29.18 41.72
C GLU D 897 -52.35 28.19 41.27
#